data_5YMR
#
_entry.id   5YMR
#
_cell.length_a   110.111
_cell.length_b   159.444
_cell.length_c   115.378
_cell.angle_alpha   90.00
_cell.angle_beta   91.66
_cell.angle_gamma   90.00
#
_symmetry.space_group_name_H-M   'P 1 21 1'
#
loop_
_entity.id
_entity.type
_entity.pdbx_description
1 polymer 'Formate acetyltransferase'
2 non-polymer '2-hydroxyethylsulfonic acid'
3 non-polymer GLYCEROL
4 water water
#
_entity_poly.entity_id   1
_entity_poly.type   'polypeptide(L)'
_entity_poly.pdbx_seq_one_letter_code
;SNARYRATHERVFTILESFDNTRPRIDVERAKYFTESMKATEGQPLPLRWAKALMHIAENMTVYIDDHQLICGRAGYQGR
YGVLYPELDGDFLGTAIEDLPNRAESPFAITPAAAAVVVEEIAPFWKGKTYHEALNLALPADVHKLTYDDPQGLMSRFIV
NETSSFRSSIQWVHDYEKVLKRGFRSIKEEALEKIAALDPMSPCDNVEKRPFLEAIVIVCDAIILWAKRHAKLAAELAAK
ETDPTRKRELETMAEICAWVPENPARTFHEAVQAQWFTQVFSRIEQKTGTIVSNGRMDQYFWPFYEKDLAEGRITEDSAL
ELLECMWVGMAQYVDLYISPTGGAFNEGYAHWEAVTIGGQTPEGRDATNDLTYLFLKSKREFPLHYPDLAARIHSRSPER
YLWEVAETIKDGSGFPKLINDEEVVPLYVSKGATFAEALDYAVSGCTEARMPNRDTYTSGGAYINFAAALEMVLYNGKML
KYGDTDLGAHTGDPCEFKTWEEFWNAYVTQHHLFLKTAFVQQHIINNLRARHFAQPMGSSLHDLCMKHCLDLHTPQIPEG
INLGYFEYMGFGTVVDSLSAIKKLVFEDKKLTMGELIEALKCNFEGKEDIQQLLKSAPCYGNNDDYADSIARDIDALSVK
YGRRYSPELGMHNDVRYVPFTSHVPFGRVVSATPNGRKAWSALSDGSSASHGADVNGPTAILQSNFNSKNYGMRDRAARM
LNIKFTPKCVEGEEGSQKLVSFIRTFCDLKLWHVQFNVINKETLLAAQRDPEKYRNLIVRIAGYSAYFVDLSPDLQNDLI
ARTGHDVM
;
_entity_poly.pdbx_strand_id   B,D,C,A
#
loop_
_chem_comp.id
_chem_comp.type
_chem_comp.name
_chem_comp.formula
8X3 non-polymer '2-hydroxyethylsulfonic acid' 'C2 H6 O4 S'
GOL non-polymer GLYCEROL 'C3 H8 O3'
#
# COMPACT_ATOMS: atom_id res chain seq x y z
N ARG A 11 -25.66 -31.68 48.68
CA ARG A 11 -25.89 -30.46 47.91
C ARG A 11 -25.12 -30.58 46.59
N VAL A 12 -23.90 -30.02 46.57
CA VAL A 12 -22.97 -30.37 45.50
C VAL A 12 -22.26 -31.69 45.84
N PHE A 13 -22.08 -32.02 47.12
CA PHE A 13 -21.53 -33.34 47.48
C PHE A 13 -22.48 -34.45 47.07
N THR A 14 -23.78 -34.19 47.08
CA THR A 14 -24.70 -35.19 46.57
C THR A 14 -24.43 -35.45 45.09
N ILE A 15 -24.36 -34.39 44.27
CA ILE A 15 -24.00 -34.55 42.87
C ILE A 15 -22.66 -35.24 42.74
N LEU A 16 -21.70 -34.80 43.55
CA LEU A 16 -20.34 -35.33 43.50
C LEU A 16 -20.30 -36.82 43.80
N GLU A 17 -21.16 -37.30 44.70
CA GLU A 17 -21.18 -38.72 45.01
C GLU A 17 -21.71 -39.53 43.85
N SER A 18 -22.45 -38.90 42.93
CA SER A 18 -23.15 -39.62 41.88
C SER A 18 -22.20 -40.15 40.80
N PHE A 19 -21.10 -39.43 40.51
CA PHE A 19 -20.14 -39.86 39.50
C PHE A 19 -18.75 -40.08 40.08
N ASP A 20 -18.63 -40.18 41.40
CA ASP A 20 -17.32 -40.36 42.02
C ASP A 20 -16.66 -41.65 41.53
N ASN A 21 -15.39 -41.55 41.15
CA ASN A 21 -14.57 -42.71 40.83
C ASN A 21 -15.27 -43.59 39.79
N THR A 22 -15.57 -42.98 38.65
CA THR A 22 -16.18 -43.67 37.51
C THR A 22 -15.43 -43.32 36.24
N ARG A 23 -15.23 -44.31 35.38
CA ARG A 23 -14.59 -44.08 34.10
C ARG A 23 -15.53 -43.27 33.21
N PRO A 24 -15.04 -42.22 32.54
CA PRO A 24 -15.92 -41.48 31.63
C PRO A 24 -16.38 -42.33 30.47
N ARG A 25 -17.58 -42.04 30.00
CA ARG A 25 -18.16 -42.71 28.84
C ARG A 25 -18.04 -41.80 27.63
N ILE A 26 -17.98 -42.41 26.45
CA ILE A 26 -17.98 -41.65 25.20
C ILE A 26 -19.41 -41.45 24.74
N ASP A 27 -19.83 -40.19 24.63
CA ASP A 27 -21.14 -39.87 24.08
C ASP A 27 -21.03 -39.64 22.58
N VAL A 28 -22.08 -40.03 21.84
CA VAL A 28 -22.05 -39.99 20.39
C VAL A 28 -23.11 -39.08 19.78
N GLU A 29 -24.03 -38.54 20.57
CA GLU A 29 -25.13 -37.77 19.99
C GLU A 29 -24.60 -36.60 19.17
N ARG A 30 -23.70 -35.80 19.74
CA ARG A 30 -23.20 -34.65 18.99
C ARG A 30 -22.57 -35.10 17.67
N ALA A 31 -21.74 -36.15 17.72
CA ALA A 31 -21.09 -36.59 16.48
C ALA A 31 -22.10 -37.15 15.49
N LYS A 32 -23.09 -37.89 15.97
CA LYS A 32 -24.12 -38.45 15.10
C LYS A 32 -24.86 -37.34 14.35
N TYR A 33 -25.46 -36.39 15.10
CA TYR A 33 -26.26 -35.37 14.44
C TYR A 33 -25.41 -34.36 13.69
N PHE A 34 -24.19 -34.09 14.17
CA PHE A 34 -23.28 -33.30 13.36
C PHE A 34 -23.10 -33.95 11.98
N THR A 35 -22.89 -35.28 11.96
CA THR A 35 -22.64 -36.00 10.71
C THR A 35 -23.89 -36.06 9.83
N GLU A 36 -25.04 -36.31 10.44
CA GLU A 36 -26.30 -36.33 9.69
C GLU A 36 -26.51 -35.03 8.95
N SER A 37 -26.17 -33.90 9.58
CA SER A 37 -26.30 -32.61 8.92
C SER A 37 -25.21 -32.42 7.88
N MET A 38 -23.95 -32.69 8.27
CA MET A 38 -22.82 -32.43 7.39
C MET A 38 -22.89 -33.28 6.12
N LYS A 39 -23.36 -34.53 6.23
CA LYS A 39 -23.37 -35.35 5.02
C LYS A 39 -24.41 -34.89 4.02
N ALA A 40 -25.28 -33.98 4.43
CA ALA A 40 -26.31 -33.44 3.56
C ALA A 40 -25.98 -32.06 3.01
N THR A 41 -24.83 -31.48 3.35
CA THR A 41 -24.53 -30.10 2.95
C THR A 41 -23.22 -29.98 2.20
N GLU A 42 -22.67 -31.08 1.70
CA GLU A 42 -21.40 -31.02 1.00
C GLU A 42 -21.44 -29.96 -0.11
N GLY A 43 -20.36 -29.18 -0.17
CA GLY A 43 -20.19 -28.14 -1.15
C GLY A 43 -20.55 -26.74 -0.65
N GLN A 44 -21.43 -26.65 0.35
CA GLN A 44 -21.84 -25.36 0.87
C GLN A 44 -20.71 -24.74 1.71
N PRO A 45 -20.74 -23.44 1.92
CA PRO A 45 -19.68 -22.79 2.72
C PRO A 45 -19.61 -23.39 4.13
N LEU A 46 -18.38 -23.67 4.56
CA LEU A 46 -18.20 -24.45 5.79
C LEU A 46 -18.86 -23.82 7.01
N PRO A 47 -18.71 -22.52 7.28
CA PRO A 47 -19.42 -21.94 8.44
C PRO A 47 -20.91 -22.15 8.36
N LEU A 48 -21.47 -22.09 7.15
CA LEU A 48 -22.91 -22.33 7.01
C LEU A 48 -23.25 -23.79 7.30
N ARG A 49 -22.45 -24.73 6.79
CA ARG A 49 -22.66 -26.14 7.11
C ARG A 49 -22.57 -26.38 8.62
N TRP A 50 -21.54 -25.80 9.26
CA TRP A 50 -21.40 -25.92 10.69
C TRP A 50 -22.63 -25.40 11.43
N ALA A 51 -23.15 -24.24 10.99
CA ALA A 51 -24.33 -23.67 11.63
C ALA A 51 -25.57 -24.56 11.44
N LYS A 52 -25.77 -25.09 10.23
CA LYS A 52 -26.89 -25.98 10.03
C LYS A 52 -26.78 -27.24 10.89
N ALA A 53 -25.56 -27.79 11.01
CA ALA A 53 -25.33 -28.93 11.91
C ALA A 53 -25.60 -28.58 13.36
N LEU A 54 -25.22 -27.36 13.80
CA LEU A 54 -25.50 -26.99 15.17
C LEU A 54 -27.00 -26.87 15.40
N MET A 55 -27.72 -26.36 14.40
CA MET A 55 -29.18 -26.33 14.46
C MET A 55 -29.74 -27.74 14.52
N HIS A 56 -29.25 -28.63 13.65
CA HIS A 56 -29.67 -30.03 13.63
C HIS A 56 -29.42 -30.67 14.98
N ILE A 57 -28.27 -30.39 15.59
CA ILE A 57 -28.00 -30.86 16.94
C ILE A 57 -28.97 -30.23 17.93
N ALA A 58 -29.12 -28.89 17.85
CA ALA A 58 -29.99 -28.16 18.76
C ALA A 58 -31.40 -28.73 18.73
N GLU A 59 -31.83 -29.26 17.60
CA GLU A 59 -33.19 -29.76 17.50
C GLU A 59 -33.35 -31.21 17.92
N ASN A 60 -32.28 -32.02 17.83
CA ASN A 60 -32.40 -33.46 17.94
C ASN A 60 -31.64 -34.10 19.09
N MET A 61 -30.59 -33.49 19.60
CA MET A 61 -29.84 -34.11 20.67
C MET A 61 -30.66 -34.04 21.97
N THR A 62 -30.37 -34.97 22.88
CA THR A 62 -31.01 -34.99 24.18
C THR A 62 -30.62 -33.78 25.02
N VAL A 63 -31.60 -33.19 25.68
CA VAL A 63 -31.39 -32.15 26.70
C VAL A 63 -31.66 -32.77 28.07
N TYR A 64 -30.88 -32.34 29.06
CA TYR A 64 -30.91 -32.92 30.40
C TYR A 64 -31.17 -31.85 31.44
N ILE A 65 -32.10 -32.14 32.34
CA ILE A 65 -32.24 -31.44 33.60
C ILE A 65 -31.78 -32.41 34.67
N ASP A 66 -30.63 -32.14 35.27
CA ASP A 66 -29.94 -33.12 36.12
C ASP A 66 -30.36 -33.00 37.59
N ASP A 67 -30.36 -34.15 38.26
CA ASP A 67 -30.83 -34.21 39.65
C ASP A 67 -30.10 -33.18 40.52
N HIS A 68 -30.88 -32.46 41.32
CA HIS A 68 -30.30 -31.55 42.31
C HIS A 68 -29.69 -30.28 41.69
N GLN A 69 -29.63 -30.18 40.37
CA GLN A 69 -28.94 -29.05 39.73
C GLN A 69 -29.76 -27.76 39.80
N LEU A 70 -29.06 -26.62 39.78
CA LEU A 70 -29.68 -25.30 39.67
C LEU A 70 -29.48 -24.68 38.29
N ILE A 71 -28.58 -25.23 37.49
CA ILE A 71 -28.43 -24.80 36.11
C ILE A 71 -28.46 -26.05 35.25
N CYS A 72 -28.72 -25.87 33.96
CA CYS A 72 -28.83 -27.04 33.11
C CYS A 72 -28.01 -26.86 31.86
N GLY A 73 -27.62 -27.98 31.27
CA GLY A 73 -26.90 -27.98 30.01
C GLY A 73 -25.82 -29.05 29.99
N ARG A 74 -25.90 -29.98 29.03
CA ARG A 74 -24.88 -31.00 28.86
C ARG A 74 -24.57 -31.14 27.38
N ALA A 75 -23.37 -31.64 27.12
CA ALA A 75 -22.99 -32.07 25.78
C ALA A 75 -23.00 -33.58 25.67
N GLY A 76 -23.58 -34.27 26.65
CA GLY A 76 -23.53 -35.71 26.67
C GLY A 76 -24.28 -36.27 27.86
N TYR A 77 -24.14 -37.58 28.01
CA TYR A 77 -24.89 -38.42 28.95
C TYR A 77 -24.51 -38.17 30.42
N GLN A 78 -25.37 -38.68 31.32
CA GLN A 78 -25.15 -38.63 32.75
C GLN A 78 -23.83 -39.29 33.12
N GLY A 79 -23.27 -38.85 34.26
CA GLY A 79 -21.95 -39.29 34.67
C GLY A 79 -20.86 -38.44 34.05
N ARG A 80 -19.65 -38.98 34.01
CA ARG A 80 -18.57 -38.31 33.28
C ARG A 80 -18.59 -38.75 31.82
N TYR A 81 -18.49 -37.81 30.90
CA TYR A 81 -18.62 -38.11 29.48
C TYR A 81 -17.67 -37.25 28.65
N GLY A 82 -17.37 -37.74 27.43
CA GLY A 82 -16.67 -36.98 26.43
C GLY A 82 -17.44 -36.99 25.10
N VAL A 83 -16.96 -36.18 24.15
CA VAL A 83 -17.62 -35.90 22.89
C VAL A 83 -16.71 -36.25 21.72
N LEU A 84 -17.32 -36.67 20.61
CA LEU A 84 -16.59 -37.09 19.42
C LEU A 84 -16.53 -35.98 18.38
N TYR A 85 -15.39 -35.86 17.71
CA TYR A 85 -15.17 -34.84 16.69
C TYR A 85 -14.63 -35.49 15.42
N PRO A 86 -15.50 -36.14 14.64
CA PRO A 86 -15.01 -36.88 13.46
C PRO A 86 -14.37 -35.97 12.41
N GLU A 87 -14.81 -34.70 12.30
CA GLU A 87 -14.18 -33.77 11.35
C GLU A 87 -12.67 -33.68 11.57
N LEU A 88 -12.22 -33.86 12.80
CA LEU A 88 -10.81 -33.72 13.16
C LEU A 88 -10.05 -35.02 12.94
N ASP A 89 -10.50 -36.10 13.60
CA ASP A 89 -9.77 -37.36 13.70
C ASP A 89 -10.74 -38.55 13.63
N GLY A 90 -11.78 -38.43 12.81
CA GLY A 90 -12.73 -39.53 12.67
C GLY A 90 -12.10 -40.81 12.16
N ASP A 91 -10.98 -40.71 11.44
CA ASP A 91 -10.29 -41.90 10.96
C ASP A 91 -9.71 -42.73 12.10
N PHE A 92 -9.62 -42.20 13.31
CA PHE A 92 -9.19 -42.95 14.50
C PHE A 92 -10.32 -43.69 15.18
N LEU A 93 -11.57 -43.53 14.70
CA LEU A 93 -12.71 -44.08 15.43
C LEU A 93 -12.62 -45.60 15.53
N GLY A 94 -12.17 -46.27 14.47
CA GLY A 94 -12.09 -47.71 14.50
C GLY A 94 -11.20 -48.22 15.62
N THR A 95 -9.97 -47.69 15.72
CA THR A 95 -9.05 -48.15 16.75
C THR A 95 -9.41 -47.58 18.12
N ALA A 96 -10.06 -46.42 18.16
CA ALA A 96 -10.52 -45.91 19.45
C ALA A 96 -11.56 -46.84 20.06
N ILE A 97 -12.41 -47.47 19.24
CA ILE A 97 -13.37 -48.45 19.77
C ILE A 97 -12.64 -49.60 20.45
N GLU A 98 -11.56 -50.08 19.82
CA GLU A 98 -10.82 -51.21 20.37
C GLU A 98 -9.97 -50.81 21.56
N ASP A 99 -9.36 -49.64 21.51
CA ASP A 99 -8.31 -49.30 22.46
C ASP A 99 -8.78 -48.46 23.64
N LEU A 100 -9.76 -47.58 23.45
CA LEU A 100 -10.07 -46.59 24.48
C LEU A 100 -10.44 -47.20 25.83
N PRO A 101 -11.29 -48.24 25.90
CA PRO A 101 -11.67 -48.79 27.22
C PRO A 101 -10.51 -49.39 28.01
N ASN A 102 -9.44 -49.84 27.35
CA ASN A 102 -8.29 -50.48 28.00
C ASN A 102 -7.04 -49.61 28.00
N ARG A 103 -7.09 -48.40 27.46
CA ARG A 103 -5.90 -47.57 27.41
C ARG A 103 -5.32 -47.42 28.82
N ALA A 104 -3.99 -47.46 28.92
CA ALA A 104 -3.35 -47.38 30.22
C ALA A 104 -3.62 -46.05 30.92
N GLU A 105 -3.51 -44.93 30.19
CA GLU A 105 -3.80 -43.61 30.73
C GLU A 105 -5.07 -43.05 30.13
N SER A 106 -5.86 -42.40 30.98
CA SER A 106 -7.07 -41.70 30.56
C SER A 106 -7.97 -42.61 29.73
N PRO A 107 -8.32 -43.79 30.24
CA PRO A 107 -9.21 -44.68 29.48
C PRO A 107 -10.63 -44.16 29.47
N PHE A 108 -11.35 -44.51 28.39
CA PHE A 108 -12.77 -44.18 28.22
C PHE A 108 -13.55 -45.44 27.96
N ALA A 109 -14.69 -45.56 28.62
CA ALA A 109 -15.58 -46.67 28.36
C ALA A 109 -16.48 -46.32 27.19
N ILE A 110 -16.91 -47.34 26.46
CA ILE A 110 -17.83 -47.11 25.33
C ILE A 110 -18.87 -48.21 25.36
N THR A 111 -20.13 -47.81 25.45
CA THR A 111 -21.19 -48.79 25.42
C THR A 111 -21.24 -49.47 24.06
N PRO A 112 -21.76 -50.68 24.00
CA PRO A 112 -21.95 -51.33 22.70
C PRO A 112 -22.89 -50.54 21.80
N ALA A 113 -23.96 -49.97 22.37
CA ALA A 113 -24.89 -49.17 21.57
C ALA A 113 -24.18 -47.98 20.94
N ALA A 114 -23.35 -47.28 21.72
CA ALA A 114 -22.67 -46.12 21.15
C ALA A 114 -21.58 -46.55 20.15
N ALA A 115 -21.01 -47.75 20.32
CA ALA A 115 -20.09 -48.28 19.33
C ALA A 115 -20.79 -48.53 17.99
N ALA A 116 -22.04 -48.99 18.03
CA ALA A 116 -22.76 -49.26 16.80
C ALA A 116 -23.04 -47.99 16.02
N VAL A 117 -23.47 -46.92 16.70
CA VAL A 117 -23.68 -45.65 15.99
C VAL A 117 -22.37 -45.17 15.35
N VAL A 118 -21.25 -45.30 16.05
CA VAL A 118 -19.98 -44.83 15.47
C VAL A 118 -19.69 -45.58 14.17
N VAL A 119 -19.65 -46.92 14.23
CA VAL A 119 -19.28 -47.67 13.04
C VAL A 119 -20.35 -47.54 11.96
N GLU A 120 -21.61 -47.41 12.35
CA GLU A 120 -22.73 -47.46 11.42
C GLU A 120 -23.19 -46.10 10.93
N GLU A 121 -23.21 -45.07 11.77
CA GLU A 121 -23.78 -43.77 11.42
C GLU A 121 -22.78 -42.61 11.35
N ILE A 122 -21.59 -42.73 11.97
CA ILE A 122 -20.61 -41.63 12.07
C ILE A 122 -19.40 -41.86 11.14
N ALA A 123 -18.66 -42.95 11.34
CA ALA A 123 -17.44 -43.20 10.56
C ALA A 123 -17.64 -43.20 9.04
N PRO A 124 -18.63 -43.89 8.47
CA PRO A 124 -18.65 -44.06 7.00
C PRO A 124 -18.54 -42.75 6.20
N PHE A 125 -19.31 -41.73 6.56
CA PHE A 125 -19.24 -40.47 5.81
C PHE A 125 -17.85 -39.88 5.89
N TRP A 126 -17.22 -39.98 7.05
CA TRP A 126 -15.95 -39.29 7.27
C TRP A 126 -14.77 -40.04 6.69
N LYS A 127 -14.97 -41.28 6.22
CA LYS A 127 -13.88 -42.03 5.62
C LYS A 127 -13.29 -41.22 4.48
N GLY A 128 -12.02 -40.86 4.60
CA GLY A 128 -11.39 -40.07 3.56
C GLY A 128 -11.70 -38.57 3.59
N LYS A 129 -12.30 -38.05 4.66
CA LYS A 129 -12.65 -36.63 4.72
C LYS A 129 -12.14 -35.91 5.96
N THR A 130 -11.48 -36.61 6.87
CA THR A 130 -11.05 -36.01 8.13
C THR A 130 -9.87 -35.07 7.89
N TYR A 131 -9.69 -34.13 8.83
CA TYR A 131 -8.54 -33.23 8.75
C TYR A 131 -7.25 -34.01 8.88
N HIS A 132 -7.22 -35.02 9.75
CA HIS A 132 -6.00 -35.79 9.96
C HIS A 132 -5.62 -36.58 8.71
N GLU A 133 -6.60 -37.14 7.99
CA GLU A 133 -6.27 -37.76 6.71
C GLU A 133 -5.68 -36.74 5.76
N ALA A 134 -6.29 -35.56 5.70
CA ALA A 134 -5.77 -34.54 4.79
C ALA A 134 -4.38 -34.08 5.22
N LEU A 135 -4.19 -33.83 6.53
CA LEU A 135 -2.88 -33.37 7.00
C LEU A 135 -1.81 -34.42 6.75
N ASN A 136 -2.12 -35.70 7.03
CA ASN A 136 -1.12 -36.74 6.81
C ASN A 136 -0.67 -36.76 5.35
N LEU A 137 -1.60 -36.60 4.40
CA LEU A 137 -1.20 -36.58 3.00
C LEU A 137 -0.50 -35.29 2.62
N ALA A 138 -0.77 -34.18 3.34
CA ALA A 138 -0.29 -32.87 2.91
C ALA A 138 1.17 -32.61 3.24
N LEU A 139 1.73 -33.32 4.19
CA LEU A 139 3.11 -33.05 4.59
C LEU A 139 4.07 -33.68 3.60
N PRO A 140 5.06 -32.95 3.11
CA PRO A 140 6.08 -33.54 2.23
C PRO A 140 6.96 -34.54 2.99
N ALA A 141 7.58 -35.44 2.22
CA ALA A 141 8.32 -36.55 2.83
C ALA A 141 9.37 -36.06 3.82
N ASP A 142 10.16 -35.05 3.46
CA ASP A 142 11.21 -34.57 4.37
C ASP A 142 10.64 -34.22 5.74
N VAL A 143 9.44 -33.64 5.76
CA VAL A 143 8.78 -33.26 7.01
C VAL A 143 8.12 -34.47 7.64
N HIS A 144 7.46 -35.30 6.82
CA HIS A 144 6.74 -36.46 7.33
C HIS A 144 7.62 -37.34 8.20
N LYS A 145 8.85 -37.61 7.76
CA LYS A 145 9.72 -38.49 8.54
C LYS A 145 9.94 -37.96 9.97
N LEU A 146 9.86 -36.65 10.16
CA LEU A 146 10.05 -36.11 11.50
C LEU A 146 8.74 -35.97 12.25
N THR A 147 7.60 -36.23 11.59
CA THR A 147 6.28 -36.03 12.21
C THR A 147 5.65 -37.34 12.65
N TYR A 148 5.61 -38.32 11.75
CA TYR A 148 4.86 -39.55 11.97
C TYR A 148 5.78 -40.75 11.82
N ASP A 149 5.36 -41.86 12.42
CA ASP A 149 6.13 -43.10 12.42
C ASP A 149 5.61 -44.13 11.44
N ASP A 150 4.51 -43.85 10.76
CA ASP A 150 3.88 -44.78 9.84
C ASP A 150 3.29 -43.99 8.69
N PRO A 151 3.01 -44.66 7.56
CA PRO A 151 2.54 -43.94 6.38
C PRO A 151 1.16 -43.30 6.51
N GLN A 152 0.34 -43.70 7.46
CA GLN A 152 -0.96 -43.05 7.61
C GLN A 152 -1.02 -42.12 8.82
N GLY A 153 0.13 -41.76 9.37
CA GLY A 153 0.21 -40.80 10.44
C GLY A 153 -0.60 -41.18 11.66
N LEU A 154 -0.66 -42.47 11.98
CA LEU A 154 -1.37 -42.94 13.16
C LEU A 154 -0.55 -42.82 14.46
N MET A 155 0.77 -42.83 14.39
CA MET A 155 1.60 -42.66 15.58
C MET A 155 2.61 -41.55 15.34
N SER A 156 2.82 -40.71 16.34
CA SER A 156 3.83 -39.68 16.18
C SER A 156 5.22 -40.28 16.35
N ARG A 157 6.23 -39.59 15.83
CA ARG A 157 7.59 -39.94 16.23
C ARG A 157 8.07 -39.10 17.39
N PHE A 158 7.29 -38.11 17.81
CA PHE A 158 7.66 -37.29 18.96
C PHE A 158 8.99 -36.59 18.69
N ILE A 159 9.13 -36.07 17.47
CA ILE A 159 10.27 -35.24 17.15
C ILE A 159 9.76 -33.84 16.85
N VAL A 160 9.35 -33.61 15.61
CA VAL A 160 8.65 -32.37 15.30
C VAL A 160 7.15 -32.67 15.32
N ASN A 161 6.57 -32.62 16.52
CA ASN A 161 5.22 -33.12 16.76
C ASN A 161 4.18 -32.08 16.37
N GLU A 162 3.36 -32.36 15.38
CA GLU A 162 2.26 -31.45 15.09
C GLU A 162 1.12 -31.70 16.08
N THR A 163 0.46 -30.62 16.51
CA THR A 163 -0.61 -30.71 17.49
C THR A 163 -1.96 -30.26 16.91
N SER A 164 -2.05 -30.04 15.61
CA SER A 164 -3.32 -29.69 14.99
C SER A 164 -4.27 -30.88 14.82
N SER A 165 -3.76 -32.11 14.82
CA SER A 165 -4.57 -33.31 14.55
C SER A 165 -5.18 -33.96 15.81
N PHE A 166 -4.93 -33.42 17.02
CA PHE A 166 -5.63 -33.96 18.20
C PHE A 166 -6.34 -32.87 19.02
N ARG A 167 -6.74 -31.80 18.35
CA ARG A 167 -7.70 -30.84 18.87
C ARG A 167 -8.16 -29.98 17.70
N SER A 168 -9.41 -29.52 17.77
CA SER A 168 -9.96 -28.67 16.71
C SER A 168 -9.13 -27.41 16.53
N SER A 169 -8.72 -26.80 17.65
CA SER A 169 -7.99 -25.54 17.66
C SER A 169 -7.20 -25.47 18.95
N ILE A 170 -6.42 -24.38 19.09
CA ILE A 170 -5.74 -24.10 20.36
C ILE A 170 -6.75 -23.54 21.36
N GLN A 171 -6.27 -23.13 22.53
CA GLN A 171 -7.16 -22.61 23.57
C GLN A 171 -7.96 -21.40 23.06
N TRP A 172 -9.09 -21.15 23.70
CA TRP A 172 -9.90 -20.00 23.27
C TRP A 172 -10.69 -19.47 24.44
N VAL A 173 -11.00 -18.17 24.40
CA VAL A 173 -11.85 -17.53 25.40
C VAL A 173 -12.93 -16.77 24.64
N HIS A 174 -14.18 -17.09 24.91
CA HIS A 174 -15.26 -16.31 24.31
C HIS A 174 -15.42 -14.99 25.04
N ASP A 175 -15.98 -14.02 24.33
CA ASP A 175 -16.49 -12.81 24.98
C ASP A 175 -17.85 -13.14 25.60
N TYR A 176 -17.79 -13.89 26.71
CA TYR A 176 -18.99 -14.26 27.42
C TYR A 176 -19.78 -13.04 27.85
N GLU A 177 -19.08 -11.98 28.25
CA GLU A 177 -19.79 -10.79 28.71
C GLU A 177 -20.67 -10.22 27.63
N LYS A 178 -20.22 -10.31 26.37
CA LYS A 178 -21.08 -9.89 25.27
C LYS A 178 -22.42 -10.66 25.31
N VAL A 179 -22.37 -11.96 25.59
CA VAL A 179 -23.60 -12.75 25.70
C VAL A 179 -24.48 -12.22 26.81
N LEU A 180 -23.89 -12.00 27.99
CA LEU A 180 -24.65 -11.57 29.16
C LEU A 180 -25.31 -10.22 28.93
N LYS A 181 -24.61 -9.30 28.25
CA LYS A 181 -25.14 -7.95 28.08
C LYS A 181 -26.08 -7.81 26.89
N ARG A 182 -25.85 -8.50 25.79
CA ARG A 182 -26.64 -8.31 24.58
C ARG A 182 -27.63 -9.43 24.30
N GLY A 183 -27.27 -10.66 24.63
CA GLY A 183 -28.06 -11.82 24.25
C GLY A 183 -27.88 -12.17 22.77
N PHE A 184 -28.17 -13.44 22.46
CA PHE A 184 -27.94 -13.88 21.10
C PHE A 184 -28.96 -13.33 20.12
N ARG A 185 -30.14 -12.94 20.59
CA ARG A 185 -31.09 -12.32 19.66
C ARG A 185 -30.52 -11.00 19.12
N SER A 186 -29.74 -10.29 19.94
CA SER A 186 -29.08 -9.05 19.48
C SER A 186 -28.03 -9.35 18.42
N ILE A 187 -27.19 -10.38 18.64
CA ILE A 187 -26.23 -10.78 17.62
C ILE A 187 -26.95 -11.09 16.31
N LYS A 188 -28.08 -11.80 16.39
CA LYS A 188 -28.81 -12.18 15.20
C LYS A 188 -29.35 -10.98 14.44
N GLU A 189 -29.90 -10.00 15.15
CA GLU A 189 -30.45 -8.83 14.48
C GLU A 189 -29.36 -8.01 13.82
N GLU A 190 -28.20 -7.88 14.45
CA GLU A 190 -27.07 -7.24 13.79
C GLU A 190 -26.76 -7.94 12.47
N ALA A 191 -26.80 -9.26 12.47
CA ALA A 191 -26.46 -10.04 11.29
C ALA A 191 -27.50 -9.85 10.19
N LEU A 192 -28.78 -9.79 10.57
CA LEU A 192 -29.83 -9.51 9.59
C LEU A 192 -29.66 -8.12 8.99
N GLU A 193 -29.37 -7.11 9.82
CA GLU A 193 -29.15 -5.76 9.30
C GLU A 193 -27.98 -5.75 8.34
N LYS A 194 -26.88 -6.44 8.69
CA LYS A 194 -25.76 -6.50 7.77
C LYS A 194 -26.17 -7.13 6.44
N ILE A 195 -26.99 -8.19 6.50
CA ILE A 195 -27.44 -8.83 5.26
C ILE A 195 -28.23 -7.85 4.42
N ALA A 196 -29.13 -7.09 5.07
CA ALA A 196 -29.94 -6.12 4.36
C ALA A 196 -29.10 -5.04 3.69
N ALA A 197 -27.94 -4.72 4.26
CA ALA A 197 -27.11 -3.68 3.67
C ALA A 197 -26.24 -4.15 2.51
N LEU A 198 -26.15 -5.46 2.24
CA LEU A 198 -25.30 -5.93 1.16
C LEU A 198 -25.79 -5.45 -0.21
N ASP A 199 -24.86 -5.39 -1.17
CA ASP A 199 -25.20 -5.12 -2.56
C ASP A 199 -25.59 -6.45 -3.18
N PRO A 200 -26.86 -6.66 -3.53
CA PRO A 200 -27.25 -7.98 -4.04
C PRO A 200 -26.62 -8.29 -5.40
N MET A 201 -26.08 -7.29 -6.10
CA MET A 201 -25.42 -7.48 -7.40
C MET A 201 -23.96 -7.87 -7.26
N SER A 202 -23.37 -7.74 -6.08
CA SER A 202 -21.95 -7.93 -5.87
C SER A 202 -21.61 -9.39 -5.69
N PRO A 203 -20.68 -9.94 -6.47
CA PRO A 203 -20.28 -11.33 -6.21
C PRO A 203 -19.63 -11.50 -4.85
N CYS A 204 -18.82 -10.53 -4.40
CA CYS A 204 -18.19 -10.73 -3.10
C CYS A 204 -19.21 -10.68 -1.96
N ASP A 205 -20.15 -9.74 -2.01
CA ASP A 205 -21.23 -9.77 -1.03
C ASP A 205 -21.98 -11.10 -1.11
N ASN A 206 -22.27 -11.57 -2.32
CA ASN A 206 -23.08 -12.77 -2.42
C ASN A 206 -22.34 -14.01 -1.97
N VAL A 207 -21.03 -14.08 -2.19
CA VAL A 207 -20.24 -15.27 -1.90
C VAL A 207 -19.44 -15.12 -0.60
N GLU A 208 -18.89 -13.93 -0.34
CA GLU A 208 -18.06 -13.78 0.85
C GLU A 208 -18.82 -13.24 2.06
N LYS A 209 -19.88 -12.45 1.86
CA LYS A 209 -20.57 -11.82 2.97
C LYS A 209 -21.83 -12.58 3.37
N ARG A 210 -22.74 -12.79 2.42
CA ARG A 210 -24.05 -13.35 2.77
C ARG A 210 -23.95 -14.70 3.46
N PRO A 211 -23.24 -15.69 2.93
CA PRO A 211 -23.27 -17.01 3.60
C PRO A 211 -22.73 -16.96 5.01
N PHE A 212 -21.70 -16.14 5.27
CA PHE A 212 -21.21 -16.03 6.64
C PHE A 212 -22.28 -15.47 7.55
N LEU A 213 -22.97 -14.43 7.09
CA LEU A 213 -23.97 -13.81 7.95
C LEU A 213 -25.17 -14.73 8.16
N GLU A 214 -25.57 -15.47 7.11
CA GLU A 214 -26.61 -16.47 7.25
C GLU A 214 -26.20 -17.52 8.26
N ALA A 215 -24.92 -17.86 8.29
CA ALA A 215 -24.43 -18.82 9.28
C ALA A 215 -24.58 -18.28 10.69
N ILE A 216 -24.33 -16.98 10.88
CA ILE A 216 -24.50 -16.39 12.21
C ILE A 216 -25.97 -16.44 12.64
N VAL A 217 -26.88 -16.07 11.74
CA VAL A 217 -28.31 -16.10 12.07
C VAL A 217 -28.73 -17.49 12.56
N ILE A 218 -28.37 -18.52 11.79
CA ILE A 218 -28.76 -19.89 12.14
C ILE A 218 -28.20 -20.28 13.49
N VAL A 219 -26.91 -19.96 13.72
CA VAL A 219 -26.27 -20.45 14.94
C VAL A 219 -26.88 -19.76 16.16
N CYS A 220 -27.30 -18.50 16.01
CA CYS A 220 -28.06 -17.83 17.06
C CYS A 220 -29.37 -18.54 17.33
N ASP A 221 -30.14 -18.78 16.27
CA ASP A 221 -31.36 -19.56 16.42
C ASP A 221 -31.07 -20.92 17.02
N ALA A 222 -29.90 -21.49 16.70
CA ALA A 222 -29.57 -22.81 17.21
C ALA A 222 -29.37 -22.81 18.73
N ILE A 223 -28.52 -21.92 19.26
CA ILE A 223 -28.30 -21.98 20.70
C ILE A 223 -29.57 -21.60 21.45
N ILE A 224 -30.33 -20.64 20.92
CA ILE A 224 -31.57 -20.23 21.57
C ILE A 224 -32.58 -21.37 21.60
N LEU A 225 -32.82 -21.99 20.45
CA LEU A 225 -33.75 -23.12 20.42
C LEU A 225 -33.33 -24.20 21.40
N TRP A 226 -32.03 -24.46 21.48
CA TRP A 226 -31.50 -25.45 22.41
C TRP A 226 -31.82 -25.04 23.85
N ALA A 227 -31.62 -23.76 24.20
CA ALA A 227 -31.92 -23.27 25.53
C ALA A 227 -33.40 -23.42 25.85
N LYS A 228 -34.28 -23.07 24.89
CA LYS A 228 -35.71 -23.14 25.15
C LYS A 228 -36.19 -24.58 25.33
N ARG A 229 -35.51 -25.54 24.72
CA ARG A 229 -35.86 -26.94 24.98
C ARG A 229 -35.58 -27.32 26.43
N HIS A 230 -34.56 -26.73 27.06
CA HIS A 230 -34.39 -26.91 28.51
C HIS A 230 -35.56 -26.29 29.28
N ALA A 231 -35.97 -25.08 28.90
CA ALA A 231 -37.08 -24.44 29.60
C ALA A 231 -38.31 -25.32 29.58
N LYS A 232 -38.61 -25.91 28.43
CA LYS A 232 -39.78 -26.77 28.32
C LYS A 232 -39.64 -28.00 29.20
N LEU A 233 -38.48 -28.66 29.14
CA LEU A 233 -38.30 -29.88 29.93
C LEU A 233 -38.38 -29.58 31.41
N ALA A 234 -37.74 -28.48 31.84
CA ALA A 234 -37.81 -28.09 33.24
C ALA A 234 -39.24 -27.82 33.67
N ALA A 235 -40.00 -27.10 32.83
CA ALA A 235 -41.39 -26.79 33.14
C ALA A 235 -42.22 -28.06 33.28
N GLU A 236 -42.05 -29.01 32.36
CA GLU A 236 -42.81 -30.25 32.45
C GLU A 236 -42.48 -31.02 33.72
N LEU A 237 -41.23 -30.95 34.18
CA LEU A 237 -40.84 -31.62 35.41
C LEU A 237 -41.38 -30.90 36.62
N ALA A 238 -41.35 -29.57 36.60
CA ALA A 238 -41.87 -28.81 37.72
C ALA A 238 -43.32 -29.17 37.99
N ALA A 239 -44.10 -29.36 36.91
CA ALA A 239 -45.53 -29.62 37.04
C ALA A 239 -45.80 -30.98 37.70
N LYS A 240 -44.90 -31.95 37.51
CA LYS A 240 -45.03 -33.27 38.09
C LYS A 240 -44.20 -33.44 39.36
N GLU A 241 -43.53 -32.38 39.81
CA GLU A 241 -42.66 -32.47 40.97
C GLU A 241 -43.48 -32.33 42.25
N THR A 242 -43.34 -33.30 43.16
CA THR A 242 -44.10 -33.25 44.40
C THR A 242 -43.40 -32.47 45.52
N ASP A 243 -42.07 -32.51 45.61
CA ASP A 243 -41.42 -31.71 46.66
C ASP A 243 -41.45 -30.23 46.31
N PRO A 244 -42.01 -29.37 47.17
CA PRO A 244 -42.13 -27.94 46.80
C PRO A 244 -40.80 -27.25 46.52
N THR A 245 -39.78 -27.52 47.34
CA THR A 245 -38.51 -26.82 47.17
C THR A 245 -37.95 -27.05 45.78
N ARG A 246 -37.82 -28.33 45.40
CA ARG A 246 -37.36 -28.67 44.06
C ARG A 246 -38.30 -28.12 42.99
N LYS A 247 -39.60 -28.09 43.29
CA LYS A 247 -40.55 -27.61 42.29
C LYS A 247 -40.33 -26.12 42.00
N ARG A 248 -39.99 -25.34 43.02
CA ARG A 248 -39.69 -23.93 42.77
C ARG A 248 -38.38 -23.80 41.99
N GLU A 249 -37.39 -24.64 42.28
CA GLU A 249 -36.13 -24.59 41.55
C GLU A 249 -36.32 -24.97 40.08
N LEU A 250 -37.13 -26.00 39.82
CA LEU A 250 -37.38 -26.38 38.43
C LEU A 250 -38.10 -25.25 37.71
N GLU A 251 -39.07 -24.61 38.37
CA GLU A 251 -39.77 -23.50 37.75
C GLU A 251 -38.83 -22.35 37.50
N THR A 252 -37.91 -22.08 38.44
CA THR A 252 -36.88 -21.08 38.23
C THR A 252 -36.07 -21.39 36.98
N MET A 253 -35.70 -22.68 36.80
CA MET A 253 -34.96 -23.08 35.62
C MET A 253 -35.75 -22.78 34.35
N ALA A 254 -37.04 -23.12 34.34
CA ALA A 254 -37.85 -22.90 33.16
C ALA A 254 -37.93 -21.42 32.82
N GLU A 255 -37.96 -20.56 33.83
CA GLU A 255 -38.04 -19.12 33.56
C GLU A 255 -36.70 -18.58 33.05
N ILE A 256 -35.61 -18.95 33.71
CA ILE A 256 -34.31 -18.41 33.33
C ILE A 256 -33.93 -18.87 31.92
N CYS A 257 -34.11 -20.16 31.62
CA CYS A 257 -33.71 -20.69 30.34
C CYS A 257 -34.65 -20.28 29.21
N ALA A 258 -35.85 -19.81 29.52
CA ALA A 258 -36.67 -19.18 28.50
C ALA A 258 -36.17 -17.77 28.19
N TRP A 259 -35.32 -17.21 29.03
CA TRP A 259 -34.82 -15.86 28.85
C TRP A 259 -33.40 -15.84 28.33
N VAL A 260 -32.50 -16.63 28.91
CA VAL A 260 -31.11 -16.65 28.49
C VAL A 260 -30.79 -17.92 27.71
N PRO A 261 -29.85 -17.88 26.74
CA PRO A 261 -29.06 -16.69 26.39
C PRO A 261 -29.70 -15.85 25.29
N GLU A 262 -30.99 -16.03 25.03
CA GLU A 262 -31.61 -15.24 23.99
C GLU A 262 -31.52 -13.75 24.32
N ASN A 263 -31.83 -13.39 25.55
CA ASN A 263 -31.90 -12.01 25.99
C ASN A 263 -30.83 -11.72 27.04
N PRO A 264 -30.45 -10.47 27.23
CA PRO A 264 -29.42 -10.17 28.22
C PRO A 264 -29.83 -10.61 29.62
N ALA A 265 -28.84 -11.05 30.38
CA ALA A 265 -29.08 -11.56 31.71
C ALA A 265 -29.54 -10.42 32.61
N ARG A 266 -30.41 -10.76 33.56
CA ARG A 266 -30.95 -9.77 34.47
C ARG A 266 -30.52 -9.97 35.91
N THR A 267 -30.02 -11.16 36.25
CA THR A 267 -29.58 -11.48 37.61
C THR A 267 -28.30 -12.29 37.52
N PHE A 268 -27.67 -12.47 38.67
CA PHE A 268 -26.48 -13.31 38.75
C PHE A 268 -26.80 -14.75 38.33
N HIS A 269 -27.96 -15.28 38.73
CA HIS A 269 -28.32 -16.64 38.34
C HIS A 269 -28.43 -16.75 36.83
N GLU A 270 -29.12 -15.80 36.20
CA GLU A 270 -29.24 -15.81 34.74
C GLU A 270 -27.86 -15.72 34.09
N ALA A 271 -26.99 -14.88 34.64
CA ALA A 271 -25.64 -14.73 34.10
C ALA A 271 -24.87 -16.03 34.15
N VAL A 272 -25.00 -16.79 35.24
CA VAL A 272 -24.34 -18.09 35.32
C VAL A 272 -24.89 -19.03 34.26
N GLN A 273 -26.22 -19.11 34.15
CA GLN A 273 -26.82 -20.02 33.19
C GLN A 273 -26.54 -19.56 31.76
N ALA A 274 -26.59 -18.26 31.50
CA ALA A 274 -26.26 -17.76 30.17
C ALA A 274 -24.84 -18.15 29.78
N GLN A 275 -23.89 -17.92 30.68
CA GLN A 275 -22.51 -18.31 30.45
C GLN A 275 -22.40 -19.83 30.31
N TRP A 276 -23.10 -20.57 31.18
CA TRP A 276 -23.02 -22.03 31.13
C TRP A 276 -23.54 -22.55 29.81
N PHE A 277 -24.70 -22.05 29.38
CA PHE A 277 -25.19 -22.40 28.05
C PHE A 277 -24.15 -22.11 26.97
N THR A 278 -23.51 -20.93 27.01
CA THR A 278 -22.57 -20.59 25.96
C THR A 278 -21.38 -21.56 25.93
N GLN A 279 -20.85 -21.88 27.10
CA GLN A 279 -19.67 -22.74 27.21
C GLN A 279 -19.97 -24.20 26.83
N VAL A 280 -21.17 -24.71 27.13
CA VAL A 280 -21.50 -26.09 26.76
C VAL A 280 -21.70 -26.21 25.25
N PHE A 281 -22.49 -25.29 24.68
CA PHE A 281 -22.69 -25.26 23.24
C PHE A 281 -21.36 -25.09 22.52
N SER A 282 -20.44 -24.32 23.10
CA SER A 282 -19.10 -24.20 22.53
C SER A 282 -18.45 -25.58 22.41
N ARG A 283 -18.60 -26.42 23.44
CA ARG A 283 -18.11 -27.79 23.36
C ARG A 283 -18.80 -28.57 22.24
N ILE A 284 -20.10 -28.34 22.05
CA ILE A 284 -20.82 -29.02 20.97
C ILE A 284 -20.31 -28.57 19.61
N GLU A 285 -19.94 -27.29 19.51
CA GLU A 285 -19.48 -26.74 18.23
C GLU A 285 -18.10 -27.28 17.84
N GLN A 286 -17.16 -27.31 18.79
CA GLN A 286 -15.82 -27.76 18.43
C GLN A 286 -15.06 -28.24 19.65
N LYS A 287 -13.99 -28.99 19.40
CA LYS A 287 -13.07 -29.45 20.45
C LYS A 287 -11.94 -28.44 20.60
N THR A 288 -12.22 -27.38 21.35
CA THR A 288 -11.20 -26.37 21.64
C THR A 288 -10.04 -27.01 22.41
N GLY A 289 -8.82 -26.58 22.10
CA GLY A 289 -7.68 -27.06 22.86
C GLY A 289 -7.87 -26.79 24.35
N THR A 290 -7.59 -27.79 25.20
CA THR A 290 -7.69 -27.74 26.67
C THR A 290 -9.12 -27.58 27.17
N ILE A 291 -10.10 -27.68 26.28
CA ILE A 291 -11.49 -27.32 26.51
C ILE A 291 -11.60 -25.79 26.53
N VAL A 292 -12.68 -25.26 25.96
CA VAL A 292 -12.85 -23.81 25.89
C VAL A 292 -12.69 -23.19 27.26
N SER A 293 -12.03 -22.03 27.33
CA SER A 293 -11.79 -21.38 28.62
C SER A 293 -12.93 -20.39 28.96
N ASN A 294 -12.82 -19.78 30.15
CA ASN A 294 -13.96 -19.12 30.78
C ASN A 294 -13.84 -17.64 30.99
N GLY A 295 -12.65 -17.07 30.91
CA GLY A 295 -12.51 -15.63 31.01
C GLY A 295 -12.45 -15.11 32.43
N ARG A 296 -12.58 -13.79 32.54
CA ARG A 296 -12.40 -13.08 33.82
C ARG A 296 -13.73 -13.04 34.57
N MET A 297 -14.14 -14.22 35.04
CA MET A 297 -15.46 -14.37 35.62
C MET A 297 -15.64 -13.44 36.81
N ASP A 298 -14.57 -13.25 37.58
CA ASP A 298 -14.72 -12.38 38.73
C ASP A 298 -14.94 -10.95 38.32
N GLN A 299 -14.73 -10.63 37.04
CA GLN A 299 -15.02 -9.28 36.51
C GLN A 299 -16.38 -9.21 35.84
N TYR A 300 -16.67 -10.09 34.85
CA TYR A 300 -17.90 -9.90 34.10
C TYR A 300 -19.13 -10.40 34.85
N PHE A 301 -18.96 -11.23 35.88
CA PHE A 301 -20.07 -11.53 36.79
C PHE A 301 -20.31 -10.44 37.82
N TRP A 302 -19.32 -9.56 38.06
CA TRP A 302 -19.38 -8.63 39.20
C TRP A 302 -20.60 -7.73 39.19
N PRO A 303 -20.98 -7.11 38.07
CA PRO A 303 -22.19 -6.24 38.13
C PRO A 303 -23.43 -6.98 38.61
N PHE A 304 -23.65 -8.21 38.14
CA PHE A 304 -24.78 -8.99 38.61
C PHE A 304 -24.64 -9.34 40.09
N TYR A 305 -23.47 -9.86 40.48
CA TYR A 305 -23.27 -10.22 41.87
C TYR A 305 -23.49 -9.03 42.79
N GLU A 306 -22.91 -7.87 42.43
CA GLU A 306 -23.02 -6.69 43.28
C GLU A 306 -24.48 -6.25 43.42
N LYS A 307 -25.21 -6.24 42.32
CA LYS A 307 -26.58 -5.75 42.34
C LYS A 307 -27.50 -6.70 43.11
N ASP A 308 -27.42 -8.00 42.82
CA ASP A 308 -28.23 -8.98 43.55
C ASP A 308 -27.91 -8.95 45.05
N LEU A 309 -26.62 -8.91 45.40
CA LEU A 309 -26.24 -8.85 46.81
C LEU A 309 -26.93 -7.68 47.52
N ALA A 310 -26.96 -6.52 46.88
CA ALA A 310 -27.58 -5.36 47.52
C ALA A 310 -29.09 -5.50 47.61
N GLU A 311 -29.72 -6.15 46.63
CA GLU A 311 -31.17 -6.27 46.59
C GLU A 311 -31.68 -7.54 47.25
N GLY A 312 -30.86 -8.25 48.02
CA GLY A 312 -31.33 -9.45 48.69
C GLY A 312 -31.71 -10.59 47.76
N ARG A 313 -31.39 -10.45 46.47
CA ARG A 313 -31.68 -11.51 45.51
C ARG A 313 -30.72 -12.69 45.63
N ILE A 314 -29.48 -12.43 46.04
CA ILE A 314 -28.43 -13.44 46.12
C ILE A 314 -27.76 -13.29 47.49
N THR A 315 -27.11 -14.36 47.94
CA THR A 315 -26.24 -14.27 49.11
C THR A 315 -24.85 -14.75 48.71
N GLU A 316 -23.88 -14.36 49.55
CA GLU A 316 -22.52 -14.86 49.40
C GLU A 316 -22.50 -16.37 49.29
N ASP A 317 -23.25 -17.04 50.16
CA ASP A 317 -23.35 -18.49 50.11
C ASP A 317 -24.13 -18.96 48.88
N SER A 318 -25.21 -18.27 48.55
CA SER A 318 -26.02 -18.70 47.42
C SER A 318 -25.25 -18.61 46.11
N ALA A 319 -24.50 -17.52 45.90
CA ALA A 319 -23.68 -17.38 44.70
C ALA A 319 -22.60 -18.46 44.66
N LEU A 320 -21.96 -18.71 45.79
CA LEU A 320 -20.96 -19.77 45.89
C LEU A 320 -21.56 -21.14 45.58
N GLU A 321 -22.85 -21.34 45.92
CA GLU A 321 -23.50 -22.58 45.56
C GLU A 321 -23.65 -22.71 44.04
N LEU A 322 -24.04 -21.62 43.36
CA LEU A 322 -24.21 -21.63 41.90
C LEU A 322 -22.90 -21.87 41.18
N LEU A 323 -21.80 -21.25 41.63
CA LEU A 323 -20.50 -21.55 41.05
C LEU A 323 -20.19 -23.04 41.18
N GLU A 324 -20.42 -23.63 42.35
CA GLU A 324 -20.17 -25.05 42.54
C GLU A 324 -21.04 -25.89 41.62
N CYS A 325 -22.29 -25.44 41.38
CA CYS A 325 -23.10 -26.10 40.37
C CYS A 325 -22.43 -26.06 39.01
N MET A 326 -21.79 -24.94 38.70
CA MET A 326 -21.10 -24.83 37.42
C MET A 326 -19.91 -25.78 37.35
N TRP A 327 -19.18 -25.93 38.45
CA TRP A 327 -17.96 -26.73 38.37
C TRP A 327 -18.23 -28.23 38.46
N VAL A 328 -19.24 -28.65 39.22
CA VAL A 328 -19.55 -30.08 39.16
C VAL A 328 -19.90 -30.47 37.73
N GLY A 329 -20.59 -29.58 37.00
CA GLY A 329 -20.86 -29.84 35.58
C GLY A 329 -19.60 -29.88 34.75
N MET A 330 -18.73 -28.88 34.92
CA MET A 330 -17.43 -28.93 34.26
C MET A 330 -16.70 -30.24 34.56
N ALA A 331 -16.78 -30.73 35.80
CA ALA A 331 -16.07 -31.96 36.14
C ALA A 331 -16.68 -33.20 35.49
N GLN A 332 -17.92 -33.13 35.03
CA GLN A 332 -18.51 -34.25 34.32
C GLN A 332 -18.14 -34.29 32.83
N TYR A 333 -17.74 -33.15 32.25
CA TYR A 333 -17.26 -33.14 30.87
C TYR A 333 -15.76 -33.42 30.86
N VAL A 334 -15.36 -34.51 30.20
CA VAL A 334 -13.96 -34.91 30.09
C VAL A 334 -13.52 -34.75 28.63
N ASP A 335 -12.40 -34.05 28.41
CA ASP A 335 -11.85 -33.91 27.07
C ASP A 335 -11.44 -35.28 26.57
N LEU A 336 -12.05 -35.71 25.48
CA LEU A 336 -11.82 -37.04 24.93
C LEU A 336 -10.77 -36.92 23.83
N TYR A 337 -9.62 -37.58 24.01
CA TYR A 337 -8.58 -37.69 22.98
C TYR A 337 -8.55 -39.13 22.52
N ILE A 338 -8.98 -39.37 21.27
CA ILE A 338 -9.05 -40.74 20.80
C ILE A 338 -7.75 -41.22 20.16
N SER A 339 -6.87 -40.29 19.71
CA SER A 339 -5.58 -40.71 19.16
C SER A 339 -4.60 -40.99 20.29
N PRO A 340 -3.65 -41.90 20.07
CA PRO A 340 -2.65 -42.17 21.12
C PRO A 340 -1.71 -40.99 21.36
N THR A 341 -1.42 -40.19 20.34
CA THR A 341 -0.64 -38.98 20.56
C THR A 341 -1.40 -38.00 21.45
N GLY A 342 -2.68 -37.74 21.10
CA GLY A 342 -3.49 -36.86 21.92
C GLY A 342 -3.60 -37.35 23.36
N GLY A 343 -3.76 -38.66 23.55
CA GLY A 343 -3.87 -39.18 24.89
C GLY A 343 -2.59 -39.06 25.69
N ALA A 344 -1.46 -39.33 25.07
CA ALA A 344 -0.22 -39.26 25.82
C ALA A 344 0.17 -37.82 26.13
N PHE A 345 -0.36 -36.84 25.40
CA PHE A 345 -0.17 -35.42 25.72
C PHE A 345 -1.05 -34.96 26.89
N ASN A 346 -1.99 -35.80 27.33
CA ASN A 346 -3.08 -35.40 28.21
C ASN A 346 -3.34 -36.44 29.30
N GLU A 347 -2.28 -36.84 29.99
CA GLU A 347 -2.41 -37.82 31.07
C GLU A 347 -3.39 -37.38 32.16
N GLY A 348 -4.06 -38.36 32.75
CA GLY A 348 -4.97 -38.11 33.88
C GLY A 348 -6.20 -37.28 33.55
N TYR A 349 -6.73 -37.41 32.32
CA TYR A 349 -7.91 -36.65 31.90
C TYR A 349 -7.65 -35.14 31.96
N ALA A 350 -6.45 -34.75 31.51
CA ALA A 350 -6.01 -33.36 31.56
C ALA A 350 -7.05 -32.39 31.03
N HIS A 351 -7.12 -31.22 31.66
CA HIS A 351 -8.04 -30.15 31.27
C HIS A 351 -7.46 -28.81 31.74
N TRP A 352 -7.81 -27.73 31.03
CA TRP A 352 -7.40 -26.36 31.40
C TRP A 352 -8.47 -25.34 30.98
N GLU A 353 -9.67 -25.44 31.55
CA GLU A 353 -10.75 -24.50 31.28
C GLU A 353 -10.50 -23.23 32.09
N ALA A 354 -9.42 -22.55 31.71
CA ALA A 354 -8.84 -21.52 32.58
C ALA A 354 -9.92 -20.56 33.06
N VAL A 355 -9.91 -20.32 34.38
CA VAL A 355 -10.74 -19.30 35.01
C VAL A 355 -9.78 -18.22 35.51
N THR A 356 -9.93 -17.00 34.95
CA THR A 356 -9.07 -15.87 35.31
C THR A 356 -9.72 -15.08 36.43
N ILE A 357 -8.94 -14.80 37.49
CA ILE A 357 -9.34 -13.90 38.54
C ILE A 357 -8.21 -12.90 38.75
N GLY A 358 -8.56 -11.75 39.33
CA GLY A 358 -7.59 -10.71 39.65
C GLY A 358 -6.95 -9.99 38.47
N GLY A 359 -5.92 -9.22 38.80
CA GLY A 359 -5.20 -8.50 37.77
C GLY A 359 -5.56 -7.04 37.72
N GLN A 360 -5.68 -6.51 36.50
CA GLN A 360 -5.98 -5.10 36.30
C GLN A 360 -7.24 -4.94 35.45
N THR A 361 -7.94 -3.80 35.65
CA THR A 361 -9.04 -3.44 34.78
C THR A 361 -8.45 -2.95 33.48
N PRO A 362 -9.28 -2.70 32.48
CA PRO A 362 -8.77 -2.11 31.22
C PRO A 362 -8.16 -0.72 31.38
N GLU A 363 -8.38 -0.06 32.51
CA GLU A 363 -7.81 1.26 32.76
C GLU A 363 -6.59 1.20 33.65
N GLY A 364 -6.06 0.00 33.89
CA GLY A 364 -4.81 -0.12 34.63
C GLY A 364 -4.92 -0.09 36.13
N ARG A 365 -6.12 -0.08 36.68
CA ARG A 365 -6.33 -0.16 38.11
C ARG A 365 -6.47 -1.62 38.55
N ASP A 366 -6.14 -1.89 39.81
CA ASP A 366 -6.28 -3.25 40.32
C ASP A 366 -7.72 -3.72 40.20
N ALA A 367 -7.90 -4.98 39.84
CA ALA A 367 -9.23 -5.54 39.57
C ALA A 367 -9.74 -6.45 40.69
N THR A 368 -9.04 -6.51 41.82
CA THR A 368 -9.55 -7.29 42.96
C THR A 368 -10.89 -6.76 43.40
N ASN A 369 -11.86 -7.67 43.54
CA ASN A 369 -13.16 -7.37 44.10
C ASN A 369 -13.55 -8.53 45.01
N ASP A 370 -14.73 -8.42 45.64
CA ASP A 370 -15.14 -9.47 46.57
C ASP A 370 -15.34 -10.79 45.86
N LEU A 371 -15.76 -10.74 44.60
CA LEU A 371 -15.92 -11.97 43.82
C LEU A 371 -14.58 -12.66 43.66
N THR A 372 -13.51 -11.88 43.53
CA THR A 372 -12.15 -12.42 43.49
C THR A 372 -11.89 -13.34 44.67
N TYR A 373 -12.22 -12.84 45.87
CA TYR A 373 -12.03 -13.66 47.07
C TYR A 373 -13.00 -14.82 47.13
N LEU A 374 -14.21 -14.64 46.60
CA LEU A 374 -15.17 -15.75 46.57
C LEU A 374 -14.64 -16.89 45.69
N PHE A 375 -14.07 -16.56 44.54
CA PHE A 375 -13.54 -17.58 43.66
C PHE A 375 -12.40 -18.31 44.34
N LEU A 376 -11.53 -17.57 45.04
CA LEU A 376 -10.46 -18.22 45.76
C LEU A 376 -11.01 -19.18 46.81
N LYS A 377 -11.95 -18.71 47.63
CA LYS A 377 -12.61 -19.57 48.61
C LYS A 377 -13.33 -20.72 47.93
N SER A 378 -14.07 -20.43 46.84
CA SER A 378 -14.76 -21.48 46.10
C SER A 378 -13.79 -22.59 45.69
N LYS A 379 -12.60 -22.22 45.23
CA LYS A 379 -11.61 -23.22 44.87
C LYS A 379 -11.15 -23.99 46.09
N ARG A 380 -10.99 -23.31 47.22
CA ARG A 380 -10.43 -23.98 48.38
C ARG A 380 -11.39 -24.96 49.02
N GLU A 381 -12.69 -24.82 48.77
CA GLU A 381 -13.71 -25.68 49.39
C GLU A 381 -14.39 -26.63 48.40
N PHE A 382 -14.02 -26.61 47.13
CA PHE A 382 -14.52 -27.60 46.19
C PHE A 382 -13.48 -28.68 46.08
N PRO A 383 -13.78 -29.93 46.45
CA PRO A 383 -12.71 -30.92 46.52
C PRO A 383 -12.09 -31.26 45.16
N LEU A 384 -12.88 -31.28 44.07
CA LEU A 384 -12.31 -31.66 42.78
C LEU A 384 -11.27 -30.62 42.33
N HIS A 385 -10.40 -31.04 41.39
CA HIS A 385 -9.40 -30.13 40.87
C HIS A 385 -10.04 -29.23 39.82
N TYR A 386 -11.15 -28.61 40.20
CA TYR A 386 -11.88 -27.64 39.40
C TYR A 386 -12.28 -26.49 40.30
N PRO A 387 -12.36 -25.26 39.77
CA PRO A 387 -12.03 -24.93 38.38
C PRO A 387 -10.53 -24.73 38.13
N ASP A 388 -10.14 -24.59 36.87
CA ASP A 388 -8.74 -24.30 36.50
C ASP A 388 -8.46 -22.85 36.85
N LEU A 389 -8.11 -22.62 38.10
CA LEU A 389 -8.03 -21.27 38.61
C LEU A 389 -6.66 -20.64 38.28
N ALA A 390 -6.70 -19.46 37.68
CA ALA A 390 -5.49 -18.75 37.30
C ALA A 390 -5.56 -17.36 37.90
N ALA A 391 -4.56 -17.02 38.70
CA ALA A 391 -4.54 -15.73 39.38
C ALA A 391 -3.53 -14.81 38.71
N ARG A 392 -4.01 -13.64 38.28
CA ARG A 392 -3.16 -12.63 37.66
C ARG A 392 -2.39 -11.82 38.71
N ILE A 393 -1.11 -11.62 38.43
CA ILE A 393 -0.22 -10.88 39.30
C ILE A 393 0.24 -9.63 38.54
N HIS A 394 0.39 -8.52 39.28
CA HIS A 394 1.06 -7.32 38.77
C HIS A 394 1.76 -6.62 39.94
N SER A 395 2.52 -5.57 39.63
CA SER A 395 3.38 -4.94 40.61
C SER A 395 2.60 -4.26 41.74
N ARG A 396 1.30 -4.03 41.57
CA ARG A 396 0.44 -3.48 42.61
C ARG A 396 -0.65 -4.47 43.02
N SER A 397 -0.46 -5.76 42.81
CA SER A 397 -1.33 -6.75 43.39
C SER A 397 -1.42 -6.49 44.90
N PRO A 398 -2.62 -6.29 45.45
CA PRO A 398 -2.73 -5.96 46.88
C PRO A 398 -2.19 -7.04 47.79
N GLU A 399 -1.82 -6.61 49.00
CA GLU A 399 -1.24 -7.54 49.97
C GLU A 399 -2.25 -8.61 50.35
N ARG A 400 -3.47 -8.21 50.66
CA ARG A 400 -4.48 -9.19 51.08
C ARG A 400 -4.70 -10.23 49.98
N TYR A 401 -4.78 -9.78 48.73
CA TYR A 401 -4.92 -10.69 47.60
C TYR A 401 -3.80 -11.70 47.58
N LEU A 402 -2.53 -11.23 47.59
CA LEU A 402 -1.41 -12.16 47.52
C LEU A 402 -1.43 -13.13 48.69
N TRP A 403 -1.78 -12.65 49.89
CA TRP A 403 -1.91 -13.53 51.04
C TRP A 403 -2.92 -14.65 50.76
N GLU A 404 -4.10 -14.29 50.27
CA GLU A 404 -5.10 -15.30 49.96
C GLU A 404 -4.65 -16.21 48.84
N VAL A 405 -3.92 -15.68 47.86
CA VAL A 405 -3.31 -16.55 46.86
C VAL A 405 -2.36 -17.54 47.54
N ALA A 406 -1.55 -17.07 48.49
CA ALA A 406 -0.62 -17.93 49.19
C ALA A 406 -1.33 -19.01 49.99
N GLU A 407 -2.42 -18.65 50.69
CA GLU A 407 -3.16 -19.63 51.47
C GLU A 407 -3.78 -20.70 50.59
N THR A 408 -4.30 -20.30 49.42
CA THR A 408 -4.79 -21.29 48.47
C THR A 408 -3.67 -22.22 48.01
N ILE A 409 -2.48 -21.67 47.71
CA ILE A 409 -1.36 -22.50 47.29
C ILE A 409 -0.99 -23.50 48.39
N LYS A 410 -1.01 -23.07 49.64
CA LYS A 410 -0.64 -23.97 50.72
C LYS A 410 -1.65 -25.09 50.96
N ASP A 411 -2.79 -25.13 50.27
CA ASP A 411 -3.68 -26.29 50.33
C ASP A 411 -3.04 -27.52 49.70
N GLY A 412 -2.01 -27.34 48.87
CA GLY A 412 -1.29 -28.45 48.30
C GLY A 412 -1.85 -28.99 47.00
N SER A 413 -2.95 -28.45 46.50
CA SER A 413 -3.52 -29.02 45.28
C SER A 413 -2.95 -28.39 44.02
N GLY A 414 -2.13 -27.37 44.14
CA GLY A 414 -1.54 -26.72 42.99
C GLY A 414 -2.28 -25.49 42.51
N PHE A 415 -3.31 -25.03 43.24
CA PHE A 415 -4.09 -23.87 42.79
C PHE A 415 -3.74 -22.63 43.61
N PRO A 416 -3.79 -21.43 43.00
CA PRO A 416 -4.00 -21.28 41.56
C PRO A 416 -2.67 -21.08 40.88
N LYS A 417 -2.63 -21.25 39.56
CA LYS A 417 -1.46 -20.90 38.78
C LYS A 417 -1.38 -19.38 38.60
N LEU A 418 -0.16 -18.87 38.51
CA LEU A 418 0.13 -17.43 38.50
C LEU A 418 0.56 -16.98 37.12
N ILE A 419 -0.09 -15.95 36.62
CA ILE A 419 0.23 -15.33 35.33
C ILE A 419 0.55 -13.85 35.56
N ASN A 420 1.65 -13.38 34.97
CA ASN A 420 2.26 -12.13 35.34
C ASN A 420 1.89 -11.03 34.34
N ASP A 421 1.05 -10.09 34.78
CA ASP A 421 0.69 -8.96 33.93
C ASP A 421 1.93 -8.28 33.37
N GLU A 422 2.96 -8.11 34.21
CA GLU A 422 4.13 -7.34 33.80
C GLU A 422 4.89 -8.01 32.65
N GLU A 423 4.63 -9.29 32.38
CA GLU A 423 5.24 -9.89 31.19
C GLU A 423 4.30 -9.83 30.00
N VAL A 424 3.00 -10.05 30.22
CA VAL A 424 2.04 -10.14 29.12
C VAL A 424 1.78 -8.75 28.51
N VAL A 425 1.48 -7.76 29.35
CA VAL A 425 0.99 -6.48 28.81
C VAL A 425 2.03 -5.79 27.92
N PRO A 426 3.30 -5.69 28.31
CA PRO A 426 4.27 -5.08 27.38
C PRO A 426 4.42 -5.87 26.10
N LEU A 427 4.46 -7.20 26.20
CA LEU A 427 4.60 -8.00 24.98
C LEU A 427 3.41 -7.79 24.06
N TYR A 428 2.21 -7.62 24.62
CA TYR A 428 1.05 -7.59 23.75
C TYR A 428 0.88 -6.22 23.11
N VAL A 429 1.13 -5.13 23.84
CA VAL A 429 1.11 -3.83 23.18
C VAL A 429 2.24 -3.77 22.15
N SER A 430 3.38 -4.43 22.41
CA SER A 430 4.43 -4.42 21.41
C SER A 430 4.02 -5.14 20.13
N LYS A 431 2.97 -5.97 20.17
CA LYS A 431 2.48 -6.70 19.01
C LYS A 431 1.14 -6.13 18.50
N GLY A 432 0.80 -4.90 18.92
CA GLY A 432 -0.33 -4.19 18.35
C GLY A 432 -1.54 -4.01 19.24
N ALA A 433 -1.50 -4.51 20.48
CA ALA A 433 -2.65 -4.36 21.36
C ALA A 433 -2.74 -2.95 21.92
N THR A 434 -3.94 -2.38 21.92
CA THR A 434 -4.15 -1.20 22.73
C THR A 434 -3.91 -1.56 24.19
N PHE A 435 -3.63 -0.56 25.00
CA PHE A 435 -3.41 -0.88 26.41
C PHE A 435 -4.67 -1.44 27.05
N ALA A 436 -5.85 -0.95 26.65
CA ALA A 436 -7.08 -1.49 27.21
C ALA A 436 -7.20 -2.98 26.92
N GLU A 437 -6.94 -3.38 25.65
CA GLU A 437 -7.02 -4.78 25.27
C GLU A 437 -6.02 -5.62 26.06
N ALA A 438 -4.76 -5.18 26.10
CA ALA A 438 -3.76 -5.95 26.83
C ALA A 438 -4.11 -6.07 28.31
N LEU A 439 -4.44 -4.95 28.95
CA LEU A 439 -4.71 -4.98 30.38
C LEU A 439 -5.88 -5.90 30.71
N ASP A 440 -6.80 -6.08 29.75
CA ASP A 440 -8.01 -6.87 29.97
C ASP A 440 -7.85 -8.32 29.53
N TYR A 441 -6.64 -8.83 29.41
CA TYR A 441 -6.47 -10.16 28.85
C TYR A 441 -7.05 -11.22 29.78
N ALA A 442 -7.45 -12.34 29.18
CA ALA A 442 -7.92 -13.50 29.91
C ALA A 442 -6.85 -14.59 29.83
N VAL A 443 -6.68 -15.34 30.92
CA VAL A 443 -5.89 -16.57 30.85
C VAL A 443 -6.64 -17.60 30.00
N SER A 444 -5.90 -18.37 29.20
CA SER A 444 -6.52 -19.32 28.28
C SER A 444 -5.69 -20.59 28.18
N GLY A 445 -6.32 -21.76 28.33
CA GLY A 445 -5.54 -22.97 28.25
C GLY A 445 -4.54 -23.05 29.37
N CYS A 446 -3.33 -23.53 29.06
CA CYS A 446 -2.33 -23.72 30.11
C CYS A 446 -1.91 -22.40 30.71
N THR A 447 -1.45 -21.48 29.88
CA THR A 447 -0.83 -20.26 30.39
C THR A 447 -1.00 -19.08 29.43
N GLU A 448 -1.89 -19.17 28.45
CA GLU A 448 -1.88 -18.21 27.37
C GLU A 448 -2.72 -16.98 27.72
N ALA A 449 -2.47 -15.89 27.01
CA ALA A 449 -3.24 -14.66 27.18
C ALA A 449 -4.09 -14.44 25.94
N ARG A 450 -5.35 -14.10 26.13
CA ARG A 450 -6.26 -13.92 25.02
C ARG A 450 -6.99 -12.59 25.12
N MET A 451 -7.12 -11.93 23.98
CA MET A 451 -7.95 -10.74 23.82
C MET A 451 -9.18 -11.12 23.02
N PRO A 452 -10.34 -11.31 23.68
CA PRO A 452 -11.44 -12.04 23.04
C PRO A 452 -12.01 -11.41 21.77
N ASN A 453 -11.78 -10.12 21.50
CA ASN A 453 -12.23 -9.52 20.25
C ASN A 453 -11.08 -9.03 19.39
N ARG A 454 -9.84 -9.37 19.74
CA ARG A 454 -8.69 -8.99 18.90
C ARG A 454 -7.86 -10.18 18.43
N ASP A 455 -7.60 -11.15 19.31
CA ASP A 455 -7.00 -12.40 18.89
C ASP A 455 -7.82 -13.01 17.75
N THR A 456 -7.11 -13.50 16.72
CA THR A 456 -7.74 -14.19 15.61
C THR A 456 -7.11 -15.53 15.24
N TYR A 457 -5.97 -15.91 15.84
CA TYR A 457 -5.23 -17.13 15.47
C TYR A 457 -5.68 -18.36 16.26
N THR A 458 -5.89 -19.49 15.54
CA THR A 458 -6.54 -20.64 16.14
C THR A 458 -5.86 -21.99 15.85
N SER A 459 -4.68 -22.02 15.25
CA SER A 459 -4.10 -23.26 14.75
C SER A 459 -3.10 -23.88 15.73
N GLY A 460 -3.26 -25.18 15.98
CA GLY A 460 -2.29 -25.85 16.84
C GLY A 460 -0.92 -25.83 16.19
N GLY A 461 0.10 -25.56 17.02
CA GLY A 461 1.46 -25.42 16.55
C GLY A 461 2.36 -26.60 16.95
N ALA A 462 3.57 -26.57 16.42
CA ALA A 462 4.51 -27.65 16.64
C ALA A 462 4.94 -27.76 18.12
N TYR A 463 5.17 -28.99 18.55
CA TYR A 463 5.82 -29.34 19.80
C TYR A 463 7.10 -30.07 19.42
N ILE A 464 8.24 -29.46 19.72
CA ILE A 464 9.53 -29.91 19.19
C ILE A 464 10.34 -30.52 20.32
N ASN A 465 10.77 -31.76 20.10
CA ASN A 465 11.60 -32.51 21.04
C ASN A 465 13.07 -32.16 20.78
N PHE A 466 13.52 -31.04 21.35
CA PHE A 466 14.91 -30.64 21.12
C PHE A 466 15.90 -31.54 21.87
N ALA A 467 15.43 -32.35 22.82
CA ALA A 467 16.30 -33.38 23.38
C ALA A 467 16.71 -34.37 22.29
N ALA A 468 15.78 -34.70 21.38
CA ALA A 468 16.13 -35.57 20.25
C ALA A 468 17.11 -34.87 19.31
N ALA A 469 16.95 -33.57 19.10
CA ALA A 469 17.93 -32.85 18.29
C ALA A 469 19.35 -33.03 18.85
N LEU A 470 19.49 -32.99 20.18
CA LEU A 470 20.79 -33.23 20.81
C LEU A 470 21.27 -34.64 20.54
N GLU A 471 20.37 -35.62 20.63
CA GLU A 471 20.73 -36.99 20.32
C GLU A 471 21.22 -37.11 18.88
N MET A 472 20.62 -36.34 17.96
CA MET A 472 21.04 -36.41 16.58
C MET A 472 22.44 -35.79 16.37
N VAL A 473 22.89 -34.94 17.28
CA VAL A 473 24.29 -34.54 17.27
C VAL A 473 25.17 -35.70 17.72
N LEU A 474 24.77 -36.35 18.81
CA LEU A 474 25.56 -37.45 19.35
C LEU A 474 25.70 -38.60 18.37
N TYR A 475 24.67 -38.84 17.53
CA TYR A 475 24.62 -39.96 16.59
C TYR A 475 24.40 -39.48 15.16
N ASN A 476 24.88 -38.27 14.85
CA ASN A 476 25.07 -37.84 13.46
C ASN A 476 23.83 -38.09 12.60
N GLY A 477 22.72 -37.52 13.05
CA GLY A 477 21.45 -37.56 12.35
C GLY A 477 20.51 -38.66 12.76
N LYS A 478 20.94 -39.59 13.62
CA LYS A 478 20.11 -40.71 14.02
C LYS A 478 19.79 -40.64 15.52
N MET A 479 18.79 -41.45 15.91
CA MET A 479 18.34 -41.64 17.29
C MET A 479 18.34 -43.14 17.59
N LEU A 480 18.79 -43.51 18.78
CA LEU A 480 18.84 -44.93 19.12
C LEU A 480 17.46 -45.57 18.98
N LYS A 481 16.40 -44.87 19.42
CA LYS A 481 15.06 -45.44 19.33
C LYS A 481 14.72 -45.88 17.92
N TYR A 482 15.23 -45.19 16.90
CA TYR A 482 14.82 -45.44 15.52
C TYR A 482 15.92 -46.07 14.70
N GLY A 483 16.98 -46.55 15.33
CA GLY A 483 17.99 -47.31 14.63
C GLY A 483 18.65 -46.50 13.55
N ASP A 484 18.71 -47.06 12.35
CA ASP A 484 19.41 -46.40 11.26
C ASP A 484 18.54 -45.42 10.49
N THR A 485 17.31 -45.16 10.94
CA THR A 485 16.41 -44.26 10.18
C THR A 485 17.07 -42.91 9.92
N ASP A 486 17.00 -42.47 8.67
CA ASP A 486 17.61 -41.20 8.27
C ASP A 486 16.68 -40.07 8.67
N LEU A 487 16.90 -39.52 9.86
CA LEU A 487 16.02 -38.49 10.41
C LEU A 487 16.61 -37.10 10.25
N GLY A 488 17.74 -36.83 10.91
CA GLY A 488 18.25 -35.49 11.05
C GLY A 488 19.43 -35.17 10.14
N ALA A 489 19.99 -33.99 10.37
CA ALA A 489 21.11 -33.55 9.57
C ALA A 489 22.36 -34.34 9.92
N HIS A 490 23.15 -34.62 8.89
CA HIS A 490 24.41 -35.33 9.01
C HIS A 490 25.45 -34.32 9.47
N THR A 491 25.43 -34.07 10.78
CA THR A 491 26.32 -33.08 11.37
C THR A 491 27.72 -33.62 11.61
N GLY A 492 27.93 -34.92 11.50
CA GLY A 492 29.25 -35.51 11.56
C GLY A 492 29.45 -36.36 12.81
N ASP A 493 30.52 -37.15 12.76
CA ASP A 493 30.93 -37.99 13.88
C ASP A 493 31.32 -37.08 15.02
N PRO A 494 30.56 -37.10 16.12
CA PRO A 494 30.86 -36.20 17.25
C PRO A 494 32.24 -36.43 17.82
N CYS A 495 32.74 -37.67 17.79
CA CYS A 495 34.09 -37.91 18.26
C CYS A 495 35.13 -37.30 17.34
N GLU A 496 34.73 -36.77 16.18
CA GLU A 496 35.67 -36.08 15.29
C GLU A 496 35.71 -34.58 15.53
N PHE A 497 34.79 -34.05 16.35
CA PHE A 497 34.83 -32.63 16.72
C PHE A 497 36.05 -32.32 17.58
N LYS A 498 36.84 -31.33 17.15
CA LYS A 498 38.06 -30.96 17.87
C LYS A 498 37.83 -29.87 18.93
N THR A 499 36.79 -29.05 18.81
CA THR A 499 36.58 -27.97 19.77
C THR A 499 35.12 -27.97 20.20
N TRP A 500 34.84 -27.27 21.30
CA TRP A 500 33.46 -27.11 21.73
C TRP A 500 32.62 -26.40 20.67
N GLU A 501 33.22 -25.44 19.98
CA GLU A 501 32.45 -24.68 19.00
C GLU A 501 31.88 -25.56 17.89
N GLU A 502 32.59 -26.63 17.51
CA GLU A 502 32.06 -27.55 16.51
C GLU A 502 30.86 -28.33 17.03
N PHE A 503 30.88 -28.74 18.30
CA PHE A 503 29.72 -29.43 18.86
C PHE A 503 28.52 -28.50 18.87
N TRP A 504 28.72 -27.26 19.34
CA TRP A 504 27.61 -26.30 19.42
C TRP A 504 27.02 -26.05 18.04
N ASN A 505 27.87 -25.83 17.04
CA ASN A 505 27.37 -25.67 15.68
C ASN A 505 26.58 -26.89 15.26
N ALA A 506 27.06 -28.09 15.58
CA ALA A 506 26.29 -29.28 15.27
C ALA A 506 24.91 -29.20 15.92
N TYR A 507 24.84 -28.79 17.18
CA TYR A 507 23.53 -28.66 17.82
C TYR A 507 22.69 -27.61 17.12
N VAL A 508 23.29 -26.46 16.78
CA VAL A 508 22.58 -25.37 16.14
C VAL A 508 21.95 -25.82 14.83
N THR A 509 22.69 -26.62 14.05
CA THR A 509 22.17 -27.12 12.77
C THR A 509 20.93 -27.98 12.98
N GLN A 510 20.97 -28.91 13.94
CA GLN A 510 19.80 -29.72 14.24
C GLN A 510 18.64 -28.86 14.74
N HIS A 511 18.94 -27.90 15.62
CA HIS A 511 17.91 -26.99 16.12
C HIS A 511 17.21 -26.25 14.96
N HIS A 512 17.97 -25.74 14.00
CA HIS A 512 17.33 -25.02 12.90
C HIS A 512 16.61 -25.96 11.96
N LEU A 513 17.08 -27.21 11.83
CA LEU A 513 16.33 -28.18 11.05
C LEU A 513 14.94 -28.38 11.64
N PHE A 514 14.84 -28.49 12.97
CA PHE A 514 13.54 -28.67 13.61
C PHE A 514 12.67 -27.44 13.46
N LEU A 515 13.23 -26.25 13.67
CA LEU A 515 12.48 -25.02 13.46
C LEU A 515 12.01 -24.92 12.01
N LYS A 516 12.93 -25.15 11.07
CA LYS A 516 12.58 -25.17 9.66
C LYS A 516 11.45 -26.15 9.38
N THR A 517 11.56 -27.37 9.93
CA THR A 517 10.50 -28.36 9.75
C THR A 517 9.18 -27.83 10.31
N ALA A 518 9.23 -27.26 11.51
CA ALA A 518 8.01 -26.81 12.16
C ALA A 518 7.33 -25.70 11.37
N PHE A 519 8.10 -24.78 10.80
CA PHE A 519 7.45 -23.66 10.12
C PHE A 519 6.82 -24.09 8.80
N VAL A 520 7.41 -25.09 8.13
CA VAL A 520 6.76 -25.71 6.98
C VAL A 520 5.47 -26.39 7.41
N GLN A 521 5.51 -27.12 8.53
CA GLN A 521 4.28 -27.71 9.07
C GLN A 521 3.21 -26.64 9.26
N GLN A 522 3.56 -25.55 9.92
CA GLN A 522 2.53 -24.58 10.28
C GLN A 522 1.95 -23.92 9.03
N HIS A 523 2.81 -23.60 8.06
CA HIS A 523 2.32 -23.04 6.81
C HIS A 523 1.25 -23.94 6.20
N ILE A 524 1.53 -25.25 6.16
CA ILE A 524 0.55 -26.16 5.59
C ILE A 524 -0.68 -26.26 6.49
N ILE A 525 -0.46 -26.43 7.80
CA ILE A 525 -1.58 -26.56 8.75
C ILE A 525 -2.49 -25.35 8.71
N ASN A 526 -1.92 -24.14 8.81
CA ASN A 526 -2.72 -22.92 8.85
C ASN A 526 -3.58 -22.77 7.60
N ASN A 527 -3.07 -23.17 6.42
CA ASN A 527 -3.90 -23.12 5.23
C ASN A 527 -4.91 -24.28 5.20
N LEU A 528 -4.55 -25.44 5.75
CA LEU A 528 -5.42 -26.61 5.65
C LEU A 528 -6.62 -26.52 6.60
N ARG A 529 -6.40 -26.08 7.85
CA ARG A 529 -7.47 -26.12 8.85
C ARG A 529 -8.72 -25.40 8.36
N ALA A 530 -8.56 -24.27 7.67
CA ALA A 530 -9.72 -23.50 7.24
C ALA A 530 -10.61 -24.29 6.30
N ARG A 531 -10.11 -25.36 5.69
CA ARG A 531 -10.96 -26.19 4.86
C ARG A 531 -11.67 -27.29 5.64
N HIS A 532 -11.38 -27.45 6.94
CA HIS A 532 -12.00 -28.51 7.72
C HIS A 532 -12.74 -28.01 8.97
N PHE A 533 -12.38 -26.85 9.52
CA PHE A 533 -12.96 -26.37 10.76
C PHE A 533 -13.60 -25.01 10.57
N ALA A 534 -14.79 -24.84 11.14
CA ALA A 534 -15.43 -23.54 11.27
C ALA A 534 -15.99 -23.42 12.67
N GLN A 535 -16.24 -22.18 13.09
CA GLN A 535 -16.63 -21.87 14.47
C GLN A 535 -17.68 -20.77 14.48
N PRO A 536 -18.90 -21.05 14.02
CA PRO A 536 -19.89 -19.98 13.88
C PRO A 536 -20.30 -19.33 15.21
N MET A 537 -20.55 -20.10 16.26
CA MET A 537 -20.91 -19.44 17.52
C MET A 537 -19.76 -18.60 18.06
N GLY A 538 -18.54 -19.15 18.03
CA GLY A 538 -17.39 -18.39 18.47
C GLY A 538 -17.14 -17.16 17.62
N SER A 539 -17.40 -17.25 16.31
CA SER A 539 -17.20 -16.10 15.43
C SER A 539 -18.24 -15.01 15.71
N SER A 540 -19.48 -15.40 16.08
CA SER A 540 -20.52 -14.39 16.31
C SER A 540 -20.21 -13.54 17.54
N LEU A 541 -19.35 -14.02 18.44
CA LEU A 541 -18.99 -13.28 19.64
C LEU A 541 -17.68 -12.53 19.47
N HIS A 542 -17.17 -12.44 18.24
CA HIS A 542 -15.91 -11.80 17.91
C HIS A 542 -16.16 -10.58 17.02
N ASP A 543 -15.72 -9.41 17.48
CA ASP A 543 -15.98 -8.17 16.75
C ASP A 543 -15.44 -8.22 15.34
N LEU A 544 -14.23 -8.74 15.16
CA LEU A 544 -13.62 -8.68 13.83
C LEU A 544 -14.27 -9.66 12.88
N CYS A 545 -14.60 -10.85 13.38
CA CYS A 545 -15.36 -11.81 12.60
C CYS A 545 -16.63 -11.16 12.07
N MET A 546 -17.37 -10.47 12.95
CA MET A 546 -18.63 -9.87 12.55
C MET A 546 -18.40 -8.69 11.62
N LYS A 547 -17.36 -7.89 11.89
CA LYS A 547 -17.11 -6.71 11.06
C LYS A 547 -16.70 -7.09 9.64
N HIS A 548 -15.83 -8.07 9.50
CA HIS A 548 -15.29 -8.42 8.19
C HIS A 548 -15.92 -9.67 7.59
N CYS A 549 -16.88 -10.29 8.29
CA CYS A 549 -17.59 -11.48 7.81
C CYS A 549 -16.60 -12.60 7.48
N LEU A 550 -15.88 -13.05 8.50
CA LEU A 550 -14.89 -14.10 8.37
C LEU A 550 -14.97 -15.04 9.56
N ASP A 551 -14.95 -16.34 9.29
CA ASP A 551 -14.94 -17.31 10.37
C ASP A 551 -13.61 -17.23 11.11
N LEU A 552 -13.67 -17.45 12.43
CA LEU A 552 -12.49 -17.37 13.28
C LEU A 552 -11.30 -18.15 12.70
N HIS A 553 -11.56 -19.29 12.08
CA HIS A 553 -10.50 -20.18 11.62
C HIS A 553 -9.98 -19.79 10.24
N THR A 554 -10.52 -18.72 9.66
CA THR A 554 -9.89 -18.14 8.49
C THR A 554 -8.44 -17.80 8.84
N PRO A 555 -7.49 -18.06 7.93
CA PRO A 555 -6.07 -17.77 8.23
C PRO A 555 -5.76 -16.30 8.49
N GLN A 556 -6.31 -15.39 7.69
CA GLN A 556 -6.08 -13.96 7.86
C GLN A 556 -7.42 -13.23 8.04
N ILE A 557 -7.53 -12.42 9.10
CA ILE A 557 -8.71 -11.61 9.36
C ILE A 557 -8.26 -10.17 9.56
N PRO A 558 -8.80 -9.21 8.79
CA PRO A 558 -8.32 -7.83 8.92
C PRO A 558 -8.40 -7.33 10.35
N GLU A 559 -7.38 -6.56 10.76
CA GLU A 559 -7.29 -5.92 12.08
C GLU A 559 -7.00 -6.90 13.19
N GLY A 560 -6.94 -8.24 12.92
CA GLY A 560 -6.64 -9.19 13.96
C GLY A 560 -5.14 -9.28 14.28
N ILE A 561 -4.84 -9.83 15.46
CA ILE A 561 -3.45 -10.13 15.82
C ILE A 561 -3.35 -11.65 15.98
N ASN A 562 -2.43 -12.27 15.24
CA ASN A 562 -2.28 -13.72 15.25
C ASN A 562 -1.13 -14.10 16.17
N LEU A 563 -1.47 -14.67 17.32
CA LEU A 563 -0.49 -15.07 18.33
C LEU A 563 -0.54 -16.58 18.45
N GLY A 564 0.47 -17.24 17.88
CA GLY A 564 0.61 -18.70 17.83
C GLY A 564 1.93 -19.16 18.40
N TYR A 565 2.27 -20.45 18.26
CA TYR A 565 3.34 -21.00 19.09
C TYR A 565 4.09 -22.11 18.39
N PHE A 566 5.37 -22.25 18.74
CA PHE A 566 6.14 -23.48 18.60
C PHE A 566 6.83 -23.75 19.92
N GLU A 567 6.92 -25.03 20.27
CA GLU A 567 7.30 -25.46 21.61
C GLU A 567 8.74 -25.96 21.66
N TYR A 568 9.47 -25.51 22.69
CA TYR A 568 10.77 -26.08 23.04
C TYR A 568 10.57 -27.07 24.19
N MET A 569 10.75 -28.36 23.93
CA MET A 569 10.62 -29.40 24.95
C MET A 569 11.99 -29.91 25.37
N GLY A 570 12.21 -29.99 26.68
CA GLY A 570 13.47 -30.48 27.22
C GLY A 570 14.51 -29.43 27.46
N PHE A 571 14.09 -28.21 27.79
CA PHE A 571 15.04 -27.10 27.94
C PHE A 571 16.15 -27.43 28.93
N GLY A 572 15.78 -27.69 30.18
CA GLY A 572 16.78 -28.03 31.20
C GLY A 572 17.63 -29.22 30.79
N THR A 573 16.97 -30.30 30.34
CA THR A 573 17.69 -31.48 29.87
C THR A 573 18.76 -31.13 28.87
N VAL A 574 18.44 -30.26 27.90
CA VAL A 574 19.42 -29.98 26.85
C VAL A 574 20.51 -29.07 27.38
N VAL A 575 20.13 -28.01 28.11
CA VAL A 575 21.09 -27.07 28.70
C VAL A 575 22.14 -27.80 29.52
N ASP A 576 21.69 -28.69 30.44
CA ASP A 576 22.66 -29.36 31.28
C ASP A 576 23.52 -30.32 30.48
N SER A 577 22.90 -31.06 29.55
CA SER A 577 23.69 -31.95 28.71
C SER A 577 24.77 -31.17 27.98
N LEU A 578 24.39 -30.06 27.35
CA LEU A 578 25.39 -29.27 26.65
C LEU A 578 26.41 -28.70 27.62
N SER A 579 25.95 -28.24 28.79
CA SER A 579 26.86 -27.73 29.82
C SER A 579 27.88 -28.79 30.23
N ALA A 580 27.44 -30.03 30.41
CA ALA A 580 28.36 -31.10 30.77
C ALA A 580 29.38 -31.36 29.68
N ILE A 581 28.93 -31.40 28.43
CA ILE A 581 29.84 -31.70 27.33
C ILE A 581 30.90 -30.61 27.20
N LYS A 582 30.47 -29.35 27.21
CA LYS A 582 31.42 -28.25 27.10
C LYS A 582 32.44 -28.31 28.22
N LYS A 583 31.97 -28.50 29.45
CA LYS A 583 32.87 -28.47 30.61
C LYS A 583 33.70 -29.73 30.72
N LEU A 584 33.05 -30.89 30.68
CA LEU A 584 33.75 -32.10 31.07
C LEU A 584 34.53 -32.72 29.92
N VAL A 585 34.04 -32.57 28.69
CA VAL A 585 34.67 -33.24 27.56
C VAL A 585 35.68 -32.34 26.86
N PHE A 586 35.30 -31.08 26.64
CA PHE A 586 36.11 -30.17 25.85
C PHE A 586 36.98 -29.23 26.68
N GLU A 587 36.47 -28.70 27.80
CA GLU A 587 37.26 -27.70 28.51
C GLU A 587 38.14 -28.32 29.58
N ASP A 588 37.56 -29.13 30.47
CA ASP A 588 38.35 -29.81 31.48
C ASP A 588 38.90 -31.14 30.98
N LYS A 589 38.37 -31.66 29.88
CA LYS A 589 38.84 -32.92 29.28
C LYS A 589 38.86 -34.05 30.32
N LYS A 590 37.88 -34.04 31.24
CA LYS A 590 37.74 -35.11 32.22
C LYS A 590 37.28 -36.43 31.61
N LEU A 591 36.69 -36.39 30.41
CA LEU A 591 36.38 -37.61 29.70
C LEU A 591 36.29 -37.28 28.22
N THR A 592 36.54 -38.27 27.39
CA THR A 592 36.50 -38.08 25.94
C THR A 592 35.09 -38.25 25.39
N MET A 593 34.90 -37.78 24.15
CA MET A 593 33.61 -37.95 23.47
C MET A 593 33.23 -39.41 23.34
N GLY A 594 34.18 -40.28 22.99
CA GLY A 594 33.87 -41.69 22.88
C GLY A 594 33.50 -42.31 24.21
N GLU A 595 34.15 -41.87 25.29
CA GLU A 595 33.84 -42.39 26.62
C GLU A 595 32.44 -41.97 27.04
N LEU A 596 32.08 -40.71 26.77
CA LEU A 596 30.71 -40.26 27.05
C LEU A 596 29.70 -41.05 26.22
N ILE A 597 29.93 -41.16 24.92
CA ILE A 597 28.98 -41.87 24.06
C ILE A 597 28.86 -43.31 24.50
N GLU A 598 29.99 -43.97 24.75
CA GLU A 598 29.95 -45.33 25.27
C GLU A 598 29.12 -45.39 26.54
N ALA A 599 29.33 -44.44 27.44
CA ALA A 599 28.54 -44.42 28.66
C ALA A 599 27.05 -44.23 28.36
N LEU A 600 26.73 -43.42 27.37
CA LEU A 600 25.31 -43.25 27.03
C LEU A 600 24.74 -44.51 26.40
N LYS A 601 25.51 -45.15 25.51
CA LYS A 601 25.00 -46.29 24.76
C LYS A 601 24.57 -47.43 25.67
N CYS A 602 25.26 -47.64 26.79
CA CYS A 602 24.84 -48.69 27.71
C CYS A 602 23.99 -48.15 28.87
N ASN A 603 23.41 -46.96 28.71
CA ASN A 603 22.52 -46.37 29.71
C ASN A 603 23.19 -46.33 31.09
N PHE A 604 24.49 -46.07 31.09
CA PHE A 604 25.29 -45.92 32.29
C PHE A 604 25.45 -47.23 33.09
N GLU A 605 24.93 -48.36 32.60
CA GLU A 605 25.12 -49.64 33.28
C GLU A 605 26.60 -50.00 33.27
N GLY A 606 27.21 -50.07 34.45
CA GLY A 606 28.65 -50.23 34.51
C GLY A 606 29.43 -48.94 34.36
N LYS A 607 28.75 -47.82 34.16
CA LYS A 607 29.42 -46.54 33.96
C LYS A 607 28.94 -45.51 34.98
N GLU A 608 28.63 -45.98 36.18
CA GLU A 608 28.03 -45.12 37.18
C GLU A 608 28.98 -44.00 37.58
N ASP A 609 30.29 -44.21 37.40
CA ASP A 609 31.24 -43.16 37.74
C ASP A 609 31.14 -41.99 36.77
N ILE A 610 31.07 -42.26 35.47
CA ILE A 610 30.87 -41.18 34.51
C ILE A 610 29.54 -40.50 34.75
N GLN A 611 28.49 -41.29 35.00
CA GLN A 611 27.17 -40.72 35.27
C GLN A 611 27.24 -39.67 36.37
N GLN A 612 27.92 -40.00 37.47
CA GLN A 612 28.02 -39.04 38.57
C GLN A 612 28.85 -37.83 38.16
N LEU A 613 29.94 -38.07 37.41
CA LEU A 613 30.77 -36.98 36.94
C LEU A 613 29.97 -36.00 36.09
N LEU A 614 29.15 -36.53 35.18
CA LEU A 614 28.35 -35.68 34.31
C LEU A 614 27.34 -34.86 35.12
N LYS A 615 26.83 -35.45 36.21
CA LYS A 615 25.86 -34.77 37.07
C LYS A 615 26.49 -33.73 37.95
N SER A 616 27.80 -33.53 37.83
CA SER A 616 28.51 -32.58 38.67
C SER A 616 28.81 -31.28 37.95
N ALA A 617 28.51 -31.18 36.67
CA ALA A 617 28.78 -29.96 35.90
C ALA A 617 27.74 -28.89 36.21
N PRO A 618 27.99 -27.65 35.82
CA PRO A 618 27.01 -26.58 36.09
C PRO A 618 25.67 -26.86 35.41
N CYS A 619 24.60 -26.57 36.15
CA CYS A 619 23.23 -26.89 35.73
C CYS A 619 22.35 -25.64 35.72
N TYR A 620 21.39 -25.66 34.80
CA TYR A 620 20.33 -24.65 34.73
C TYR A 620 19.48 -24.67 35.99
N GLY A 621 19.01 -23.50 36.40
CA GLY A 621 18.22 -23.41 37.62
C GLY A 621 19.00 -23.14 38.88
N ASN A 622 20.26 -22.72 38.77
CA ASN A 622 21.09 -22.44 39.92
C ASN A 622 21.66 -21.03 39.91
N ASN A 623 21.14 -20.16 39.03
CA ASN A 623 21.71 -18.84 38.83
C ASN A 623 23.21 -18.93 38.54
N ASP A 624 23.58 -19.94 37.77
CA ASP A 624 24.97 -20.24 37.41
C ASP A 624 25.15 -19.87 35.94
N ASP A 625 25.89 -18.80 35.70
CA ASP A 625 26.04 -18.29 34.34
C ASP A 625 26.69 -19.30 33.40
N TYR A 626 27.45 -20.28 33.92
CA TYR A 626 28.04 -21.26 33.01
C TYR A 626 26.96 -22.03 32.25
N ALA A 627 25.91 -22.44 32.94
CA ALA A 627 24.81 -23.11 32.27
C ALA A 627 23.80 -22.12 31.71
N ASP A 628 23.56 -21.04 32.47
CA ASP A 628 22.54 -20.07 32.09
C ASP A 628 22.89 -19.34 30.81
N SER A 629 24.17 -19.14 30.51
CA SER A 629 24.54 -18.54 29.23
C SER A 629 24.23 -19.49 28.08
N ILE A 630 24.46 -20.78 28.29
CA ILE A 630 24.06 -21.77 27.30
C ILE A 630 22.54 -21.73 27.09
N ALA A 631 21.76 -21.65 28.18
CA ALA A 631 20.31 -21.57 28.04
C ALA A 631 19.90 -20.33 27.24
N ARG A 632 20.50 -19.17 27.54
CA ARG A 632 20.18 -17.93 26.83
C ARG A 632 20.49 -18.06 25.35
N ASP A 633 21.62 -18.67 25.01
CA ASP A 633 21.95 -18.83 23.61
C ASP A 633 21.00 -19.79 22.92
N ILE A 634 20.53 -20.83 23.61
CA ILE A 634 19.55 -21.74 23.01
C ILE A 634 18.23 -21.01 22.80
N ASP A 635 17.80 -20.23 23.78
CA ASP A 635 16.59 -19.45 23.63
C ASP A 635 16.73 -18.43 22.51
N ALA A 636 17.90 -17.82 22.39
CA ALA A 636 18.10 -16.83 21.34
C ALA A 636 17.87 -17.44 19.95
N LEU A 637 18.29 -18.69 19.76
CA LEU A 637 18.03 -19.38 18.50
C LEU A 637 16.55 -19.36 18.14
N SER A 638 15.67 -19.56 19.13
CA SER A 638 14.24 -19.63 18.83
C SER A 638 13.60 -18.25 18.76
N VAL A 639 14.02 -17.31 19.61
CA VAL A 639 13.49 -15.96 19.51
C VAL A 639 13.85 -15.36 18.14
N LYS A 640 15.11 -15.43 17.76
CA LYS A 640 15.56 -14.82 16.51
C LYS A 640 14.98 -15.54 15.30
N TYR A 641 14.84 -16.87 15.35
CA TYR A 641 14.20 -17.56 14.24
C TYR A 641 12.77 -17.08 14.07
N GLY A 642 12.01 -17.05 15.18
CA GLY A 642 10.64 -16.57 15.10
C GLY A 642 10.56 -15.16 14.53
N ARG A 643 11.40 -14.25 15.04
CA ARG A 643 11.37 -12.87 14.56
C ARG A 643 11.61 -12.80 13.06
N ARG A 644 12.50 -13.65 12.55
CA ARG A 644 12.87 -13.54 11.15
C ARG A 644 11.81 -14.13 10.22
N TYR A 645 11.25 -15.31 10.57
CA TYR A 645 10.47 -16.11 9.62
C TYR A 645 8.96 -16.14 9.92
N SER A 646 8.54 -15.57 11.04
CA SER A 646 7.12 -15.48 11.39
C SER A 646 6.39 -14.50 10.47
N PRO A 647 6.99 -13.36 10.10
CA PRO A 647 6.27 -12.42 9.21
C PRO A 647 5.79 -13.05 7.90
N GLU A 648 6.57 -13.99 7.32
CA GLU A 648 6.12 -14.69 6.12
C GLU A 648 4.78 -15.37 6.34
N LEU A 649 4.53 -15.90 7.54
CA LEU A 649 3.29 -16.60 7.83
C LEU A 649 2.16 -15.66 8.27
N GLY A 650 2.38 -14.35 8.25
CA GLY A 650 1.37 -13.39 8.69
C GLY A 650 0.91 -13.57 10.13
N MET A 651 1.85 -13.75 11.05
CA MET A 651 1.53 -14.05 12.43
C MET A 651 2.75 -13.83 13.30
N HIS A 652 2.55 -13.96 14.61
CA HIS A 652 3.64 -14.10 15.57
C HIS A 652 3.67 -15.57 15.97
N ASN A 653 4.66 -16.28 15.45
CA ASN A 653 4.85 -17.69 15.79
C ASN A 653 6.00 -17.74 16.77
N ASP A 654 5.67 -17.63 18.06
CA ASP A 654 6.66 -17.39 19.11
C ASP A 654 7.04 -18.65 19.87
N VAL A 655 8.33 -18.75 20.19
CA VAL A 655 8.83 -19.87 20.99
C VAL A 655 8.15 -19.83 22.36
N ARG A 656 7.66 -20.98 22.79
CA ARG A 656 6.94 -21.12 24.05
C ARG A 656 7.41 -22.40 24.73
N TYR A 657 7.29 -22.42 26.07
CA TYR A 657 7.81 -23.55 26.88
C TYR A 657 6.71 -24.10 27.78
N VAL A 658 5.62 -24.54 27.16
CA VAL A 658 4.48 -25.12 27.85
C VAL A 658 4.34 -26.57 27.41
N PRO A 659 4.57 -27.54 28.30
CA PRO A 659 4.77 -28.93 27.87
C PRO A 659 3.51 -29.79 27.69
N PHE A 660 2.34 -29.37 28.16
CA PHE A 660 1.26 -30.35 28.32
C PHE A 660 1.82 -31.51 29.15
N THR A 661 1.52 -32.74 28.76
CA THR A 661 2.25 -33.86 29.34
C THR A 661 3.13 -34.57 28.33
N SER A 662 3.51 -33.84 27.27
CA SER A 662 4.32 -34.40 26.19
C SER A 662 5.75 -34.70 26.59
N HIS A 663 6.23 -34.10 27.69
CA HIS A 663 7.61 -34.37 28.08
C HIS A 663 7.78 -35.83 28.46
N VAL A 664 6.67 -36.53 28.68
CA VAL A 664 6.71 -37.96 28.96
C VAL A 664 6.93 -38.72 27.65
N PRO A 665 6.03 -38.61 26.67
CA PRO A 665 6.27 -39.31 25.40
C PRO A 665 7.51 -38.82 24.69
N PHE A 666 7.81 -37.51 24.79
CA PHE A 666 9.05 -36.99 24.22
C PHE A 666 10.28 -37.62 24.87
N GLY A 667 10.22 -37.85 26.19
CA GLY A 667 11.30 -38.55 26.85
C GLY A 667 11.36 -40.03 26.51
N ARG A 668 10.19 -40.65 26.30
CA ARG A 668 10.15 -42.10 26.04
C ARG A 668 10.86 -42.46 24.76
N VAL A 669 11.22 -41.48 23.93
CA VAL A 669 11.86 -41.77 22.66
C VAL A 669 13.27 -41.21 22.58
N VAL A 670 13.77 -40.60 23.65
CA VAL A 670 15.10 -40.02 23.73
C VAL A 670 15.92 -40.88 24.67
N SER A 671 17.05 -41.39 24.18
CA SER A 671 17.88 -42.27 25.01
C SER A 671 18.67 -41.45 26.02
N ALA A 672 19.62 -42.08 26.71
CA ALA A 672 20.35 -41.42 27.78
C ALA A 672 21.09 -40.19 27.26
N THR A 673 21.04 -39.12 28.04
CA THR A 673 21.58 -37.82 27.65
C THR A 673 22.77 -37.42 28.53
N PRO A 674 23.61 -36.50 28.03
CA PRO A 674 24.87 -36.17 28.74
C PRO A 674 24.67 -35.54 30.11
N ASN A 675 23.45 -35.17 30.47
CA ASN A 675 23.21 -34.62 31.81
C ASN A 675 23.07 -35.72 32.87
N GLY A 676 23.19 -36.99 32.49
CA GLY A 676 23.06 -38.09 33.43
C GLY A 676 21.69 -38.72 33.52
N ARG A 677 20.73 -38.24 32.72
CA ARG A 677 19.36 -38.74 32.70
C ARG A 677 19.26 -40.11 32.04
N LYS A 678 18.46 -41.01 32.63
CA LYS A 678 18.33 -42.36 32.10
C LYS A 678 17.51 -42.38 30.81
N ALA A 679 17.81 -43.37 29.96
CA ALA A 679 17.11 -43.53 28.69
C ALA A 679 15.60 -43.68 28.89
N TRP A 680 14.83 -43.12 27.95
CA TRP A 680 13.38 -43.27 27.84
C TRP A 680 12.62 -42.64 29.01
N SER A 681 13.28 -41.90 29.90
CA SER A 681 12.57 -41.26 30.99
C SER A 681 12.19 -39.83 30.61
N ALA A 682 11.25 -39.27 31.37
CA ALA A 682 10.70 -37.96 31.03
C ALA A 682 11.79 -36.90 30.92
N LEU A 683 11.63 -36.03 29.94
CA LEU A 683 12.44 -34.83 29.83
C LEU A 683 12.08 -33.84 30.95
N SER A 684 12.93 -32.85 31.15
CA SER A 684 12.58 -31.73 32.04
C SER A 684 11.28 -31.09 31.55
N ASP A 685 10.54 -30.46 32.47
CA ASP A 685 9.22 -29.90 32.15
C ASP A 685 9.30 -28.39 31.92
N GLY A 686 8.64 -27.92 30.85
CA GLY A 686 8.57 -26.48 30.58
C GLY A 686 9.96 -25.83 30.67
N SER A 687 10.03 -24.67 31.35
CA SER A 687 11.30 -24.03 31.70
C SER A 687 11.69 -24.30 33.15
N SER A 688 11.19 -25.38 33.74
CA SER A 688 11.66 -25.77 35.06
C SER A 688 13.09 -26.28 34.97
N ALA A 689 13.75 -26.33 36.12
CA ALA A 689 15.07 -26.95 36.16
C ALA A 689 14.94 -28.44 35.92
N SER A 690 15.98 -29.04 35.36
CA SER A 690 15.95 -30.48 35.22
C SER A 690 15.89 -31.13 36.60
N HIS A 691 15.20 -32.28 36.67
CA HIS A 691 14.90 -32.99 37.91
C HIS A 691 16.10 -33.04 38.84
N GLY A 692 15.95 -32.49 40.04
CA GLY A 692 17.01 -32.53 41.02
C GLY A 692 18.26 -31.75 40.67
N ALA A 693 18.22 -30.87 39.67
CA ALA A 693 19.38 -30.08 39.29
C ALA A 693 19.45 -28.73 40.00
N ASP A 694 18.38 -28.35 40.68
CA ASP A 694 18.34 -27.09 41.43
C ASP A 694 18.78 -27.42 42.85
N VAL A 695 20.05 -27.14 43.15
CA VAL A 695 20.65 -27.40 44.45
C VAL A 695 20.99 -26.12 45.18
N ASN A 696 20.53 -24.97 44.69
CA ASN A 696 20.80 -23.67 45.32
C ASN A 696 19.55 -22.95 45.79
N GLY A 697 18.47 -23.66 46.00
CA GLY A 697 17.28 -23.03 46.50
C GLY A 697 16.35 -22.58 45.39
N PRO A 698 15.13 -22.22 45.77
CA PRO A 698 14.09 -21.95 44.78
C PRO A 698 14.19 -20.58 44.13
N THR A 699 14.80 -19.61 44.82
CA THR A 699 14.96 -18.30 44.21
C THR A 699 15.89 -18.35 43.00
N ALA A 700 16.91 -19.20 43.03
CA ALA A 700 17.79 -19.31 41.88
C ALA A 700 17.08 -19.92 40.67
N ILE A 701 15.96 -20.63 40.86
CA ILE A 701 15.20 -21.08 39.69
C ILE A 701 14.62 -19.88 38.96
N LEU A 702 14.04 -18.95 39.72
CA LEU A 702 13.49 -17.74 39.11
C LEU A 702 14.58 -16.98 38.36
N GLN A 703 15.75 -16.87 38.97
CA GLN A 703 16.85 -16.11 38.37
C GLN A 703 17.38 -16.77 37.10
N SER A 704 17.49 -18.10 37.09
CA SER A 704 17.95 -18.79 35.89
C SER A 704 16.93 -18.65 34.77
N ASN A 705 15.65 -18.70 35.13
CA ASN A 705 14.61 -18.39 34.16
C ASN A 705 14.80 -17.00 33.57
N PHE A 706 15.16 -16.03 34.42
CA PHE A 706 15.45 -14.68 33.91
C PHE A 706 16.68 -14.69 33.02
N ASN A 707 17.79 -15.28 33.50
CA ASN A 707 19.05 -15.23 32.76
C ASN A 707 18.92 -15.90 31.39
N SER A 708 18.00 -16.86 31.26
CA SER A 708 17.90 -17.67 30.06
C SER A 708 16.98 -17.05 29.02
N LYS A 709 16.43 -15.87 29.29
CA LYS A 709 15.55 -15.20 28.36
C LYS A 709 16.34 -14.14 27.55
N ASN A 710 15.64 -13.45 26.67
CA ASN A 710 16.25 -12.46 25.80
C ASN A 710 15.26 -11.31 25.70
N TYR A 711 15.21 -10.50 26.77
CA TYR A 711 14.19 -9.46 26.84
C TYR A 711 14.39 -8.37 25.80
N GLY A 712 15.51 -8.36 25.08
CA GLY A 712 15.69 -7.37 24.05
C GLY A 712 14.83 -7.57 22.82
N MET A 713 14.15 -8.72 22.69
CA MET A 713 13.29 -8.97 21.54
C MET A 713 11.93 -9.45 22.03
N ARG A 714 10.90 -9.24 21.21
CA ARG A 714 9.51 -9.50 21.61
C ARG A 714 9.01 -10.90 21.27
N ASP A 715 9.78 -11.70 20.53
CA ASP A 715 9.27 -12.95 19.93
C ASP A 715 9.38 -14.11 20.94
N ARG A 716 8.51 -14.02 21.93
CA ARG A 716 8.54 -14.92 23.06
C ARG A 716 7.11 -15.03 23.55
N ALA A 717 6.76 -16.21 24.05
CA ALA A 717 5.48 -16.33 24.72
C ALA A 717 5.73 -16.91 26.11
N ALA A 718 4.77 -17.66 26.64
CA ALA A 718 4.88 -18.13 28.02
C ALA A 718 6.01 -19.14 28.16
N ARG A 719 6.48 -19.26 29.39
CA ARG A 719 7.31 -20.38 29.85
C ARG A 719 6.61 -21.00 31.06
N MET A 720 6.38 -22.31 31.05
CA MET A 720 5.75 -22.96 32.19
C MET A 720 6.78 -23.34 33.25
N LEU A 721 6.58 -22.85 34.46
CA LEU A 721 7.50 -23.08 35.57
C LEU A 721 6.79 -23.83 36.69
N ASN A 722 7.34 -25.00 37.02
CA ASN A 722 6.90 -25.82 38.13
C ASN A 722 7.94 -25.70 39.23
N ILE A 723 7.50 -25.33 40.43
CA ILE A 723 8.33 -25.32 41.63
C ILE A 723 7.58 -26.05 42.73
N LYS A 724 8.33 -26.83 43.51
CA LYS A 724 7.77 -27.65 44.60
C LYS A 724 8.40 -27.27 45.93
N PHE A 725 7.55 -26.94 46.90
CA PHE A 725 7.92 -26.75 48.30
C PHE A 725 7.49 -27.94 49.14
N THR A 726 8.26 -28.22 50.19
CA THR A 726 7.76 -29.12 51.22
C THR A 726 6.74 -28.40 52.10
N PRO A 727 5.84 -29.12 52.73
CA PRO A 727 4.93 -28.44 53.66
C PRO A 727 5.67 -27.61 54.71
N LYS A 728 6.78 -28.11 55.25
CA LYS A 728 7.51 -27.35 56.27
C LYS A 728 7.97 -26.00 55.73
N CYS A 729 8.43 -25.95 54.47
CA CYS A 729 9.03 -24.74 53.91
C CYS A 729 8.07 -23.56 53.86
N VAL A 730 6.76 -23.80 53.74
CA VAL A 730 5.77 -22.72 53.62
C VAL A 730 4.79 -22.70 54.82
N GLU A 731 5.11 -23.39 55.92
CA GLU A 731 4.16 -23.50 57.02
C GLU A 731 4.01 -22.17 57.75
N GLY A 732 2.77 -21.89 58.16
CA GLY A 732 2.48 -20.79 59.06
C GLY A 732 2.57 -19.41 58.43
N GLU A 733 2.32 -18.41 59.27
CA GLU A 733 2.28 -17.03 58.80
C GLU A 733 3.62 -16.62 58.19
N GLU A 734 4.74 -17.07 58.76
CA GLU A 734 6.04 -16.77 58.18
C GLU A 734 6.17 -17.41 56.79
N GLY A 735 5.70 -18.66 56.65
CA GLY A 735 5.73 -19.28 55.34
C GLY A 735 4.86 -18.57 54.33
N SER A 736 3.68 -18.13 54.76
CA SER A 736 2.83 -17.36 53.86
C SER A 736 3.54 -16.09 53.41
N GLN A 737 4.26 -15.45 54.33
CA GLN A 737 4.99 -14.23 53.99
C GLN A 737 6.12 -14.51 53.01
N LYS A 738 6.79 -15.66 53.16
CA LYS A 738 7.84 -16.03 52.21
C LYS A 738 7.25 -16.28 50.82
N LEU A 739 6.17 -17.05 50.76
CA LEU A 739 5.51 -17.33 49.49
C LEU A 739 5.05 -16.04 48.84
N VAL A 740 4.46 -15.13 49.61
CA VAL A 740 4.04 -13.83 49.09
C VAL A 740 5.23 -13.07 48.52
N SER A 741 6.31 -13.02 49.28
CA SER A 741 7.48 -12.30 48.80
C SER A 741 8.08 -12.97 47.57
N PHE A 742 8.10 -14.31 47.54
CA PHE A 742 8.60 -15.05 46.38
C PHE A 742 7.79 -14.74 45.12
N ILE A 743 6.50 -14.48 45.30
CA ILE A 743 5.64 -14.14 44.18
C ILE A 743 5.95 -12.72 43.68
N ARG A 744 6.20 -11.79 44.61
CA ARG A 744 6.63 -10.45 44.22
C ARG A 744 7.92 -10.48 43.41
N THR A 745 8.87 -11.33 43.80
CA THR A 745 10.10 -11.44 43.04
C THR A 745 9.84 -12.03 41.65
N PHE A 746 9.01 -13.07 41.58
CA PHE A 746 8.58 -13.61 40.30
C PHE A 746 7.99 -12.52 39.42
N CYS A 747 7.16 -11.65 40.01
CA CYS A 747 6.58 -10.55 39.24
C CYS A 747 7.67 -9.60 38.74
N ASP A 748 8.58 -9.18 39.62
CA ASP A 748 9.61 -8.19 39.26
C ASP A 748 10.48 -8.69 38.12
N LEU A 749 10.70 -10.01 38.05
CA LEU A 749 11.60 -10.63 37.08
C LEU A 749 10.94 -10.81 35.72
N LYS A 750 9.70 -10.37 35.57
CA LYS A 750 9.01 -10.42 34.29
C LYS A 750 8.89 -11.86 33.80
N LEU A 751 8.79 -12.81 34.73
CA LEU A 751 8.50 -14.18 34.33
C LEU A 751 7.02 -14.31 34.06
N TRP A 752 6.68 -15.19 33.11
CA TRP A 752 5.29 -15.28 32.65
C TRP A 752 4.40 -16.06 33.61
N HIS A 753 4.87 -17.20 34.12
CA HIS A 753 4.00 -18.11 34.85
C HIS A 753 4.78 -18.78 35.99
N VAL A 754 4.06 -19.09 37.07
CA VAL A 754 4.59 -19.92 38.15
C VAL A 754 3.43 -20.62 38.85
N GLN A 755 3.68 -21.83 39.29
CA GLN A 755 2.70 -22.62 40.00
C GLN A 755 3.44 -23.60 40.88
N PHE A 756 2.80 -24.01 41.97
CA PHE A 756 3.48 -24.71 43.05
C PHE A 756 2.77 -26.00 43.45
N ASN A 757 3.56 -27.05 43.66
CA ASN A 757 3.18 -28.18 44.50
C ASN A 757 3.72 -27.95 45.92
N VAL A 758 2.97 -28.42 46.92
CA VAL A 758 3.40 -28.37 48.31
C VAL A 758 3.17 -29.78 48.86
N ILE A 759 4.22 -30.58 48.94
CA ILE A 759 4.06 -32.00 49.28
C ILE A 759 5.37 -32.54 49.84
N ASN A 760 5.25 -33.57 50.66
CA ASN A 760 6.41 -34.35 51.07
C ASN A 760 6.67 -35.45 50.04
N LYS A 761 7.95 -35.70 49.76
CA LYS A 761 8.28 -36.78 48.83
C LYS A 761 7.69 -38.10 49.27
N GLU A 762 7.60 -38.35 50.58
CA GLU A 762 7.16 -39.65 51.07
C GLU A 762 5.71 -39.93 50.70
N THR A 763 4.89 -38.89 50.63
CA THR A 763 3.50 -39.05 50.21
C THR A 763 3.41 -39.56 48.78
N LEU A 764 4.21 -38.99 47.86
CA LEU A 764 4.24 -39.47 46.48
C LEU A 764 4.70 -40.92 46.43
N LEU A 765 5.75 -41.23 47.19
CA LEU A 765 6.27 -42.60 47.19
C LEU A 765 5.22 -43.56 47.73
N ALA A 766 4.61 -43.22 48.87
CA ALA A 766 3.59 -44.08 49.45
C ALA A 766 2.42 -44.28 48.49
N ALA A 767 2.01 -43.23 47.80
CA ALA A 767 0.91 -43.33 46.85
C ALA A 767 1.26 -44.27 45.68
N GLN A 768 2.53 -44.32 45.31
CA GLN A 768 2.96 -45.32 44.34
C GLN A 768 2.88 -46.72 44.94
N ARG A 769 3.33 -46.87 46.19
CA ARG A 769 3.31 -48.16 46.84
C ARG A 769 1.93 -48.58 47.31
N ASP A 770 0.91 -47.74 47.13
CA ASP A 770 -0.42 -48.13 47.59
C ASP A 770 -1.49 -47.26 46.92
N PRO A 771 -1.67 -47.43 45.60
CA PRO A 771 -2.63 -46.59 44.88
C PRO A 771 -4.02 -46.55 45.50
N GLU A 772 -4.55 -47.70 45.94
CA GLU A 772 -5.90 -47.72 46.48
C GLU A 772 -6.05 -46.78 47.67
N LYS A 773 -5.02 -46.68 48.51
CA LYS A 773 -5.14 -45.85 49.70
C LYS A 773 -5.13 -44.37 49.38
N TYR A 774 -4.38 -43.95 48.37
CA TYR A 774 -4.21 -42.55 48.04
C TYR A 774 -4.91 -42.20 46.74
N ARG A 775 -6.14 -42.68 46.58
CA ARG A 775 -6.86 -42.49 45.34
C ARG A 775 -7.18 -41.03 45.09
N ASN A 776 -7.33 -40.23 46.14
CA ASN A 776 -7.77 -38.84 46.02
C ASN A 776 -6.62 -37.83 46.10
N LEU A 777 -5.39 -38.29 46.06
CA LEU A 777 -4.25 -37.38 46.11
C LEU A 777 -4.17 -36.58 44.81
N ILE A 778 -4.18 -35.26 44.91
CA ILE A 778 -4.19 -34.40 43.74
C ILE A 778 -2.86 -33.66 43.67
N VAL A 779 -2.20 -33.71 42.50
CA VAL A 779 -0.92 -33.04 42.29
C VAL A 779 -1.00 -32.16 41.04
N ARG A 780 -0.24 -31.06 41.07
CA ARG A 780 -0.11 -30.11 39.96
C ARG A 780 0.96 -30.65 39.00
N ILE A 781 0.56 -30.83 37.74
CA ILE A 781 1.42 -31.47 36.74
C ILE A 781 2.02 -30.42 35.82
N ALA A 782 1.18 -29.78 34.99
CA ALA A 782 1.62 -28.76 34.03
C ALA A 782 0.46 -27.83 33.71
N GLY A 783 0.22 -26.84 34.55
CA GLY A 783 -0.92 -25.99 34.36
C GLY A 783 -2.23 -26.60 34.81
N TYR A 784 -2.22 -27.86 35.23
CA TYR A 784 -3.42 -28.51 35.72
C TYR A 784 -3.05 -29.45 36.85
N SER A 785 -4.08 -29.92 37.54
CA SER A 785 -3.92 -30.92 38.59
C SER A 785 -4.73 -32.17 38.23
N ALA A 786 -4.26 -33.32 38.71
CA ALA A 786 -4.93 -34.58 38.44
C ALA A 786 -4.67 -35.54 39.61
N TYR A 787 -5.44 -36.62 39.64
CA TYR A 787 -5.21 -37.66 40.63
C TYR A 787 -3.91 -38.35 40.31
N PHE A 788 -2.99 -38.31 41.28
CA PHE A 788 -1.66 -38.90 41.09
C PHE A 788 -1.75 -40.34 40.59
N VAL A 789 -2.75 -41.09 41.06
CA VAL A 789 -2.87 -42.51 40.73
C VAL A 789 -3.35 -42.76 39.31
N ASP A 790 -3.88 -41.75 38.62
CA ASP A 790 -4.23 -41.89 37.20
C ASP A 790 -3.04 -41.68 36.27
N LEU A 791 -1.88 -41.25 36.78
CA LEU A 791 -0.73 -40.90 35.96
C LEU A 791 0.16 -42.10 35.72
N SER A 792 0.79 -42.15 34.54
CA SER A 792 1.71 -43.23 34.19
C SER A 792 2.92 -43.24 35.12
N PRO A 793 3.61 -44.39 35.22
CA PRO A 793 4.83 -44.43 36.06
C PRO A 793 5.87 -43.40 35.64
N ASP A 794 6.03 -43.20 34.32
CA ASP A 794 7.00 -42.24 33.83
C ASP A 794 6.67 -40.82 34.30
N LEU A 795 5.39 -40.44 34.23
CA LEU A 795 4.97 -39.11 34.66
C LEU A 795 4.97 -39.00 36.18
N GLN A 796 4.66 -40.10 36.87
CA GLN A 796 4.86 -40.10 38.32
C GLN A 796 6.33 -39.83 38.64
N ASN A 797 7.23 -40.50 37.94
CA ASN A 797 8.66 -40.29 38.17
C ASN A 797 9.05 -38.84 37.93
N ASP A 798 8.47 -38.19 36.91
CA ASP A 798 8.67 -36.74 36.75
C ASP A 798 8.25 -35.97 37.99
N LEU A 799 7.07 -36.27 38.53
CA LEU A 799 6.62 -35.58 39.73
C LEU A 799 7.50 -35.89 40.94
N ILE A 800 7.95 -37.14 41.07
CA ILE A 800 8.74 -37.50 42.25
C ILE A 800 10.12 -36.86 42.19
N ALA A 801 10.77 -36.87 41.02
CA ALA A 801 12.14 -36.39 40.92
C ALA A 801 12.24 -34.86 40.97
N ARG A 802 11.12 -34.14 40.86
CA ARG A 802 11.18 -32.69 41.01
C ARG A 802 11.62 -32.38 42.42
N THR A 803 12.64 -31.54 42.55
CA THR A 803 13.18 -31.19 43.85
C THR A 803 12.12 -30.57 44.74
N GLY A 804 11.97 -31.10 45.94
CA GLY A 804 11.12 -30.41 46.89
C GLY A 804 11.94 -29.44 47.73
N HIS A 805 11.63 -28.14 47.66
CA HIS A 805 12.41 -27.15 48.39
C HIS A 805 11.87 -27.05 49.82
N ASP A 806 12.78 -27.22 50.78
CA ASP A 806 12.46 -27.29 52.19
C ASP A 806 12.73 -26.00 52.96
N VAL A 807 13.52 -25.08 52.41
CA VAL A 807 13.93 -23.91 53.17
C VAL A 807 13.67 -22.59 52.47
N MET A 808 13.60 -22.52 51.14
CA MET A 808 13.27 -21.25 50.47
C MET A 808 13.85 -20.03 51.20
N ARG B 11 -18.91 45.17 -38.59
CA ARG B 11 -18.50 45.67 -37.28
C ARG B 11 -17.15 45.08 -36.89
N VAL B 12 -16.93 43.79 -37.16
CA VAL B 12 -15.64 43.21 -36.82
C VAL B 12 -14.54 43.82 -37.67
N PHE B 13 -14.86 44.28 -38.88
CA PHE B 13 -13.87 45.03 -39.65
C PHE B 13 -13.62 46.42 -39.07
N THR B 14 -14.66 47.07 -38.55
CA THR B 14 -14.46 48.39 -37.95
C THR B 14 -13.56 48.31 -36.72
N ILE B 15 -13.87 47.40 -35.79
CA ILE B 15 -13.00 47.19 -34.63
C ILE B 15 -11.59 46.87 -35.10
N LEU B 16 -11.48 46.01 -36.11
CA LEU B 16 -10.17 45.58 -36.62
C LEU B 16 -9.37 46.76 -37.17
N GLU B 17 -10.06 47.75 -37.75
CA GLU B 17 -9.38 48.93 -38.24
C GLU B 17 -8.80 49.79 -37.12
N SER B 18 -9.33 49.67 -35.90
CA SER B 18 -8.96 50.59 -34.84
C SER B 18 -7.55 50.36 -34.31
N PHE B 19 -7.07 49.11 -34.29
CA PHE B 19 -5.74 48.82 -33.79
C PHE B 19 -4.83 48.27 -34.88
N ASP B 20 -5.21 48.42 -36.14
CA ASP B 20 -4.42 47.92 -37.25
C ASP B 20 -3.03 48.57 -37.29
N ASN B 21 -2.01 47.74 -37.45
CA ASN B 21 -0.63 48.20 -37.59
C ASN B 21 -0.23 49.12 -36.43
N THR B 22 -0.35 48.60 -35.21
CA THR B 22 0.06 49.36 -34.04
C THR B 22 0.86 48.45 -33.10
N ARG B 23 1.91 49.00 -32.51
CA ARG B 23 2.66 48.27 -31.50
C ARG B 23 1.82 48.19 -30.23
N PRO B 24 1.68 47.02 -29.61
CA PRO B 24 0.93 46.92 -28.36
C PRO B 24 1.62 47.67 -27.22
N ARG B 25 0.80 48.15 -26.28
CA ARG B 25 1.31 48.84 -25.11
C ARG B 25 1.31 47.88 -23.92
N ILE B 26 2.21 48.13 -22.96
CA ILE B 26 2.27 47.34 -21.74
C ILE B 26 1.33 47.95 -20.71
N ASP B 27 0.28 47.21 -20.35
CA ASP B 27 -0.67 47.63 -19.31
C ASP B 27 -0.20 47.16 -17.94
N VAL B 28 -0.42 47.98 -16.93
CA VAL B 28 0.15 47.72 -15.61
C VAL B 28 -0.91 47.53 -14.53
N GLU B 29 -2.20 47.72 -14.83
CA GLU B 29 -3.21 47.64 -13.77
C GLU B 29 -3.17 46.27 -13.08
N ARG B 30 -3.19 45.18 -13.85
CA ARG B 30 -3.25 43.85 -13.25
C ARG B 30 -2.07 43.62 -12.31
N ALA B 31 -0.86 43.98 -12.74
CA ALA B 31 0.31 43.84 -11.90
C ALA B 31 0.24 44.76 -10.67
N LYS B 32 -0.30 45.96 -10.84
CA LYS B 32 -0.39 46.92 -9.74
C LYS B 32 -1.30 46.39 -8.62
N TYR B 33 -2.56 46.10 -8.93
CA TYR B 33 -3.49 45.66 -7.89
C TYR B 33 -3.15 44.26 -7.39
N PHE B 34 -2.60 43.42 -8.26
CA PHE B 34 -2.06 42.13 -7.82
C PHE B 34 -0.99 42.35 -6.77
N THR B 35 -0.07 43.28 -7.03
CA THR B 35 1.02 43.52 -6.09
C THR B 35 0.51 44.17 -4.80
N GLU B 36 -0.41 45.13 -4.91
CA GLU B 36 -0.94 45.74 -3.69
C GLU B 36 -1.53 44.67 -2.77
N SER B 37 -2.21 43.67 -3.35
CA SER B 37 -2.81 42.63 -2.53
C SER B 37 -1.74 41.70 -1.95
N MET B 38 -0.83 41.23 -2.81
CA MET B 38 0.14 40.24 -2.37
C MET B 38 1.04 40.77 -1.27
N LYS B 39 1.46 42.04 -1.37
CA LYS B 39 2.38 42.54 -0.36
C LYS B 39 1.72 42.68 1.01
N ALA B 40 0.39 42.60 1.09
CA ALA B 40 -0.36 42.67 2.34
C ALA B 40 -0.82 41.30 2.87
N THR B 41 -0.52 40.20 2.17
CA THR B 41 -1.00 38.88 2.58
C THR B 41 0.15 37.89 2.77
N GLU B 42 1.37 38.39 2.92
CA GLU B 42 2.49 37.48 3.06
C GLU B 42 2.24 36.49 4.18
N GLY B 43 2.57 35.21 3.91
CA GLY B 43 2.50 34.13 4.87
C GLY B 43 1.24 33.30 4.79
N GLN B 44 0.16 33.88 4.29
CA GLN B 44 -1.07 33.13 4.14
C GLN B 44 -0.91 32.14 3.00
N PRO B 45 -1.74 31.11 2.95
CA PRO B 45 -1.65 30.12 1.88
C PRO B 45 -1.80 30.75 0.50
N LEU B 46 -0.93 30.34 -0.43
CA LEU B 46 -0.81 31.05 -1.71
C LEU B 46 -2.12 31.08 -2.51
N PRO B 47 -2.90 30.01 -2.63
CA PRO B 47 -4.20 30.14 -3.31
C PRO B 47 -5.08 31.20 -2.70
N LEU B 48 -5.10 31.29 -1.37
CA LEU B 48 -5.90 32.30 -0.68
C LEU B 48 -5.41 33.72 -0.99
N ARG B 49 -4.08 33.93 -0.95
CA ARG B 49 -3.54 35.21 -1.40
C ARG B 49 -3.92 35.47 -2.86
N TRP B 50 -3.74 34.46 -3.72
CA TRP B 50 -4.06 34.63 -5.13
C TRP B 50 -5.50 35.03 -5.31
N ALA B 51 -6.42 34.33 -4.65
CA ALA B 51 -7.84 34.64 -4.77
C ALA B 51 -8.14 36.03 -4.20
N LYS B 52 -7.52 36.39 -3.07
CA LYS B 52 -7.70 37.74 -2.55
C LYS B 52 -7.13 38.79 -3.52
N ALA B 53 -5.97 38.49 -4.12
CA ALA B 53 -5.42 39.38 -5.13
C ALA B 53 -6.38 39.55 -6.30
N LEU B 54 -7.02 38.45 -6.74
CA LEU B 54 -7.96 38.55 -7.84
C LEU B 54 -9.22 39.32 -7.43
N MET B 55 -9.67 39.16 -6.19
CA MET B 55 -10.76 40.00 -5.69
C MET B 55 -10.35 41.47 -5.70
N HIS B 56 -9.16 41.77 -5.19
CA HIS B 56 -8.67 43.15 -5.19
C HIS B 56 -8.63 43.69 -6.62
N ILE B 57 -8.21 42.87 -7.59
CA ILE B 57 -8.23 43.25 -9.01
C ILE B 57 -9.67 43.44 -9.49
N ALA B 58 -10.55 42.51 -9.16
CA ALA B 58 -11.94 42.64 -9.61
C ALA B 58 -12.53 43.97 -9.21
N GLU B 59 -12.07 44.53 -8.09
CA GLU B 59 -12.66 45.72 -7.49
C GLU B 59 -12.12 47.04 -8.00
N ASN B 60 -10.85 47.05 -8.46
CA ASN B 60 -10.12 48.28 -8.71
C ASN B 60 -9.65 48.47 -10.14
N MET B 61 -9.49 47.40 -10.90
CA MET B 61 -9.02 47.52 -12.28
C MET B 61 -10.13 48.04 -13.18
N THR B 62 -9.71 48.73 -14.24
CA THR B 62 -10.67 49.30 -15.19
C THR B 62 -11.46 48.21 -15.90
N VAL B 63 -12.77 48.42 -16.02
CA VAL B 63 -13.61 47.61 -16.88
C VAL B 63 -14.01 48.46 -18.08
N TYR B 64 -14.03 47.81 -19.25
CA TYR B 64 -14.22 48.47 -20.53
C TYR B 64 -15.43 47.87 -21.23
N ILE B 65 -16.28 48.74 -21.76
CA ILE B 65 -17.28 48.36 -22.74
C ILE B 65 -16.81 48.99 -24.05
N ASP B 66 -16.36 48.15 -24.97
CA ASP B 66 -15.63 48.62 -26.15
C ASP B 66 -16.57 48.94 -27.32
N ASP B 67 -16.18 49.95 -28.10
CA ASP B 67 -16.99 50.42 -29.22
C ASP B 67 -17.34 49.27 -30.17
N HIS B 68 -18.62 49.24 -30.58
CA HIS B 68 -19.10 48.30 -31.59
C HIS B 68 -19.22 46.87 -31.08
N GLN B 69 -18.76 46.58 -29.86
CA GLN B 69 -18.70 45.21 -29.37
C GLN B 69 -20.07 44.67 -28.99
N LEU B 70 -20.22 43.35 -29.12
CA LEU B 70 -21.41 42.65 -28.62
C LEU B 70 -21.14 41.87 -27.35
N ILE B 71 -19.87 41.71 -26.98
CA ILE B 71 -19.44 41.13 -25.72
C ILE B 71 -18.40 42.08 -25.13
N CYS B 72 -18.15 41.92 -23.82
CA CYS B 72 -17.22 42.79 -23.10
C CYS B 72 -16.30 41.98 -22.18
N GLY B 73 -15.13 42.57 -21.92
CA GLY B 73 -14.14 42.04 -21.02
C GLY B 73 -12.74 42.24 -21.56
N ARG B 74 -11.89 42.97 -20.83
CA ARG B 74 -10.50 43.21 -21.20
C ARG B 74 -9.62 43.02 -19.97
N ALA B 75 -8.36 42.71 -20.23
CA ALA B 75 -7.32 42.69 -19.22
C ALA B 75 -6.37 43.87 -19.33
N GLY B 76 -6.74 44.90 -20.09
CA GLY B 76 -5.83 46.01 -20.30
C GLY B 76 -6.44 47.09 -21.16
N TYR B 77 -5.62 48.07 -21.50
CA TYR B 77 -6.09 49.27 -22.15
C TYR B 77 -6.55 48.98 -23.58
N GLN B 78 -7.28 49.94 -24.15
CA GLN B 78 -7.76 49.86 -25.52
C GLN B 78 -6.61 49.62 -26.48
N GLY B 79 -6.93 49.03 -27.63
CA GLY B 79 -5.90 48.65 -28.59
C GLY B 79 -5.33 47.28 -28.31
N ARG B 80 -4.13 47.05 -28.81
CA ARG B 80 -3.41 45.84 -28.46
C ARG B 80 -2.60 46.06 -27.19
N TYR B 81 -2.66 45.11 -26.26
CA TYR B 81 -2.04 45.24 -24.95
C TYR B 81 -1.49 43.91 -24.51
N GLY B 82 -0.50 43.98 -23.60
CA GLY B 82 -0.02 42.82 -22.88
C GLY B 82 -0.04 43.11 -21.39
N VAL B 83 0.18 42.04 -20.61
CA VAL B 83 0.03 42.13 -19.15
C VAL B 83 1.31 41.67 -18.47
N LEU B 84 1.56 42.25 -17.30
CA LEU B 84 2.76 41.96 -16.53
C LEU B 84 2.43 40.94 -15.45
N TYR B 85 3.39 40.05 -15.18
CA TYR B 85 3.26 39.00 -14.18
C TYR B 85 4.50 39.00 -13.31
N PRO B 86 4.59 39.94 -12.37
CA PRO B 86 5.82 40.05 -11.56
C PRO B 86 6.12 38.82 -10.70
N GLU B 87 5.11 38.07 -10.27
CA GLU B 87 5.41 36.84 -9.54
C GLU B 87 6.38 35.97 -10.33
N LEU B 88 6.29 36.00 -11.66
CA LEU B 88 7.10 35.10 -12.49
C LEU B 88 8.49 35.67 -12.76
N ASP B 89 8.55 36.87 -13.32
CA ASP B 89 9.83 37.40 -13.80
C ASP B 89 9.87 38.91 -13.59
N GLY B 90 9.31 39.38 -12.47
CA GLY B 90 9.32 40.79 -12.15
C GLY B 90 10.71 41.39 -12.04
N ASP B 91 11.73 40.56 -11.79
CA ASP B 91 13.12 41.03 -11.71
C ASP B 91 13.64 41.53 -13.05
N PHE B 92 12.94 41.22 -14.16
CA PHE B 92 13.25 41.76 -15.47
C PHE B 92 12.60 43.12 -15.70
N LEU B 93 11.77 43.60 -14.77
CA LEU B 93 10.97 44.78 -15.04
C LEU B 93 11.84 46.01 -15.29
N GLY B 94 12.90 46.18 -14.51
CA GLY B 94 13.73 47.38 -14.62
C GLY B 94 14.29 47.58 -16.01
N THR B 95 14.96 46.54 -16.54
CA THR B 95 15.55 46.62 -17.86
C THR B 95 14.52 46.48 -18.98
N ALA B 96 13.40 45.80 -18.73
CA ALA B 96 12.36 45.63 -19.74
C ALA B 96 11.69 46.95 -20.10
N ILE B 97 11.57 47.87 -19.15
CA ILE B 97 10.96 49.16 -19.41
C ILE B 97 11.71 49.87 -20.54
N GLU B 98 13.04 49.79 -20.53
CA GLU B 98 13.86 50.46 -21.54
C GLU B 98 13.91 49.70 -22.86
N ASP B 99 13.97 48.36 -22.80
CA ASP B 99 14.38 47.56 -23.94
C ASP B 99 13.22 47.12 -24.83
N LEU B 100 12.05 46.85 -24.25
CA LEU B 100 10.96 46.32 -25.06
C LEU B 100 10.59 47.27 -26.19
N PRO B 101 10.55 48.59 -25.99
CA PRO B 101 10.17 49.47 -27.12
C PRO B 101 11.12 49.39 -28.29
N ASN B 102 12.37 48.97 -28.09
CA ASN B 102 13.34 48.93 -29.18
C ASN B 102 13.68 47.52 -29.65
N ARG B 103 13.09 46.49 -29.04
CA ARG B 103 13.42 45.12 -29.40
C ARG B 103 13.09 44.84 -30.87
N ALA B 104 14.02 44.17 -31.56
CA ALA B 104 13.85 43.91 -32.99
C ALA B 104 12.63 43.04 -33.27
N GLU B 105 12.40 42.03 -32.45
CA GLU B 105 11.26 41.14 -32.58
C GLU B 105 10.30 41.39 -31.44
N SER B 106 9.00 41.39 -31.77
CA SER B 106 7.92 41.48 -30.79
C SER B 106 8.10 42.65 -29.83
N PRO B 107 8.32 43.86 -30.33
CA PRO B 107 8.47 45.01 -29.45
C PRO B 107 7.15 45.41 -28.80
N PHE B 108 7.26 45.99 -27.61
CA PHE B 108 6.13 46.50 -26.85
C PHE B 108 6.40 47.95 -26.47
N ALA B 109 5.38 48.80 -26.63
CA ALA B 109 5.41 50.18 -26.16
C ALA B 109 4.91 50.30 -24.71
N ILE B 110 5.41 51.31 -24.00
CA ILE B 110 4.99 51.63 -22.64
C ILE B 110 4.93 53.15 -22.47
N THR B 111 3.78 53.67 -22.04
CA THR B 111 3.66 55.09 -21.76
C THR B 111 4.54 55.46 -20.57
N PRO B 112 4.97 56.73 -20.48
CA PRO B 112 5.74 57.15 -19.31
C PRO B 112 5.00 57.01 -18.01
N ALA B 113 3.67 57.00 -18.04
CA ALA B 113 2.91 56.81 -16.82
C ALA B 113 2.95 55.35 -16.35
N ALA B 114 2.76 54.42 -17.28
CA ALA B 114 2.78 53.01 -16.91
C ALA B 114 4.15 52.61 -16.36
N ALA B 115 5.23 53.16 -16.96
CA ALA B 115 6.56 52.81 -16.50
C ALA B 115 6.83 53.31 -15.08
N ALA B 116 6.13 54.38 -14.64
CA ALA B 116 6.29 54.83 -13.26
C ALA B 116 5.60 53.90 -12.28
N VAL B 117 4.46 53.31 -12.68
CA VAL B 117 3.82 52.29 -11.83
C VAL B 117 4.77 51.12 -11.62
N VAL B 118 5.43 50.66 -12.68
CA VAL B 118 6.38 49.56 -12.58
C VAL B 118 7.52 49.92 -11.63
N VAL B 119 8.14 51.08 -11.87
CA VAL B 119 9.33 51.45 -11.10
C VAL B 119 8.98 51.69 -9.64
N GLU B 120 7.83 52.29 -9.38
CA GLU B 120 7.51 52.77 -8.05
C GLU B 120 6.63 51.82 -7.25
N GLU B 121 5.66 51.15 -7.88
CA GLU B 121 4.63 50.42 -7.16
C GLU B 121 4.68 48.90 -7.31
N ILE B 122 5.30 48.39 -8.37
CA ILE B 122 5.30 46.96 -8.66
C ILE B 122 6.66 46.33 -8.37
N ALA B 123 7.71 46.83 -9.02
CA ALA B 123 9.04 46.25 -8.84
C ALA B 123 9.48 46.16 -7.39
N PRO B 124 9.30 47.19 -6.55
CA PRO B 124 9.93 47.14 -5.21
C PRO B 124 9.58 45.92 -4.40
N PHE B 125 8.29 45.59 -4.26
CA PHE B 125 7.91 44.46 -3.41
C PHE B 125 8.48 43.16 -3.94
N TRP B 126 8.55 42.99 -5.27
CA TRP B 126 8.95 41.72 -5.85
C TRP B 126 10.45 41.48 -5.87
N LYS B 127 11.25 42.50 -5.53
CA LYS B 127 12.69 42.35 -5.45
C LYS B 127 13.04 41.23 -4.46
N GLY B 128 13.74 40.22 -4.96
CA GLY B 128 14.08 39.06 -4.15
C GLY B 128 12.95 38.09 -3.92
N LYS B 129 11.81 38.23 -4.61
CA LYS B 129 10.64 37.37 -4.39
C LYS B 129 10.11 36.70 -5.66
N THR B 130 10.70 36.94 -6.83
CA THR B 130 10.20 36.37 -8.07
C THR B 130 10.56 34.90 -8.18
N TYR B 131 9.81 34.19 -9.02
CA TYR B 131 10.18 32.81 -9.29
C TYR B 131 11.53 32.73 -10.01
N HIS B 132 11.81 33.68 -10.91
CA HIS B 132 13.08 33.65 -11.61
C HIS B 132 14.26 33.85 -10.65
N GLU B 133 14.13 34.76 -9.68
CA GLU B 133 15.19 34.91 -8.69
C GLU B 133 15.42 33.62 -7.92
N ALA B 134 14.33 32.96 -7.51
CA ALA B 134 14.43 31.71 -6.76
C ALA B 134 15.04 30.60 -7.60
N LEU B 135 14.57 30.44 -8.84
CA LEU B 135 15.06 29.35 -9.67
C LEU B 135 16.53 29.54 -10.01
N ASN B 136 16.94 30.77 -10.32
CA ASN B 136 18.35 31.01 -10.66
C ASN B 136 19.27 30.57 -9.52
N LEU B 137 18.89 30.84 -8.27
CA LEU B 137 19.68 30.39 -7.13
C LEU B 137 19.52 28.89 -6.85
N ALA B 138 18.39 28.29 -7.19
CA ALA B 138 18.12 26.92 -6.74
C ALA B 138 18.80 25.84 -7.58
N LEU B 139 19.25 26.16 -8.80
CA LEU B 139 19.90 25.16 -9.65
C LEU B 139 21.37 25.03 -9.25
N PRO B 140 21.87 23.81 -9.08
CA PRO B 140 23.29 23.65 -8.79
C PRO B 140 24.17 24.04 -9.98
N ALA B 141 25.44 24.32 -9.68
CA ALA B 141 26.36 24.82 -10.69
C ALA B 141 26.39 23.91 -11.92
N ASP B 142 26.34 22.59 -11.70
CA ASP B 142 26.38 21.61 -12.80
C ASP B 142 25.32 21.87 -13.84
N VAL B 143 24.11 22.21 -13.41
CA VAL B 143 22.98 22.47 -14.29
C VAL B 143 23.05 23.89 -14.84
N HIS B 144 23.35 24.83 -13.94
CA HIS B 144 23.40 26.25 -14.27
C HIS B 144 24.26 26.51 -15.49
N LYS B 145 25.40 25.81 -15.59
CA LYS B 145 26.33 25.97 -16.71
C LYS B 145 25.66 25.75 -18.06
N LEU B 146 24.75 24.80 -18.13
CA LEU B 146 24.06 24.48 -19.36
C LEU B 146 22.74 25.23 -19.50
N THR B 147 22.38 26.00 -18.47
CA THR B 147 21.10 26.68 -18.41
C THR B 147 21.22 28.17 -18.70
N TYR B 148 22.13 28.84 -18.03
CA TYR B 148 22.22 30.30 -18.15
C TYR B 148 23.63 30.70 -18.53
N ASP B 149 23.77 31.93 -19.03
CA ASP B 149 25.06 32.49 -19.43
C ASP B 149 25.57 33.54 -18.45
N ASP B 150 24.85 33.87 -17.40
CA ASP B 150 25.31 34.85 -16.42
C ASP B 150 24.93 34.39 -15.03
N PRO B 151 25.59 34.90 -13.99
CA PRO B 151 25.34 34.39 -12.65
C PRO B 151 23.92 34.63 -12.16
N GLN B 152 23.18 35.58 -12.72
CA GLN B 152 21.79 35.72 -12.29
C GLN B 152 20.80 35.26 -13.34
N GLY B 153 21.27 34.52 -14.34
CA GLY B 153 20.36 33.88 -15.29
C GLY B 153 19.44 34.81 -16.05
N LEU B 154 19.94 35.99 -16.43
CA LEU B 154 19.17 36.92 -17.24
C LEU B 154 19.16 36.52 -18.71
N MET B 155 20.15 35.77 -19.14
CA MET B 155 20.23 35.29 -20.52
C MET B 155 20.42 33.78 -20.51
N SER B 156 19.76 33.11 -21.44
CA SER B 156 19.95 31.67 -21.60
C SER B 156 21.25 31.40 -22.34
N ARG B 157 21.78 30.18 -22.17
CA ARG B 157 22.83 29.73 -23.07
C ARG B 157 22.29 28.93 -24.25
N PHE B 158 20.98 28.65 -24.26
CA PHE B 158 20.32 27.96 -25.36
C PHE B 158 20.92 26.58 -25.61
N ILE B 159 21.26 25.89 -24.52
CA ILE B 159 21.69 24.50 -24.54
C ILE B 159 20.61 23.64 -23.88
N VAL B 160 20.66 23.52 -22.55
CA VAL B 160 19.56 22.90 -21.82
C VAL B 160 18.69 24.00 -21.24
N ASN B 161 17.76 24.48 -22.05
CA ASN B 161 16.95 25.66 -21.78
C ASN B 161 15.74 25.29 -20.92
N GLU B 162 15.64 25.90 -19.73
CA GLU B 162 14.43 25.80 -18.94
C GLU B 162 13.42 26.82 -19.43
N THR B 163 12.14 26.41 -19.49
CA THR B 163 11.10 27.28 -20.01
C THR B 163 10.04 27.59 -18.96
N SER B 164 10.27 27.23 -17.70
CA SER B 164 9.36 27.58 -16.62
C SER B 164 9.48 29.04 -16.24
N SER B 165 10.58 29.68 -16.61
CA SER B 165 10.90 31.03 -16.16
C SER B 165 10.30 32.13 -17.03
N PHE B 166 9.67 31.81 -18.17
CA PHE B 166 9.00 32.86 -18.97
C PHE B 166 7.55 32.51 -19.26
N ARG B 167 6.92 31.77 -18.34
CA ARG B 167 5.47 31.62 -18.32
C ARG B 167 5.10 30.99 -16.98
N SER B 168 3.92 31.35 -16.47
CA SER B 168 3.46 30.83 -15.18
C SER B 168 3.39 29.30 -15.17
N SER B 169 2.87 28.72 -16.26
CA SER B 169 2.64 27.29 -16.43
C SER B 169 2.68 26.97 -17.92
N ILE B 170 2.58 25.69 -18.27
CA ILE B 170 2.48 25.34 -19.69
C ILE B 170 1.04 25.62 -20.13
N GLN B 171 0.70 25.23 -21.35
CA GLN B 171 -0.65 25.46 -21.86
C GLN B 171 -1.68 24.80 -20.94
N TRP B 172 -2.91 25.29 -21.02
CA TRP B 172 -3.99 24.77 -20.20
C TRP B 172 -5.32 24.99 -20.91
N VAL B 173 -6.30 24.15 -20.60
CA VAL B 173 -7.66 24.28 -21.10
C VAL B 173 -8.61 24.20 -19.91
N HIS B 174 -9.41 25.25 -19.70
CA HIS B 174 -10.43 25.21 -18.66
C HIS B 174 -11.61 24.36 -19.10
N ASP B 175 -12.31 23.78 -18.12
CA ASP B 175 -13.60 23.15 -18.37
C ASP B 175 -14.62 24.28 -18.53
N TYR B 176 -14.58 24.93 -19.71
CA TYR B 176 -15.50 26.03 -19.95
C TYR B 176 -16.95 25.56 -19.88
N GLU B 177 -17.22 24.35 -20.37
CA GLU B 177 -18.59 23.86 -20.34
C GLU B 177 -19.13 23.78 -18.91
N LYS B 178 -18.28 23.48 -17.94
CA LYS B 178 -18.73 23.49 -16.56
C LYS B 178 -19.26 24.88 -16.18
N VAL B 179 -18.56 25.94 -16.61
CA VAL B 179 -19.05 27.30 -16.29
C VAL B 179 -20.42 27.51 -16.91
N LEU B 180 -20.56 27.16 -18.19
CA LEU B 180 -21.82 27.40 -18.90
C LEU B 180 -22.98 26.62 -18.28
N LYS B 181 -22.73 25.40 -17.82
CA LYS B 181 -23.85 24.60 -17.33
C LYS B 181 -24.17 24.86 -15.85
N ARG B 182 -23.16 25.12 -15.03
CA ARG B 182 -23.35 25.26 -13.59
C ARG B 182 -23.30 26.69 -13.09
N GLY B 183 -22.48 27.55 -13.70
CA GLY B 183 -22.28 28.89 -13.17
C GLY B 183 -21.39 28.92 -11.96
N PHE B 184 -20.77 30.07 -11.69
CA PHE B 184 -19.82 30.14 -10.58
C PHE B 184 -20.51 30.17 -9.23
N ARG B 185 -21.81 30.51 -9.19
CA ARG B 185 -22.55 30.42 -7.94
C ARG B 185 -22.60 28.98 -7.43
N SER B 186 -22.75 28.02 -8.34
CA SER B 186 -22.76 26.61 -7.95
C SER B 186 -21.41 26.18 -7.40
N ILE B 187 -20.32 26.54 -8.08
CA ILE B 187 -18.99 26.22 -7.59
C ILE B 187 -18.80 26.77 -6.18
N LYS B 188 -19.21 28.03 -5.98
CA LYS B 188 -19.07 28.67 -4.68
C LYS B 188 -19.91 27.98 -3.62
N GLU B 189 -21.13 27.57 -3.97
CA GLU B 189 -21.99 26.85 -3.03
C GLU B 189 -21.42 25.48 -2.72
N GLU B 190 -20.91 24.79 -3.74
CA GLU B 190 -20.22 23.52 -3.51
C GLU B 190 -19.06 23.68 -2.51
N ALA B 191 -18.29 24.75 -2.63
CA ALA B 191 -17.18 24.94 -1.69
C ALA B 191 -17.68 25.25 -0.28
N LEU B 192 -18.75 26.03 -0.18
CA LEU B 192 -19.33 26.32 1.13
C LEU B 192 -19.83 25.06 1.82
N GLU B 193 -20.49 24.19 1.07
CA GLU B 193 -20.97 22.93 1.63
C GLU B 193 -19.80 22.09 2.14
N LYS B 194 -18.75 21.96 1.31
CA LYS B 194 -17.56 21.22 1.74
C LYS B 194 -16.96 21.81 3.00
N ILE B 195 -16.92 23.14 3.11
CA ILE B 195 -16.42 23.76 4.33
C ILE B 195 -17.31 23.40 5.51
N ALA B 196 -18.63 23.40 5.30
CA ALA B 196 -19.55 23.06 6.41
C ALA B 196 -19.33 21.63 6.89
N ALA B 197 -18.92 20.71 6.01
CA ALA B 197 -18.73 19.32 6.37
C ALA B 197 -17.38 19.05 7.03
N LEU B 198 -16.48 20.02 7.06
CA LEU B 198 -15.17 19.81 7.68
C LEU B 198 -15.33 19.54 9.18
N ASP B 199 -14.33 18.83 9.74
CA ASP B 199 -14.24 18.63 11.19
C ASP B 199 -13.49 19.79 11.82
N PRO B 200 -14.13 20.67 12.59
CA PRO B 200 -13.42 21.86 13.11
C PRO B 200 -12.23 21.54 14.03
N MET B 201 -12.14 20.31 14.56
CA MET B 201 -11.02 19.91 15.42
C MET B 201 -9.81 19.40 14.63
N SER B 202 -9.98 19.11 13.36
CA SER B 202 -8.96 18.42 12.59
C SER B 202 -7.91 19.40 12.09
N PRO B 203 -6.64 19.21 12.42
CA PRO B 203 -5.62 20.10 11.86
C PRO B 203 -5.55 20.01 10.35
N CYS B 204 -5.71 18.81 9.77
CA CYS B 204 -5.63 18.73 8.33
C CYS B 204 -6.83 19.41 7.67
N ASP B 205 -8.03 19.22 8.22
CA ASP B 205 -9.16 19.99 7.72
C ASP B 205 -8.89 21.48 7.88
N ASN B 206 -8.35 21.89 9.02
CA ASN B 206 -8.19 23.32 9.27
C ASN B 206 -7.12 23.96 8.40
N VAL B 207 -6.07 23.23 8.06
CA VAL B 207 -4.90 23.79 7.38
C VAL B 207 -4.87 23.42 5.90
N GLU B 208 -5.19 22.16 5.54
CA GLU B 208 -5.09 21.69 4.17
C GLU B 208 -6.42 21.79 3.40
N LYS B 209 -7.55 21.83 4.09
CA LYS B 209 -8.85 21.87 3.44
C LYS B 209 -9.47 23.26 3.45
N ARG B 210 -9.62 23.87 4.64
CA ARG B 210 -10.36 25.12 4.78
C ARG B 210 -9.77 26.25 3.95
N PRO B 211 -8.46 26.55 4.04
CA PRO B 211 -7.94 27.70 3.27
C PRO B 211 -8.10 27.56 1.77
N PHE B 212 -7.97 26.33 1.25
CA PHE B 212 -8.17 26.12 -0.17
C PHE B 212 -9.61 26.44 -0.55
N LEU B 213 -10.58 25.93 0.21
CA LEU B 213 -11.99 26.17 -0.12
C LEU B 213 -12.37 27.63 0.09
N GLU B 214 -11.78 28.29 1.09
CA GLU B 214 -11.98 29.72 1.22
C GLU B 214 -11.48 30.46 0.00
N ALA B 215 -10.38 29.98 -0.60
CA ALA B 215 -9.83 30.58 -1.81
C ALA B 215 -10.78 30.42 -2.99
N ILE B 216 -11.42 29.25 -3.11
CA ILE B 216 -12.38 29.06 -4.19
C ILE B 216 -13.59 29.99 -4.00
N VAL B 217 -14.11 30.08 -2.77
CA VAL B 217 -15.25 30.96 -2.49
C VAL B 217 -14.92 32.39 -2.94
N ILE B 218 -13.76 32.89 -2.53
CA ILE B 218 -13.39 34.28 -2.85
C ILE B 218 -13.25 34.47 -4.36
N VAL B 219 -12.59 33.54 -5.07
CA VAL B 219 -12.34 33.79 -6.48
C VAL B 219 -13.63 33.71 -7.28
N CYS B 220 -14.58 32.87 -6.84
CA CYS B 220 -15.90 32.86 -7.47
C CYS B 220 -16.56 34.22 -7.31
N ASP B 221 -16.61 34.72 -6.07
CA ASP B 221 -17.11 36.07 -5.81
C ASP B 221 -16.34 37.13 -6.62
N ALA B 222 -15.05 36.90 -6.87
CA ALA B 222 -14.24 37.89 -7.57
C ALA B 222 -14.68 38.05 -9.02
N ILE B 223 -14.75 36.92 -9.76
CA ILE B 223 -15.11 37.02 -11.17
C ILE B 223 -16.56 37.47 -11.30
N ILE B 224 -17.43 37.08 -10.38
CA ILE B 224 -18.83 37.52 -10.46
C ILE B 224 -18.89 39.03 -10.31
N LEU B 225 -18.25 39.55 -9.27
CA LEU B 225 -18.24 40.99 -9.05
C LEU B 225 -17.63 41.73 -10.23
N TRP B 226 -16.52 41.20 -10.76
CA TRP B 226 -15.90 41.77 -11.95
C TRP B 226 -16.88 41.76 -13.11
N ALA B 227 -17.59 40.65 -13.28
CA ALA B 227 -18.57 40.59 -14.35
C ALA B 227 -19.68 41.63 -14.14
N LYS B 228 -20.16 41.77 -12.89
CA LYS B 228 -21.26 42.70 -12.63
C LYS B 228 -20.85 44.16 -12.84
N ARG B 229 -19.56 44.47 -12.72
CA ARG B 229 -19.09 45.82 -13.00
C ARG B 229 -19.21 46.16 -14.48
N HIS B 230 -18.92 45.19 -15.36
CA HIS B 230 -19.20 45.41 -16.78
C HIS B 230 -20.69 45.62 -17.00
N ALA B 231 -21.53 44.80 -16.33
CA ALA B 231 -22.97 44.99 -16.48
C ALA B 231 -23.39 46.39 -16.06
N LYS B 232 -22.84 46.90 -14.94
CA LYS B 232 -23.20 48.23 -14.47
C LYS B 232 -22.78 49.29 -15.48
N LEU B 233 -21.54 49.21 -15.97
CA LEU B 233 -21.06 50.21 -16.93
C LEU B 233 -21.88 50.18 -18.22
N ALA B 234 -22.20 48.97 -18.72
CA ALA B 234 -23.05 48.88 -19.90
C ALA B 234 -24.42 49.50 -19.65
N ALA B 235 -25.00 49.25 -18.48
CA ALA B 235 -26.29 49.85 -18.15
C ALA B 235 -26.22 51.37 -18.17
N GLU B 236 -25.17 51.92 -17.58
CA GLU B 236 -24.98 53.36 -17.61
C GLU B 236 -24.75 53.88 -19.03
N LEU B 237 -24.11 53.08 -19.87
CA LEU B 237 -23.87 53.51 -21.24
C LEU B 237 -25.15 53.49 -22.05
N ALA B 238 -25.95 52.44 -21.90
CA ALA B 238 -27.22 52.39 -22.62
C ALA B 238 -28.08 53.59 -22.29
N ALA B 239 -28.03 54.05 -21.04
CA ALA B 239 -28.92 55.12 -20.61
C ALA B 239 -28.64 56.42 -21.33
N LYS B 240 -27.38 56.64 -21.73
CA LYS B 240 -27.02 57.85 -22.44
C LYS B 240 -26.87 57.63 -23.95
N GLU B 241 -27.13 56.42 -24.43
CA GLU B 241 -26.89 56.10 -25.84
C GLU B 241 -28.05 56.58 -26.72
N THR B 242 -27.71 57.35 -27.75
CA THR B 242 -28.72 57.92 -28.63
C THR B 242 -29.12 57.01 -29.78
N ASP B 243 -28.20 56.23 -30.31
CA ASP B 243 -28.54 55.34 -31.42
C ASP B 243 -29.40 54.18 -30.91
N PRO B 244 -30.60 53.97 -31.47
CA PRO B 244 -31.49 52.90 -30.94
C PRO B 244 -30.89 51.50 -30.99
N THR B 245 -30.25 51.16 -32.10
CA THR B 245 -29.63 49.85 -32.23
C THR B 245 -28.53 49.67 -31.19
N ARG B 246 -27.57 50.61 -31.15
CA ARG B 246 -26.49 50.51 -30.18
C ARG B 246 -27.01 50.52 -28.75
N LYS B 247 -28.07 51.29 -28.48
CA LYS B 247 -28.61 51.29 -27.14
C LYS B 247 -29.18 49.94 -26.77
N ARG B 248 -29.72 49.22 -27.75
CA ARG B 248 -30.20 47.86 -27.51
C ARG B 248 -29.03 46.90 -27.25
N GLU B 249 -27.92 47.06 -27.96
CA GLU B 249 -26.77 46.18 -27.73
C GLU B 249 -26.18 46.39 -26.34
N LEU B 250 -26.11 47.65 -25.87
CA LEU B 250 -25.58 47.92 -24.53
C LEU B 250 -26.49 47.33 -23.46
N GLU B 251 -27.81 47.45 -23.64
CA GLU B 251 -28.74 46.89 -22.67
C GLU B 251 -28.68 45.38 -22.66
N THR B 252 -28.54 44.76 -23.84
CA THR B 252 -28.34 43.32 -23.92
C THR B 252 -27.11 42.92 -23.12
N MET B 253 -26.00 43.65 -23.30
CA MET B 253 -24.79 43.36 -22.53
C MET B 253 -25.02 43.51 -21.03
N ALA B 254 -25.68 44.58 -20.61
CA ALA B 254 -25.92 44.76 -19.18
C ALA B 254 -26.72 43.59 -18.62
N GLU B 255 -27.66 43.08 -19.41
CA GLU B 255 -28.49 41.97 -18.97
C GLU B 255 -27.69 40.67 -18.92
N ILE B 256 -26.94 40.37 -19.98
CA ILE B 256 -26.20 39.12 -20.04
C ILE B 256 -25.13 39.06 -18.96
N CYS B 257 -24.41 40.17 -18.76
CA CYS B 257 -23.28 40.20 -17.84
C CYS B 257 -23.71 40.26 -16.38
N ALA B 258 -24.97 40.62 -16.12
CA ALA B 258 -25.52 40.42 -14.79
C ALA B 258 -25.90 38.95 -14.54
N TRP B 259 -25.95 38.12 -15.57
CA TRP B 259 -26.36 36.73 -15.45
C TRP B 259 -25.22 35.73 -15.51
N VAL B 260 -24.28 35.88 -16.45
CA VAL B 260 -23.14 34.97 -16.58
C VAL B 260 -21.88 35.71 -16.15
N PRO B 261 -20.88 35.02 -15.57
CA PRO B 261 -20.79 33.57 -15.33
C PRO B 261 -21.34 33.17 -13.96
N GLU B 262 -22.09 34.06 -13.30
CA GLU B 262 -22.65 33.69 -12.00
C GLU B 262 -23.60 32.51 -12.13
N ASN B 263 -24.46 32.55 -13.13
CA ASN B 263 -25.51 31.56 -13.39
C ASN B 263 -25.23 30.83 -14.69
N PRO B 264 -25.80 29.65 -14.88
CA PRO B 264 -25.62 28.94 -16.15
C PRO B 264 -26.17 29.75 -17.32
N ALA B 265 -25.52 29.61 -18.49
CA ALA B 265 -25.95 30.32 -19.69
C ALA B 265 -27.30 29.81 -20.19
N ARG B 266 -28.08 30.72 -20.76
CA ARG B 266 -29.39 30.40 -21.30
C ARG B 266 -29.49 30.54 -22.81
N THR B 267 -28.52 31.18 -23.45
CA THR B 267 -28.54 31.35 -24.90
C THR B 267 -27.14 31.21 -25.45
N PHE B 268 -27.06 31.15 -26.78
CA PHE B 268 -25.76 31.13 -27.45
C PHE B 268 -24.96 32.38 -27.13
N HIS B 269 -25.63 33.54 -27.13
CA HIS B 269 -24.94 34.79 -26.81
C HIS B 269 -24.38 34.76 -25.39
N GLU B 270 -25.21 34.33 -24.43
CA GLU B 270 -24.76 34.25 -23.04
C GLU B 270 -23.61 33.26 -22.89
N ALA B 271 -23.68 32.12 -23.55
CA ALA B 271 -22.58 31.17 -23.46
C ALA B 271 -21.29 31.81 -23.98
N VAL B 272 -21.37 32.56 -25.08
CA VAL B 272 -20.16 33.18 -25.60
C VAL B 272 -19.59 34.14 -24.57
N GLN B 273 -20.45 34.97 -23.99
CA GLN B 273 -20.00 35.96 -23.00
C GLN B 273 -19.47 35.28 -21.74
N ALA B 274 -20.17 34.24 -21.26
CA ALA B 274 -19.68 33.50 -20.11
C ALA B 274 -18.29 32.94 -20.36
N GLN B 275 -18.09 32.30 -21.52
CA GLN B 275 -16.78 31.75 -21.83
C GLN B 275 -15.73 32.84 -21.91
N TRP B 276 -16.06 33.97 -22.54
CA TRP B 276 -15.13 35.08 -22.67
C TRP B 276 -14.76 35.67 -21.32
N PHE B 277 -15.74 35.86 -20.45
CA PHE B 277 -15.43 36.25 -19.08
C PHE B 277 -14.40 35.31 -18.48
N THR B 278 -14.60 33.98 -18.67
CA THR B 278 -13.71 33.00 -18.02
C THR B 278 -12.28 33.08 -18.55
N GLN B 279 -12.11 33.11 -19.88
CA GLN B 279 -10.77 33.15 -20.47
C GLN B 279 -10.10 34.51 -20.27
N VAL B 280 -10.89 35.58 -20.20
CA VAL B 280 -10.27 36.88 -19.91
C VAL B 280 -9.78 36.88 -18.46
N PHE B 281 -10.65 36.50 -17.52
CA PHE B 281 -10.25 36.44 -16.13
C PHE B 281 -9.06 35.50 -15.95
N SER B 282 -9.02 34.41 -16.72
CA SER B 282 -7.89 33.49 -16.68
C SER B 282 -6.57 34.21 -16.98
N ARG B 283 -6.58 35.08 -18.00
CA ARG B 283 -5.37 35.85 -18.30
C ARG B 283 -4.94 36.71 -17.12
N ILE B 284 -5.91 37.30 -16.41
CA ILE B 284 -5.62 38.10 -15.22
C ILE B 284 -5.09 37.21 -14.11
N GLU B 285 -5.56 35.97 -14.03
CA GLU B 285 -5.10 35.06 -12.97
C GLU B 285 -3.64 34.68 -13.16
N GLN B 286 -3.23 34.37 -14.39
CA GLN B 286 -1.86 33.93 -14.63
C GLN B 286 -1.49 34.10 -16.09
N LYS B 287 -0.17 34.02 -16.34
CA LYS B 287 0.36 34.04 -17.72
C LYS B 287 0.53 32.60 -18.17
N THR B 288 -0.60 31.99 -18.57
CA THR B 288 -0.60 30.62 -19.03
C THR B 288 0.28 30.43 -20.27
N GLY B 289 0.91 29.26 -20.37
CA GLY B 289 1.68 28.92 -21.55
C GLY B 289 0.88 29.06 -22.83
N THR B 290 1.47 29.75 -23.83
CA THR B 290 0.90 30.05 -25.15
C THR B 290 -0.37 30.90 -25.09
N ILE B 291 -0.74 31.39 -23.91
CA ILE B 291 -2.05 32.01 -23.67
C ILE B 291 -3.07 30.89 -23.49
N VAL B 292 -3.88 30.97 -22.43
CA VAL B 292 -4.84 29.91 -22.11
C VAL B 292 -5.69 29.59 -23.33
N SER B 293 -5.92 28.28 -23.56
CA SER B 293 -6.65 27.76 -24.73
C SER B 293 -8.15 27.64 -24.44
N ASN B 294 -8.90 27.18 -25.45
CA ASN B 294 -10.34 27.40 -25.48
C ASN B 294 -11.20 26.15 -25.51
N GLY B 295 -10.64 24.96 -25.71
CA GLY B 295 -11.45 23.76 -25.66
C GLY B 295 -12.13 23.45 -26.97
N ARG B 296 -13.11 22.55 -26.88
CA ARG B 296 -13.86 22.08 -28.04
C ARG B 296 -15.10 22.96 -28.26
N MET B 297 -14.84 24.20 -28.67
CA MET B 297 -15.93 25.16 -28.79
C MET B 297 -17.04 24.64 -29.69
N ASP B 298 -16.68 23.92 -30.76
CA ASP B 298 -17.78 23.42 -31.59
C ASP B 298 -18.58 22.36 -30.88
N GLN B 299 -18.12 21.86 -29.74
CA GLN B 299 -18.89 20.87 -29.00
C GLN B 299 -19.72 21.50 -27.88
N TYR B 300 -19.09 22.26 -26.97
CA TYR B 300 -19.87 22.73 -25.83
C TYR B 300 -20.73 23.95 -26.17
N PHE B 301 -20.44 24.64 -27.27
CA PHE B 301 -21.36 25.65 -27.77
C PHE B 301 -22.55 25.05 -28.52
N TRP B 302 -22.44 23.80 -28.97
CA TRP B 302 -23.45 23.25 -29.87
C TRP B 302 -24.86 23.24 -29.29
N PRO B 303 -25.09 22.86 -28.02
CA PRO B 303 -26.48 22.84 -27.53
C PRO B 303 -27.15 24.20 -27.61
N PHE B 304 -26.44 25.26 -27.20
CA PHE B 304 -27.00 26.60 -27.28
C PHE B 304 -27.27 26.99 -28.73
N TYR B 305 -26.29 26.75 -29.61
CA TYR B 305 -26.43 27.11 -31.01
C TYR B 305 -27.65 26.42 -31.62
N GLU B 306 -27.77 25.12 -31.39
CA GLU B 306 -28.89 24.37 -31.98
C GLU B 306 -30.23 24.87 -31.43
N LYS B 307 -30.30 25.18 -30.14
CA LYS B 307 -31.55 25.65 -29.56
C LYS B 307 -31.92 27.04 -30.09
N ASP B 308 -30.99 28.00 -29.99
CA ASP B 308 -31.25 29.33 -30.51
C ASP B 308 -31.51 29.32 -32.02
N LEU B 309 -30.69 28.58 -32.78
CA LEU B 309 -30.90 28.53 -34.23
C LEU B 309 -32.32 28.10 -34.56
N ALA B 310 -32.82 27.06 -33.89
CA ALA B 310 -34.15 26.55 -34.20
C ALA B 310 -35.25 27.53 -33.79
N GLU B 311 -35.03 28.26 -32.71
CA GLU B 311 -36.02 29.18 -32.15
C GLU B 311 -35.87 30.61 -32.67
N GLY B 312 -35.14 30.82 -33.76
CA GLY B 312 -34.97 32.14 -34.34
C GLY B 312 -34.22 33.14 -33.47
N ARG B 313 -33.60 32.66 -32.40
CA ARG B 313 -32.84 33.56 -31.56
C ARG B 313 -31.53 33.95 -32.22
N ILE B 314 -30.95 33.04 -32.99
CA ILE B 314 -29.66 33.29 -33.58
C ILE B 314 -29.72 32.91 -35.05
N THR B 315 -28.79 33.47 -35.81
CA THR B 315 -28.63 33.17 -37.22
C THR B 315 -27.23 32.61 -37.42
N GLU B 316 -27.07 31.82 -38.49
CA GLU B 316 -25.75 31.38 -38.87
C GLU B 316 -24.81 32.57 -38.94
N ASP B 317 -25.28 33.68 -39.50
CA ASP B 317 -24.47 34.89 -39.57
C ASP B 317 -24.35 35.59 -38.23
N SER B 318 -25.44 35.70 -37.45
CA SER B 318 -25.31 36.38 -36.16
C SER B 318 -24.34 35.65 -35.23
N ALA B 319 -24.37 34.31 -35.23
CA ALA B 319 -23.40 33.55 -34.45
C ALA B 319 -21.99 33.79 -34.95
N LEU B 320 -21.80 33.82 -36.26
CA LEU B 320 -20.48 34.05 -36.81
C LEU B 320 -19.93 35.41 -36.39
N GLU B 321 -20.80 36.42 -36.28
CA GLU B 321 -20.38 37.74 -35.81
C GLU B 321 -19.98 37.71 -34.34
N LEU B 322 -20.74 36.98 -33.52
CA LEU B 322 -20.41 36.86 -32.10
C LEU B 322 -19.07 36.17 -31.90
N LEU B 323 -18.81 35.11 -32.68
CA LEU B 323 -17.51 34.46 -32.62
C LEU B 323 -16.39 35.44 -33.01
N GLU B 324 -16.57 36.17 -34.12
CA GLU B 324 -15.57 37.13 -34.57
C GLU B 324 -15.36 38.24 -33.54
N CYS B 325 -16.43 38.65 -32.84
CA CYS B 325 -16.28 39.55 -31.69
C CYS B 325 -15.33 38.97 -30.66
N MET B 326 -15.36 37.66 -30.49
CA MET B 326 -14.43 37.04 -29.57
C MET B 326 -13.00 37.12 -30.13
N TRP B 327 -12.84 36.83 -31.42
CA TRP B 327 -11.49 36.70 -31.97
C TRP B 327 -10.84 38.06 -32.22
N VAL B 328 -11.63 39.09 -32.53
CA VAL B 328 -11.08 40.43 -32.54
C VAL B 328 -10.57 40.81 -31.15
N GLY B 329 -11.30 40.40 -30.10
CA GLY B 329 -10.83 40.61 -28.74
C GLY B 329 -9.54 39.86 -28.43
N MET B 330 -9.52 38.56 -28.76
CA MET B 330 -8.29 37.78 -28.63
C MET B 330 -7.12 38.44 -29.36
N ALA B 331 -7.37 38.98 -30.57
CA ALA B 331 -6.30 39.56 -31.38
C ALA B 331 -5.74 40.84 -30.78
N GLN B 332 -6.47 41.48 -29.85
CA GLN B 332 -5.92 42.63 -29.14
C GLN B 332 -5.09 42.22 -27.95
N TYR B 333 -5.29 41.01 -27.42
CA TYR B 333 -4.47 40.51 -26.32
C TYR B 333 -3.23 39.83 -26.88
N VAL B 334 -2.06 40.39 -26.57
CA VAL B 334 -0.79 39.87 -27.06
C VAL B 334 0.01 39.34 -25.87
N ASP B 335 0.48 38.09 -26.00
CA ASP B 335 1.30 37.53 -24.93
C ASP B 335 2.58 38.33 -24.81
N LEU B 336 2.83 38.86 -23.63
CA LEU B 336 3.99 39.70 -23.39
C LEU B 336 5.09 38.87 -22.74
N TYR B 337 6.21 38.73 -23.44
CA TYR B 337 7.43 38.13 -22.92
C TYR B 337 8.44 39.25 -22.75
N ILE B 338 8.75 39.59 -21.49
CA ILE B 338 9.65 40.70 -21.21
C ILE B 338 11.12 40.26 -21.18
N SER B 339 11.39 38.98 -20.93
CA SER B 339 12.78 38.52 -20.97
C SER B 339 13.21 38.25 -22.41
N PRO B 340 14.50 38.42 -22.70
CA PRO B 340 14.97 38.15 -24.07
C PRO B 340 14.86 36.68 -24.47
N THR B 341 14.95 35.76 -23.51
CA THR B 341 14.72 34.35 -23.81
C THR B 341 13.27 34.09 -24.20
N GLY B 342 12.32 34.51 -23.35
CA GLY B 342 10.92 34.31 -23.68
C GLY B 342 10.54 34.92 -25.02
N GLY B 343 11.09 36.10 -25.31
CA GLY B 343 10.79 36.77 -26.57
C GLY B 343 11.32 36.00 -27.77
N ALA B 344 12.51 35.44 -27.63
CA ALA B 344 13.12 34.71 -28.73
C ALA B 344 12.39 33.40 -29.02
N PHE B 345 11.66 32.86 -28.04
CA PHE B 345 10.85 31.66 -28.24
C PHE B 345 9.51 31.96 -28.92
N ASN B 346 9.13 33.23 -29.06
CA ASN B 346 7.78 33.58 -29.46
C ASN B 346 7.80 34.71 -30.50
N GLU B 347 8.59 34.51 -31.56
CA GLU B 347 8.74 35.51 -32.61
C GLU B 347 7.40 35.92 -33.20
N GLY B 348 7.31 37.17 -33.63
CA GLY B 348 6.11 37.63 -34.29
C GLY B 348 4.89 37.60 -33.42
N TYR B 349 5.04 37.84 -32.10
CA TYR B 349 3.93 37.83 -31.13
C TYR B 349 3.23 36.47 -31.09
N ALA B 350 4.06 35.41 -31.08
CA ALA B 350 3.56 34.04 -31.09
C ALA B 350 2.43 33.84 -30.07
N HIS B 351 1.41 33.09 -30.47
CA HIS B 351 0.23 32.81 -29.66
C HIS B 351 -0.38 31.51 -30.14
N TRP B 352 -0.98 30.77 -29.22
CA TRP B 352 -1.66 29.52 -29.55
C TRP B 352 -2.86 29.35 -28.62
N GLU B 353 -3.86 30.24 -28.72
CA GLU B 353 -5.07 30.08 -27.92
C GLU B 353 -5.95 29.02 -28.59
N ALA B 354 -5.43 27.79 -28.59
CA ALA B 354 -5.94 26.73 -29.44
C ALA B 354 -7.45 26.55 -29.28
N VAL B 355 -8.14 26.51 -30.42
CA VAL B 355 -9.57 26.17 -30.48
C VAL B 355 -9.71 24.85 -31.20
N THR B 356 -10.28 23.87 -30.51
CA THR B 356 -10.44 22.53 -31.07
C THR B 356 -11.80 22.39 -31.73
N ILE B 357 -11.80 21.82 -32.94
CA ILE B 357 -13.04 21.46 -33.63
C ILE B 357 -12.93 20.03 -34.17
N GLY B 358 -14.08 19.42 -34.45
CA GLY B 358 -14.14 18.07 -34.98
C GLY B 358 -13.72 16.99 -33.99
N GLY B 359 -13.52 15.79 -34.53
CA GLY B 359 -13.07 14.65 -33.76
C GLY B 359 -14.13 13.62 -33.44
N GLN B 360 -14.08 13.09 -32.23
CA GLN B 360 -15.01 12.09 -31.77
C GLN B 360 -15.70 12.58 -30.50
N THR B 361 -16.89 12.06 -30.24
CA THR B 361 -17.55 12.30 -28.95
C THR B 361 -16.88 11.45 -27.87
N PRO B 362 -17.22 11.66 -26.60
CA PRO B 362 -16.73 10.74 -25.56
C PRO B 362 -17.19 9.31 -25.75
N GLU B 363 -18.20 9.08 -26.58
CA GLU B 363 -18.69 7.73 -26.84
C GLU B 363 -18.16 7.15 -28.14
N GLY B 364 -17.21 7.82 -28.79
CA GLY B 364 -16.57 7.28 -29.97
C GLY B 364 -17.27 7.54 -31.28
N ARG B 365 -18.32 8.34 -31.28
CA ARG B 365 -18.93 8.71 -32.55
C ARG B 365 -18.28 10.00 -33.06
N ASP B 366 -18.27 10.16 -34.38
CA ASP B 366 -17.73 11.39 -34.96
C ASP B 366 -18.53 12.57 -34.44
N ALA B 367 -17.83 13.66 -34.11
CA ALA B 367 -18.49 14.79 -33.48
C ALA B 367 -18.70 15.95 -34.42
N THR B 368 -18.49 15.77 -35.74
CA THR B 368 -18.77 16.86 -36.69
C THR B 368 -20.22 17.31 -36.57
N ASN B 369 -20.44 18.61 -36.47
CA ASN B 369 -21.77 19.19 -36.49
C ASN B 369 -21.72 20.44 -37.35
N ASP B 370 -22.85 21.14 -37.47
CA ASP B 370 -22.85 22.34 -38.29
C ASP B 370 -21.96 23.43 -37.69
N LEU B 371 -21.84 23.50 -36.36
CA LEU B 371 -20.95 24.49 -35.77
C LEU B 371 -19.50 24.22 -36.18
N THR B 372 -19.14 22.95 -36.29
CA THR B 372 -17.82 22.58 -36.79
C THR B 372 -17.54 23.27 -38.12
N TYR B 373 -18.48 23.15 -39.07
CA TYR B 373 -18.27 23.78 -40.39
C TYR B 373 -18.26 25.28 -40.30
N LEU B 374 -19.07 25.85 -39.39
CA LEU B 374 -19.05 27.29 -39.22
C LEU B 374 -17.68 27.77 -38.78
N PHE B 375 -17.01 27.02 -37.89
CA PHE B 375 -15.68 27.43 -37.44
C PHE B 375 -14.69 27.48 -38.58
N LEU B 376 -14.71 26.47 -39.45
CA LEU B 376 -13.84 26.49 -40.61
C LEU B 376 -14.14 27.72 -41.49
N LYS B 377 -15.43 27.95 -41.77
CA LYS B 377 -15.84 29.14 -42.51
C LYS B 377 -15.45 30.41 -41.77
N SER B 378 -15.67 30.45 -40.45
CA SER B 378 -15.30 31.61 -39.66
C SER B 378 -13.83 31.97 -39.82
N LYS B 379 -12.94 30.95 -39.83
CA LYS B 379 -11.51 31.20 -40.00
C LYS B 379 -11.19 31.67 -41.41
N ARG B 380 -11.85 31.09 -42.42
CA ARG B 380 -11.53 31.37 -43.82
C ARG B 380 -11.94 32.78 -44.23
N GLU B 381 -12.86 33.43 -43.51
CA GLU B 381 -13.30 34.77 -43.86
C GLU B 381 -12.87 35.81 -42.84
N PHE B 382 -12.16 35.43 -41.79
CA PHE B 382 -11.62 36.39 -40.84
C PHE B 382 -10.16 36.62 -41.16
N PRO B 383 -9.76 37.85 -41.51
CA PRO B 383 -8.41 38.07 -42.04
C PRO B 383 -7.28 37.82 -41.04
N LEU B 384 -7.49 38.07 -39.75
CA LEU B 384 -6.40 37.90 -38.77
C LEU B 384 -6.03 36.42 -38.66
N HIS B 385 -4.84 36.16 -38.12
CA HIS B 385 -4.44 34.77 -37.91
C HIS B 385 -5.04 34.23 -36.61
N TYR B 386 -6.34 34.43 -36.44
CA TYR B 386 -7.12 33.97 -35.30
C TYR B 386 -8.42 33.38 -35.80
N PRO B 387 -8.98 32.40 -35.10
CA PRO B 387 -8.37 31.80 -33.91
C PRO B 387 -7.34 30.71 -34.25
N ASP B 388 -6.62 30.23 -33.23
CA ASP B 388 -5.65 29.15 -33.43
C ASP B 388 -6.44 27.87 -33.68
N LEU B 389 -6.82 27.67 -34.93
CA LEU B 389 -7.75 26.60 -35.23
C LEU B 389 -7.01 25.28 -35.38
N ALA B 390 -7.48 24.25 -34.66
CA ALA B 390 -6.94 22.91 -34.70
C ALA B 390 -8.07 21.95 -35.02
N ALA B 391 -7.88 21.13 -36.05
CA ALA B 391 -8.91 20.17 -36.45
C ALA B 391 -8.51 18.79 -35.95
N ARG B 392 -9.37 18.15 -35.17
CA ARG B 392 -9.07 16.79 -34.77
C ARG B 392 -9.36 15.87 -35.94
N ILE B 393 -8.44 14.93 -36.19
CA ILE B 393 -8.53 13.95 -37.26
C ILE B 393 -8.65 12.57 -36.65
N HIS B 394 -9.48 11.72 -37.24
CA HIS B 394 -9.48 10.32 -36.84
C HIS B 394 -9.86 9.46 -38.04
N SER B 395 -9.74 8.13 -37.82
CA SER B 395 -9.88 7.19 -38.92
C SER B 395 -11.26 7.18 -39.55
N ARG B 396 -12.27 7.75 -38.88
CA ARG B 396 -13.59 7.84 -39.48
C ARG B 396 -14.02 9.29 -39.69
N SER B 397 -13.08 10.21 -39.78
CA SER B 397 -13.39 11.57 -40.16
C SER B 397 -14.18 11.55 -41.48
N PRO B 398 -15.39 12.08 -41.51
CA PRO B 398 -16.20 12.05 -42.75
C PRO B 398 -15.56 12.83 -43.90
N GLU B 399 -15.93 12.43 -45.12
CA GLU B 399 -15.33 13.03 -46.31
C GLU B 399 -15.61 14.52 -46.40
N ARG B 400 -16.84 14.95 -46.14
CA ARG B 400 -17.12 16.37 -46.24
C ARG B 400 -16.27 17.17 -45.26
N TYR B 401 -16.13 16.68 -44.05
CA TYR B 401 -15.29 17.34 -43.05
C TYR B 401 -13.86 17.50 -43.56
N LEU B 402 -13.25 16.40 -43.98
CA LEU B 402 -11.89 16.47 -44.48
C LEU B 402 -11.80 17.41 -45.68
N TRP B 403 -12.80 17.39 -46.56
CA TRP B 403 -12.80 18.27 -47.71
C TRP B 403 -12.78 19.74 -47.28
N GLU B 404 -13.66 20.12 -46.36
CA GLU B 404 -13.68 21.52 -45.92
C GLU B 404 -12.38 21.92 -45.23
N VAL B 405 -11.77 21.01 -44.46
CA VAL B 405 -10.45 21.29 -43.91
C VAL B 405 -9.46 21.53 -45.04
N ALA B 406 -9.50 20.69 -46.09
CA ALA B 406 -8.60 20.88 -47.22
C ALA B 406 -8.80 22.26 -47.85
N GLU B 407 -10.06 22.65 -48.04
CA GLU B 407 -10.36 23.96 -48.61
C GLU B 407 -9.84 25.07 -47.71
N THR B 408 -10.00 24.92 -46.39
CA THR B 408 -9.41 25.92 -45.50
C THR B 408 -7.91 25.95 -45.63
N ILE B 409 -7.27 24.78 -45.66
CA ILE B 409 -5.82 24.74 -45.83
C ILE B 409 -5.43 25.45 -47.12
N LYS B 410 -6.23 25.27 -48.18
CA LYS B 410 -5.82 25.89 -49.42
C LYS B 410 -5.93 27.40 -49.40
N ASP B 411 -6.44 28.03 -48.32
CA ASP B 411 -6.41 29.49 -48.25
C ASP B 411 -5.00 30.03 -48.16
N GLY B 412 -4.04 29.20 -47.79
CA GLY B 412 -2.65 29.61 -47.75
C GLY B 412 -2.19 30.23 -46.45
N SER B 413 -3.08 30.40 -45.46
CA SER B 413 -2.65 30.97 -44.18
C SER B 413 -2.20 29.93 -43.17
N GLY B 414 -2.36 28.64 -43.45
CA GLY B 414 -1.91 27.59 -42.55
C GLY B 414 -2.94 26.99 -41.61
N PHE B 415 -4.22 27.33 -41.77
CA PHE B 415 -5.28 26.83 -40.91
C PHE B 415 -6.10 25.76 -41.61
N PRO B 416 -6.60 24.74 -40.88
CA PRO B 416 -6.25 24.53 -39.47
C PRO B 416 -5.09 23.57 -39.30
N LYS B 417 -4.45 23.57 -38.12
CA LYS B 417 -3.48 22.54 -37.85
C LYS B 417 -4.20 21.25 -37.49
N LEU B 418 -3.58 20.13 -37.81
CA LEU B 418 -4.23 18.83 -37.69
C LEU B 418 -3.62 18.06 -36.49
N ILE B 419 -4.50 17.55 -35.63
CA ILE B 419 -4.13 16.69 -34.51
C ILE B 419 -4.87 15.37 -34.67
N ASN B 420 -4.15 14.25 -34.53
CA ASN B 420 -4.65 12.93 -34.91
C ASN B 420 -5.10 12.13 -33.69
N ASP B 421 -6.42 11.90 -33.58
CA ASP B 421 -6.99 11.07 -32.53
C ASP B 421 -6.30 9.72 -32.43
N GLU B 422 -6.01 9.08 -33.56
CA GLU B 422 -5.50 7.71 -33.55
C GLU B 422 -4.13 7.61 -32.89
N GLU B 423 -3.41 8.72 -32.75
CA GLU B 423 -2.17 8.70 -31.99
C GLU B 423 -2.40 9.13 -30.53
N VAL B 424 -3.25 10.14 -30.32
CA VAL B 424 -3.43 10.69 -28.98
C VAL B 424 -4.17 9.71 -28.07
N VAL B 425 -5.31 9.20 -28.55
CA VAL B 425 -6.21 8.43 -27.66
C VAL B 425 -5.54 7.17 -27.12
N PRO B 426 -4.93 6.31 -27.95
CA PRO B 426 -4.28 5.12 -27.39
C PRO B 426 -3.16 5.46 -26.42
N LEU B 427 -2.37 6.50 -26.69
CA LEU B 427 -1.33 6.86 -25.73
C LEU B 427 -1.93 7.28 -24.39
N TYR B 428 -3.09 7.94 -24.41
CA TYR B 428 -3.61 8.46 -23.15
C TYR B 428 -4.32 7.38 -22.32
N VAL B 429 -5.07 6.47 -22.95
CA VAL B 429 -5.63 5.39 -22.15
C VAL B 429 -4.52 4.53 -21.58
N SER B 430 -3.41 4.37 -22.30
CA SER B 430 -2.30 3.60 -21.72
C SER B 430 -1.69 4.30 -20.52
N LYS B 431 -1.98 5.58 -20.34
CA LYS B 431 -1.43 6.31 -19.21
C LYS B 431 -2.49 6.56 -18.16
N GLY B 432 -3.61 5.83 -18.23
CA GLY B 432 -4.62 5.80 -17.19
C GLY B 432 -5.92 6.50 -17.55
N ALA B 433 -6.03 7.09 -18.72
CA ALA B 433 -7.26 7.79 -19.09
C ALA B 433 -8.34 6.78 -19.46
N THR B 434 -9.56 7.05 -19.00
CA THR B 434 -10.69 6.33 -19.54
C THR B 434 -10.82 6.64 -21.03
N PHE B 435 -11.51 5.77 -21.75
CA PHE B 435 -11.70 6.06 -23.17
C PHE B 435 -12.51 7.33 -23.36
N ALA B 436 -13.51 7.55 -22.49
CA ALA B 436 -14.31 8.78 -22.56
C ALA B 436 -13.43 10.02 -22.39
N GLU B 437 -12.54 10.01 -21.38
CA GLU B 437 -11.66 11.16 -21.14
C GLU B 437 -10.74 11.41 -22.31
N ALA B 438 -10.09 10.37 -22.81
CA ALA B 438 -9.19 10.51 -23.96
C ALA B 438 -9.94 10.97 -25.20
N LEU B 439 -11.08 10.35 -25.51
CA LEU B 439 -11.80 10.72 -26.71
C LEU B 439 -12.24 12.17 -26.67
N ASP B 440 -12.44 12.72 -25.48
CA ASP B 440 -12.94 14.08 -25.30
C ASP B 440 -11.82 15.11 -25.18
N TYR B 441 -10.61 14.77 -25.62
CA TYR B 441 -9.48 15.66 -25.37
C TYR B 441 -9.62 16.97 -26.14
N ALA B 442 -9.01 18.00 -25.57
CA ALA B 442 -8.93 19.29 -26.20
C ALA B 442 -7.50 19.52 -26.65
N VAL B 443 -7.34 20.16 -27.81
CA VAL B 443 -6.03 20.64 -28.19
C VAL B 443 -5.70 21.85 -27.33
N SER B 444 -4.43 21.96 -26.93
CA SER B 444 -4.00 23.01 -26.02
C SER B 444 -2.62 23.48 -26.44
N GLY B 445 -2.45 24.79 -26.59
CA GLY B 445 -1.15 25.31 -27.03
C GLY B 445 -0.85 24.87 -28.45
N CYS B 446 0.40 24.50 -28.70
CA CYS B 446 0.84 24.14 -30.04
C CYS B 446 0.16 22.88 -30.55
N THR B 447 0.34 21.79 -29.85
CA THR B 447 -0.08 20.51 -30.39
C THR B 447 -0.52 19.55 -29.29
N GLU B 448 -0.70 20.01 -28.06
CA GLU B 448 -0.86 19.15 -26.92
C GLU B 448 -2.33 18.82 -26.69
N ALA B 449 -2.58 17.69 -26.02
CA ALA B 449 -3.93 17.23 -25.72
C ALA B 449 -4.18 17.27 -24.22
N ARG B 450 -5.35 17.76 -23.84
CA ARG B 450 -5.72 17.95 -22.45
C ARG B 450 -7.07 17.32 -22.14
N MET B 451 -7.15 16.71 -20.97
CA MET B 451 -8.39 16.21 -20.38
C MET B 451 -8.67 17.15 -19.21
N PRO B 452 -9.53 18.15 -19.38
CA PRO B 452 -9.56 19.29 -18.44
C PRO B 452 -9.89 18.95 -16.99
N ASN B 453 -10.42 17.77 -16.68
CA ASN B 453 -10.67 17.37 -15.29
C ASN B 453 -9.82 16.20 -14.86
N ARG B 454 -8.85 15.82 -15.65
CA ARG B 454 -7.94 14.74 -15.30
C ARG B 454 -6.48 15.16 -15.35
N ASP B 455 -6.07 15.91 -16.39
CA ASP B 455 -4.72 16.49 -16.41
C ASP B 455 -4.47 17.29 -15.14
N THR B 456 -3.29 17.09 -14.54
CA THR B 456 -2.91 17.89 -13.38
C THR B 456 -1.55 18.58 -13.48
N TYR B 457 -0.76 18.33 -14.52
CA TYR B 457 0.60 18.84 -14.63
C TYR B 457 0.66 20.20 -15.31
N THR B 458 1.41 21.15 -14.71
CA THR B 458 1.39 22.54 -15.14
C THR B 458 2.77 23.17 -15.24
N SER B 459 3.85 22.40 -15.09
CA SER B 459 5.20 22.96 -15.05
C SER B 459 5.86 22.94 -16.44
N GLY B 460 6.44 24.07 -16.82
CA GLY B 460 7.18 24.13 -18.07
C GLY B 460 8.41 23.23 -18.02
N GLY B 461 8.69 22.57 -19.16
CA GLY B 461 9.79 21.64 -19.28
C GLY B 461 10.98 22.17 -20.08
N ALA B 462 12.06 21.38 -20.07
CA ALA B 462 13.28 21.79 -20.75
C ALA B 462 13.11 21.80 -22.27
N TYR B 463 13.82 22.70 -22.91
CA TYR B 463 14.03 22.73 -24.35
C TYR B 463 15.53 22.49 -24.55
N ILE B 464 15.87 21.36 -25.18
CA ILE B 464 17.23 20.84 -25.21
C ILE B 464 17.80 21.03 -26.61
N ASN B 465 18.93 21.76 -26.69
CA ASN B 465 19.58 22.04 -27.95
C ASN B 465 20.48 20.87 -28.31
N PHE B 466 19.88 19.86 -28.93
CA PHE B 466 20.65 18.66 -29.21
C PHE B 466 21.65 18.85 -30.34
N ALA B 467 21.52 19.93 -31.13
CA ALA B 467 22.58 20.30 -32.04
C ALA B 467 23.83 20.69 -31.26
N ALA B 468 23.64 21.42 -30.16
CA ALA B 468 24.80 21.73 -29.31
C ALA B 468 25.40 20.46 -28.71
N ALA B 469 24.57 19.50 -28.32
CA ALA B 469 25.16 18.25 -27.84
C ALA B 469 26.07 17.65 -28.91
N LEU B 470 25.60 17.65 -30.17
CA LEU B 470 26.41 17.15 -31.27
C LEU B 470 27.67 18.00 -31.44
N GLU B 471 27.54 19.32 -31.31
CA GLU B 471 28.72 20.18 -31.44
C GLU B 471 29.76 19.81 -30.38
N MET B 472 29.30 19.39 -29.20
CA MET B 472 30.20 18.96 -28.14
C MET B 472 30.92 17.66 -28.46
N VAL B 473 30.41 16.86 -29.39
CA VAL B 473 31.21 15.75 -29.89
C VAL B 473 32.37 16.24 -30.75
N LEU B 474 32.12 17.13 -31.70
CA LEU B 474 33.19 17.60 -32.60
C LEU B 474 34.29 18.36 -31.86
N TYR B 475 33.96 19.00 -30.75
CA TYR B 475 34.93 19.82 -30.04
C TYR B 475 35.07 19.37 -28.58
N ASN B 476 34.80 18.09 -28.34
CA ASN B 476 35.20 17.46 -27.09
C ASN B 476 34.72 18.26 -25.87
N GLY B 477 33.42 18.49 -25.80
CA GLY B 477 32.80 19.13 -24.67
C GLY B 477 32.63 20.64 -24.76
N LYS B 478 33.16 21.27 -25.78
CA LYS B 478 33.10 22.71 -25.92
C LYS B 478 32.24 23.08 -27.13
N MET B 479 31.87 24.36 -27.20
CA MET B 479 31.14 24.89 -28.35
C MET B 479 31.87 26.13 -28.86
N LEU B 480 31.98 26.24 -30.19
CA LEU B 480 32.68 27.39 -30.74
C LEU B 480 32.10 28.69 -30.19
N LYS B 481 30.77 28.79 -30.07
CA LYS B 481 30.14 30.02 -29.57
C LYS B 481 30.66 30.41 -28.20
N TYR B 482 31.05 29.45 -27.37
CA TYR B 482 31.46 29.75 -26.00
C TYR B 482 32.95 29.53 -25.75
N GLY B 483 33.76 29.39 -26.81
CA GLY B 483 35.21 29.35 -26.63
C GLY B 483 35.64 28.21 -25.73
N ASP B 484 36.45 28.53 -24.72
CA ASP B 484 36.98 27.51 -23.82
C ASP B 484 36.04 27.15 -22.70
N THR B 485 34.83 27.70 -22.67
CA THR B 485 33.89 27.35 -21.60
C THR B 485 33.69 25.84 -21.60
N ASP B 486 33.93 25.22 -20.45
CA ASP B 486 33.85 23.77 -20.27
C ASP B 486 32.39 23.41 -20.01
N LEU B 487 31.68 23.02 -21.07
CA LEU B 487 30.24 22.82 -21.02
C LEU B 487 29.85 21.35 -20.84
N GLY B 488 30.21 20.48 -21.79
CA GLY B 488 29.73 19.13 -21.83
C GLY B 488 30.77 18.10 -21.40
N ALA B 489 30.41 16.83 -21.64
CA ALA B 489 31.30 15.72 -21.33
C ALA B 489 32.49 15.64 -22.28
N HIS B 490 33.64 15.23 -21.74
CA HIS B 490 34.87 15.09 -22.50
C HIS B 490 34.92 13.75 -23.23
N THR B 491 34.17 13.71 -24.33
CA THR B 491 34.07 12.48 -25.09
C THR B 491 35.31 12.20 -25.93
N GLY B 492 36.23 13.14 -26.03
CA GLY B 492 37.52 12.93 -26.67
C GLY B 492 37.66 13.71 -27.98
N ASP B 493 38.88 13.74 -28.47
CA ASP B 493 39.16 14.34 -29.77
C ASP B 493 38.50 13.52 -30.88
N PRO B 494 37.55 14.08 -31.61
CA PRO B 494 36.88 13.29 -32.66
C PRO B 494 37.82 12.75 -33.73
N CYS B 495 38.94 13.43 -34.00
CA CYS B 495 39.92 12.91 -34.96
C CYS B 495 40.65 11.69 -34.43
N GLU B 496 40.44 11.31 -33.17
CA GLU B 496 41.02 10.09 -32.65
C GLU B 496 40.08 8.91 -32.77
N PHE B 497 38.80 9.13 -33.05
CA PHE B 497 37.87 8.02 -33.19
C PHE B 497 38.25 7.15 -34.38
N LYS B 498 38.36 5.85 -34.16
CA LYS B 498 38.72 4.96 -35.25
C LYS B 498 37.50 4.38 -35.97
N THR B 499 36.34 4.34 -35.31
CA THR B 499 35.13 3.73 -35.86
C THR B 499 33.94 4.68 -35.71
N TRP B 500 32.88 4.40 -36.49
CA TRP B 500 31.63 5.14 -36.34
C TRP B 500 31.02 4.93 -34.95
N GLU B 501 31.18 3.72 -34.40
CA GLU B 501 30.61 3.42 -33.09
C GLU B 501 31.19 4.31 -31.99
N GLU B 502 32.47 4.66 -32.06
CA GLU B 502 33.02 5.58 -31.08
C GLU B 502 32.37 6.95 -31.21
N PHE B 503 32.13 7.42 -32.43
CA PHE B 503 31.46 8.71 -32.59
C PHE B 503 30.06 8.68 -32.00
N TRP B 504 29.29 7.66 -32.36
CA TRP B 504 27.92 7.51 -31.87
C TRP B 504 27.87 7.42 -30.35
N ASN B 505 28.74 6.60 -29.76
CA ASN B 505 28.82 6.54 -28.31
C ASN B 505 29.09 7.91 -27.74
N ALA B 506 30.04 8.64 -28.35
CA ALA B 506 30.29 10.00 -27.91
C ALA B 506 29.03 10.83 -27.96
N TYR B 507 28.27 10.74 -29.07
CA TYR B 507 27.03 11.50 -29.14
C TYR B 507 26.05 11.09 -28.04
N VAL B 508 25.89 9.78 -27.82
CA VAL B 508 24.97 9.28 -26.79
C VAL B 508 25.34 9.84 -25.42
N THR B 509 26.64 9.92 -25.13
CA THR B 509 27.08 10.47 -23.85
C THR B 509 26.62 11.91 -23.67
N GLN B 510 26.80 12.75 -24.70
CA GLN B 510 26.29 14.13 -24.60
C GLN B 510 24.78 14.13 -24.49
N HIS B 511 24.10 13.30 -25.28
CA HIS B 511 22.62 13.23 -25.25
C HIS B 511 22.13 12.91 -23.84
N HIS B 512 22.75 11.93 -23.17
CA HIS B 512 22.31 11.55 -21.83
C HIS B 512 22.71 12.57 -20.78
N LEU B 513 23.86 13.23 -20.96
CA LEU B 513 24.21 14.33 -20.07
C LEU B 513 23.17 15.44 -20.09
N PHE B 514 22.64 15.76 -21.28
CA PHE B 514 21.60 16.80 -21.37
C PHE B 514 20.31 16.31 -20.70
N LEU B 515 19.92 15.06 -20.98
CA LEU B 515 18.73 14.47 -20.38
C LEU B 515 18.84 14.44 -18.86
N LYS B 516 19.97 13.96 -18.34
CA LYS B 516 20.21 14.02 -16.90
C LYS B 516 20.07 15.45 -16.40
N THR B 517 20.64 16.41 -17.12
CA THR B 517 20.51 17.83 -16.74
C THR B 517 19.06 18.25 -16.71
N ALA B 518 18.31 17.93 -17.77
CA ALA B 518 16.93 18.40 -17.86
C ALA B 518 16.07 17.81 -16.74
N PHE B 519 16.30 16.54 -16.37
CA PHE B 519 15.47 15.94 -15.31
C PHE B 519 15.79 16.49 -13.91
N VAL B 520 17.05 16.83 -13.65
CA VAL B 520 17.39 17.52 -12.40
C VAL B 520 16.71 18.87 -12.34
N GLN B 521 16.73 19.60 -13.46
CA GLN B 521 16.01 20.86 -13.57
C GLN B 521 14.55 20.69 -13.19
N GLN B 522 13.89 19.70 -13.78
CA GLN B 522 12.46 19.54 -13.60
C GLN B 522 12.12 19.21 -12.16
N HIS B 523 12.92 18.34 -11.53
CA HIS B 523 12.70 17.99 -10.13
C HIS B 523 12.67 19.25 -9.28
N ILE B 524 13.61 20.16 -9.48
CA ILE B 524 13.62 21.41 -8.72
C ILE B 524 12.46 22.31 -9.14
N ILE B 525 12.21 22.43 -10.45
CA ILE B 525 11.14 23.29 -10.93
C ILE B 525 9.81 22.86 -10.34
N ASN B 526 9.48 21.57 -10.44
CA ASN B 526 8.15 21.13 -10.01
C ASN B 526 7.92 21.40 -8.52
N ASN B 527 8.96 21.28 -7.69
CA ASN B 527 8.80 21.58 -6.27
C ASN B 527 8.75 23.09 -6.01
N LEU B 528 9.49 23.89 -6.79
CA LEU B 528 9.55 25.33 -6.52
C LEU B 528 8.26 26.03 -6.96
N ARG B 529 7.74 25.68 -8.14
CA ARG B 529 6.60 26.41 -8.68
C ARG B 529 5.46 26.50 -7.65
N ALA B 530 5.26 25.43 -6.88
CA ALA B 530 4.19 25.46 -5.89
C ALA B 530 4.41 26.56 -4.85
N ARG B 531 5.63 27.06 -4.73
CA ARG B 531 5.90 28.17 -3.82
C ARG B 531 5.75 29.52 -4.50
N HIS B 532 5.53 29.57 -5.79
CA HIS B 532 5.37 30.86 -6.44
C HIS B 532 4.07 31.02 -7.19
N PHE B 533 3.44 29.95 -7.66
CA PHE B 533 2.26 30.08 -8.50
C PHE B 533 1.08 29.33 -7.90
N ALA B 534 -0.08 29.97 -7.91
CA ALA B 534 -1.35 29.33 -7.60
C ALA B 534 -2.36 29.77 -8.66
N GLN B 535 -3.44 29.01 -8.76
CA GLN B 535 -4.43 29.17 -9.82
C GLN B 535 -5.80 28.89 -9.25
N PRO B 536 -6.33 29.80 -8.43
CA PRO B 536 -7.63 29.52 -7.79
C PRO B 536 -8.77 29.38 -8.78
N MET B 537 -8.90 30.29 -9.75
CA MET B 537 -10.04 30.18 -10.67
C MET B 537 -9.96 28.91 -11.49
N GLY B 538 -8.77 28.61 -12.05
CA GLY B 538 -8.59 27.37 -12.78
C GLY B 538 -8.79 26.13 -11.93
N SER B 539 -8.42 26.21 -10.64
CA SER B 539 -8.62 25.06 -9.74
C SER B 539 -10.08 24.82 -9.42
N SER B 540 -10.88 25.88 -9.33
CA SER B 540 -12.30 25.71 -9.04
C SER B 540 -13.05 25.02 -10.17
N LEU B 541 -12.47 24.98 -11.36
CA LEU B 541 -13.13 24.33 -12.48
C LEU B 541 -12.60 22.92 -12.72
N HIS B 542 -11.79 22.38 -11.81
CA HIS B 542 -11.16 21.08 -11.97
C HIS B 542 -11.72 20.11 -10.93
N ASP B 543 -12.27 18.98 -11.40
CA ASP B 543 -12.92 18.05 -10.49
C ASP B 543 -11.99 17.58 -9.38
N LEU B 544 -10.75 17.22 -9.73
CA LEU B 544 -9.81 16.65 -8.75
C LEU B 544 -9.28 17.72 -7.80
N CYS B 545 -8.99 18.92 -8.32
CA CYS B 545 -8.66 20.03 -7.43
C CYS B 545 -9.76 20.21 -6.39
N MET B 546 -11.02 20.23 -6.82
CA MET B 546 -12.09 20.48 -5.87
C MET B 546 -12.29 19.30 -4.93
N LYS B 547 -12.15 18.08 -5.44
CA LYS B 547 -12.36 16.87 -4.66
C LYS B 547 -11.30 16.70 -3.56
N HIS B 548 -10.03 16.98 -3.88
CA HIS B 548 -8.92 16.78 -2.97
C HIS B 548 -8.41 18.09 -2.36
N CYS B 549 -9.04 19.22 -2.69
CA CYS B 549 -8.68 20.52 -2.12
C CYS B 549 -7.21 20.85 -2.33
N LEU B 550 -6.83 20.96 -3.60
CA LEU B 550 -5.45 21.25 -3.99
C LEU B 550 -5.42 22.18 -5.19
N ASP B 551 -4.55 23.18 -5.14
CA ASP B 551 -4.34 24.06 -6.28
C ASP B 551 -3.65 23.32 -7.42
N LEU B 552 -4.03 23.67 -8.64
CA LEU B 552 -3.51 22.98 -9.84
C LEU B 552 -1.98 22.86 -9.83
N HIS B 553 -1.28 23.84 -9.25
CA HIS B 553 0.19 23.87 -9.28
C HIS B 553 0.82 23.04 -8.18
N THR B 554 0.03 22.36 -7.35
CA THR B 554 0.59 21.35 -6.46
C THR B 554 1.34 20.31 -7.30
N PRO B 555 2.48 19.82 -6.82
CA PRO B 555 3.21 18.81 -7.61
C PRO B 555 2.42 17.54 -7.82
N GLN B 556 1.77 17.02 -6.77
CA GLN B 556 1.00 15.78 -6.84
C GLN B 556 -0.44 16.04 -6.42
N ILE B 557 -1.37 15.58 -7.25
CA ILE B 557 -2.79 15.69 -6.96
C ILE B 557 -3.36 14.28 -7.10
N PRO B 558 -4.01 13.72 -6.08
CA PRO B 558 -4.50 12.34 -6.18
C PRO B 558 -5.41 12.13 -7.38
N GLU B 559 -5.27 10.95 -8.01
CA GLU B 559 -6.09 10.51 -9.14
C GLU B 559 -5.81 11.28 -10.42
N GLY B 560 -4.97 12.31 -10.36
CA GLY B 560 -4.66 13.06 -11.56
C GLY B 560 -3.61 12.37 -12.41
N ILE B 561 -3.53 12.78 -13.67
CA ILE B 561 -2.49 12.29 -14.58
C ILE B 561 -1.60 13.48 -14.97
N ASN B 562 -0.29 13.33 -14.76
CA ASN B 562 0.68 14.39 -15.02
C ASN B 562 1.40 14.10 -16.35
N LEU B 563 1.10 14.92 -17.37
CA LEU B 563 1.68 14.80 -18.71
C LEU B 563 2.51 16.05 -18.97
N GLY B 564 3.83 15.88 -18.93
CA GLY B 564 4.76 16.96 -19.15
C GLY B 564 5.75 16.58 -20.23
N TYR B 565 6.78 17.40 -20.43
CA TYR B 565 7.56 17.31 -21.63
C TYR B 565 9.00 17.73 -21.39
N PHE B 566 9.91 17.17 -22.18
CA PHE B 566 11.21 17.74 -22.48
C PHE B 566 11.41 17.66 -23.99
N GLU B 567 12.02 18.70 -24.57
CA GLU B 567 12.04 18.88 -26.02
C GLU B 567 13.37 18.48 -26.65
N TYR B 568 13.29 17.79 -27.79
CA TYR B 568 14.43 17.57 -28.68
C TYR B 568 14.32 18.61 -29.80
N MET B 569 15.25 19.56 -29.81
CA MET B 569 15.34 20.57 -30.85
C MET B 569 16.46 20.20 -31.81
N GLY B 570 16.20 20.32 -33.11
CA GLY B 570 17.21 20.03 -34.13
C GLY B 570 17.28 18.59 -34.61
N PHE B 571 16.16 17.85 -34.58
CA PHE B 571 16.17 16.44 -34.96
C PHE B 571 16.77 16.24 -36.36
N GLY B 572 16.15 16.84 -37.38
CA GLY B 572 16.69 16.71 -38.72
C GLY B 572 18.14 17.17 -38.82
N THR B 573 18.46 18.32 -38.23
CA THR B 573 19.83 18.83 -38.24
C THR B 573 20.80 17.77 -37.75
N VAL B 574 20.46 17.10 -36.63
CA VAL B 574 21.37 16.13 -36.01
C VAL B 574 21.40 14.83 -36.78
N VAL B 575 20.24 14.32 -37.17
CA VAL B 575 20.19 13.06 -37.93
C VAL B 575 21.04 13.16 -39.18
N ASP B 576 20.88 14.27 -39.94
CA ASP B 576 21.60 14.42 -41.19
C ASP B 576 23.09 14.64 -40.95
N SER B 577 23.44 15.42 -39.94
CA SER B 577 24.85 15.56 -39.59
C SER B 577 25.47 14.20 -39.30
N LEU B 578 24.79 13.38 -38.48
CA LEU B 578 25.34 12.06 -38.18
C LEU B 578 25.39 11.18 -39.42
N SER B 579 24.34 11.22 -40.23
CA SER B 579 24.33 10.44 -41.45
C SER B 579 25.52 10.81 -42.33
N ALA B 580 25.79 12.11 -42.48
CA ALA B 580 26.93 12.53 -43.30
C ALA B 580 28.25 12.02 -42.73
N ILE B 581 28.44 12.14 -41.41
CA ILE B 581 29.67 11.67 -40.80
C ILE B 581 29.82 10.17 -40.98
N LYS B 582 28.77 9.42 -40.63
CA LYS B 582 28.82 7.96 -40.72
C LYS B 582 29.13 7.50 -42.14
N LYS B 583 28.42 8.05 -43.13
CA LYS B 583 28.61 7.61 -44.51
C LYS B 583 29.92 8.15 -45.08
N LEU B 584 30.19 9.44 -44.88
CA LEU B 584 31.27 10.12 -45.61
C LEU B 584 32.63 10.04 -44.92
N VAL B 585 32.67 9.96 -43.60
CA VAL B 585 33.95 9.93 -42.88
C VAL B 585 34.42 8.51 -42.61
N PHE B 586 33.53 7.64 -42.12
CA PHE B 586 33.90 6.31 -41.66
C PHE B 586 33.71 5.19 -42.68
N GLU B 587 32.61 5.20 -43.43
CA GLU B 587 32.30 4.09 -44.33
C GLU B 587 32.91 4.28 -45.72
N ASP B 588 32.59 5.40 -46.37
CA ASP B 588 33.10 5.68 -47.71
C ASP B 588 34.38 6.49 -47.71
N LYS B 589 34.79 7.07 -46.57
CA LYS B 589 36.08 7.76 -46.42
C LYS B 589 36.33 8.80 -47.50
N LYS B 590 35.28 9.50 -47.91
CA LYS B 590 35.43 10.58 -48.88
C LYS B 590 36.14 11.79 -48.30
N LEU B 591 36.20 11.88 -46.99
CA LEU B 591 37.00 12.91 -46.32
C LEU B 591 37.31 12.42 -44.93
N THR B 592 38.37 12.97 -44.35
CA THR B 592 38.80 12.63 -43.01
C THR B 592 38.06 13.50 -41.99
N MET B 593 38.08 13.03 -40.75
CA MET B 593 37.52 13.84 -39.66
C MET B 593 38.21 15.19 -39.59
N GLY B 594 39.55 15.21 -39.73
CA GLY B 594 40.29 16.46 -39.69
C GLY B 594 39.91 17.40 -40.82
N GLU B 595 39.64 16.86 -42.01
CA GLU B 595 39.17 17.70 -43.10
C GLU B 595 37.77 18.24 -42.80
N LEU B 596 36.89 17.39 -42.24
CA LEU B 596 35.55 17.88 -41.86
C LEU B 596 35.64 18.97 -40.80
N ILE B 597 36.45 18.75 -39.75
CA ILE B 597 36.55 19.71 -38.65
C ILE B 597 37.05 21.07 -39.16
N GLU B 598 38.10 21.06 -39.98
CA GLU B 598 38.56 22.32 -40.55
C GLU B 598 37.46 23.00 -41.35
N ALA B 599 36.72 22.25 -42.16
CA ALA B 599 35.65 22.86 -42.95
C ALA B 599 34.59 23.51 -42.06
N LEU B 600 34.25 22.89 -40.94
CA LEU B 600 33.25 23.47 -40.03
C LEU B 600 33.81 24.73 -39.35
N LYS B 601 35.07 24.70 -38.91
CA LYS B 601 35.65 25.80 -38.15
C LYS B 601 35.58 27.10 -38.93
N CYS B 602 35.80 27.05 -40.25
CA CYS B 602 35.78 28.22 -41.11
C CYS B 602 34.42 28.42 -41.79
N ASN B 603 33.36 27.79 -41.27
CA ASN B 603 32.00 27.98 -41.81
C ASN B 603 31.96 27.78 -43.32
N PHE B 604 32.73 26.80 -43.80
CA PHE B 604 32.82 26.35 -45.19
C PHE B 604 33.41 27.40 -46.12
N GLU B 605 33.83 28.57 -45.62
CA GLU B 605 34.46 29.58 -46.47
C GLU B 605 35.79 29.05 -47.00
N GLY B 606 35.87 28.92 -48.33
CA GLY B 606 36.98 28.26 -48.96
C GLY B 606 36.89 26.75 -49.03
N LYS B 607 35.84 26.14 -48.49
CA LYS B 607 35.67 24.68 -48.50
C LYS B 607 34.31 24.31 -49.06
N GLU B 608 33.85 25.08 -50.05
CA GLU B 608 32.47 24.96 -50.52
C GLU B 608 32.17 23.60 -51.16
N ASP B 609 33.16 22.95 -51.78
CA ASP B 609 32.87 21.64 -52.37
C ASP B 609 32.71 20.59 -51.29
N ILE B 610 33.49 20.67 -50.22
CA ILE B 610 33.24 19.81 -49.07
C ILE B 610 31.82 20.04 -48.55
N GLN B 611 31.40 21.30 -48.43
CA GLN B 611 30.04 21.59 -47.99
C GLN B 611 29.01 20.88 -48.89
N GLN B 612 29.19 20.94 -50.20
CA GLN B 612 28.26 20.29 -51.11
C GLN B 612 28.32 18.77 -50.97
N LEU B 613 29.52 18.23 -50.78
CA LEU B 613 29.65 16.79 -50.54
C LEU B 613 28.88 16.37 -49.28
N LEU B 614 28.97 17.15 -48.20
CA LEU B 614 28.24 16.81 -46.98
C LEU B 614 26.74 16.80 -47.21
N LYS B 615 26.25 17.68 -48.09
CA LYS B 615 24.83 17.76 -48.40
C LYS B 615 24.34 16.63 -49.27
N SER B 616 25.19 15.68 -49.63
CA SER B 616 24.80 14.61 -50.54
C SER B 616 24.55 13.28 -49.85
N ALA B 617 24.79 13.19 -48.54
CA ALA B 617 24.57 11.96 -47.79
C ALA B 617 23.08 11.74 -47.58
N PRO B 618 22.68 10.54 -47.17
CA PRO B 618 21.25 10.31 -46.91
C PRO B 618 20.73 11.21 -45.82
N CYS B 619 19.52 11.71 -46.02
CA CYS B 619 18.92 12.67 -45.11
C CYS B 619 17.58 12.17 -44.60
N TYR B 620 17.28 12.59 -43.37
CA TYR B 620 15.98 12.39 -42.76
C TYR B 620 14.92 13.07 -43.61
N GLY B 621 13.74 12.46 -43.67
CA GLY B 621 12.65 12.96 -44.50
C GLY B 621 12.56 12.37 -45.89
N ASN B 622 13.28 11.28 -46.16
CA ASN B 622 13.24 10.67 -47.49
C ASN B 622 12.77 9.23 -47.49
N ASN B 623 12.24 8.71 -46.38
CA ASN B 623 11.95 7.28 -46.30
C ASN B 623 13.20 6.48 -46.64
N ASP B 624 14.34 6.95 -46.16
CA ASP B 624 15.65 6.35 -46.43
C ASP B 624 16.12 5.72 -45.12
N ASP B 625 16.11 4.39 -45.05
CA ASP B 625 16.39 3.72 -43.77
C ASP B 625 17.79 4.03 -43.24
N TYR B 626 18.72 4.42 -44.12
CA TYR B 626 20.06 4.75 -43.64
C TYR B 626 20.01 5.90 -42.65
N ALA B 627 19.24 6.95 -42.97
CA ALA B 627 19.12 8.10 -42.08
C ALA B 627 18.05 7.91 -41.03
N ASP B 628 16.92 7.34 -41.45
CA ASP B 628 15.80 7.11 -40.54
C ASP B 628 16.17 6.12 -39.44
N SER B 629 17.05 5.16 -39.71
CA SER B 629 17.44 4.27 -38.62
C SER B 629 18.21 5.03 -37.56
N ILE B 630 19.06 5.98 -38.00
CA ILE B 630 19.72 6.86 -37.04
C ILE B 630 18.68 7.66 -36.25
N ALA B 631 17.69 8.21 -36.95
CA ALA B 631 16.66 8.98 -36.26
C ALA B 631 15.90 8.13 -35.25
N ARG B 632 15.56 6.89 -35.62
CA ARG B 632 14.91 5.96 -34.70
C ARG B 632 15.78 5.71 -33.46
N ASP B 633 17.09 5.58 -33.65
CA ASP B 633 17.99 5.36 -32.50
C ASP B 633 18.10 6.61 -31.64
N ILE B 634 18.07 7.79 -32.25
CA ILE B 634 18.06 9.01 -31.45
C ILE B 634 16.76 9.11 -30.67
N ASP B 635 15.64 8.83 -31.33
CA ASP B 635 14.36 8.89 -30.64
C ASP B 635 14.31 7.86 -29.52
N ALA B 636 14.84 6.65 -29.75
CA ALA B 636 14.81 5.61 -28.73
C ALA B 636 15.55 6.04 -27.47
N LEU B 637 16.67 6.73 -27.63
CA LEU B 637 17.39 7.20 -26.46
C LEU B 637 16.49 8.00 -25.53
N SER B 638 15.65 8.88 -26.08
CA SER B 638 14.82 9.74 -25.25
C SER B 638 13.55 9.04 -24.79
N VAL B 639 12.99 8.17 -25.62
CA VAL B 639 11.83 7.41 -25.15
C VAL B 639 12.22 6.56 -23.97
N LYS B 640 13.31 5.81 -24.11
CA LYS B 640 13.71 4.91 -23.03
C LYS B 640 14.16 5.69 -21.80
N TYR B 641 14.87 6.80 -21.99
CA TYR B 641 15.28 7.59 -20.84
C TYR B 641 14.05 8.06 -20.07
N GLY B 642 13.08 8.66 -20.77
CA GLY B 642 11.86 9.11 -20.12
C GLY B 642 11.18 7.99 -19.37
N ARG B 643 11.05 6.84 -20.05
CA ARG B 643 10.43 5.67 -19.45
C ARG B 643 11.10 5.25 -18.14
N ARG B 644 12.42 5.36 -18.06
CA ARG B 644 13.14 4.88 -16.89
C ARG B 644 13.04 5.86 -15.72
N TYR B 645 13.17 7.16 -15.99
CA TYR B 645 13.40 8.14 -14.94
C TYR B 645 12.21 9.02 -14.64
N SER B 646 11.12 8.89 -15.41
CA SER B 646 9.92 9.68 -15.13
C SER B 646 9.18 9.25 -13.87
N PRO B 647 9.06 7.95 -13.59
CA PRO B 647 8.33 7.52 -12.37
C PRO B 647 8.84 8.17 -11.08
N GLU B 648 10.14 8.42 -10.97
CA GLU B 648 10.70 9.10 -9.81
C GLU B 648 10.08 10.47 -9.61
N LEU B 649 9.77 11.17 -10.70
CA LEU B 649 9.21 12.50 -10.59
C LEU B 649 7.69 12.49 -10.50
N GLY B 650 7.06 11.31 -10.44
CA GLY B 650 5.61 11.22 -10.35
C GLY B 650 4.88 11.84 -11.52
N MET B 651 5.31 11.50 -12.73
CA MET B 651 4.77 12.10 -13.93
C MET B 651 5.18 11.26 -15.14
N HIS B 652 4.69 11.65 -16.30
CA HIS B 652 5.24 11.22 -17.59
C HIS B 652 5.96 12.43 -18.17
N ASN B 653 7.28 12.43 -18.15
CA ASN B 653 8.05 13.49 -18.76
C ASN B 653 8.52 12.95 -20.11
N ASP B 654 7.69 13.17 -21.14
CA ASP B 654 7.85 12.48 -22.41
C ASP B 654 8.57 13.37 -23.42
N VAL B 655 9.46 12.76 -24.19
CA VAL B 655 10.17 13.47 -25.24
C VAL B 655 9.17 14.01 -26.26
N ARG B 656 9.35 15.25 -26.65
CA ARG B 656 8.46 15.97 -27.54
C ARG B 656 9.29 16.79 -28.52
N TYR B 657 8.73 17.07 -29.69
CA TYR B 657 9.46 17.77 -30.74
C TYR B 657 8.64 18.98 -31.21
N VAL B 658 8.32 19.87 -30.28
CA VAL B 658 7.53 21.05 -30.59
C VAL B 658 8.41 22.27 -30.34
N PRO B 659 8.79 23.02 -31.38
CA PRO B 659 9.91 23.97 -31.25
C PRO B 659 9.62 25.38 -30.73
N PHE B 660 8.37 25.83 -30.68
CA PHE B 660 8.13 27.26 -30.52
C PHE B 660 8.84 27.95 -31.70
N THR B 661 9.52 29.08 -31.48
CA THR B 661 10.49 29.60 -32.44
C THR B 661 11.90 29.47 -31.87
N SER B 662 12.09 28.45 -31.01
CA SER B 662 13.36 28.18 -30.34
C SER B 662 14.44 27.66 -31.30
N HIS B 663 14.05 27.10 -32.45
CA HIS B 663 15.05 26.62 -33.39
C HIS B 663 15.88 27.76 -33.98
N VAL B 664 15.42 29.00 -33.90
CA VAL B 664 16.18 30.17 -34.35
C VAL B 664 17.24 30.54 -33.31
N PRO B 665 16.85 30.90 -32.08
CA PRO B 665 17.88 31.18 -31.06
C PRO B 665 18.78 30.00 -30.77
N PHE B 666 18.25 28.77 -30.81
CA PHE B 666 19.08 27.58 -30.68
C PHE B 666 20.11 27.48 -31.79
N GLY B 667 19.73 27.81 -33.02
CA GLY B 667 20.67 27.76 -34.12
C GLY B 667 21.71 28.85 -34.02
N ARG B 668 21.29 30.05 -33.58
CA ARG B 668 22.20 31.18 -33.47
C ARG B 668 23.33 30.93 -32.50
N VAL B 669 23.33 29.81 -31.80
CA VAL B 669 24.42 29.49 -30.91
C VAL B 669 25.15 28.22 -31.33
N VAL B 670 24.73 27.61 -32.43
CA VAL B 670 25.32 26.38 -32.95
C VAL B 670 26.08 26.72 -34.23
N SER B 671 27.37 26.39 -34.25
CA SER B 671 28.20 26.69 -35.40
C SER B 671 27.90 25.69 -36.51
N ALA B 672 28.68 25.75 -37.58
CA ALA B 672 28.43 24.92 -38.75
C ALA B 672 28.40 23.44 -38.37
N THR B 673 27.45 22.72 -38.93
CA THR B 673 27.22 21.33 -38.62
C THR B 673 27.55 20.42 -39.78
N PRO B 674 27.85 19.14 -39.52
CA PRO B 674 28.31 18.24 -40.59
C PRO B 674 27.32 18.02 -41.73
N ASN B 675 26.05 18.44 -41.58
CA ASN B 675 25.05 18.32 -42.64
C ASN B 675 25.14 19.42 -43.70
N GLY B 676 26.10 20.34 -43.58
CA GLY B 676 26.24 21.44 -44.52
C GLY B 676 25.55 22.73 -44.11
N ARG B 677 24.89 22.76 -42.97
CA ARG B 677 24.21 23.95 -42.47
C ARG B 677 25.20 25.02 -42.01
N LYS B 678 24.90 26.27 -42.33
CA LYS B 678 25.81 27.35 -42.00
C LYS B 678 25.76 27.67 -40.50
N ALA B 679 26.88 28.20 -40.01
CA ALA B 679 26.97 28.60 -38.61
C ALA B 679 25.86 29.58 -38.28
N TRP B 680 25.34 29.48 -37.06
CA TRP B 680 24.38 30.39 -36.45
C TRP B 680 23.03 30.45 -37.18
N SER B 681 22.79 29.57 -38.14
CA SER B 681 21.51 29.60 -38.85
C SER B 681 20.52 28.68 -38.13
N ALA B 682 19.24 28.82 -38.46
CA ALA B 682 18.19 28.09 -37.75
C ALA B 682 18.41 26.57 -37.82
N LEU B 683 18.14 25.89 -36.72
CA LEU B 683 18.03 24.45 -36.80
C LEU B 683 16.73 24.06 -37.51
N SER B 684 16.69 22.81 -37.99
CA SER B 684 15.44 22.26 -38.53
C SER B 684 14.32 22.34 -37.49
N ASP B 685 13.09 22.40 -37.96
CA ASP B 685 11.94 22.66 -37.09
C ASP B 685 11.26 21.36 -36.63
N GLY B 686 10.99 21.26 -35.34
CA GLY B 686 10.23 20.11 -34.84
C GLY B 686 10.78 18.80 -35.32
N SER B 687 9.89 17.92 -35.78
CA SER B 687 10.32 16.69 -36.43
C SER B 687 10.22 16.78 -37.96
N SER B 688 10.20 18.00 -38.50
CA SER B 688 10.17 18.23 -39.94
C SER B 688 11.48 17.78 -40.59
N ALA B 689 11.47 17.66 -41.92
CA ALA B 689 12.72 17.42 -42.61
C ALA B 689 13.62 18.65 -42.52
N SER B 690 14.92 18.42 -42.49
CA SER B 690 15.89 19.50 -42.56
C SER B 690 15.74 20.25 -43.88
N HIS B 691 15.98 21.58 -43.83
CA HIS B 691 15.80 22.49 -44.97
C HIS B 691 16.37 21.92 -46.27
N GLY B 692 15.52 21.78 -47.28
CA GLY B 692 15.95 21.33 -48.58
C GLY B 692 16.53 19.93 -48.59
N ALA B 693 16.35 19.18 -47.50
CA ALA B 693 16.88 17.84 -47.44
C ALA B 693 15.86 16.79 -47.87
N ASP B 694 14.60 17.20 -48.05
CA ASP B 694 13.54 16.29 -48.49
C ASP B 694 13.41 16.38 -50.00
N VAL B 695 14.05 15.45 -50.72
CA VAL B 695 14.04 15.47 -52.17
C VAL B 695 13.22 14.34 -52.75
N ASN B 696 12.44 13.63 -51.94
CA ASN B 696 11.69 12.49 -52.43
C ASN B 696 10.18 12.71 -52.31
N GLY B 697 9.74 13.96 -52.21
CA GLY B 697 8.33 14.25 -52.11
C GLY B 697 7.83 14.29 -50.69
N PRO B 698 6.58 14.74 -50.50
CA PRO B 698 6.04 14.95 -49.14
C PRO B 698 5.56 13.70 -48.43
N THR B 699 5.13 12.68 -49.17
CA THR B 699 4.72 11.45 -48.51
C THR B 699 5.89 10.74 -47.84
N ALA B 700 7.09 10.86 -48.41
CA ALA B 700 8.27 10.27 -47.77
C ALA B 700 8.64 10.99 -46.47
N ILE B 701 8.18 12.20 -46.29
CA ILE B 701 8.34 12.86 -44.99
C ILE B 701 7.48 12.18 -43.94
N LEU B 702 6.21 11.90 -44.28
CA LEU B 702 5.34 11.20 -43.34
C LEU B 702 5.93 9.86 -42.96
N GLN B 703 6.43 9.12 -43.94
CA GLN B 703 6.99 7.81 -43.67
C GLN B 703 8.24 7.90 -42.79
N SER B 704 9.09 8.90 -43.03
CA SER B 704 10.28 9.05 -42.21
C SER B 704 9.91 9.42 -40.78
N ASN B 705 8.89 10.26 -40.61
CA ASN B 705 8.37 10.51 -39.26
C ASN B 705 7.93 9.21 -38.63
N PHE B 706 7.30 8.33 -39.41
CA PHE B 706 6.91 7.04 -38.86
C PHE B 706 8.15 6.19 -38.54
N ASN B 707 9.11 6.13 -39.46
CA ASN B 707 10.28 5.30 -39.28
C ASN B 707 11.10 5.73 -38.08
N SER B 708 11.03 7.01 -37.71
CA SER B 708 11.89 7.54 -36.67
C SER B 708 11.29 7.43 -35.28
N LYS B 709 10.10 6.86 -35.15
CA LYS B 709 9.46 6.71 -33.85
C LYS B 709 9.69 5.30 -33.31
N ASN B 710 9.14 5.04 -32.11
CA ASN B 710 9.31 3.76 -31.41
C ASN B 710 7.97 3.42 -30.78
N TYR B 711 7.03 2.97 -31.62
CA TYR B 711 5.65 2.71 -31.22
C TYR B 711 5.51 1.59 -30.21
N GLY B 712 6.56 0.82 -29.95
CA GLY B 712 6.55 -0.20 -28.92
C GLY B 712 6.54 0.34 -27.50
N MET B 713 6.75 1.63 -27.32
CA MET B 713 6.72 2.26 -26.00
C MET B 713 5.82 3.49 -26.06
N ARG B 714 5.22 3.81 -24.90
CA ARG B 714 4.27 4.91 -24.79
C ARG B 714 4.92 6.25 -24.46
N ASP B 715 6.22 6.28 -24.19
CA ASP B 715 6.89 7.43 -23.58
C ASP B 715 7.30 8.46 -24.63
N ARG B 716 6.27 9.08 -25.23
CA ARG B 716 6.41 10.02 -26.33
C ARG B 716 5.20 10.97 -26.30
N ALA B 717 5.42 12.21 -26.73
CA ALA B 717 4.32 13.15 -26.91
C ALA B 717 4.31 13.62 -28.35
N ALA B 718 3.88 14.85 -28.58
CA ALA B 718 3.67 15.36 -29.93
C ALA B 718 4.97 15.50 -30.70
N ARG B 719 4.83 15.52 -32.03
CA ARG B 719 5.86 15.98 -32.95
C ARG B 719 5.25 17.06 -33.82
N MET B 720 5.90 18.21 -33.91
CA MET B 720 5.45 19.26 -34.83
C MET B 720 6.02 19.00 -36.22
N LEU B 721 5.13 18.93 -37.22
CA LEU B 721 5.50 18.64 -38.60
C LEU B 721 5.02 19.78 -39.48
N ASN B 722 5.96 20.44 -40.16
CA ASN B 722 5.67 21.50 -41.11
C ASN B 722 5.91 20.97 -42.52
N ILE B 723 4.89 21.04 -43.36
CA ILE B 723 5.02 20.68 -44.77
C ILE B 723 4.47 21.81 -45.62
N LYS B 724 5.18 22.14 -46.68
CA LYS B 724 4.80 23.24 -47.56
C LYS B 724 4.55 22.68 -48.96
N PHE B 725 3.38 22.94 -49.48
CA PHE B 725 3.04 22.70 -50.88
C PHE B 725 2.99 24.01 -51.63
N THR B 726 3.32 23.96 -52.93
CA THR B 726 3.03 25.11 -53.77
C THR B 726 1.55 25.14 -54.13
N PRO B 727 1.02 26.30 -54.49
CA PRO B 727 -0.36 26.37 -54.96
C PRO B 727 -0.67 25.41 -56.10
N LYS B 728 0.25 25.23 -57.05
CA LYS B 728 0.00 24.33 -58.17
C LYS B 728 -0.31 22.91 -57.69
N CYS B 729 0.41 22.43 -56.66
CA CYS B 729 0.22 21.06 -56.21
C CYS B 729 -1.18 20.80 -55.67
N VAL B 730 -1.83 21.81 -55.08
CA VAL B 730 -3.11 21.61 -54.42
C VAL B 730 -4.26 22.29 -55.16
N GLU B 731 -4.04 22.72 -56.41
CA GLU B 731 -5.05 23.50 -57.13
C GLU B 731 -6.28 22.65 -57.47
N GLY B 732 -7.46 23.25 -57.30
CA GLY B 732 -8.68 22.65 -57.83
C GLY B 732 -9.18 21.42 -57.08
N GLU B 733 -10.28 20.87 -57.60
CA GLU B 733 -10.88 19.71 -56.95
C GLU B 733 -9.91 18.55 -56.90
N GLU B 734 -9.05 18.44 -57.91
CA GLU B 734 -8.01 17.40 -57.91
C GLU B 734 -7.04 17.59 -56.76
N GLY B 735 -6.59 18.84 -56.54
CA GLY B 735 -5.69 19.12 -55.43
C GLY B 735 -6.34 18.92 -54.07
N SER B 736 -7.60 19.30 -53.95
CA SER B 736 -8.33 19.04 -52.71
C SER B 736 -8.40 17.53 -52.44
N GLN B 737 -8.60 16.73 -53.47
CA GLN B 737 -8.66 15.28 -53.26
C GLN B 737 -7.30 14.74 -52.83
N LYS B 738 -6.20 15.31 -53.36
CA LYS B 738 -4.87 14.89 -52.93
C LYS B 738 -4.61 15.23 -51.46
N LEU B 739 -4.97 16.44 -51.03
CA LEU B 739 -4.77 16.87 -49.66
C LEU B 739 -5.53 15.99 -48.69
N VAL B 740 -6.78 15.64 -49.04
CA VAL B 740 -7.59 14.74 -48.23
C VAL B 740 -6.94 13.36 -48.13
N SER B 741 -6.51 12.81 -49.27
CA SER B 741 -5.86 11.51 -49.26
C SER B 741 -4.57 11.54 -48.44
N PHE B 742 -3.82 12.65 -48.52
CA PHE B 742 -2.59 12.80 -47.76
C PHE B 742 -2.87 12.84 -46.25
N ILE B 743 -4.02 13.41 -45.87
CA ILE B 743 -4.42 13.46 -44.47
C ILE B 743 -4.88 12.09 -43.98
N ARG B 744 -5.58 11.31 -44.83
CA ARG B 744 -5.88 9.93 -44.46
C ARG B 744 -4.60 9.16 -44.20
N THR B 745 -3.59 9.40 -45.02
CA THR B 745 -2.31 8.74 -44.81
C THR B 745 -1.64 9.23 -43.54
N PHE B 746 -1.65 10.54 -43.31
CA PHE B 746 -1.15 11.05 -42.03
C PHE B 746 -1.84 10.35 -40.86
N CYS B 747 -3.16 10.23 -40.92
CA CYS B 747 -3.90 9.59 -39.83
C CYS B 747 -3.47 8.14 -39.66
N ASP B 748 -3.41 7.39 -40.76
CA ASP B 748 -3.10 5.97 -40.69
C ASP B 748 -1.74 5.69 -40.07
N LEU B 749 -0.77 6.60 -40.28
CA LEU B 749 0.59 6.41 -39.78
C LEU B 749 0.71 6.77 -38.29
N LYS B 750 -0.38 7.22 -37.67
CA LYS B 750 -0.44 7.54 -36.24
C LYS B 750 0.57 8.63 -35.87
N LEU B 751 0.78 9.58 -36.79
CA LEU B 751 1.56 10.76 -36.48
C LEU B 751 0.68 11.77 -35.72
N TRP B 752 1.31 12.53 -34.82
CA TRP B 752 0.50 13.34 -33.89
C TRP B 752 -0.06 14.60 -34.57
N HIS B 753 0.76 15.29 -35.36
CA HIS B 753 0.44 16.63 -35.86
C HIS B 753 1.02 16.81 -37.24
N VAL B 754 0.33 17.62 -38.05
CA VAL B 754 0.83 18.12 -39.34
C VAL B 754 0.11 19.43 -39.63
N GLN B 755 0.80 20.33 -40.34
CA GLN B 755 0.23 21.61 -40.73
C GLN B 755 0.90 22.08 -42.01
N PHE B 756 0.20 22.90 -42.79
CA PHE B 756 0.63 23.19 -44.16
C PHE B 756 0.77 24.68 -44.44
N ASN B 757 1.87 25.04 -45.06
CA ASN B 757 1.97 26.27 -45.82
C ASN B 757 1.66 25.93 -47.29
N VAL B 758 0.99 26.85 -47.98
CA VAL B 758 0.71 26.74 -49.41
C VAL B 758 1.13 28.08 -50.01
N ILE B 759 2.34 28.14 -50.56
CA ILE B 759 2.91 29.41 -51.00
C ILE B 759 3.97 29.15 -52.06
N ASN B 760 4.12 30.10 -52.99
CA ASN B 760 5.21 30.09 -53.95
C ASN B 760 6.46 30.67 -53.32
N LYS B 761 7.61 30.09 -53.64
CA LYS B 761 8.85 30.61 -53.12
C LYS B 761 9.07 32.07 -53.50
N GLU B 762 8.62 32.48 -54.69
CA GLU B 762 8.95 33.82 -55.18
C GLU B 762 8.31 34.92 -54.33
N THR B 763 7.10 34.68 -53.83
CA THR B 763 6.44 35.67 -52.97
C THR B 763 7.20 35.87 -51.67
N LEU B 764 7.69 34.79 -51.05
CA LEU B 764 8.45 34.95 -49.80
C LEU B 764 9.69 35.80 -50.04
N LEU B 765 10.43 35.52 -51.11
CA LEU B 765 11.58 36.36 -51.43
C LEU B 765 11.13 37.78 -51.75
N ALA B 766 10.07 37.91 -52.55
CA ALA B 766 9.56 39.24 -52.85
C ALA B 766 9.19 39.97 -51.57
N ALA B 767 8.52 39.29 -50.65
CA ALA B 767 8.12 39.91 -49.39
C ALA B 767 9.34 40.29 -48.55
N GLN B 768 10.43 39.53 -48.66
CA GLN B 768 11.66 39.95 -48.00
C GLN B 768 12.22 41.20 -48.68
N ARG B 769 12.23 41.23 -50.02
CA ARG B 769 12.76 42.33 -50.81
C ARG B 769 11.85 43.56 -50.83
N ASP B 770 10.72 43.54 -50.11
CA ASP B 770 9.81 44.68 -50.07
C ASP B 770 8.81 44.52 -48.92
N PRO B 771 9.27 44.60 -47.64
CA PRO B 771 8.34 44.34 -46.53
C PRO B 771 7.04 45.16 -46.58
N GLU B 772 7.13 46.46 -46.85
CA GLU B 772 5.92 47.28 -46.88
C GLU B 772 4.95 46.79 -47.95
N LYS B 773 5.46 46.24 -49.06
CA LYS B 773 4.58 45.80 -50.14
C LYS B 773 3.77 44.57 -49.75
N TYR B 774 4.37 43.67 -48.96
CA TYR B 774 3.72 42.42 -48.56
C TYR B 774 3.53 42.33 -47.04
N ARG B 775 3.10 43.44 -46.41
CA ARG B 775 3.01 43.50 -44.94
C ARG B 775 1.91 42.59 -44.37
N ASN B 776 0.87 42.27 -45.14
CA ASN B 776 -0.23 41.46 -44.64
C ASN B 776 -0.05 39.97 -44.94
N LEU B 777 1.11 39.55 -45.41
CA LEU B 777 1.34 38.15 -45.67
C LEU B 777 1.50 37.36 -44.38
N ILE B 778 0.71 36.31 -44.24
CA ILE B 778 0.69 35.44 -43.06
C ILE B 778 1.19 34.06 -43.48
N VAL B 779 2.18 33.52 -42.75
CA VAL B 779 2.71 32.19 -43.04
C VAL B 779 2.61 31.35 -41.78
N ARG B 780 2.48 30.03 -41.99
CA ARG B 780 2.41 29.10 -40.88
C ARG B 780 3.83 28.79 -40.41
N ILE B 781 4.11 29.08 -39.13
CA ILE B 781 5.47 29.00 -38.59
C ILE B 781 5.68 27.70 -37.82
N ALA B 782 5.08 27.62 -36.62
CA ALA B 782 5.27 26.48 -35.71
C ALA B 782 4.06 26.43 -34.80
N GLY B 783 3.00 25.76 -35.27
CA GLY B 783 1.73 25.70 -34.58
C GLY B 783 0.92 26.97 -34.64
N TYR B 784 1.51 28.07 -35.14
CA TYR B 784 0.82 29.35 -35.23
C TYR B 784 1.21 30.05 -36.52
N SER B 785 0.47 31.11 -36.83
CA SER B 785 0.78 31.94 -38.00
C SER B 785 1.06 33.38 -37.54
N ALA B 786 1.90 34.07 -38.30
CA ALA B 786 2.25 35.46 -38.02
C ALA B 786 2.57 36.17 -39.33
N TYR B 787 2.61 37.49 -39.26
CA TYR B 787 3.02 38.30 -40.41
C TYR B 787 4.49 38.08 -40.69
N PHE B 788 4.79 37.61 -41.91
CA PHE B 788 6.15 37.27 -42.30
C PHE B 788 7.14 38.41 -42.07
N VAL B 789 6.69 39.67 -42.21
CA VAL B 789 7.61 40.81 -42.03
C VAL B 789 7.91 41.12 -40.57
N ASP B 790 7.14 40.54 -39.62
CA ASP B 790 7.45 40.70 -38.20
C ASP B 790 8.54 39.74 -37.73
N LEU B 791 8.93 38.78 -38.56
CA LEU B 791 9.88 37.74 -38.17
C LEU B 791 11.29 38.19 -38.47
N SER B 792 12.24 37.78 -37.61
CA SER B 792 13.65 38.08 -37.82
C SER B 792 14.14 37.51 -39.16
N PRO B 793 15.29 37.99 -39.65
CA PRO B 793 15.83 37.41 -40.88
C PRO B 793 16.09 35.91 -40.77
N ASP B 794 16.59 35.43 -39.62
CA ASP B 794 16.87 34.01 -39.44
C ASP B 794 15.58 33.18 -39.50
N LEU B 795 14.49 33.66 -38.90
CA LEU B 795 13.25 32.90 -38.94
C LEU B 795 12.61 32.96 -40.32
N GLN B 796 12.69 34.11 -40.99
CA GLN B 796 12.28 34.17 -42.38
C GLN B 796 13.08 33.18 -43.20
N ASN B 797 14.40 33.15 -43.02
CA ASN B 797 15.24 32.22 -43.77
C ASN B 797 14.84 30.77 -43.51
N ASP B 798 14.46 30.44 -42.27
CA ASP B 798 13.94 29.11 -41.99
C ASP B 798 12.71 28.82 -42.84
N LEU B 799 11.79 29.78 -42.94
CA LEU B 799 10.58 29.60 -43.72
C LEU B 799 10.85 29.50 -45.22
N ILE B 800 11.81 30.28 -45.75
CA ILE B 800 12.08 30.28 -47.18
C ILE B 800 12.76 28.98 -47.61
N ALA B 801 13.73 28.51 -46.84
CA ALA B 801 14.46 27.31 -47.23
C ALA B 801 13.63 26.04 -47.07
N ARG B 802 12.42 26.12 -46.51
CA ARG B 802 11.54 24.96 -46.47
C ARG B 802 11.11 24.57 -47.89
N THR B 803 11.34 23.32 -48.25
CA THR B 803 11.03 22.84 -49.60
C THR B 803 9.54 23.00 -49.92
N GLY B 804 9.25 23.61 -51.06
CA GLY B 804 7.89 23.65 -51.57
C GLY B 804 7.60 22.50 -52.52
N HIS B 805 6.65 21.65 -52.17
CA HIS B 805 6.40 20.45 -52.95
C HIS B 805 5.36 20.71 -54.04
N ASP B 806 5.65 20.26 -55.27
CA ASP B 806 4.67 20.41 -56.34
C ASP B 806 3.79 19.18 -56.50
N VAL B 807 4.22 18.04 -55.98
CA VAL B 807 3.47 16.80 -56.08
C VAL B 807 3.48 16.11 -54.72
N MET B 808 2.56 15.18 -54.53
CA MET B 808 2.49 14.41 -53.28
C MET B 808 3.22 13.08 -53.35
N VAL C 12 1.16 -34.93 -46.84
CA VAL C 12 0.87 -35.52 -48.13
C VAL C 12 -0.60 -35.92 -48.21
N PHE C 13 -1.13 -35.92 -49.43
CA PHE C 13 -2.47 -36.43 -49.65
C PHE C 13 -2.54 -37.92 -49.32
N THR C 14 -1.42 -38.63 -49.44
CA THR C 14 -1.37 -40.03 -49.03
C THR C 14 -1.69 -40.19 -47.56
N ILE C 15 -1.05 -39.37 -46.70
CA ILE C 15 -1.39 -39.38 -45.28
C ILE C 15 -2.88 -39.14 -45.10
N LEU C 16 -3.40 -38.12 -45.80
CA LEU C 16 -4.79 -37.73 -45.67
C LEU C 16 -5.76 -38.83 -46.13
N GLU C 17 -5.36 -39.66 -47.09
CA GLU C 17 -6.21 -40.73 -47.55
C GLU C 17 -6.40 -41.81 -46.51
N SER C 18 -5.46 -41.94 -45.57
CA SER C 18 -5.50 -43.06 -44.65
C SER C 18 -6.63 -42.94 -43.64
N PHE C 19 -6.98 -41.72 -43.22
CA PHE C 19 -8.05 -41.50 -42.25
C PHE C 19 -9.24 -40.74 -42.83
N ASP C 20 -9.33 -40.67 -44.17
CA ASP C 20 -10.44 -39.99 -44.81
C ASP C 20 -11.76 -40.65 -44.45
N ASN C 21 -12.73 -39.84 -44.05
CA ASN C 21 -14.10 -40.30 -43.76
C ASN C 21 -14.13 -41.42 -42.72
N THR C 22 -13.55 -41.15 -41.55
CA THR C 22 -13.55 -42.13 -40.48
C THR C 22 -13.92 -41.46 -39.16
N ARG C 23 -14.74 -42.14 -38.34
CA ARG C 23 -15.08 -41.64 -37.01
C ARG C 23 -13.87 -41.72 -36.08
N PRO C 24 -13.58 -40.67 -35.31
CA PRO C 24 -12.45 -40.74 -34.37
C PRO C 24 -12.73 -41.76 -33.27
N ARG C 25 -11.64 -42.35 -32.77
CA ARG C 25 -11.70 -43.32 -31.69
C ARG C 25 -11.28 -42.69 -30.37
N ILE C 26 -11.75 -43.27 -29.28
CA ILE C 26 -11.37 -42.83 -27.95
C ILE C 26 -10.07 -43.52 -27.57
N ASP C 27 -9.02 -42.73 -27.35
CA ASP C 27 -7.75 -43.23 -26.83
C ASP C 27 -7.74 -43.08 -25.31
N VAL C 28 -7.13 -44.04 -24.62
CA VAL C 28 -7.15 -44.06 -23.17
C VAL C 28 -5.75 -43.97 -22.54
N GLU C 29 -4.68 -44.05 -23.32
CA GLU C 29 -3.34 -44.09 -22.74
C GLU C 29 -3.08 -42.88 -21.84
N ARG C 30 -3.35 -41.67 -22.34
CA ARG C 30 -3.08 -40.49 -21.52
C ARG C 30 -3.89 -40.54 -20.22
N ALA C 31 -5.18 -40.87 -20.30
CA ALA C 31 -6.00 -40.93 -19.08
C ALA C 31 -5.56 -42.06 -18.16
N LYS C 32 -5.11 -43.20 -18.71
CA LYS C 32 -4.65 -44.30 -17.87
C LYS C 32 -3.43 -43.89 -17.05
N TYR C 33 -2.37 -43.48 -17.73
CA TYR C 33 -1.13 -43.18 -17.02
C TYR C 33 -1.26 -41.92 -16.18
N PHE C 34 -2.09 -40.96 -16.60
CA PHE C 34 -2.41 -39.83 -15.74
C PHE C 34 -2.96 -40.33 -14.41
N THR C 35 -3.92 -41.25 -14.47
CA THR C 35 -4.57 -41.74 -13.26
C THR C 35 -3.61 -42.56 -12.41
N GLU C 36 -2.84 -43.46 -13.03
CA GLU C 36 -1.88 -44.24 -12.24
C GLU C 36 -0.96 -43.32 -11.44
N SER C 37 -0.56 -42.19 -12.04
CA SER C 37 0.31 -41.25 -11.34
C SER C 37 -0.45 -40.50 -10.24
N MET C 38 -1.63 -39.98 -10.57
CA MET C 38 -2.35 -39.15 -9.61
C MET C 38 -2.74 -39.94 -8.37
N LYS C 39 -3.15 -41.19 -8.54
CA LYS C 39 -3.66 -41.93 -7.38
C LYS C 39 -2.56 -42.27 -6.38
N ALA C 40 -1.30 -42.11 -6.76
CA ALA C 40 -0.20 -42.37 -5.85
C ALA C 40 0.40 -41.10 -5.25
N THR C 41 -0.13 -39.91 -5.59
CA THR C 41 0.43 -38.63 -5.17
C THR C 41 -0.57 -37.74 -4.42
N GLU C 42 -1.67 -38.30 -3.93
CA GLU C 42 -2.69 -37.48 -3.28
C GLU C 42 -2.08 -36.64 -2.17
N GLY C 43 -2.49 -35.36 -2.11
CA GLY C 43 -2.05 -34.46 -1.08
C GLY C 43 -0.87 -33.59 -1.46
N GLN C 44 -0.01 -34.06 -2.38
CA GLN C 44 1.11 -33.24 -2.78
C GLN C 44 0.63 -32.05 -3.60
N PRO C 45 1.43 -30.99 -3.69
CA PRO C 45 1.00 -29.81 -4.45
C PRO C 45 0.69 -30.15 -5.91
N LEU C 46 -0.42 -29.60 -6.38
CA LEU C 46 -0.99 -30.07 -7.64
C LEU C 46 -0.05 -29.93 -8.83
N PRO C 47 0.67 -28.82 -9.04
CA PRO C 47 1.63 -28.80 -10.16
C PRO C 47 2.67 -29.90 -10.08
N LEU C 48 3.17 -30.21 -8.88
CA LEU C 48 4.11 -31.31 -8.75
C LEU C 48 3.46 -32.64 -9.14
N ARG C 49 2.23 -32.87 -8.67
CA ARG C 49 1.51 -34.08 -9.07
C ARG C 49 1.35 -34.13 -10.58
N TRP C 50 0.93 -33.01 -11.19
CA TRP C 50 0.76 -32.97 -12.64
C TRP C 50 2.05 -33.32 -13.36
N ALA C 51 3.19 -32.76 -12.92
CA ALA C 51 4.48 -33.03 -13.55
C ALA C 51 4.89 -34.48 -13.40
N LYS C 52 4.70 -35.07 -12.23
CA LYS C 52 5.00 -36.48 -12.08
C LYS C 52 4.10 -37.30 -13.01
N ALA C 53 2.83 -36.91 -13.12
CA ALA C 53 1.94 -37.59 -14.04
C ALA C 53 2.46 -37.49 -15.48
N LEU C 54 2.99 -36.32 -15.86
CA LEU C 54 3.50 -36.18 -17.22
C LEU C 54 4.76 -37.01 -17.42
N MET C 55 5.61 -37.13 -16.39
CA MET C 55 6.75 -38.03 -16.52
C MET C 55 6.27 -39.47 -16.68
N HIS C 56 5.31 -39.88 -15.84
CA HIS C 56 4.77 -41.23 -15.96
C HIS C 56 4.20 -41.47 -17.36
N ILE C 57 3.48 -40.50 -17.90
CA ILE C 57 2.98 -40.64 -19.26
C ILE C 57 4.13 -40.70 -20.24
N ALA C 58 5.05 -39.73 -20.15
CA ALA C 58 6.20 -39.71 -21.04
C ALA C 58 7.01 -41.00 -20.98
N GLU C 59 6.96 -41.73 -19.85
CA GLU C 59 7.74 -42.95 -19.72
C GLU C 59 7.03 -44.18 -20.26
N ASN C 60 5.71 -44.20 -20.22
CA ASN C 60 4.91 -45.40 -20.42
C ASN C 60 4.01 -45.37 -21.63
N MET C 61 3.62 -44.20 -22.09
CA MET C 61 2.70 -44.10 -23.21
C MET C 61 3.40 -44.46 -24.52
N THR C 62 2.60 -44.96 -25.47
CA THR C 62 3.11 -45.29 -26.79
C THR C 62 3.60 -44.02 -27.48
N VAL C 63 4.77 -44.11 -28.13
CA VAL C 63 5.26 -43.12 -29.07
C VAL C 63 5.17 -43.72 -30.48
N TYR C 64 4.86 -42.88 -31.48
CA TYR C 64 4.59 -43.29 -32.87
C TYR C 64 5.50 -42.57 -33.87
N ILE C 65 6.04 -43.34 -34.81
CA ILE C 65 6.62 -42.78 -36.04
C ILE C 65 5.65 -43.14 -37.15
N ASP C 66 4.93 -42.14 -37.68
CA ASP C 66 3.84 -42.43 -38.59
C ASP C 66 4.31 -42.52 -40.04
N ASP C 67 3.66 -43.40 -40.78
CA ASP C 67 4.00 -43.64 -42.18
C ASP C 67 3.98 -42.33 -42.95
N HIS C 68 5.02 -42.14 -43.77
CA HIS C 68 5.12 -41.01 -44.69
C HIS C 68 5.43 -39.68 -44.01
N GLN C 69 5.40 -39.63 -42.68
CA GLN C 69 5.55 -38.36 -41.98
C GLN C 69 7.01 -37.93 -41.92
N LEU C 70 7.21 -36.61 -41.87
CA LEU C 70 8.52 -36.03 -41.69
C LEU C 70 8.73 -35.48 -40.28
N ILE C 71 7.68 -35.38 -39.48
CA ILE C 71 7.74 -35.01 -38.08
C ILE C 71 6.92 -36.02 -37.29
N CYS C 72 7.17 -36.09 -35.99
CA CYS C 72 6.50 -37.09 -35.18
C CYS C 72 5.95 -36.51 -33.89
N GLY C 73 4.94 -37.18 -33.36
CA GLY C 73 4.31 -36.81 -32.12
C GLY C 73 2.81 -36.99 -32.22
N ARG C 74 2.24 -37.82 -31.36
CA ARG C 74 0.80 -38.03 -31.27
C ARG C 74 0.42 -38.05 -29.79
N ALA C 75 -0.86 -37.77 -29.52
CA ALA C 75 -1.41 -37.94 -28.19
C ALA C 75 -2.31 -39.18 -28.13
N GLY C 76 -2.28 -40.00 -29.17
CA GLY C 76 -3.16 -41.15 -29.23
C GLY C 76 -2.90 -41.98 -30.46
N TYR C 77 -3.77 -42.99 -30.65
CA TYR C 77 -3.58 -44.04 -31.65
C TYR C 77 -3.74 -43.47 -33.07
N GLN C 78 -3.29 -44.27 -34.04
CA GLN C 78 -3.37 -43.92 -35.45
C GLN C 78 -4.81 -43.60 -35.86
N GLY C 79 -4.93 -42.82 -36.93
CA GLY C 79 -6.22 -42.34 -37.37
C GLY C 79 -6.60 -41.06 -36.66
N ARG C 80 -7.91 -40.79 -36.63
CA ARG C 80 -8.43 -39.68 -35.84
C ARG C 80 -8.68 -40.18 -34.43
N TYR C 81 -8.27 -39.38 -33.44
CA TYR C 81 -8.40 -39.80 -32.07
C TYR C 81 -8.73 -38.61 -31.19
N GLY C 82 -9.29 -38.91 -30.02
CA GLY C 82 -9.46 -37.94 -28.97
C GLY C 82 -8.81 -38.44 -27.69
N VAL C 83 -8.75 -37.56 -26.70
CA VAL C 83 -8.07 -37.85 -25.45
C VAL C 83 -9.02 -37.60 -24.28
N LEU C 84 -8.86 -38.40 -23.21
CA LEU C 84 -9.74 -38.32 -22.05
C LEU C 84 -9.08 -37.55 -20.91
N TYR C 85 -9.89 -36.75 -20.21
CA TYR C 85 -9.43 -35.89 -19.11
C TYR C 85 -10.31 -36.07 -17.89
N PRO C 86 -10.11 -37.15 -17.13
CA PRO C 86 -10.99 -37.44 -16.00
C PRO C 86 -10.91 -36.38 -14.91
N GLU C 87 -9.78 -35.69 -14.78
CA GLU C 87 -9.72 -34.60 -13.81
C GLU C 87 -10.88 -33.62 -14.00
N LEU C 88 -11.34 -33.45 -15.24
CA LEU C 88 -12.37 -32.47 -15.55
C LEU C 88 -13.78 -33.06 -15.32
N ASP C 89 -14.07 -34.17 -16.01
CA ASP C 89 -15.43 -34.74 -16.12
C ASP C 89 -15.39 -36.27 -16.12
N GLY C 90 -14.54 -36.88 -15.29
CA GLY C 90 -14.50 -38.33 -15.23
C GLY C 90 -15.82 -38.95 -14.83
N ASP C 91 -16.67 -38.21 -14.12
CA ASP C 91 -17.97 -38.67 -13.70
C ASP C 91 -18.92 -38.95 -14.86
N PHE C 92 -18.60 -38.48 -16.07
CA PHE C 92 -19.36 -38.82 -17.26
C PHE C 92 -18.86 -40.08 -17.96
N LEU C 93 -17.77 -40.69 -17.50
CA LEU C 93 -17.12 -41.75 -18.27
C LEU C 93 -18.03 -42.94 -18.49
N GLY C 94 -18.80 -43.33 -17.47
CA GLY C 94 -19.66 -44.51 -17.60
C GLY C 94 -20.66 -44.38 -18.74
N THR C 95 -21.39 -43.27 -18.79
CA THR C 95 -22.37 -43.07 -19.85
C THR C 95 -21.71 -42.69 -21.17
N ALA C 96 -20.55 -42.04 -21.12
CA ALA C 96 -19.85 -41.66 -22.34
C ALA C 96 -19.43 -42.87 -23.15
N ILE C 97 -19.12 -43.99 -22.49
CA ILE C 97 -18.79 -45.21 -23.22
C ILE C 97 -19.96 -45.65 -24.09
N GLU C 98 -21.18 -45.61 -23.55
CA GLU C 98 -22.36 -46.08 -24.27
C GLU C 98 -22.85 -45.05 -25.27
N ASP C 99 -22.80 -43.77 -24.92
CA ASP C 99 -23.51 -42.74 -25.66
C ASP C 99 -22.68 -42.10 -26.76
N LEU C 100 -21.37 -41.98 -26.57
CA LEU C 100 -20.53 -41.29 -27.55
C LEU C 100 -20.59 -41.94 -28.92
N PRO C 101 -20.53 -43.28 -29.06
CA PRO C 101 -20.56 -43.89 -30.41
C PRO C 101 -21.84 -43.63 -31.18
N ASN C 102 -22.93 -43.32 -30.50
CA ASN C 102 -24.24 -43.12 -31.12
C ASN C 102 -24.65 -41.67 -31.16
N ARG C 103 -23.84 -40.75 -30.65
CA ARG C 103 -24.24 -39.35 -30.59
C ARG C 103 -24.54 -38.84 -32.00
N ALA C 104 -25.63 -38.09 -32.13
CA ALA C 104 -26.01 -37.58 -33.44
C ALA C 104 -24.96 -36.60 -33.97
N GLU C 105 -24.41 -35.75 -33.11
CA GLU C 105 -23.37 -34.82 -33.50
C GLU C 105 -22.04 -35.25 -32.89
N SER C 106 -20.99 -35.21 -33.71
CA SER C 106 -19.62 -35.47 -33.26
C SER C 106 -19.45 -36.80 -32.53
N PRO C 107 -19.90 -37.91 -33.13
CA PRO C 107 -19.75 -39.22 -32.46
C PRO C 107 -18.31 -39.68 -32.43
N PHE C 108 -17.99 -40.46 -31.40
CA PHE C 108 -16.67 -41.08 -31.22
C PHE C 108 -16.81 -42.59 -31.08
N ALA C 109 -15.91 -43.32 -31.71
CA ALA C 109 -15.83 -44.75 -31.50
C ALA C 109 -14.90 -45.08 -30.33
N ILE C 110 -15.18 -46.20 -29.68
CA ILE C 110 -14.32 -46.72 -28.60
C ILE C 110 -14.28 -48.24 -28.72
N THR C 111 -13.06 -48.80 -28.76
CA THR C 111 -12.94 -50.25 -28.81
C THR C 111 -13.44 -50.89 -27.52
N PRO C 112 -13.85 -52.15 -27.58
CA PRO C 112 -14.21 -52.85 -26.34
C PRO C 112 -13.05 -52.96 -25.37
N ALA C 113 -11.82 -52.92 -25.88
CA ALA C 113 -10.66 -52.92 -24.99
C ALA C 113 -10.46 -51.55 -24.35
N ALA C 114 -10.68 -50.49 -25.12
CA ALA C 114 -10.57 -49.14 -24.57
C ALA C 114 -11.55 -48.91 -23.42
N ALA C 115 -12.78 -49.42 -23.56
CA ALA C 115 -13.78 -49.21 -22.52
C ALA C 115 -13.41 -49.93 -21.22
N ALA C 116 -12.81 -51.13 -21.32
CA ALA C 116 -12.42 -51.85 -20.11
C ALA C 116 -11.40 -51.06 -19.31
N VAL C 117 -10.45 -50.40 -19.99
CA VAL C 117 -9.50 -49.53 -19.30
C VAL C 117 -10.24 -48.40 -18.61
N VAL C 118 -11.20 -47.79 -19.33
CA VAL C 118 -11.98 -46.70 -18.75
C VAL C 118 -12.69 -47.18 -17.48
N VAL C 119 -13.43 -48.29 -17.60
CA VAL C 119 -14.25 -48.77 -16.49
C VAL C 119 -13.38 -49.22 -15.32
N GLU C 120 -12.27 -49.89 -15.63
CA GLU C 120 -11.51 -50.58 -14.60
C GLU C 120 -10.33 -49.79 -14.06
N GLU C 121 -9.66 -48.99 -14.90
CA GLU C 121 -8.42 -48.35 -14.52
C GLU C 121 -8.53 -46.84 -14.37
N ILE C 122 -9.54 -46.22 -14.95
CA ILE C 122 -9.68 -44.78 -14.97
C ILE C 122 -10.79 -44.30 -14.05
N ALA C 123 -12.03 -44.75 -14.29
CA ALA C 123 -13.17 -44.27 -13.51
C ALA C 123 -13.02 -44.43 -12.00
N PRO C 124 -12.59 -45.58 -11.48
CA PRO C 124 -12.70 -45.79 -10.02
C PRO C 124 -12.04 -44.69 -9.21
N PHE C 125 -10.80 -44.32 -9.52
CA PHE C 125 -10.10 -43.32 -8.72
C PHE C 125 -10.83 -41.98 -8.71
N TRP C 126 -11.42 -41.59 -9.83
CA TRP C 126 -11.96 -40.25 -9.93
C TRP C 126 -13.35 -40.12 -9.30
N LYS C 127 -13.96 -41.23 -8.88
CA LYS C 127 -15.25 -41.12 -8.21
C LYS C 127 -15.15 -40.14 -7.06
N GLY C 128 -15.93 -39.06 -7.14
CA GLY C 128 -15.91 -38.05 -6.10
C GLY C 128 -14.75 -37.08 -6.12
N LYS C 129 -13.93 -37.07 -7.19
CA LYS C 129 -12.75 -36.22 -7.22
C LYS C 129 -12.68 -35.29 -8.42
N THR C 130 -13.63 -35.36 -9.35
CA THR C 130 -13.58 -34.55 -10.56
C THR C 130 -13.99 -33.13 -10.28
N TYR C 131 -13.52 -32.21 -11.13
CA TYR C 131 -13.92 -30.82 -11.00
C TYR C 131 -15.44 -30.68 -11.19
N HIS C 132 -16.03 -31.43 -12.12
CA HIS C 132 -17.46 -31.31 -12.35
C HIS C 132 -18.28 -31.77 -11.13
N GLU C 133 -17.87 -32.84 -10.45
CA GLU C 133 -18.57 -33.20 -9.22
C GLU C 133 -18.45 -32.10 -8.17
N ALA C 134 -17.25 -31.55 -8.00
CA ALA C 134 -17.05 -30.52 -6.98
C ALA C 134 -17.85 -29.25 -7.29
N LEU C 135 -17.85 -28.82 -8.56
CA LEU C 135 -18.52 -27.58 -8.96
C LEU C 135 -20.03 -27.69 -8.79
N ASN C 136 -20.60 -28.84 -9.15
CA ASN C 136 -22.05 -29.04 -9.02
C ASN C 136 -22.51 -28.82 -7.58
N LEU C 137 -21.74 -29.30 -6.60
CA LEU C 137 -22.08 -29.11 -5.20
C LEU C 137 -21.77 -27.70 -4.68
N ALA C 138 -20.82 -27.00 -5.29
CA ALA C 138 -20.38 -25.73 -4.73
C ALA C 138 -21.32 -24.56 -5.07
N LEU C 139 -22.14 -24.68 -6.09
CA LEU C 139 -23.01 -23.56 -6.46
C LEU C 139 -24.26 -23.55 -5.58
N PRO C 140 -24.63 -22.41 -5.02
CA PRO C 140 -25.85 -22.37 -4.20
C PRO C 140 -27.09 -22.63 -5.05
N ALA C 141 -28.16 -23.05 -4.39
CA ALA C 141 -29.38 -23.44 -5.10
C ALA C 141 -29.85 -22.35 -6.04
N ASP C 142 -29.83 -21.08 -5.59
CA ASP C 142 -30.28 -19.98 -6.44
C ASP C 142 -29.52 -19.95 -7.78
N VAL C 143 -28.24 -20.28 -7.77
CA VAL C 143 -27.44 -20.31 -9.00
C VAL C 143 -27.65 -21.61 -9.77
N HIS C 144 -27.68 -22.72 -9.03
CA HIS C 144 -27.85 -24.06 -9.58
C HIS C 144 -29.08 -24.15 -10.47
N LYS C 145 -30.19 -23.59 -9.99
CA LYS C 145 -31.44 -23.60 -10.74
C LYS C 145 -31.28 -22.94 -12.12
N LEU C 146 -30.35 -22.00 -12.27
CA LEU C 146 -30.13 -21.34 -13.55
C LEU C 146 -29.00 -21.98 -14.36
N THR C 147 -28.27 -22.94 -13.78
CA THR C 147 -27.13 -23.60 -14.39
C THR C 147 -27.47 -25.00 -14.87
N TYR C 148 -28.15 -25.80 -14.02
CA TYR C 148 -28.35 -27.21 -14.32
C TYR C 148 -29.81 -27.61 -14.28
N ASP C 149 -30.11 -28.76 -14.91
CA ASP C 149 -31.44 -29.34 -14.99
C ASP C 149 -31.63 -30.58 -14.11
N ASP C 150 -30.60 -31.03 -13.40
CA ASP C 150 -30.69 -32.18 -12.53
C ASP C 150 -29.80 -31.96 -11.31
N PRO C 151 -30.04 -32.70 -10.21
CA PRO C 151 -29.29 -32.43 -8.97
C PRO C 151 -27.80 -32.74 -9.06
N GLN C 152 -27.33 -33.54 -10.02
CA GLN C 152 -25.90 -33.76 -10.14
C GLN C 152 -25.30 -33.00 -11.31
N GLY C 153 -26.05 -32.04 -11.86
CA GLY C 153 -25.52 -31.17 -12.90
C GLY C 153 -25.03 -31.90 -14.12
N LEU C 154 -25.72 -32.99 -14.50
CA LEU C 154 -25.38 -33.74 -15.70
C LEU C 154 -25.88 -33.09 -17.00
N MET C 155 -26.92 -32.25 -16.91
CA MET C 155 -27.47 -31.57 -18.08
C MET C 155 -27.56 -30.08 -17.78
N SER C 156 -27.23 -29.28 -18.77
CA SER C 156 -27.37 -27.85 -18.64
C SER C 156 -28.84 -27.45 -18.84
N ARG C 157 -29.20 -26.30 -18.29
CA ARG C 157 -30.46 -25.70 -18.68
C ARG C 157 -30.32 -24.68 -19.80
N PHE C 158 -29.08 -24.31 -20.15
CA PHE C 158 -28.81 -23.37 -21.24
C PHE C 158 -29.44 -22.01 -20.97
N ILE C 159 -29.36 -21.58 -19.71
CA ILE C 159 -29.73 -20.23 -19.31
C ILE C 159 -28.42 -19.54 -18.92
N VAL C 160 -27.99 -19.70 -17.66
CA VAL C 160 -26.68 -19.19 -17.27
C VAL C 160 -25.66 -20.34 -17.29
N ASN C 161 -25.13 -20.64 -18.46
CA ASN C 161 -24.32 -21.83 -18.70
C ASN C 161 -22.88 -21.61 -18.23
N GLU C 162 -22.44 -22.40 -17.27
CA GLU C 162 -21.04 -22.37 -16.91
C GLU C 162 -20.26 -23.21 -17.90
N THR C 163 -19.07 -22.73 -18.29
CA THR C 163 -18.30 -23.46 -19.29
C THR C 163 -16.96 -23.95 -18.76
N SER C 164 -16.76 -23.92 -17.45
CA SER C 164 -15.55 -24.46 -16.87
C SER C 164 -15.55 -26.00 -16.79
N SER C 165 -16.72 -26.63 -16.86
CA SER C 165 -16.78 -28.07 -16.61
C SER C 165 -16.62 -28.93 -17.86
N PHE C 166 -16.46 -28.37 -19.07
CA PHE C 166 -16.20 -29.21 -20.24
C PHE C 166 -14.93 -28.78 -21.00
N ARG C 167 -13.97 -28.20 -20.28
CA ARG C 167 -12.61 -28.03 -20.76
C ARG C 167 -11.77 -27.63 -19.55
N SER C 168 -10.50 -28.05 -19.57
CA SER C 168 -9.61 -27.73 -18.45
C SER C 168 -9.55 -26.22 -18.20
N SER C 169 -9.47 -25.43 -19.29
CA SER C 169 -9.30 -23.99 -19.26
C SER C 169 -9.88 -23.40 -20.54
N ILE C 170 -9.83 -22.08 -20.65
CA ILE C 170 -10.17 -21.41 -21.90
C ILE C 170 -8.98 -21.56 -22.85
N GLN C 171 -9.03 -20.87 -23.98
CA GLN C 171 -7.96 -20.93 -24.97
C GLN C 171 -6.64 -20.46 -24.37
N TRP C 172 -5.55 -20.88 -24.99
CA TRP C 172 -4.22 -20.50 -24.54
C TRP C 172 -3.27 -20.54 -25.74
N VAL C 173 -2.22 -19.74 -25.66
CA VAL C 173 -1.13 -19.72 -26.65
C VAL C 173 0.19 -19.80 -25.89
N HIS C 174 0.97 -20.84 -26.17
CA HIS C 174 2.28 -20.97 -25.56
C HIS C 174 3.27 -20.01 -26.20
N ASP C 175 4.28 -19.61 -25.43
CA ASP C 175 5.43 -18.88 -25.99
C ASP C 175 6.32 -19.89 -26.69
N TYR C 176 5.90 -20.31 -27.88
CA TYR C 176 6.66 -21.30 -28.62
C TYR C 176 8.05 -20.78 -28.96
N GLU C 177 8.16 -19.50 -29.34
CA GLU C 177 9.46 -18.99 -29.72
C GLU C 177 10.47 -19.13 -28.58
N LYS C 178 10.01 -19.02 -27.33
CA LYS C 178 10.89 -19.28 -26.21
C LYS C 178 11.45 -20.71 -26.27
N VAL C 179 10.59 -21.68 -26.62
CA VAL C 179 11.08 -23.05 -26.79
C VAL C 179 12.11 -23.09 -27.89
N LEU C 180 11.80 -22.45 -29.03
CA LEU C 180 12.68 -22.49 -30.19
C LEU C 180 14.02 -21.83 -29.90
N LYS C 181 14.02 -20.73 -29.12
CA LYS C 181 15.28 -20.02 -28.89
C LYS C 181 16.08 -20.61 -27.74
N ARG C 182 15.43 -21.10 -26.68
CA ARG C 182 16.15 -21.55 -25.48
C ARG C 182 16.21 -23.05 -25.31
N GLY C 183 15.18 -23.80 -25.68
CA GLY C 183 15.07 -25.20 -25.37
C GLY C 183 14.71 -25.44 -23.90
N PHE C 184 14.13 -26.62 -23.65
CA PHE C 184 13.65 -26.92 -22.31
C PHE C 184 14.79 -27.14 -21.34
N ARG C 185 15.99 -27.45 -21.85
CA ARG C 185 17.16 -27.53 -20.98
C ARG C 185 17.42 -26.20 -20.31
N SER C 186 17.25 -25.11 -21.05
CA SER C 186 17.41 -23.78 -20.47
C SER C 186 16.34 -23.53 -19.42
N ILE C 187 15.08 -23.82 -19.75
CA ILE C 187 14.01 -23.69 -18.78
C ILE C 187 14.35 -24.48 -17.52
N LYS C 188 14.84 -25.71 -17.69
CA LYS C 188 15.15 -26.55 -16.53
C LYS C 188 16.33 -25.98 -15.74
N GLU C 189 17.34 -25.47 -16.43
CA GLU C 189 18.48 -24.89 -15.73
C GLU C 189 18.07 -23.64 -14.96
N GLU C 190 17.20 -22.81 -15.55
CA GLU C 190 16.70 -21.66 -14.81
C GLU C 190 16.02 -22.07 -13.50
N ALA C 191 15.20 -23.12 -13.55
CA ALA C 191 14.52 -23.56 -12.33
C ALA C 191 15.52 -24.09 -11.30
N LEU C 192 16.58 -24.78 -11.74
CA LEU C 192 17.57 -25.26 -10.79
C LEU C 192 18.25 -24.11 -10.07
N GLU C 193 18.64 -23.06 -10.81
CA GLU C 193 19.25 -21.88 -10.20
C GLU C 193 18.30 -21.21 -9.21
N LYS C 194 17.04 -21.04 -9.61
CA LYS C 194 16.07 -20.47 -8.69
C LYS C 194 15.96 -21.30 -7.42
N ILE C 195 15.97 -22.63 -7.55
CA ILE C 195 15.93 -23.48 -6.35
C ILE C 195 17.18 -23.27 -5.51
N ALA C 196 18.34 -23.14 -6.14
CA ALA C 196 19.57 -22.96 -5.37
C ALA C 196 19.56 -21.65 -4.59
N ALA C 197 18.94 -20.61 -5.14
CA ALA C 197 18.93 -19.31 -4.50
C ALA C 197 17.87 -19.19 -3.42
N LEU C 198 17.00 -20.19 -3.28
CA LEU C 198 15.98 -20.14 -2.24
C LEU C 198 16.65 -20.20 -0.88
N ASP C 199 15.99 -19.61 0.11
CA ASP C 199 16.42 -19.67 1.50
C ASP C 199 15.90 -20.95 2.12
N PRO C 200 16.76 -21.90 2.50
CA PRO C 200 16.25 -23.16 3.06
C PRO C 200 15.55 -23.00 4.38
N MET C 201 15.72 -21.88 5.07
CA MET C 201 15.00 -21.73 6.34
C MET C 201 13.59 -21.17 6.18
N SER C 202 13.26 -20.62 5.02
CA SER C 202 12.03 -19.86 4.85
C SER C 202 10.84 -20.78 4.58
N PRO C 203 9.79 -20.75 5.40
CA PRO C 203 8.62 -21.59 5.08
C PRO C 203 7.97 -21.26 3.75
N CYS C 204 7.92 -19.98 3.36
CA CYS C 204 7.29 -19.62 2.09
C CYS C 204 8.12 -20.07 0.89
N ASP C 205 9.44 -19.91 0.96
CA ASP C 205 10.27 -20.50 -0.08
C ASP C 205 10.06 -22.00 -0.14
N ASN C 206 9.99 -22.65 1.03
CA ASN C 206 9.94 -24.10 1.07
C ASN C 206 8.61 -24.66 0.55
N VAL C 207 7.51 -23.94 0.78
CA VAL C 207 6.16 -24.40 0.44
C VAL C 207 5.64 -23.71 -0.81
N GLU C 208 5.97 -22.42 -0.98
CA GLU C 208 5.43 -21.65 -2.09
C GLU C 208 6.36 -21.56 -3.30
N LYS C 209 7.68 -21.73 -3.13
CA LYS C 209 8.64 -21.64 -4.25
C LYS C 209 9.19 -23.02 -4.66
N ARG C 210 9.76 -23.74 -3.71
CA ARG C 210 10.45 -24.98 -4.04
C ARG C 210 9.55 -26.01 -4.73
N PRO C 211 8.38 -26.36 -4.20
CA PRO C 211 7.61 -27.40 -4.89
C PRO C 211 7.21 -27.01 -6.30
N PHE C 212 6.97 -25.73 -6.55
CA PHE C 212 6.67 -25.28 -7.92
C PHE C 212 7.87 -25.49 -8.84
N LEU C 213 9.05 -25.07 -8.40
CA LEU C 213 10.24 -25.23 -9.25
C LEU C 213 10.58 -26.70 -9.43
N GLU C 214 10.34 -27.52 -8.41
CA GLU C 214 10.51 -28.95 -8.58
C GLU C 214 9.56 -29.51 -9.65
N ALA C 215 8.35 -28.95 -9.76
CA ALA C 215 7.44 -29.37 -10.83
C ALA C 215 7.98 -29.00 -12.20
N ILE C 216 8.52 -27.78 -12.34
CA ILE C 216 9.07 -27.37 -13.63
C ILE C 216 10.24 -28.28 -14.04
N VAL C 217 11.15 -28.56 -13.10
CA VAL C 217 12.27 -29.44 -13.41
C VAL C 217 11.77 -30.76 -13.99
N ILE C 218 10.81 -31.38 -13.30
CA ILE C 218 10.30 -32.67 -13.73
C ILE C 218 9.60 -32.56 -15.09
N VAL C 219 8.81 -31.51 -15.31
CA VAL C 219 8.06 -31.45 -16.56
C VAL C 219 9.00 -31.21 -17.73
N CYS C 220 10.09 -30.47 -17.52
CA CYS C 220 11.11 -30.36 -18.55
C CYS C 220 11.71 -31.73 -18.86
N ASP C 221 12.19 -32.44 -17.82
CA ASP C 221 12.70 -33.78 -18.03
C ASP C 221 11.67 -34.66 -18.72
N ALA C 222 10.39 -34.48 -18.39
CA ALA C 222 9.37 -35.36 -18.96
C ALA C 222 9.24 -35.13 -20.47
N ILE C 223 9.12 -33.88 -20.91
CA ILE C 223 8.91 -33.67 -22.35
C ILE C 223 10.13 -34.09 -23.14
N ILE C 224 11.33 -33.84 -22.60
CA ILE C 224 12.57 -34.20 -23.29
C ILE C 224 12.67 -35.72 -23.42
N LEU C 225 12.43 -36.44 -22.33
CA LEU C 225 12.48 -37.91 -22.37
C LEU C 225 11.51 -38.48 -23.40
N TRP C 226 10.30 -37.90 -23.48
CA TRP C 226 9.29 -38.34 -24.47
C TRP C 226 9.80 -38.14 -25.89
N ALA C 227 10.36 -36.97 -26.18
CA ALA C 227 10.93 -36.69 -27.49
C ALA C 227 12.05 -37.68 -27.81
N LYS C 228 12.90 -37.97 -26.82
CA LYS C 228 14.02 -38.87 -27.06
C LYS C 228 13.54 -40.30 -27.35
N ARG C 229 12.39 -40.69 -26.81
CA ARG C 229 11.83 -42.01 -27.13
C ARG C 229 11.42 -42.07 -28.60
N HIS C 230 10.93 -40.97 -29.16
CA HIS C 230 10.67 -40.91 -30.59
C HIS C 230 11.97 -41.06 -31.38
N ALA C 231 12.99 -40.30 -30.99
CA ALA C 231 14.26 -40.35 -31.70
C ALA C 231 14.81 -41.77 -31.72
N LYS C 232 14.70 -42.49 -30.60
CA LYS C 232 15.15 -43.87 -30.54
C LYS C 232 14.35 -44.74 -31.52
N LEU C 233 13.02 -44.62 -31.51
CA LEU C 233 12.20 -45.44 -32.38
C LEU C 233 12.54 -45.17 -33.84
N ALA C 234 12.74 -43.90 -34.19
CA ALA C 234 13.16 -43.56 -35.55
C ALA C 234 14.49 -44.22 -35.90
N ALA C 235 15.44 -44.21 -34.96
CA ALA C 235 16.73 -44.85 -35.21
C ALA C 235 16.57 -46.33 -35.52
N GLU C 236 15.72 -47.02 -34.75
CA GLU C 236 15.44 -48.43 -34.98
C GLU C 236 14.75 -48.67 -36.31
N LEU C 237 13.88 -47.75 -36.74
CA LEU C 237 13.25 -47.90 -38.04
C LEU C 237 14.23 -47.63 -39.16
N ALA C 238 15.06 -46.60 -39.02
CA ALA C 238 16.05 -46.31 -40.04
C ALA C 238 16.95 -47.52 -40.28
N ALA C 239 17.25 -48.27 -39.22
CA ALA C 239 18.15 -49.40 -39.32
C ALA C 239 17.58 -50.54 -40.18
N LYS C 240 16.26 -50.73 -40.16
CA LYS C 240 15.65 -51.79 -40.95
C LYS C 240 14.98 -51.28 -42.23
N GLU C 241 15.05 -49.98 -42.53
CA GLU C 241 14.30 -49.37 -43.63
C GLU C 241 14.95 -49.70 -44.97
N THR C 242 14.18 -50.31 -45.87
CA THR C 242 14.74 -50.74 -47.14
C THR C 242 14.77 -49.62 -48.17
N ASP C 243 13.78 -48.73 -48.16
CA ASP C 243 13.82 -47.63 -49.11
C ASP C 243 14.90 -46.64 -48.71
N PRO C 244 15.85 -46.33 -49.58
CA PRO C 244 16.90 -45.38 -49.18
C PRO C 244 16.35 -44.01 -48.81
N THR C 245 15.38 -43.51 -49.58
CA THR C 245 14.79 -42.20 -49.28
C THR C 245 14.10 -42.20 -47.92
N ARG C 246 13.19 -43.15 -47.69
CA ARG C 246 12.51 -43.21 -46.40
C ARG C 246 13.52 -43.43 -45.27
N LYS C 247 14.57 -44.21 -45.54
CA LYS C 247 15.59 -44.43 -44.52
C LYS C 247 16.33 -43.14 -44.19
N ARG C 248 16.56 -42.27 -45.19
CA ARG C 248 17.21 -41.01 -44.90
C ARG C 248 16.30 -40.11 -44.06
N GLU C 249 15.00 -40.12 -44.37
CA GLU C 249 14.05 -39.32 -43.59
C GLU C 249 13.94 -39.84 -42.15
N LEU C 250 13.99 -41.15 -41.95
CA LEU C 250 13.93 -41.69 -40.60
C LEU C 250 15.16 -41.27 -39.79
N GLU C 251 16.33 -41.26 -40.42
CA GLU C 251 17.54 -40.81 -39.71
C GLU C 251 17.45 -39.33 -39.37
N THR C 252 16.93 -38.53 -40.30
CA THR C 252 16.70 -37.11 -40.01
C THR C 252 15.81 -36.94 -38.78
N MET C 253 14.73 -37.72 -38.70
CA MET C 253 13.87 -37.66 -37.53
C MET C 253 14.66 -38.01 -36.27
N ALA C 254 15.47 -39.06 -36.35
CA ALA C 254 16.25 -39.48 -35.18
C ALA C 254 17.20 -38.39 -34.73
N GLU C 255 17.82 -37.66 -35.66
CA GLU C 255 18.75 -36.63 -35.24
C GLU C 255 18.00 -35.42 -34.69
N ILE C 256 16.95 -34.97 -35.40
CA ILE C 256 16.21 -33.78 -34.98
C ILE C 256 15.55 -34.00 -33.63
N CYS C 257 14.93 -35.18 -33.42
CA CYS C 257 14.21 -35.39 -32.18
C CYS C 257 15.14 -35.67 -31.02
N ALA C 258 16.38 -36.03 -31.30
CA ALA C 258 17.39 -36.06 -30.25
C ALA C 258 17.88 -34.66 -29.89
N TRP C 259 17.57 -33.65 -30.69
CA TRP C 259 18.06 -32.31 -30.42
C TRP C 259 17.00 -31.40 -29.81
N VAL C 260 15.79 -31.40 -30.37
CA VAL C 260 14.69 -30.61 -29.85
C VAL C 260 13.75 -31.57 -29.15
N PRO C 261 12.97 -31.11 -28.16
CA PRO C 261 12.96 -29.70 -27.78
C PRO C 261 13.92 -29.39 -26.64
N GLU C 262 14.85 -30.29 -26.37
CA GLU C 262 15.80 -30.05 -25.29
C GLU C 262 16.64 -28.80 -25.55
N ASN C 263 17.10 -28.64 -26.79
CA ASN C 263 17.99 -27.58 -27.16
C ASN C 263 17.32 -26.60 -28.13
N PRO C 264 17.87 -25.39 -28.25
CA PRO C 264 17.30 -24.42 -29.21
C PRO C 264 17.37 -24.96 -30.62
N ALA C 265 16.33 -24.68 -31.41
CA ALA C 265 16.27 -25.20 -32.76
C ALA C 265 17.32 -24.52 -33.63
N ARG C 266 17.87 -25.30 -34.56
CA ARG C 266 18.95 -24.86 -35.44
C ARG C 266 18.52 -24.71 -36.89
N THR C 267 17.39 -25.29 -37.27
CA THR C 267 16.89 -25.22 -38.64
C THR C 267 15.37 -25.08 -38.60
N PHE C 268 14.81 -24.76 -39.77
CA PHE C 268 13.37 -24.67 -39.92
C PHE C 268 12.69 -25.99 -39.59
N HIS C 269 13.25 -27.10 -40.07
CA HIS C 269 12.69 -28.40 -39.73
C HIS C 269 12.72 -28.62 -38.23
N GLU C 270 13.86 -28.35 -37.60
CA GLU C 270 13.94 -28.51 -36.14
C GLU C 270 12.94 -27.61 -35.44
N ALA C 271 12.83 -26.35 -35.90
CA ALA C 271 11.88 -25.45 -35.28
C ALA C 271 10.47 -26.00 -35.39
N VAL C 272 10.11 -26.53 -36.55
CA VAL C 272 8.77 -27.09 -36.73
C VAL C 272 8.58 -28.30 -35.82
N GLN C 273 9.56 -29.21 -35.80
CA GLN C 273 9.41 -30.39 -34.95
C GLN C 273 9.37 -29.99 -33.48
N ALA C 274 10.20 -29.03 -33.08
CA ALA C 274 10.18 -28.53 -31.71
C ALA C 274 8.81 -27.96 -31.36
N GLN C 275 8.25 -27.13 -32.25
CA GLN C 275 6.93 -26.59 -31.96
C GLN C 275 5.88 -27.69 -31.90
N TRP C 276 5.94 -28.65 -32.84
CA TRP C 276 4.98 -29.74 -32.84
C TRP C 276 5.07 -30.55 -31.55
N PHE C 277 6.30 -30.87 -31.14
CA PHE C 277 6.49 -31.55 -29.87
C PHE C 277 5.84 -30.76 -28.72
N THR C 278 6.07 -29.44 -28.69
CA THR C 278 5.50 -28.62 -27.63
C THR C 278 3.97 -28.63 -27.68
N GLN C 279 3.40 -28.53 -28.88
CA GLN C 279 1.95 -28.45 -29.02
C GLN C 279 1.24 -29.76 -28.68
N VAL C 280 1.86 -30.90 -28.99
CA VAL C 280 1.25 -32.20 -28.69
C VAL C 280 1.31 -32.49 -27.20
N PHE C 281 2.48 -32.29 -26.58
CA PHE C 281 2.58 -32.55 -25.15
C PHE C 281 1.58 -31.69 -24.38
N SER C 282 1.36 -30.45 -24.83
CA SER C 282 0.35 -29.58 -24.23
C SER C 282 -1.01 -30.25 -24.21
N ARG C 283 -1.39 -30.89 -25.31
CA ARG C 283 -2.64 -31.65 -25.33
C ARG C 283 -2.61 -32.76 -24.29
N ILE C 284 -1.45 -33.39 -24.11
CA ILE C 284 -1.31 -34.40 -23.06
C ILE C 284 -1.45 -33.79 -21.67
N GLU C 285 -0.99 -32.54 -21.48
CA GLU C 285 -1.04 -31.92 -20.17
C GLU C 285 -2.47 -31.57 -19.75
N GLN C 286 -3.25 -30.98 -20.67
CA GLN C 286 -4.59 -30.53 -20.29
C GLN C 286 -5.44 -30.38 -21.54
N LYS C 287 -6.75 -30.29 -21.31
CA LYS C 287 -7.73 -30.09 -22.38
C LYS C 287 -8.01 -28.59 -22.49
N THR C 288 -7.11 -27.90 -23.17
CA THR C 288 -7.24 -26.46 -23.37
C THR C 288 -8.50 -26.13 -24.15
N GLY C 289 -9.14 -25.01 -23.79
CA GLY C 289 -10.30 -24.52 -24.53
C GLY C 289 -9.99 -24.35 -26.02
N THR C 290 -10.88 -24.87 -26.87
CA THR C 290 -10.78 -24.87 -28.33
C THR C 290 -9.60 -25.68 -28.86
N ILE C 291 -8.89 -26.43 -28.00
CA ILE C 291 -7.58 -27.03 -28.30
C ILE C 291 -6.53 -25.93 -28.33
N VAL C 292 -5.38 -26.19 -27.70
CA VAL C 292 -4.34 -25.17 -27.56
C VAL C 292 -4.00 -24.58 -28.92
N SER C 293 -3.84 -23.24 -28.95
CA SER C 293 -3.57 -22.49 -30.16
C SER C 293 -2.07 -22.37 -30.41
N ASN C 294 -1.69 -21.71 -31.51
CA ASN C 294 -0.35 -21.85 -32.09
C ASN C 294 0.48 -20.59 -32.17
N GLY C 295 -0.08 -19.39 -31.96
CA GLY C 295 0.74 -18.19 -31.94
C GLY C 295 1.02 -17.62 -33.32
N ARG C 296 2.01 -16.72 -33.39
CA ARG C 296 2.35 -15.99 -34.63
C ARG C 296 3.43 -16.73 -35.44
N MET C 297 3.01 -17.86 -36.02
CA MET C 297 3.96 -18.75 -36.69
C MET C 297 4.72 -18.03 -37.81
N ASP C 298 4.05 -17.15 -38.56
CA ASP C 298 4.81 -16.45 -39.59
C ASP C 298 5.83 -15.49 -38.99
N GLN C 299 5.80 -15.24 -37.69
CA GLN C 299 6.84 -14.42 -37.09
C GLN C 299 7.95 -15.28 -36.50
N TYR C 300 7.60 -16.20 -35.61
CA TYR C 300 8.69 -16.88 -34.92
C TYR C 300 9.30 -18.00 -35.75
N PHE C 301 8.61 -18.45 -36.79
CA PHE C 301 9.25 -19.33 -37.75
C PHE C 301 10.15 -18.57 -38.73
N TRP C 302 9.96 -17.25 -38.84
CA TRP C 302 10.61 -16.50 -39.91
C TRP C 302 12.13 -16.57 -39.87
N PRO C 303 12.80 -16.40 -38.75
CA PRO C 303 14.27 -16.44 -38.78
C PRO C 303 14.81 -17.75 -39.33
N PHE C 304 14.24 -18.88 -38.90
CA PHE C 304 14.69 -20.18 -39.43
C PHE C 304 14.41 -20.28 -40.93
N TYR C 305 13.21 -19.88 -41.35
CA TYR C 305 12.83 -19.94 -42.77
C TYR C 305 13.78 -19.10 -43.62
N GLU C 306 14.09 -17.87 -43.18
CA GLU C 306 14.93 -17.02 -44.00
C GLU C 306 16.35 -17.56 -44.13
N LYS C 307 16.91 -18.09 -43.05
CA LYS C 307 18.29 -18.56 -43.08
C LYS C 307 18.42 -19.85 -43.89
N ASP C 308 17.55 -20.82 -43.63
CA ASP C 308 17.59 -22.05 -44.41
C ASP C 308 17.36 -21.77 -45.90
N LEU C 309 16.36 -20.94 -46.22
CA LEU C 309 16.14 -20.61 -47.62
C LEU C 309 17.41 -20.08 -48.26
N ALA C 310 18.11 -19.19 -47.56
CA ALA C 310 19.32 -18.58 -48.09
C ALA C 310 20.46 -19.60 -48.21
N GLU C 311 20.55 -20.54 -47.28
CA GLU C 311 21.63 -21.51 -47.32
C GLU C 311 21.24 -22.79 -48.05
N GLY C 312 20.16 -22.75 -48.81
CA GLY C 312 19.75 -23.90 -49.60
C GLY C 312 19.33 -25.11 -48.78
N ARG C 313 19.17 -24.92 -47.47
CA ARG C 313 18.76 -26.02 -46.60
C ARG C 313 17.28 -26.34 -46.77
N ILE C 314 16.48 -25.34 -47.08
CA ILE C 314 15.03 -25.48 -47.18
C ILE C 314 14.60 -24.85 -48.49
N THR C 315 13.43 -25.26 -48.95
CA THR C 315 12.79 -24.69 -50.12
C THR C 315 11.44 -24.12 -49.75
N GLU C 316 10.98 -23.14 -50.54
CA GLU C 316 9.61 -22.66 -50.40
C GLU C 316 8.62 -23.80 -50.47
N ASP C 317 8.84 -24.76 -51.39
CA ASP C 317 7.97 -25.91 -51.51
C ASP C 317 8.16 -26.86 -50.33
N SER C 318 9.42 -27.10 -49.96
CA SER C 318 9.72 -27.99 -48.85
C SER C 318 9.16 -27.43 -47.55
N ALA C 319 9.23 -26.11 -47.35
CA ALA C 319 8.59 -25.53 -46.16
C ALA C 319 7.09 -25.78 -46.19
N LEU C 320 6.47 -25.60 -47.35
CA LEU C 320 5.05 -25.87 -47.47
C LEU C 320 4.72 -27.34 -47.17
N GLU C 321 5.62 -28.27 -47.52
CA GLU C 321 5.36 -29.66 -47.17
C GLU C 321 5.43 -29.87 -45.66
N LEU C 322 6.43 -29.28 -45.02
CA LEU C 322 6.55 -29.46 -43.58
C LEU C 322 5.37 -28.86 -42.84
N LEU C 323 4.87 -27.70 -43.30
CA LEU C 323 3.68 -27.12 -42.70
C LEU C 323 2.49 -28.07 -42.81
N GLU C 324 2.26 -28.62 -44.00
CA GLU C 324 1.16 -29.57 -44.20
C GLU C 324 1.34 -30.82 -43.34
N CYS C 325 2.58 -31.24 -43.10
CA CYS C 325 2.83 -32.33 -42.15
C CYS C 325 2.26 -32.00 -40.77
N MET C 326 2.36 -30.73 -40.34
CA MET C 326 1.82 -30.35 -39.05
C MET C 326 0.30 -30.42 -39.07
N TRP C 327 -0.29 -29.90 -40.14
CA TRP C 327 -1.73 -29.72 -40.15
C TRP C 327 -2.46 -31.03 -40.36
N VAL C 328 -1.89 -31.97 -41.12
CA VAL C 328 -2.48 -33.29 -41.17
C VAL C 328 -2.49 -33.91 -39.79
N GLY C 329 -1.42 -33.69 -39.03
CA GLY C 329 -1.39 -34.18 -37.66
C GLY C 329 -2.45 -33.51 -36.80
N MET C 330 -2.54 -32.18 -36.88
CA MET C 330 -3.59 -31.48 -36.16
C MET C 330 -4.95 -32.02 -36.50
N ALA C 331 -5.19 -32.30 -37.79
CA ALA C 331 -6.50 -32.77 -38.21
C ALA C 331 -6.81 -34.17 -37.67
N GLN C 332 -5.79 -34.93 -37.28
CA GLN C 332 -6.04 -36.23 -36.71
C GLN C 332 -6.41 -36.14 -35.23
N TYR C 333 -6.06 -35.02 -34.57
CA TYR C 333 -6.44 -34.77 -33.19
C TYR C 333 -7.80 -34.08 -33.13
N VAL C 334 -8.79 -34.74 -32.53
CA VAL C 334 -10.15 -34.21 -32.43
C VAL C 334 -10.46 -33.89 -30.97
N ASP C 335 -10.93 -32.67 -30.72
CA ASP C 335 -11.33 -32.29 -29.37
C ASP C 335 -12.53 -33.13 -28.97
N LEU C 336 -12.38 -33.89 -27.89
CA LEU C 336 -13.39 -34.81 -27.39
C LEU C 336 -14.14 -34.16 -26.23
N TYR C 337 -15.44 -33.96 -26.41
CA TYR C 337 -16.31 -33.49 -25.34
C TYR C 337 -17.22 -34.66 -24.98
N ILE C 338 -17.01 -35.23 -23.79
CA ILE C 338 -17.77 -36.42 -23.43
C ILE C 338 -19.12 -36.10 -22.78
N SER C 339 -19.28 -34.88 -22.20
CA SER C 339 -20.58 -34.47 -21.67
C SER C 339 -21.49 -33.97 -22.80
N PRO C 340 -22.80 -34.15 -22.67
CA PRO C 340 -23.72 -33.66 -23.71
C PRO C 340 -23.72 -32.14 -23.85
N THR C 341 -23.43 -31.40 -22.78
CA THR C 341 -23.28 -29.93 -22.90
C THR C 341 -22.05 -29.60 -23.75
N GLY C 342 -20.90 -30.19 -23.42
CA GLY C 342 -19.71 -29.93 -24.21
C GLY C 342 -19.88 -30.25 -25.69
N GLY C 343 -20.56 -31.35 -26.00
CA GLY C 343 -20.74 -31.72 -27.40
C GLY C 343 -21.61 -30.74 -28.16
N ALA C 344 -22.71 -30.27 -27.53
CA ALA C 344 -23.63 -29.38 -28.20
C ALA C 344 -23.03 -27.99 -28.43
N PHE C 345 -22.01 -27.61 -27.65
CA PHE C 345 -21.30 -26.36 -27.89
C PHE C 345 -20.31 -26.46 -29.04
N ASN C 346 -20.07 -27.66 -29.55
CA ASN C 346 -18.92 -27.91 -30.43
C ASN C 346 -19.28 -28.81 -31.59
N GLU C 347 -20.38 -28.48 -32.27
CA GLU C 347 -20.87 -29.29 -33.39
C GLU C 347 -19.79 -29.46 -34.45
N GLY C 348 -19.84 -30.61 -35.13
CA GLY C 348 -18.93 -30.87 -36.22
C GLY C 348 -17.47 -30.98 -35.81
N TYR C 349 -17.20 -31.53 -34.62
CA TYR C 349 -15.83 -31.67 -34.12
C TYR C 349 -15.13 -30.31 -34.10
N ALA C 350 -15.90 -29.29 -33.69
CA ALA C 350 -15.41 -27.92 -33.68
C ALA C 350 -14.00 -27.86 -33.12
N HIS C 351 -13.19 -26.96 -33.69
CA HIS C 351 -11.80 -26.78 -33.28
C HIS C 351 -11.36 -25.36 -33.64
N TRP C 352 -10.45 -24.80 -32.85
CA TRP C 352 -9.90 -23.49 -33.14
C TRP C 352 -8.45 -23.42 -32.65
N GLU C 353 -7.58 -24.23 -33.24
CA GLU C 353 -6.15 -24.18 -32.92
C GLU C 353 -5.51 -22.99 -33.66
N ALA C 354 -5.89 -21.78 -33.23
CA ALA C 354 -5.63 -20.55 -33.99
C ALA C 354 -4.18 -20.36 -34.38
N VAL C 355 -3.96 -20.11 -35.67
CA VAL C 355 -2.66 -19.73 -36.23
C VAL C 355 -2.73 -18.27 -36.67
N THR C 356 -1.93 -17.42 -36.04
CA THR C 356 -1.95 -15.99 -36.34
C THR C 356 -0.93 -15.65 -37.42
N ILE C 357 -1.35 -14.88 -38.41
CA ILE C 357 -0.44 -14.36 -39.42
C ILE C 357 -0.69 -12.87 -39.60
N GLY C 358 0.31 -12.19 -40.18
CA GLY C 358 0.18 -10.75 -40.40
C GLY C 358 0.19 -9.92 -39.11
N GLY C 359 -0.17 -8.65 -39.28
CA GLY C 359 -0.26 -7.71 -38.17
C GLY C 359 0.91 -6.75 -38.07
N GLN C 360 1.31 -6.44 -36.83
CA GLN C 360 2.39 -5.51 -36.54
C GLN C 360 3.44 -6.20 -35.69
N THR C 361 4.67 -5.72 -35.79
CA THR C 361 5.72 -6.16 -34.89
C THR C 361 5.51 -5.55 -33.52
N PRO C 362 6.30 -5.99 -32.53
CA PRO C 362 6.26 -5.31 -31.23
C PRO C 362 6.63 -3.85 -31.32
N GLU C 363 7.21 -3.42 -32.44
CA GLU C 363 7.58 -2.01 -32.61
C GLU C 363 6.61 -1.26 -33.51
N GLY C 364 5.51 -1.91 -33.90
CA GLY C 364 4.49 -1.19 -34.65
C GLY C 364 4.71 -1.10 -36.14
N ARG C 365 5.70 -1.78 -36.67
CA ARG C 365 5.85 -1.81 -38.11
C ARG C 365 5.07 -3.01 -38.65
N ASP C 366 4.61 -2.90 -39.90
CA ASP C 366 3.88 -4.01 -40.49
C ASP C 366 4.76 -5.24 -40.52
N ALA C 367 4.16 -6.39 -40.18
CA ALA C 367 4.91 -7.62 -39.99
C ALA C 367 4.74 -8.62 -41.14
N THR C 368 4.13 -8.21 -42.25
CA THR C 368 4.00 -9.12 -43.40
C THR C 368 5.38 -9.54 -43.87
N ASN C 369 5.55 -10.85 -44.08
CA ASN C 369 6.78 -11.42 -44.62
C ASN C 369 6.41 -12.47 -45.64
N ASP C 370 7.42 -13.10 -46.26
CA ASP C 370 7.12 -14.11 -47.28
C ASP C 370 6.43 -15.31 -46.66
N LEU C 371 6.77 -15.63 -45.41
CA LEU C 371 6.09 -16.72 -44.72
C LEU C 371 4.61 -16.43 -44.56
N THR C 372 4.25 -15.16 -44.37
CA THR C 372 2.85 -14.76 -44.32
C THR C 372 2.10 -15.26 -45.55
N TYR C 373 2.64 -14.99 -46.73
CA TYR C 373 1.98 -15.40 -47.97
C TYR C 373 2.01 -16.91 -48.14
N LEU C 374 3.07 -17.56 -47.69
CA LEU C 374 3.13 -19.02 -47.73
C LEU C 374 2.04 -19.65 -46.85
N PHE C 375 1.77 -19.06 -45.67
CA PHE C 375 0.72 -19.61 -44.82
C PHE C 375 -0.64 -19.48 -45.49
N LEU C 376 -0.91 -18.33 -46.11
CA LEU C 376 -2.15 -18.17 -46.86
C LEU C 376 -2.24 -19.21 -47.97
N LYS C 377 -1.16 -19.36 -48.74
CA LYS C 377 -1.15 -20.37 -49.80
C LYS C 377 -1.37 -21.77 -49.23
N SER C 378 -0.67 -22.10 -48.14
CA SER C 378 -0.84 -23.41 -47.50
C SER C 378 -2.30 -23.69 -47.20
N LYS C 379 -3.04 -22.69 -46.72
CA LYS C 379 -4.46 -22.88 -46.42
C LYS C 379 -5.26 -23.14 -47.69
N ARG C 380 -4.95 -22.41 -48.77
CA ARG C 380 -5.72 -22.51 -50.01
C ARG C 380 -5.50 -23.82 -50.73
N GLU C 381 -4.39 -24.52 -50.46
CA GLU C 381 -4.08 -25.77 -51.14
C GLU C 381 -4.13 -26.98 -50.22
N PHE C 382 -4.46 -26.80 -48.96
CA PHE C 382 -4.66 -27.92 -48.07
C PHE C 382 -6.15 -28.22 -47.99
N PRO C 383 -6.61 -29.42 -48.34
CA PRO C 383 -8.07 -29.63 -48.48
C PRO C 383 -8.87 -29.50 -47.19
N LEU C 384 -8.34 -29.99 -46.06
CA LEU C 384 -9.09 -29.97 -44.81
C LEU C 384 -9.25 -28.54 -44.29
N HIS C 385 -10.18 -28.38 -43.34
CA HIS C 385 -10.38 -27.08 -42.74
C HIS C 385 -9.35 -26.77 -41.65
N TYR C 386 -8.07 -26.92 -41.99
CA TYR C 386 -6.91 -26.61 -41.16
C TYR C 386 -5.90 -25.86 -42.00
N PRO C 387 -5.07 -25.01 -41.39
CA PRO C 387 -5.14 -24.70 -39.96
C PRO C 387 -6.18 -23.64 -39.71
N ASP C 388 -6.49 -23.39 -38.44
CA ASP C 388 -7.40 -22.31 -38.06
C ASP C 388 -6.70 -20.99 -38.33
N LEU C 389 -6.79 -20.49 -39.57
CA LEU C 389 -5.97 -19.36 -39.98
C LEU C 389 -6.62 -18.04 -39.59
N ALA C 390 -5.85 -17.21 -38.91
CA ALA C 390 -6.34 -15.91 -38.45
C ALA C 390 -5.38 -14.85 -38.96
N ALA C 391 -5.91 -13.88 -39.69
CA ALA C 391 -5.10 -12.82 -40.26
C ALA C 391 -5.33 -11.54 -39.49
N ARG C 392 -4.27 -10.95 -38.99
CA ARG C 392 -4.38 -9.68 -38.29
C ARG C 392 -4.51 -8.52 -39.27
N ILE C 393 -5.43 -7.59 -38.96
CA ILE C 393 -5.70 -6.42 -39.78
C ILE C 393 -5.30 -5.18 -39.00
N HIS C 394 -4.70 -4.20 -39.67
CA HIS C 394 -4.46 -2.90 -39.05
C HIS C 394 -4.50 -1.80 -40.11
N SER C 395 -4.44 -0.56 -39.63
CA SER C 395 -4.70 0.57 -40.51
C SER C 395 -3.66 0.69 -41.62
N ARG C 396 -2.52 0.05 -41.47
CA ARG C 396 -1.50 0.05 -42.52
C ARG C 396 -1.25 -1.35 -43.08
N SER C 397 -2.23 -2.26 -42.97
CA SER C 397 -2.15 -3.52 -43.68
C SER C 397 -1.84 -3.24 -45.16
N PRO C 398 -0.74 -3.75 -45.70
CA PRO C 398 -0.38 -3.44 -47.09
C PRO C 398 -1.40 -4.00 -48.08
N GLU C 399 -1.47 -3.35 -49.24
CA GLU C 399 -2.49 -3.68 -50.23
C GLU C 399 -2.36 -5.10 -50.75
N ARG C 400 -1.14 -5.53 -51.08
CA ARG C 400 -0.98 -6.90 -51.55
C ARG C 400 -1.50 -7.90 -50.52
N TYR C 401 -1.18 -7.67 -49.24
CA TYR C 401 -1.66 -8.52 -48.16
C TYR C 401 -3.20 -8.61 -48.14
N LEU C 402 -3.86 -7.47 -48.06
CA LEU C 402 -5.32 -7.51 -48.04
C LEU C 402 -5.85 -8.23 -49.27
N TRP C 403 -5.23 -8.00 -50.42
CA TRP C 403 -5.63 -8.69 -51.64
C TRP C 403 -5.54 -10.21 -51.46
N GLU C 404 -4.40 -10.71 -50.98
CA GLU C 404 -4.26 -12.16 -50.85
C GLU C 404 -5.24 -12.73 -49.84
N VAL C 405 -5.53 -11.97 -48.78
CA VAL C 405 -6.57 -12.42 -47.85
C VAL C 405 -7.89 -12.56 -48.58
N ALA C 406 -8.23 -11.57 -49.40
CA ALA C 406 -9.49 -11.62 -50.15
C ALA C 406 -9.52 -12.84 -51.06
N GLU C 407 -8.41 -13.15 -51.73
CA GLU C 407 -8.38 -14.33 -52.57
C GLU C 407 -8.62 -15.58 -51.74
N THR C 408 -8.01 -15.66 -50.56
CA THR C 408 -8.32 -16.77 -49.69
C THR C 408 -9.79 -16.75 -49.30
N ILE C 409 -10.32 -15.57 -48.96
CA ILE C 409 -11.73 -15.50 -48.61
C ILE C 409 -12.58 -16.00 -49.77
N LYS C 410 -12.21 -15.63 -51.00
CA LYS C 410 -13.03 -15.99 -52.14
C LYS C 410 -13.00 -17.48 -52.48
N ASP C 411 -12.16 -18.30 -51.82
CA ASP C 411 -12.23 -19.77 -51.97
C ASP C 411 -13.49 -20.37 -51.38
N GLY C 412 -14.18 -19.66 -50.49
CA GLY C 412 -15.45 -20.11 -49.97
C GLY C 412 -15.40 -21.00 -48.75
N SER C 413 -14.23 -21.29 -48.24
CA SER C 413 -14.15 -22.15 -47.07
C SER C 413 -14.15 -21.36 -45.76
N GLY C 414 -14.12 -20.03 -45.82
CA GLY C 414 -14.15 -19.22 -44.62
C GLY C 414 -12.80 -18.75 -44.11
N PHE C 415 -11.72 -18.96 -44.86
CA PHE C 415 -10.42 -18.59 -44.32
C PHE C 415 -9.88 -17.35 -45.00
N PRO C 416 -9.13 -16.52 -44.27
CA PRO C 416 -8.95 -16.69 -42.83
C PRO C 416 -9.96 -15.82 -42.11
N LYS C 417 -10.17 -16.03 -40.82
CA LYS C 417 -10.94 -15.05 -40.07
C LYS C 417 -10.07 -13.83 -39.79
N LEU C 418 -10.71 -12.68 -39.67
CA LEU C 418 -10.05 -11.39 -39.53
C LEU C 418 -10.16 -10.86 -38.10
N ILE C 419 -9.01 -10.50 -37.52
CA ILE C 419 -8.94 -9.90 -36.19
C ILE C 419 -8.27 -8.53 -36.30
N ASN C 420 -8.83 -7.53 -35.62
CA ASN C 420 -8.50 -6.12 -35.86
C ASN C 420 -7.55 -5.56 -34.79
N ASP C 421 -6.29 -5.32 -35.17
CA ASP C 421 -5.34 -4.64 -34.29
C ASP C 421 -5.90 -3.36 -33.71
N GLU C 422 -6.60 -2.56 -34.53
CA GLU C 422 -7.00 -1.23 -34.06
C GLU C 422 -8.02 -1.28 -32.94
N GLU C 423 -8.70 -2.42 -32.78
CA GLU C 423 -9.60 -2.62 -31.66
C GLU C 423 -8.88 -3.28 -30.48
N VAL C 424 -8.01 -4.26 -30.75
CA VAL C 424 -7.36 -5.01 -29.66
C VAL C 424 -6.32 -4.15 -28.95
N VAL C 425 -5.42 -3.52 -29.70
CA VAL C 425 -4.26 -2.87 -29.08
C VAL C 425 -4.64 -1.75 -28.14
N PRO C 426 -5.50 -0.80 -28.50
CA PRO C 426 -5.91 0.21 -27.51
C PRO C 426 -6.63 -0.40 -26.32
N LEU C 427 -7.48 -1.41 -26.53
CA LEU C 427 -8.17 -2.01 -25.40
C LEU C 427 -7.17 -2.66 -24.44
N TYR C 428 -6.08 -3.22 -24.96
CA TYR C 428 -5.16 -3.94 -24.10
C TYR C 428 -4.20 -3.00 -23.38
N VAL C 429 -3.73 -1.93 -24.05
CA VAL C 429 -2.93 -0.96 -23.32
C VAL C 429 -3.76 -0.24 -22.27
N SER C 430 -5.05 -0.03 -22.50
CA SER C 430 -5.88 0.59 -21.46
C SER C 430 -6.01 -0.30 -20.25
N LYS C 431 -5.67 -1.59 -20.37
CA LYS C 431 -5.74 -2.50 -19.25
C LYS C 431 -4.37 -2.90 -18.71
N GLY C 432 -3.32 -2.15 -19.06
CA GLY C 432 -2.01 -2.33 -18.44
C GLY C 432 -0.95 -2.97 -19.31
N ALA C 433 -1.25 -3.34 -20.55
CA ALA C 433 -0.24 -3.91 -21.39
C ALA C 433 0.67 -2.80 -21.94
N THR C 434 1.98 -3.07 -21.98
CA THR C 434 2.84 -2.22 -22.78
C THR C 434 2.41 -2.30 -24.25
N PHE C 435 2.82 -1.30 -25.03
CA PHE C 435 2.48 -1.30 -26.45
C PHE C 435 3.14 -2.47 -27.18
N ALA C 436 4.38 -2.80 -26.80
CA ALA C 436 5.03 -3.97 -27.38
C ALA C 436 4.24 -5.25 -27.11
N GLU C 437 3.80 -5.46 -25.86
CA GLU C 437 3.00 -6.64 -25.53
C GLU C 437 1.71 -6.67 -26.31
N ALA C 438 0.99 -5.55 -26.31
CA ALA C 438 -0.27 -5.50 -27.04
C ALA C 438 -0.03 -5.73 -28.53
N LEU C 439 0.94 -5.01 -29.11
CA LEU C 439 1.20 -5.15 -30.55
C LEU C 439 1.59 -6.57 -30.94
N ASP C 440 2.19 -7.32 -30.03
CA ASP C 440 2.67 -8.67 -30.33
C ASP C 440 1.64 -9.75 -30.01
N TYR C 441 0.37 -9.40 -29.93
CA TYR C 441 -0.60 -10.38 -29.48
C TYR C 441 -0.80 -11.50 -30.49
N ALA C 442 -1.19 -12.65 -29.96
CA ALA C 442 -1.55 -13.82 -30.73
C ALA C 442 -3.06 -14.01 -30.67
N VAL C 443 -3.65 -14.46 -31.77
CA VAL C 443 -5.04 -14.89 -31.74
C VAL C 443 -5.10 -16.24 -31.04
N SER C 444 -6.15 -16.45 -30.26
CA SER C 444 -6.26 -17.67 -29.48
C SER C 444 -7.72 -18.08 -29.49
N GLY C 445 -7.98 -19.35 -29.79
CA GLY C 445 -9.35 -19.82 -29.83
C GLY C 445 -10.13 -19.14 -30.93
N CYS C 446 -11.38 -18.82 -30.62
CA CYS C 446 -12.29 -18.27 -31.61
C CYS C 446 -11.79 -16.93 -32.12
N THR C 447 -11.67 -15.96 -31.21
CA THR C 447 -11.43 -14.59 -31.61
C THR C 447 -10.58 -13.85 -30.59
N GLU C 448 -9.96 -14.57 -29.67
CA GLU C 448 -9.34 -13.97 -28.50
C GLU C 448 -7.90 -13.59 -28.78
N ALA C 449 -7.41 -12.61 -28.02
CA ALA C 449 -6.05 -12.11 -28.14
C ALA C 449 -5.29 -12.40 -26.86
N ARG C 450 -4.06 -12.90 -27.01
CA ARG C 450 -3.25 -13.32 -25.89
C ARG C 450 -1.87 -12.70 -25.98
N MET C 451 -1.36 -12.32 -24.82
CA MET C 451 0.04 -11.94 -24.66
C MET C 451 0.69 -13.06 -23.86
N PRO C 452 1.44 -13.97 -24.51
CA PRO C 452 1.76 -15.25 -23.85
C PRO C 452 2.56 -15.13 -22.56
N ASN C 453 3.19 -13.99 -22.28
CA ASN C 453 3.91 -13.84 -21.02
C ASN C 453 3.30 -12.77 -20.11
N ARG C 454 2.12 -12.26 -20.46
CA ARG C 454 1.42 -11.31 -19.63
C ARG C 454 0.05 -11.78 -19.23
N ASP C 455 -0.71 -12.38 -20.13
CA ASP C 455 -2.00 -12.99 -19.76
C ASP C 455 -1.83 -14.03 -18.66
N THR C 456 -2.69 -13.96 -17.65
CA THR C 456 -2.67 -14.93 -16.56
C THR C 456 -4.02 -15.61 -16.29
N TYR C 457 -5.09 -15.20 -16.96
CA TYR C 457 -6.42 -15.73 -16.70
C TYR C 457 -6.74 -16.94 -17.58
N THR C 458 -7.28 -18.00 -16.97
CA THR C 458 -7.45 -19.29 -17.63
C THR C 458 -8.79 -19.97 -17.38
N SER C 459 -9.75 -19.32 -16.73
CA SER C 459 -10.98 -19.98 -16.28
C SER C 459 -12.12 -19.79 -17.29
N GLY C 460 -12.84 -20.88 -17.59
CA GLY C 460 -14.00 -20.78 -18.47
C GLY C 460 -15.10 -19.93 -17.84
N GLY C 461 -15.71 -19.08 -18.66
CA GLY C 461 -16.69 -18.12 -18.19
C GLY C 461 -18.13 -18.50 -18.54
N ALA C 462 -19.07 -17.72 -18.01
CA ALA C 462 -20.47 -18.02 -18.23
C ALA C 462 -20.86 -17.78 -19.69
N TYR C 463 -21.81 -18.57 -20.17
CA TYR C 463 -22.47 -18.32 -21.44
C TYR C 463 -23.94 -18.13 -21.12
N ILE C 464 -24.44 -16.91 -21.35
CA ILE C 464 -25.73 -16.47 -20.81
C ILE C 464 -26.74 -16.36 -21.95
N ASN C 465 -27.86 -17.08 -21.79
CA ASN C 465 -28.95 -17.13 -22.76
C ASN C 465 -29.86 -15.92 -22.53
N PHE C 466 -29.49 -14.80 -23.12
CA PHE C 466 -30.29 -13.60 -22.88
C PHE C 466 -31.63 -13.63 -23.60
N ALA C 467 -31.82 -14.52 -24.58
CA ALA C 467 -33.16 -14.76 -25.11
C ALA C 467 -34.08 -15.33 -24.04
N ALA C 468 -33.55 -16.23 -23.18
CA ALA C 468 -34.37 -16.75 -22.08
C ALA C 468 -34.73 -15.66 -21.06
N ALA C 469 -33.78 -14.75 -20.78
CA ALA C 469 -34.12 -13.62 -19.92
C ALA C 469 -35.28 -12.84 -20.50
N LEU C 470 -35.28 -12.62 -21.82
CA LEU C 470 -36.42 -11.97 -22.48
C LEU C 470 -37.68 -12.82 -22.37
N GLU C 471 -37.55 -14.13 -22.58
CA GLU C 471 -38.72 -14.99 -22.42
C GLU C 471 -39.28 -14.87 -21.01
N MET C 472 -38.41 -14.71 -20.00
CA MET C 472 -38.85 -14.57 -18.62
C MET C 472 -39.56 -13.26 -18.35
N VAL C 473 -39.34 -12.23 -19.18
CA VAL C 473 -40.21 -11.06 -19.13
C VAL C 473 -41.58 -11.42 -19.67
N LEU C 474 -41.62 -12.15 -20.79
CA LEU C 474 -42.89 -12.52 -21.40
C LEU C 474 -43.72 -13.41 -20.49
N TYR C 475 -43.08 -14.24 -19.67
CA TYR C 475 -43.80 -15.21 -18.85
C TYR C 475 -43.48 -15.04 -17.37
N ASN C 476 -43.14 -13.82 -16.96
CA ASN C 476 -43.07 -13.47 -15.54
C ASN C 476 -42.23 -14.48 -14.75
N GLY C 477 -40.98 -14.67 -15.19
CA GLY C 477 -40.04 -15.52 -14.49
C GLY C 477 -39.98 -16.96 -14.96
N LYS C 478 -40.84 -17.36 -15.90
CA LYS C 478 -40.90 -18.75 -16.35
C LYS C 478 -40.47 -18.85 -17.81
N MET C 479 -40.19 -20.08 -18.24
CA MET C 479 -39.93 -20.38 -19.64
C MET C 479 -40.78 -21.55 -20.08
N LEU C 480 -41.37 -21.45 -21.29
CA LEU C 480 -42.22 -22.52 -21.76
C LEU C 480 -41.52 -23.87 -21.68
N LYS C 481 -40.25 -23.92 -22.05
CA LYS C 481 -39.51 -25.17 -22.01
C LYS C 481 -39.56 -25.80 -20.63
N TYR C 482 -39.60 -24.98 -19.58
CA TYR C 482 -39.51 -25.48 -18.20
C TYR C 482 -40.82 -25.35 -17.43
N GLY C 483 -41.93 -25.09 -18.11
CA GLY C 483 -43.22 -25.13 -17.44
C GLY C 483 -43.31 -24.14 -16.30
N ASP C 484 -43.75 -24.64 -15.16
CA ASP C 484 -43.99 -23.83 -13.97
C ASP C 484 -42.74 -23.65 -13.12
N THR C 485 -41.58 -24.13 -13.59
CA THR C 485 -40.33 -23.95 -12.87
C THR C 485 -40.08 -22.46 -12.61
N ASP C 486 -39.87 -22.13 -11.35
CA ASP C 486 -39.61 -20.77 -10.88
C ASP C 486 -38.14 -20.45 -11.15
N LEU C 487 -37.89 -19.81 -12.29
CA LEU C 487 -36.53 -19.55 -12.76
C LEU C 487 -36.07 -18.11 -12.48
N GLY C 488 -36.75 -17.12 -13.07
CA GLY C 488 -36.28 -15.76 -13.05
C GLY C 488 -37.06 -14.88 -12.08
N ALA C 489 -36.76 -13.58 -12.13
CA ALA C 489 -37.43 -12.62 -11.27
C ALA C 489 -38.88 -12.46 -11.71
N HIS C 490 -39.75 -12.20 -10.74
CA HIS C 490 -41.17 -12.00 -11.03
C HIS C 490 -41.36 -10.55 -11.47
N THR C 491 -41.09 -10.32 -12.75
CA THR C 491 -41.18 -8.97 -13.29
C THR C 491 -42.60 -8.53 -13.58
N GLY C 492 -43.57 -9.43 -13.48
CA GLY C 492 -44.98 -9.08 -13.58
C GLY C 492 -45.63 -9.65 -14.83
N ASP C 493 -46.94 -9.58 -14.84
CA ASP C 493 -47.67 -9.97 -16.05
C ASP C 493 -47.40 -8.94 -17.14
N PRO C 494 -46.78 -9.33 -18.26
CA PRO C 494 -46.48 -8.35 -19.31
C PRO C 494 -47.72 -7.68 -19.88
N CYS C 495 -48.88 -8.33 -19.82
CA CYS C 495 -50.13 -7.68 -20.28
C CYS C 495 -50.59 -6.56 -19.35
N GLU C 496 -49.93 -6.36 -18.21
CA GLU C 496 -50.25 -5.25 -17.32
C GLU C 496 -49.37 -4.03 -17.55
N PHE C 497 -48.28 -4.16 -18.29
CA PHE C 497 -47.41 -3.01 -18.52
C PHE C 497 -48.15 -1.95 -19.33
N LYS C 498 -48.20 -0.72 -18.81
CA LYS C 498 -48.90 0.34 -19.50
C LYS C 498 -47.99 1.10 -20.47
N THR C 499 -46.68 1.09 -20.24
CA THR C 499 -45.73 1.78 -21.11
C THR C 499 -44.58 0.86 -21.47
N TRP C 500 -43.85 1.25 -22.51
CA TRP C 500 -42.67 0.50 -22.94
C TRP C 500 -41.60 0.47 -21.85
N GLU C 501 -41.49 1.53 -21.05
CA GLU C 501 -40.45 1.58 -20.02
C GLU C 501 -40.63 0.45 -19.01
N GLU C 502 -41.87 0.06 -18.71
CA GLU C 502 -42.04 -1.11 -17.84
C GLU C 502 -41.52 -2.36 -18.51
N PHE C 503 -41.73 -2.50 -19.82
CA PHE C 503 -41.19 -3.69 -20.48
C PHE C 503 -39.66 -3.68 -20.45
N TRP C 504 -39.05 -2.55 -20.84
CA TRP C 504 -37.59 -2.43 -20.82
C TRP C 504 -37.04 -2.67 -19.42
N ASN C 505 -37.66 -2.04 -18.41
CA ASN C 505 -37.26 -2.27 -17.03
C ASN C 505 -37.34 -3.76 -16.68
N ALA C 506 -38.40 -4.44 -17.10
CA ALA C 506 -38.48 -5.87 -16.80
C ALA C 506 -37.31 -6.63 -17.43
N TYR C 507 -36.98 -6.34 -18.70
CA TYR C 507 -35.83 -7.02 -19.32
C TYR C 507 -34.55 -6.72 -18.54
N VAL C 508 -34.35 -5.46 -18.18
CA VAL C 508 -33.17 -5.05 -17.43
C VAL C 508 -33.06 -5.86 -16.13
N THR C 509 -34.20 -6.07 -15.46
CA THR C 509 -34.21 -6.88 -14.24
C THR C 509 -33.70 -8.29 -14.52
N GLN C 510 -34.23 -8.95 -15.55
CA GLN C 510 -33.76 -10.30 -15.89
C GLN C 510 -32.31 -10.26 -16.34
N HIS C 511 -31.96 -9.23 -17.13
CA HIS C 511 -30.57 -9.07 -17.57
C HIS C 511 -29.63 -8.98 -16.37
N HIS C 512 -30.00 -8.22 -15.34
CA HIS C 512 -29.14 -8.08 -14.16
C HIS C 512 -29.18 -9.34 -13.28
N LEU C 513 -30.31 -10.05 -13.26
CA LEU C 513 -30.36 -11.32 -12.53
C LEU C 513 -29.33 -12.32 -13.10
N PHE C 514 -29.26 -12.41 -14.42
CA PHE C 514 -28.30 -13.31 -15.04
C PHE C 514 -26.86 -12.88 -14.79
N LEU C 515 -26.58 -11.57 -14.91
CA LEU C 515 -25.23 -11.09 -14.61
C LEU C 515 -24.83 -11.42 -13.18
N LYS C 516 -25.71 -11.13 -12.22
CA LYS C 516 -25.41 -11.49 -10.83
C LYS C 516 -25.11 -12.99 -10.74
N THR C 517 -25.94 -13.82 -11.39
CA THR C 517 -25.72 -15.26 -11.37
C THR C 517 -24.35 -15.63 -11.91
N ALA C 518 -23.98 -15.11 -13.08
CA ALA C 518 -22.72 -15.51 -13.69
C ALA C 518 -21.54 -15.08 -12.83
N PHE C 519 -21.61 -13.88 -12.23
CA PHE C 519 -20.48 -13.39 -11.46
C PHE C 519 -20.33 -14.17 -10.16
N VAL C 520 -21.44 -14.64 -9.57
CA VAL C 520 -21.32 -15.56 -8.43
C VAL C 520 -20.71 -16.88 -8.87
N GLN C 521 -21.15 -17.40 -10.01
CA GLN C 521 -20.53 -18.58 -10.61
C GLN C 521 -19.04 -18.40 -10.75
N GLN C 522 -18.62 -17.27 -11.34
CA GLN C 522 -17.21 -17.10 -11.65
C GLN C 522 -16.38 -16.98 -10.37
N HIS C 523 -16.90 -16.27 -9.37
CA HIS C 523 -16.21 -16.17 -8.08
C HIS C 523 -15.93 -17.56 -7.51
N ILE C 524 -16.93 -18.44 -7.53
CA ILE C 524 -16.74 -19.80 -7.02
C ILE C 524 -15.83 -20.60 -7.96
N ILE C 525 -16.04 -20.45 -9.27
CA ILE C 525 -15.26 -21.20 -10.26
C ILE C 525 -13.77 -20.87 -10.14
N ASN C 526 -13.41 -19.58 -10.15
CA ASN C 526 -12.00 -19.19 -10.19
C ASN C 526 -11.23 -19.75 -8.99
N ASN C 527 -11.88 -19.80 -7.83
CA ASN C 527 -11.24 -20.36 -6.65
C ASN C 527 -11.21 -21.88 -6.67
N LEU C 528 -12.21 -22.52 -7.25
CA LEU C 528 -12.23 -23.98 -7.28
C LEU C 528 -11.19 -24.56 -8.25
N ARG C 529 -11.10 -24.01 -9.48
CA ARG C 529 -10.27 -24.64 -10.50
C ARG C 529 -8.86 -24.90 -10.01
N ALA C 530 -8.32 -23.98 -9.20
CA ALA C 530 -6.96 -24.09 -8.69
C ALA C 530 -6.75 -25.34 -7.86
N ARG C 531 -7.83 -25.96 -7.37
CA ARG C 531 -7.73 -27.22 -6.66
C ARG C 531 -7.85 -28.43 -7.58
N HIS C 532 -8.16 -28.23 -8.87
CA HIS C 532 -8.31 -29.38 -9.76
C HIS C 532 -7.42 -29.35 -10.98
N PHE C 533 -6.91 -28.19 -11.39
CA PHE C 533 -6.10 -28.08 -12.59
C PHE C 533 -4.75 -27.42 -12.32
N ALA C 534 -3.70 -27.99 -12.89
CA ALA C 534 -2.40 -27.32 -12.97
C ALA C 534 -1.87 -27.51 -14.38
N GLN C 535 -0.92 -26.66 -14.77
CA GLN C 535 -0.41 -26.59 -16.13
C GLN C 535 1.10 -26.37 -16.08
N PRO C 536 1.85 -27.37 -15.65
CA PRO C 536 3.30 -27.17 -15.47
C PRO C 536 4.04 -26.84 -16.74
N MET C 537 3.83 -27.58 -17.83
CA MET C 537 4.58 -27.25 -19.02
C MET C 537 4.22 -25.85 -19.51
N GLY C 538 2.92 -25.52 -19.52
CA GLY C 538 2.51 -24.18 -19.87
C GLY C 538 3.04 -23.12 -18.92
N SER C 539 3.15 -23.45 -17.63
CA SER C 539 3.67 -22.47 -16.68
C SER C 539 5.16 -22.22 -16.90
N SER C 540 5.92 -23.24 -17.30
CA SER C 540 7.36 -23.08 -17.47
C SER C 540 7.70 -22.13 -18.60
N LEU C 541 6.76 -21.88 -19.52
CA LEU C 541 6.98 -21.00 -20.65
C LEU C 541 6.38 -19.61 -20.43
N HIS C 542 5.97 -19.30 -19.21
CA HIS C 542 5.36 -18.02 -18.89
C HIS C 542 6.30 -17.24 -17.97
N ASP C 543 6.68 -16.02 -18.40
CA ASP C 543 7.66 -15.23 -17.64
C ASP C 543 7.19 -15.01 -16.20
N LEU C 544 5.92 -14.63 -16.03
CA LEU C 544 5.42 -14.28 -14.70
C LEU C 544 5.25 -15.53 -13.84
N CYS C 545 4.81 -16.65 -14.44
CA CYS C 545 4.76 -17.92 -13.74
C CYS C 545 6.12 -18.28 -13.16
N MET C 546 7.17 -18.20 -13.97
CA MET C 546 8.49 -18.60 -13.48
C MET C 546 9.02 -17.60 -12.47
N LYS C 547 8.77 -16.31 -12.69
CA LYS C 547 9.29 -15.28 -11.82
C LYS C 547 8.70 -15.39 -10.41
N HIS C 548 7.41 -15.64 -10.31
CA HIS C 548 6.71 -15.64 -9.05
C HIS C 548 6.43 -17.03 -8.52
N CYS C 549 6.85 -18.07 -9.25
CA CYS C 549 6.65 -19.45 -8.84
C CYS C 549 5.17 -19.74 -8.53
N LEU C 550 4.34 -19.59 -9.57
CA LEU C 550 2.89 -19.84 -9.45
C LEU C 550 2.38 -20.52 -10.71
N ASP C 551 1.57 -21.57 -10.52
CA ASP C 551 0.99 -22.24 -11.66
C ASP C 551 -0.02 -21.35 -12.37
N LEU C 552 -0.06 -21.48 -13.69
CA LEU C 552 -0.93 -20.65 -14.53
C LEU C 552 -2.36 -20.56 -13.97
N HIS C 553 -2.87 -21.64 -13.38
CA HIS C 553 -4.25 -21.67 -12.91
C HIS C 553 -4.42 -21.11 -11.49
N THR C 554 -3.34 -20.62 -10.87
CA THR C 554 -3.55 -19.84 -9.66
C THR C 554 -4.50 -18.70 -9.98
N PRO C 555 -5.43 -18.38 -9.09
CA PRO C 555 -6.36 -17.29 -9.40
C PRO C 555 -5.67 -15.95 -9.61
N GLN C 556 -4.75 -15.55 -8.73
CA GLN C 556 -4.06 -14.27 -8.85
C GLN C 556 -2.56 -14.51 -8.98
N ILE C 557 -1.95 -13.90 -9.99
CA ILE C 557 -0.52 -13.96 -10.21
C ILE C 557 0.05 -12.55 -10.26
N PRO C 558 0.99 -12.18 -9.39
CA PRO C 558 1.49 -10.81 -9.39
C PRO C 558 2.03 -10.40 -10.77
N GLU C 559 1.72 -9.15 -11.14
CA GLU C 559 2.09 -8.51 -12.40
C GLU C 559 1.31 -9.02 -13.60
N GLY C 560 0.45 -10.04 -13.44
CA GLY C 560 -0.30 -10.54 -14.56
C GLY C 560 -1.52 -9.70 -14.87
N ILE C 561 -2.07 -9.86 -16.08
CA ILE C 561 -3.32 -9.22 -16.46
C ILE C 561 -4.36 -10.33 -16.69
N ASN C 562 -5.50 -10.23 -16.00
CA ASN C 562 -6.55 -11.24 -16.07
C ASN C 562 -7.66 -10.74 -17.00
N LEU C 563 -7.77 -11.37 -18.17
CA LEU C 563 -8.77 -11.05 -19.19
C LEU C 563 -9.70 -12.24 -19.36
N GLY C 564 -10.93 -12.13 -18.82
CA GLY C 564 -11.93 -13.18 -18.87
C GLY C 564 -13.25 -12.71 -19.46
N TYR C 565 -14.30 -13.52 -19.42
CA TYR C 565 -15.46 -13.25 -20.25
C TYR C 565 -16.75 -13.71 -19.59
N PHE C 566 -17.84 -13.06 -19.96
CA PHE C 566 -19.16 -13.63 -19.83
C PHE C 566 -19.91 -13.38 -21.13
N GLU C 567 -20.67 -14.36 -21.60
CA GLU C 567 -21.18 -14.29 -22.96
C GLU C 567 -22.62 -13.81 -23.01
N TYR C 568 -22.88 -12.90 -23.97
CA TYR C 568 -24.24 -12.53 -24.35
C TYR C 568 -24.58 -13.34 -25.61
N MET C 569 -25.54 -14.26 -25.48
CA MET C 569 -26.03 -15.06 -26.60
C MET C 569 -27.39 -14.54 -27.03
N GLY C 570 -27.57 -14.38 -28.34
CA GLY C 570 -28.84 -13.94 -28.88
C GLY C 570 -29.02 -12.44 -29.01
N PHE C 571 -27.94 -11.69 -29.22
CA PHE C 571 -28.06 -10.23 -29.28
C PHE C 571 -29.13 -9.81 -30.29
N GLY C 572 -28.95 -10.18 -31.57
CA GLY C 572 -29.93 -9.80 -32.58
C GLY C 572 -31.32 -10.26 -32.22
N THR C 573 -31.47 -11.54 -31.84
CA THR C 573 -32.76 -12.08 -31.44
C THR C 573 -33.43 -11.18 -30.40
N VAL C 574 -32.66 -10.72 -29.41
CA VAL C 574 -33.26 -9.92 -28.35
C VAL C 574 -33.53 -8.50 -28.83
N VAL C 575 -32.56 -7.87 -29.49
CA VAL C 575 -32.75 -6.51 -29.99
C VAL C 575 -33.99 -6.43 -30.88
N ASP C 576 -34.10 -7.34 -31.84
CA ASP C 576 -35.21 -7.24 -32.77
C ASP C 576 -36.51 -7.49 -32.06
N SER C 577 -36.53 -8.49 -31.17
CA SER C 577 -37.72 -8.78 -30.37
C SER C 577 -38.12 -7.56 -29.52
N LEU C 578 -37.17 -6.96 -28.83
CA LEU C 578 -37.53 -5.77 -28.06
C LEU C 578 -37.98 -4.65 -28.98
N SER C 579 -37.32 -4.49 -30.13
CA SER C 579 -37.71 -3.45 -31.07
C SER C 579 -39.15 -3.64 -31.56
N ALA C 580 -39.53 -4.88 -31.89
CA ALA C 580 -40.90 -5.14 -32.35
C ALA C 580 -41.93 -4.78 -31.28
N ILE C 581 -41.67 -5.13 -30.02
CA ILE C 581 -42.61 -4.82 -28.94
C ILE C 581 -42.75 -3.31 -28.76
N LYS C 582 -41.63 -2.60 -28.70
CA LYS C 582 -41.68 -1.14 -28.51
C LYS C 582 -42.46 -0.46 -29.63
N LYS C 583 -42.15 -0.78 -30.89
CA LYS C 583 -42.76 -0.08 -32.03
C LYS C 583 -44.21 -0.51 -32.22
N LEU C 584 -44.47 -1.83 -32.21
CA LEU C 584 -45.77 -2.39 -32.61
C LEU C 584 -46.78 -2.52 -31.48
N VAL C 585 -46.32 -2.71 -30.24
CA VAL C 585 -47.24 -2.88 -29.12
C VAL C 585 -47.49 -1.57 -28.40
N PHE C 586 -46.43 -0.80 -28.14
CA PHE C 586 -46.56 0.38 -27.29
C PHE C 586 -46.68 1.69 -28.09
N GLU C 587 -45.94 1.84 -29.17
CA GLU C 587 -45.89 3.11 -29.89
C GLU C 587 -46.93 3.21 -31.01
N ASP C 588 -46.96 2.23 -31.91
CA ASP C 588 -47.96 2.19 -32.98
C ASP C 588 -49.23 1.45 -32.60
N LYS C 589 -49.22 0.72 -31.48
CA LYS C 589 -50.42 0.02 -30.98
C LYS C 589 -51.04 -0.86 -32.07
N LYS C 590 -50.18 -1.46 -32.91
CA LYS C 590 -50.63 -2.39 -33.94
C LYS C 590 -51.12 -3.70 -33.35
N LEU C 591 -50.72 -4.03 -32.13
CA LEU C 591 -51.25 -5.22 -31.48
C LEU C 591 -51.05 -5.11 -29.98
N THR C 592 -51.87 -5.85 -29.23
CA THR C 592 -51.78 -5.84 -27.79
C THR C 592 -50.73 -6.85 -27.32
N MET C 593 -50.31 -6.70 -26.07
CA MET C 593 -49.43 -7.71 -25.50
C MET C 593 -50.12 -9.07 -25.51
N GLY C 594 -51.41 -9.10 -25.21
CA GLY C 594 -52.14 -10.35 -25.19
C GLY C 594 -52.17 -11.05 -26.55
N GLU C 595 -52.25 -10.26 -27.63
CA GLU C 595 -52.21 -10.87 -28.96
C GLU C 595 -50.83 -11.42 -29.26
N LEU C 596 -49.78 -10.67 -28.90
CA LEU C 596 -48.43 -11.16 -29.13
C LEU C 596 -48.20 -12.47 -28.38
N ILE C 597 -48.57 -12.50 -27.11
CA ILE C 597 -48.35 -13.69 -26.31
C ILE C 597 -49.05 -14.89 -26.93
N GLU C 598 -50.33 -14.72 -27.29
CA GLU C 598 -51.09 -15.81 -27.90
C GLU C 598 -50.43 -16.29 -29.18
N ALA C 599 -49.97 -15.37 -30.02
CA ALA C 599 -49.28 -15.78 -31.23
C ALA C 599 -48.03 -16.58 -30.90
N LEU C 600 -47.32 -16.19 -29.82
CA LEU C 600 -46.11 -16.90 -29.44
C LEU C 600 -46.43 -18.31 -28.92
N LYS C 601 -47.46 -18.41 -28.08
CA LYS C 601 -47.80 -19.66 -27.42
C LYS C 601 -48.07 -20.78 -28.44
N CYS C 602 -48.68 -20.45 -29.57
CA CYS C 602 -48.96 -21.41 -30.61
C CYS C 602 -47.91 -21.41 -31.72
N ASN C 603 -46.72 -20.86 -31.46
CA ASN C 603 -45.61 -20.89 -32.42
C ASN C 603 -46.01 -20.32 -33.79
N PHE C 604 -46.84 -19.28 -33.77
CA PHE C 604 -47.30 -18.54 -34.96
C PHE C 604 -48.23 -19.36 -35.86
N GLU C 605 -48.57 -20.59 -35.50
CA GLU C 605 -49.53 -21.40 -36.23
C GLU C 605 -50.92 -20.78 -36.14
N GLY C 606 -51.49 -20.40 -37.27
CA GLY C 606 -52.74 -19.65 -37.25
C GLY C 606 -52.57 -18.18 -37.00
N LYS C 607 -51.34 -17.72 -36.79
CA LYS C 607 -51.01 -16.32 -36.60
C LYS C 607 -49.87 -15.94 -37.53
N GLU C 608 -49.84 -16.55 -38.72
CA GLU C 608 -48.70 -16.34 -39.60
C GLU C 608 -48.61 -14.89 -40.06
N ASP C 609 -49.74 -14.19 -40.12
CA ASP C 609 -49.70 -12.77 -40.46
C ASP C 609 -49.13 -11.95 -39.30
N ILE C 610 -49.49 -12.26 -38.06
CA ILE C 610 -48.83 -11.60 -36.93
C ILE C 610 -47.33 -11.85 -36.99
N GLN C 611 -46.94 -13.08 -37.32
CA GLN C 611 -45.53 -13.37 -37.50
C GLN C 611 -44.89 -12.42 -38.51
N GLN C 612 -45.55 -12.21 -39.66
CA GLN C 612 -44.99 -11.32 -40.66
C GLN C 612 -45.01 -9.86 -40.20
N LEU C 613 -46.06 -9.46 -39.48
CA LEU C 613 -46.11 -8.11 -38.92
C LEU C 613 -44.94 -7.84 -37.98
N LEU C 614 -44.63 -8.80 -37.09
CA LEU C 614 -43.50 -8.60 -36.19
C LEU C 614 -42.20 -8.51 -36.96
N LYS C 615 -42.08 -9.24 -38.06
CA LYS C 615 -40.86 -9.21 -38.86
C LYS C 615 -40.70 -7.91 -39.65
N SER C 616 -41.62 -6.94 -39.50
CA SER C 616 -41.56 -5.69 -40.24
C SER C 616 -41.02 -4.54 -39.40
N ALA C 617 -40.75 -4.76 -38.11
CA ALA C 617 -40.24 -3.68 -37.29
C ALA C 617 -38.76 -3.47 -37.58
N PRO C 618 -38.20 -2.33 -37.15
CA PRO C 618 -36.78 -2.09 -37.39
C PRO C 618 -35.92 -3.16 -36.73
N CYS C 619 -34.88 -3.57 -37.43
CA CYS C 619 -34.02 -4.67 -37.01
C CYS C 619 -32.56 -4.24 -36.96
N TYR C 620 -31.82 -4.88 -36.03
CA TYR C 620 -30.38 -4.72 -35.93
C TYR C 620 -29.66 -5.19 -37.19
N GLY C 621 -28.60 -4.49 -37.56
CA GLY C 621 -27.86 -4.78 -38.77
C GLY C 621 -28.28 -3.99 -39.99
N ASN C 622 -29.05 -2.92 -39.81
CA ASN C 622 -29.53 -2.07 -40.91
C ASN C 622 -29.08 -0.62 -40.80
N ASN C 623 -28.16 -0.30 -39.89
CA ASN C 623 -27.80 1.09 -39.60
C ASN C 623 -29.06 1.91 -39.29
N ASP C 624 -29.96 1.30 -38.54
CA ASP C 624 -31.23 1.89 -38.12
C ASP C 624 -31.18 2.17 -36.62
N ASP C 625 -31.08 3.44 -36.25
CA ASP C 625 -30.89 3.78 -34.84
C ASP C 625 -32.07 3.35 -33.97
N TYR C 626 -33.24 3.10 -34.55
CA TYR C 626 -34.36 2.65 -33.73
C TYR C 626 -34.05 1.33 -33.04
N ALA C 627 -33.48 0.38 -33.77
CA ALA C 627 -33.07 -0.87 -33.18
C ALA C 627 -31.64 -0.81 -32.64
N ASP C 628 -30.74 -0.14 -33.36
CA ASP C 628 -29.35 -0.09 -32.91
C ASP C 628 -29.22 0.65 -31.58
N SER C 629 -30.10 1.61 -31.30
CA SER C 629 -30.07 2.29 -30.01
C SER C 629 -30.49 1.33 -28.89
N ILE C 630 -31.46 0.46 -29.16
CA ILE C 630 -31.81 -0.58 -28.19
C ILE C 630 -30.61 -1.49 -27.96
N ALA C 631 -29.97 -1.91 -29.05
CA ALA C 631 -28.80 -2.76 -28.93
C ALA C 631 -27.69 -2.07 -28.12
N ARG C 632 -27.44 -0.79 -28.42
CA ARG C 632 -26.42 -0.04 -27.69
C ARG C 632 -26.75 0.02 -26.20
N ASP C 633 -28.02 0.20 -25.88
CA ASP C 633 -28.39 0.24 -24.47
C ASP C 633 -28.29 -1.13 -23.83
N ILE C 634 -28.57 -2.21 -24.58
CA ILE C 634 -28.38 -3.55 -24.02
C ILE C 634 -26.90 -3.83 -23.79
N ASP C 635 -26.06 -3.44 -24.75
CA ASP C 635 -24.63 -3.61 -24.58
C ASP C 635 -24.14 -2.83 -23.36
N ALA C 636 -24.64 -1.60 -23.15
CA ALA C 636 -24.15 -0.78 -22.04
C ALA C 636 -24.44 -1.41 -20.67
N LEU C 637 -25.61 -2.06 -20.52
CA LEU C 637 -25.92 -2.75 -19.29
C LEU C 637 -24.78 -3.70 -18.88
N SER C 638 -24.26 -4.46 -19.85
CA SER C 638 -23.23 -5.44 -19.57
C SER C 638 -21.83 -4.82 -19.47
N VAL C 639 -21.54 -3.77 -20.24
CA VAL C 639 -20.27 -3.08 -20.07
C VAL C 639 -20.20 -2.46 -18.68
N LYS C 640 -21.26 -1.75 -18.27
CA LYS C 640 -21.25 -1.07 -16.98
C LYS C 640 -21.25 -2.05 -15.80
N TYR C 641 -21.96 -3.18 -15.94
CA TYR C 641 -21.90 -4.19 -14.88
C TYR C 641 -20.49 -4.72 -14.74
N GLY C 642 -19.86 -5.09 -15.87
CA GLY C 642 -18.49 -5.57 -15.82
C GLY C 642 -17.56 -4.55 -15.19
N ARG C 643 -17.63 -3.29 -15.65
CA ARG C 643 -16.75 -2.25 -15.11
C ARG C 643 -16.92 -2.13 -13.60
N ARG C 644 -18.14 -2.29 -13.12
CA ARG C 644 -18.42 -2.08 -11.70
C ARG C 644 -17.96 -3.27 -10.85
N TYR C 645 -18.21 -4.49 -11.31
CA TYR C 645 -18.11 -5.65 -10.44
C TYR C 645 -16.92 -6.56 -10.74
N SER C 646 -16.17 -6.29 -11.79
CA SER C 646 -14.98 -7.07 -12.12
C SER C 646 -13.85 -6.83 -11.13
N PRO C 647 -13.61 -5.60 -10.66
CA PRO C 647 -12.51 -5.39 -9.70
C PRO C 647 -12.60 -6.30 -8.49
N GLU C 648 -13.81 -6.60 -7.99
CA GLU C 648 -13.99 -7.52 -6.87
C GLU C 648 -13.42 -8.89 -7.17
N LEU C 649 -13.53 -9.34 -8.42
CA LEU C 649 -13.03 -10.64 -8.78
C LEU C 649 -11.55 -10.58 -9.19
N GLY C 650 -10.91 -9.40 -9.07
CA GLY C 650 -9.52 -9.23 -9.43
C GLY C 650 -9.22 -9.57 -10.87
N MET C 651 -10.02 -9.07 -11.79
CA MET C 651 -9.91 -9.43 -13.19
C MET C 651 -10.69 -8.44 -14.02
N HIS C 652 -10.55 -8.57 -15.34
CA HIS C 652 -11.43 -7.94 -16.31
C HIS C 652 -12.36 -9.04 -16.81
N ASN C 653 -13.60 -9.03 -16.34
CA ASN C 653 -14.63 -9.97 -16.79
C ASN C 653 -15.51 -9.21 -17.77
N ASP C 654 -15.14 -9.26 -19.06
CA ASP C 654 -15.68 -8.39 -20.09
C ASP C 654 -16.76 -9.10 -20.92
N VAL C 655 -17.78 -8.33 -21.29
CA VAL C 655 -18.84 -8.88 -22.09
C VAL C 655 -18.31 -9.23 -23.49
N ARG C 656 -18.63 -10.42 -23.94
CA ARG C 656 -18.14 -10.93 -25.21
C ARG C 656 -19.32 -11.59 -25.91
N TYR C 657 -19.24 -11.66 -27.24
CA TYR C 657 -20.34 -12.19 -28.07
C TYR C 657 -19.78 -13.21 -29.06
N VAL C 658 -19.18 -14.27 -28.52
CA VAL C 658 -18.59 -15.34 -29.33
C VAL C 658 -19.34 -16.63 -29.01
N PRO C 659 -20.07 -17.23 -29.99
CA PRO C 659 -21.06 -18.26 -29.65
C PRO C 659 -20.61 -19.71 -29.53
N PHE C 660 -19.42 -20.07 -30.00
CA PHE C 660 -19.20 -21.49 -30.27
C PHE C 660 -20.34 -21.92 -31.19
N THR C 661 -20.98 -23.06 -30.93
CA THR C 661 -22.28 -23.37 -31.52
C THR C 661 -23.37 -23.45 -30.45
N SER C 662 -23.17 -22.77 -29.32
CA SER C 662 -24.17 -22.85 -28.26
C SER C 662 -25.48 -22.16 -28.62
N HIS C 663 -25.50 -21.32 -29.65
CA HIS C 663 -26.77 -20.70 -30.00
C HIS C 663 -27.80 -21.72 -30.49
N VAL C 664 -27.37 -22.93 -30.85
CA VAL C 664 -28.29 -24.03 -31.20
C VAL C 664 -28.88 -24.61 -29.91
N PRO C 665 -28.09 -25.12 -28.96
CA PRO C 665 -28.71 -25.57 -27.71
C PRO C 665 -29.42 -24.45 -26.97
N PHE C 666 -28.88 -23.24 -27.02
CA PHE C 666 -29.59 -22.10 -26.43
C PHE C 666 -30.92 -21.86 -27.15
N GLY C 667 -30.94 -22.00 -28.48
CA GLY C 667 -32.19 -21.81 -29.20
C GLY C 667 -33.19 -22.93 -28.95
N ARG C 668 -32.70 -24.17 -28.81
CA ARG C 668 -33.57 -25.33 -28.58
C ARG C 668 -34.31 -25.23 -27.26
N VAL C 669 -33.98 -24.25 -26.41
CA VAL C 669 -34.68 -24.11 -25.15
C VAL C 669 -35.46 -22.81 -25.07
N VAL C 670 -35.43 -21.99 -26.12
CA VAL C 670 -36.12 -20.70 -26.17
C VAL C 670 -37.29 -20.81 -27.13
N SER C 671 -38.50 -20.50 -26.64
CA SER C 671 -39.73 -20.62 -27.43
C SER C 671 -39.84 -19.47 -28.42
N ALA C 672 -40.98 -19.35 -29.09
CA ALA C 672 -41.13 -18.33 -30.12
C ALA C 672 -40.96 -16.93 -29.51
N THR C 673 -40.18 -16.09 -30.19
CA THR C 673 -39.80 -14.76 -29.69
C THR C 673 -40.49 -13.66 -30.48
N PRO C 674 -40.63 -12.48 -29.89
CA PRO C 674 -41.42 -11.41 -30.53
C PRO C 674 -40.89 -10.96 -31.89
N ASN C 675 -39.67 -11.32 -32.26
CA ASN C 675 -39.13 -10.92 -33.56
C ASN C 675 -39.58 -11.83 -34.71
N GLY C 676 -40.40 -12.85 -34.46
CA GLY C 676 -40.83 -13.76 -35.50
C GLY C 676 -40.01 -15.02 -35.60
N ARG C 677 -39.01 -15.20 -34.76
CA ARG C 677 -38.24 -16.42 -34.78
C ARG C 677 -39.09 -17.59 -34.25
N LYS C 678 -38.97 -18.74 -34.89
CA LYS C 678 -39.76 -19.89 -34.51
C LYS C 678 -39.24 -20.51 -33.21
N ALA C 679 -40.14 -21.21 -32.54
CA ALA C 679 -39.79 -21.89 -31.30
C ALA C 679 -38.63 -22.87 -31.55
N TRP C 680 -37.74 -22.95 -30.56
CA TRP C 680 -36.65 -23.92 -30.50
C TRP C 680 -35.64 -23.79 -31.62
N SER C 681 -35.71 -22.74 -32.43
CA SER C 681 -34.72 -22.61 -33.48
C SER C 681 -33.53 -21.80 -32.98
N ALA C 682 -32.44 -21.87 -33.72
CA ALA C 682 -31.20 -21.22 -33.30
C ALA C 682 -31.44 -19.74 -33.01
N LEU C 683 -30.76 -19.24 -31.98
CA LEU C 683 -30.66 -17.79 -31.79
C LEU C 683 -29.70 -17.22 -32.84
N SER C 684 -29.76 -15.89 -33.03
CA SER C 684 -28.76 -15.26 -33.89
C SER C 684 -27.37 -15.58 -33.37
N ASP C 685 -26.38 -15.54 -34.26
CA ASP C 685 -25.01 -15.91 -33.93
C ASP C 685 -24.17 -14.67 -33.58
N GLY C 686 -23.43 -14.74 -32.48
CA GLY C 686 -22.51 -13.67 -32.13
C GLY C 686 -23.17 -12.32 -32.18
N SER C 687 -22.47 -11.34 -32.75
CA SER C 687 -23.05 -10.02 -32.97
C SER C 687 -23.53 -9.83 -34.39
N SER C 688 -23.80 -10.93 -35.09
CA SER C 688 -24.39 -10.87 -36.43
C SER C 688 -25.83 -10.37 -36.36
N ALA C 689 -26.36 -10.02 -37.53
CA ALA C 689 -27.76 -9.70 -37.65
C ALA C 689 -28.61 -10.96 -37.46
N SER C 690 -29.82 -10.77 -36.96
CA SER C 690 -30.76 -11.87 -36.88
C SER C 690 -31.07 -12.37 -38.30
N HIS C 691 -31.28 -13.68 -38.40
CA HIS C 691 -31.48 -14.38 -39.66
C HIS C 691 -32.39 -13.63 -40.61
N GLY C 692 -31.86 -13.30 -41.78
CA GLY C 692 -32.60 -12.66 -42.86
C GLY C 692 -33.11 -11.28 -42.54
N ALA C 693 -32.61 -10.69 -41.44
CA ALA C 693 -33.09 -9.38 -40.98
C ALA C 693 -32.24 -8.21 -41.48
N ASP C 694 -31.08 -8.49 -42.08
CA ASP C 694 -30.18 -7.46 -42.60
C ASP C 694 -30.54 -7.25 -44.07
N VAL C 695 -31.35 -6.24 -44.34
CA VAL C 695 -31.88 -6.01 -45.68
C VAL C 695 -31.35 -4.73 -46.29
N ASN C 696 -30.32 -4.12 -45.72
CA ASN C 696 -29.75 -2.88 -46.26
C ASN C 696 -28.29 -3.03 -46.68
N GLY C 697 -27.86 -4.25 -47.01
CA GLY C 697 -26.50 -4.47 -47.46
C GLY C 697 -25.54 -4.88 -46.36
N PRO C 698 -24.34 -5.32 -46.74
CA PRO C 698 -23.40 -5.86 -45.74
C PRO C 698 -22.65 -4.77 -44.99
N THR C 699 -22.47 -3.60 -45.63
CA THR C 699 -21.83 -2.49 -44.93
C THR C 699 -22.69 -1.99 -43.77
N ALA C 700 -24.02 -2.07 -43.90
CA ALA C 700 -24.90 -1.66 -42.83
C ALA C 700 -24.81 -2.59 -41.62
N ILE C 701 -24.31 -3.81 -41.80
CA ILE C 701 -24.04 -4.66 -40.63
C ILE C 701 -22.85 -4.13 -39.85
N LEU C 702 -21.77 -3.75 -40.56
CA LEU C 702 -20.62 -3.17 -39.87
C LEU C 702 -21.00 -1.90 -39.13
N GLN C 703 -21.82 -1.05 -39.75
CA GLN C 703 -22.23 0.18 -39.07
C GLN C 703 -23.10 -0.11 -37.85
N SER C 704 -23.99 -1.12 -37.91
CA SER C 704 -24.83 -1.44 -36.75
C SER C 704 -24.01 -2.02 -35.60
N ASN C 705 -23.02 -2.84 -35.90
CA ASN C 705 -22.10 -3.29 -34.86
C ASN C 705 -21.42 -2.11 -34.20
N PHE C 706 -21.05 -1.11 -34.99
CA PHE C 706 -20.47 0.08 -34.41
C PHE C 706 -21.47 0.81 -33.52
N ASN C 707 -22.69 1.01 -34.02
CA ASN C 707 -23.67 1.83 -33.30
C ASN C 707 -24.06 1.22 -31.97
N SER C 708 -24.03 -0.10 -31.88
CA SER C 708 -24.51 -0.83 -30.71
C SER C 708 -23.42 -1.02 -29.66
N LYS C 709 -22.24 -0.47 -29.88
CA LYS C 709 -21.15 -0.59 -28.93
C LYS C 709 -21.06 0.67 -28.06
N ASN C 710 -20.11 0.68 -27.14
CA ASN C 710 -19.96 1.78 -26.19
C ASN C 710 -18.47 2.01 -26.04
N TYR C 711 -17.87 2.66 -27.04
CA TYR C 711 -16.43 2.86 -27.09
C TYR C 711 -15.93 3.80 -26.02
N GLY C 712 -16.83 4.47 -25.29
CA GLY C 712 -16.40 5.31 -24.18
C GLY C 712 -15.86 4.55 -22.97
N MET C 713 -16.02 3.23 -22.94
CA MET C 713 -15.53 2.40 -21.85
C MET C 713 -14.79 1.20 -22.42
N ARG C 714 -13.86 0.65 -21.63
CA ARG C 714 -12.98 -0.44 -22.04
C ARG C 714 -13.52 -1.84 -21.73
N ASP C 715 -14.64 -1.95 -21.02
CA ASP C 715 -15.05 -3.24 -20.46
C ASP C 715 -15.80 -4.03 -21.53
N ARG C 716 -15.02 -4.50 -22.48
CA ARG C 716 -15.51 -5.09 -23.69
C ARG C 716 -14.48 -6.12 -24.14
N ALA C 717 -14.95 -7.21 -24.71
CA ALA C 717 -14.02 -8.12 -25.37
C ALA C 717 -14.48 -8.30 -26.81
N ALA C 718 -14.21 -9.46 -27.41
CA ALA C 718 -14.46 -9.65 -28.84
C ALA C 718 -15.95 -9.67 -29.14
N ARG C 719 -16.27 -9.42 -30.40
CA ARG C 719 -17.56 -9.74 -30.97
C ARG C 719 -17.33 -10.60 -32.21
N MET C 720 -18.00 -11.75 -32.27
CA MET C 720 -17.92 -12.63 -33.44
C MET C 720 -18.94 -12.15 -34.48
N LEU C 721 -18.46 -11.86 -35.70
CA LEU C 721 -19.31 -11.35 -36.76
C LEU C 721 -19.21 -12.28 -37.96
N ASN C 722 -20.34 -12.85 -38.36
CA ASN C 722 -20.44 -13.74 -39.52
C ASN C 722 -21.14 -13.00 -40.65
N ILE C 723 -20.50 -12.95 -41.82
CA ILE C 723 -21.11 -12.35 -43.01
C ILE C 723 -20.94 -13.28 -44.21
N LYS C 724 -22.00 -13.40 -45.00
CA LYS C 724 -22.03 -14.29 -46.16
C LYS C 724 -22.19 -13.47 -47.44
N PHE C 725 -21.24 -13.61 -48.37
CA PHE C 725 -21.39 -13.07 -49.72
C PHE C 725 -21.70 -14.20 -50.70
N THR C 726 -22.50 -13.90 -51.71
CA THR C 726 -22.60 -14.87 -52.78
C THR C 726 -21.34 -14.79 -53.63
N PRO C 727 -20.99 -15.88 -54.31
CA PRO C 727 -19.83 -15.82 -55.22
C PRO C 727 -19.90 -14.66 -56.20
N LYS C 728 -21.10 -14.36 -56.73
CA LYS C 728 -21.25 -13.25 -57.67
C LYS C 728 -20.82 -11.93 -57.03
N CYS C 729 -21.14 -11.73 -55.74
CA CYS C 729 -20.85 -10.47 -55.06
C CYS C 729 -19.35 -10.23 -54.96
N VAL C 730 -18.55 -11.28 -54.84
CA VAL C 730 -17.12 -11.16 -54.64
C VAL C 730 -16.35 -11.59 -55.88
N GLU C 731 -17.04 -11.75 -57.00
CA GLU C 731 -16.48 -12.31 -58.22
C GLU C 731 -15.47 -11.37 -58.88
N GLY C 732 -14.37 -11.96 -59.35
CA GLY C 732 -13.46 -11.25 -60.22
C GLY C 732 -12.61 -10.21 -59.50
N GLU C 733 -11.82 -9.50 -60.31
CA GLU C 733 -10.91 -8.49 -59.78
C GLU C 733 -11.66 -7.35 -59.09
N GLU C 734 -12.82 -6.94 -59.62
CA GLU C 734 -13.59 -5.89 -58.97
C GLU C 734 -14.06 -6.34 -57.61
N GLY C 735 -14.53 -7.59 -57.52
CA GLY C 735 -14.96 -8.11 -56.23
C GLY C 735 -13.82 -8.14 -55.23
N SER C 736 -12.61 -8.43 -55.70
CA SER C 736 -11.45 -8.41 -54.81
C SER C 736 -11.23 -7.03 -54.21
N GLN C 737 -11.31 -5.99 -55.03
CA GLN C 737 -11.14 -4.64 -54.51
C GLN C 737 -12.29 -4.25 -53.57
N LYS C 738 -13.52 -4.68 -53.89
CA LYS C 738 -14.64 -4.38 -53.00
C LYS C 738 -14.45 -5.05 -51.64
N LEU C 739 -14.05 -6.33 -51.65
CA LEU C 739 -13.77 -7.00 -50.39
C LEU C 739 -12.61 -6.33 -49.65
N VAL C 740 -11.55 -5.94 -50.39
CA VAL C 740 -10.42 -5.25 -49.77
C VAL C 740 -10.88 -3.95 -49.13
N SER C 741 -11.65 -3.15 -49.86
CA SER C 741 -12.19 -1.93 -49.26
C SER C 741 -13.12 -2.25 -48.09
N PHE C 742 -13.89 -3.33 -48.20
CA PHE C 742 -14.78 -3.72 -47.11
C PHE C 742 -14.01 -4.08 -45.87
N ILE C 743 -12.82 -4.66 -46.02
CA ILE C 743 -12.01 -5.00 -44.87
C ILE C 743 -11.40 -3.74 -44.27
N ARG C 744 -10.98 -2.80 -45.12
CA ARG C 744 -10.47 -1.52 -44.63
C ARG C 744 -11.53 -0.80 -43.79
N THR C 745 -12.79 -0.83 -44.24
CA THR C 745 -13.87 -0.19 -43.50
C THR C 745 -14.13 -0.93 -42.17
N PHE C 746 -14.08 -2.28 -42.20
CA PHE C 746 -14.15 -3.06 -40.96
C PHE C 746 -13.09 -2.58 -39.97
N CYS C 747 -11.86 -2.36 -40.46
CA CYS C 747 -10.79 -1.88 -39.62
C CYS C 747 -11.11 -0.50 -39.04
N ASP C 748 -11.55 0.44 -39.90
CA ASP C 748 -11.80 1.82 -39.46
C ASP C 748 -12.85 1.89 -38.37
N LEU C 749 -13.84 1.01 -38.38
CA LEU C 749 -14.90 1.08 -37.40
C LEU C 749 -14.49 0.47 -36.05
N LYS C 750 -13.26 -0.05 -35.95
CA LYS C 750 -12.72 -0.64 -34.72
C LYS C 750 -13.51 -1.86 -34.26
N LEU C 751 -14.03 -2.65 -35.20
CA LEU C 751 -14.68 -3.93 -34.89
C LEU C 751 -13.62 -5.02 -34.66
N TRP C 752 -13.94 -5.95 -33.77
CA TRP C 752 -12.92 -6.91 -33.34
C TRP C 752 -12.70 -8.00 -34.40
N HIS C 753 -13.78 -8.51 -34.99
CA HIS C 753 -13.68 -9.72 -35.79
C HIS C 753 -14.66 -9.67 -36.95
N VAL C 754 -14.27 -10.31 -38.04
CA VAL C 754 -15.17 -10.59 -39.15
C VAL C 754 -14.63 -11.83 -39.83
N GLN C 755 -15.56 -12.63 -40.38
CA GLN C 755 -15.21 -13.79 -41.20
C GLN C 755 -16.36 -14.00 -42.17
N PHE C 756 -16.05 -14.63 -43.32
CA PHE C 756 -16.97 -14.62 -44.44
C PHE C 756 -17.26 -16.02 -44.95
N ASN C 757 -18.53 -16.27 -45.23
CA ASN C 757 -18.92 -17.35 -46.13
C ASN C 757 -19.12 -16.81 -47.55
N VAL C 758 -18.76 -17.62 -48.55
CA VAL C 758 -18.98 -17.28 -49.96
C VAL C 758 -19.67 -18.49 -50.58
N ILE C 759 -21.01 -18.45 -50.67
CA ILE C 759 -21.78 -19.62 -51.08
C ILE C 759 -23.12 -19.17 -51.66
N ASN C 760 -23.63 -19.97 -52.59
CA ASN C 760 -25.01 -19.87 -53.06
C ASN C 760 -25.88 -20.69 -52.13
N LYS C 761 -27.07 -20.17 -51.83
CA LYS C 761 -27.96 -20.91 -50.94
C LYS C 761 -28.30 -22.28 -51.49
N GLU C 762 -28.35 -22.44 -52.82
CA GLU C 762 -28.75 -23.72 -53.40
C GLU C 762 -27.76 -24.84 -53.06
N THR C 763 -26.46 -24.52 -52.97
CA THR C 763 -25.49 -25.52 -52.56
C THR C 763 -25.80 -26.03 -51.16
N LEU C 764 -26.13 -25.11 -50.23
CA LEU C 764 -26.49 -25.50 -48.86
C LEU C 764 -27.73 -26.39 -48.83
N LEU C 765 -28.79 -25.98 -49.54
CA LEU C 765 -30.03 -26.75 -49.56
C LEU C 765 -29.85 -28.08 -50.26
N ALA C 766 -29.19 -28.08 -51.41
CA ALA C 766 -28.94 -29.34 -52.12
C ALA C 766 -28.18 -30.32 -51.23
N ALA C 767 -27.18 -29.83 -50.49
CA ALA C 767 -26.42 -30.71 -49.59
C ALA C 767 -27.28 -31.24 -48.45
N GLN C 768 -28.33 -30.50 -48.07
CA GLN C 768 -29.31 -31.04 -47.14
C GLN C 768 -30.10 -32.18 -47.77
N ARG C 769 -30.58 -31.97 -49.01
CA ARG C 769 -31.38 -32.98 -49.70
C ARG C 769 -30.53 -34.12 -50.25
N ASP C 770 -29.22 -34.10 -50.05
CA ASP C 770 -28.40 -35.16 -50.60
C ASP C 770 -27.02 -35.18 -49.95
N PRO C 771 -26.93 -35.54 -48.67
CA PRO C 771 -25.64 -35.43 -47.96
C PRO C 771 -24.47 -36.17 -48.63
N GLU C 772 -24.69 -37.39 -49.12
CA GLU C 772 -23.58 -38.18 -49.65
C GLU C 772 -22.85 -37.46 -50.78
N LYS C 773 -23.59 -36.73 -51.62
CA LYS C 773 -22.94 -36.08 -52.77
C LYS C 773 -22.04 -34.94 -52.32
N TYR C 774 -22.43 -34.21 -51.28
CA TYR C 774 -21.71 -33.04 -50.82
C TYR C 774 -21.08 -33.28 -49.45
N ARG C 775 -20.48 -34.46 -49.27
CA ARG C 775 -19.90 -34.80 -47.98
C ARG C 775 -18.68 -33.93 -47.66
N ASN C 776 -18.00 -33.39 -48.67
CA ASN C 776 -16.80 -32.58 -48.51
C ASN C 776 -17.10 -31.08 -48.50
N LEU C 777 -18.37 -30.68 -48.45
CA LEU C 777 -18.67 -29.26 -48.39
C LEU C 777 -18.26 -28.69 -47.04
N ILE C 778 -17.43 -27.65 -47.06
CA ILE C 778 -16.87 -27.04 -45.87
C ILE C 778 -17.44 -25.63 -45.73
N VAL C 779 -18.02 -25.33 -44.57
CA VAL C 779 -18.64 -24.03 -44.30
C VAL C 779 -18.06 -23.43 -43.03
N ARG C 780 -18.04 -22.10 -43.00
CA ARG C 780 -17.61 -21.34 -41.82
C ARG C 780 -18.78 -21.20 -40.86
N ILE C 781 -18.60 -21.67 -39.63
CA ILE C 781 -19.69 -21.71 -38.65
C ILE C 781 -19.54 -20.54 -37.67
N ALA C 782 -18.53 -20.61 -36.79
CA ALA C 782 -18.32 -19.60 -35.77
C ALA C 782 -16.85 -19.56 -35.35
N GLY C 783 -16.02 -18.89 -36.14
CA GLY C 783 -14.59 -18.90 -35.93
C GLY C 783 -13.92 -20.16 -36.42
N TYR C 784 -14.69 -21.17 -36.81
CA TYR C 784 -14.15 -22.43 -37.34
C TYR C 784 -15.00 -22.87 -38.52
N SER C 785 -14.48 -23.82 -39.27
CA SER C 785 -15.18 -24.37 -40.42
C SER C 785 -15.41 -25.86 -40.18
N ALA C 786 -16.50 -26.39 -40.74
CA ALA C 786 -16.82 -27.80 -40.59
C ALA C 786 -17.56 -28.30 -41.82
N TYR C 787 -17.61 -29.61 -41.95
CA TYR C 787 -18.39 -30.25 -42.99
C TYR C 787 -19.88 -30.08 -42.72
N PHE C 788 -20.58 -29.46 -43.67
CA PHE C 788 -22.00 -29.18 -43.50
C PHE C 788 -22.79 -30.43 -43.12
N VAL C 789 -22.38 -31.60 -43.63
CA VAL C 789 -23.14 -32.81 -43.38
C VAL C 789 -22.94 -33.38 -41.97
N ASP C 790 -21.94 -32.91 -41.22
CA ASP C 790 -21.77 -33.31 -39.83
C ASP C 790 -22.66 -32.54 -38.88
N LEU C 791 -23.28 -31.46 -39.33
CA LEU C 791 -24.01 -30.55 -38.46
C LEU C 791 -25.46 -30.97 -38.34
N SER C 792 -26.05 -30.72 -37.17
CA SER C 792 -27.47 -31.00 -36.91
C SER C 792 -28.35 -30.15 -37.83
N PRO C 793 -29.62 -30.55 -37.98
CA PRO C 793 -30.54 -29.71 -38.77
C PRO C 793 -30.68 -28.29 -38.25
N ASP C 794 -30.70 -28.09 -36.92
CA ASP C 794 -30.87 -26.74 -36.37
C ASP C 794 -29.69 -25.83 -36.73
N LEU C 795 -28.46 -26.34 -36.64
CA LEU C 795 -27.29 -25.54 -36.97
C LEU C 795 -27.18 -25.36 -38.49
N GLN C 796 -27.58 -26.39 -39.25
CA GLN C 796 -27.69 -26.22 -40.70
C GLN C 796 -28.69 -25.13 -41.03
N ASN C 797 -29.85 -25.14 -40.36
CA ASN C 797 -30.84 -24.09 -40.61
C ASN C 797 -30.29 -22.72 -40.29
N ASP C 798 -29.49 -22.63 -39.23
CA ASP C 798 -28.80 -21.38 -38.93
C ASP C 798 -27.89 -20.95 -40.10
N LEU C 799 -27.07 -21.87 -40.62
CA LEU C 799 -26.16 -21.51 -41.72
C LEU C 799 -26.92 -21.13 -43.00
N ILE C 800 -28.04 -21.80 -43.27
CA ILE C 800 -28.83 -21.52 -44.48
C ILE C 800 -29.51 -20.16 -44.37
N ALA C 801 -30.09 -19.86 -43.19
CA ALA C 801 -30.89 -18.66 -42.99
C ALA C 801 -30.08 -17.37 -42.91
N ARG C 802 -28.76 -17.45 -42.79
CA ARG C 802 -27.93 -16.25 -42.83
C ARG C 802 -28.01 -15.63 -44.23
N THR C 803 -28.34 -14.34 -44.28
CA THR C 803 -28.48 -13.64 -45.55
C THR C 803 -27.19 -13.71 -46.35
N GLY C 804 -27.30 -14.20 -47.58
CA GLY C 804 -26.20 -14.14 -48.51
C GLY C 804 -26.31 -12.86 -49.29
N HIS C 805 -25.32 -12.00 -49.16
CA HIS C 805 -25.38 -10.67 -49.77
C HIS C 805 -24.84 -10.77 -51.19
N ASP C 806 -25.59 -10.21 -52.14
CA ASP C 806 -25.24 -10.27 -53.54
C ASP C 806 -24.56 -9.01 -54.08
N VAL C 807 -24.73 -7.86 -53.44
CA VAL C 807 -24.16 -6.61 -53.92
C VAL C 807 -23.58 -5.83 -52.75
N MET C 808 -22.27 -5.64 -52.74
CA MET C 808 -21.60 -4.81 -51.74
C MET C 808 -21.93 -3.33 -51.90
N ARG D 11 42.15 22.60 41.55
CA ARG D 11 42.20 21.88 40.28
C ARG D 11 41.07 22.36 39.38
N VAL D 12 39.89 21.74 39.51
CA VAL D 12 38.70 22.35 38.94
C VAL D 12 38.15 23.44 39.85
N PHE D 13 38.51 23.43 41.15
CA PHE D 13 38.15 24.58 42.00
C PHE D 13 38.86 25.83 41.54
N THR D 14 40.08 25.70 41.04
CA THR D 14 40.77 26.84 40.46
C THR D 14 40.02 27.33 39.23
N ILE D 15 39.66 26.40 38.34
CA ILE D 15 38.87 26.76 37.17
C ILE D 15 37.56 27.42 37.59
N LEU D 16 36.82 26.79 38.50
CA LEU D 16 35.52 27.34 38.87
C LEU D 16 35.67 28.71 39.52
N GLU D 17 36.78 28.94 40.24
CA GLU D 17 36.98 30.23 40.89
C GLU D 17 37.13 31.36 39.89
N SER D 18 37.54 31.06 38.65
CA SER D 18 37.85 32.11 37.70
C SER D 18 36.59 32.81 37.17
N PHE D 19 35.48 32.08 37.06
CA PHE D 19 34.23 32.68 36.58
C PHE D 19 33.14 32.61 37.65
N ASP D 20 33.51 32.39 38.91
CA ASP D 20 32.52 32.35 39.97
C ASP D 20 31.78 33.67 40.04
N ASN D 21 30.45 33.59 40.10
CA ASN D 21 29.58 34.76 40.27
C ASN D 21 29.85 35.82 39.20
N THR D 22 29.68 35.43 37.95
CA THR D 22 29.84 36.37 36.85
C THR D 22 28.68 36.24 35.89
N ARG D 23 28.22 37.36 35.36
CA ARG D 23 27.18 37.31 34.33
C ARG D 23 27.77 36.75 33.04
N PRO D 24 27.12 35.79 32.39
CA PRO D 24 27.62 35.32 31.09
C PRO D 24 27.56 36.42 30.04
N ARG D 25 28.49 36.33 29.09
CA ARG D 25 28.54 37.26 27.97
C ARG D 25 27.98 36.58 26.74
N ILE D 26 27.47 37.37 25.80
CA ILE D 26 26.98 36.86 24.52
C ILE D 26 28.17 36.81 23.56
N ASP D 27 28.52 35.60 23.12
CA ASP D 27 29.55 35.43 22.11
C ASP D 27 28.93 35.46 20.73
N VAL D 28 29.66 36.03 19.77
CA VAL D 28 29.13 36.23 18.43
C VAL D 28 29.91 35.47 17.36
N GLU D 29 31.04 34.83 17.69
CA GLU D 29 31.85 34.25 16.61
C GLU D 29 31.05 33.24 15.79
N ARG D 30 30.37 32.30 16.43
CA ARG D 30 29.61 31.29 15.69
C ARG D 30 28.56 31.96 14.80
N ALA D 31 27.85 32.96 15.34
CA ALA D 31 26.80 33.63 14.56
C ALA D 31 27.39 34.39 13.39
N LYS D 32 28.56 34.98 13.59
CA LYS D 32 29.24 35.69 12.54
C LYS D 32 29.58 34.75 11.39
N TYR D 33 30.35 33.71 11.68
CA TYR D 33 30.82 32.81 10.65
C TYR D 33 29.70 31.94 10.09
N PHE D 34 28.68 31.63 10.89
CA PHE D 34 27.50 30.99 10.31
C PHE D 34 26.88 31.87 9.24
N THR D 35 26.72 33.16 9.55
CA THR D 35 26.07 34.09 8.63
C THR D 35 26.92 34.33 7.38
N GLU D 36 28.24 34.47 7.55
CA GLU D 36 29.08 34.71 6.39
C GLU D 36 28.90 33.62 5.36
N SER D 37 28.80 32.37 5.80
CA SER D 37 28.60 31.25 4.88
C SER D 37 27.19 31.22 4.32
N MET D 38 26.19 31.38 5.19
CA MET D 38 24.82 31.22 4.75
C MET D 38 24.45 32.25 3.68
N LYS D 39 24.94 33.50 3.82
CA LYS D 39 24.57 34.53 2.84
C LYS D 39 25.20 34.27 1.48
N ALA D 40 26.18 33.38 1.40
CA ALA D 40 26.83 33.03 0.16
C ALA D 40 26.27 31.74 -0.45
N THR D 41 25.33 31.06 0.20
CA THR D 41 24.85 29.78 -0.31
C THR D 41 23.35 29.75 -0.52
N GLU D 42 22.69 30.91 -0.58
CA GLU D 42 21.26 30.90 -0.82
C GLU D 42 20.92 30.07 -2.06
N GLY D 43 19.86 29.26 -1.95
CA GLY D 43 19.39 28.44 -3.03
C GLY D 43 19.80 26.97 -2.94
N GLN D 44 20.94 26.67 -2.30
CA GLN D 44 21.40 25.29 -2.16
C GLN D 44 20.54 24.54 -1.13
N PRO D 45 20.55 23.21 -1.16
CA PRO D 45 19.76 22.47 -0.16
C PRO D 45 20.25 22.78 1.24
N LEU D 46 19.30 22.97 2.15
CA LEU D 46 19.63 23.49 3.46
C LEU D 46 20.69 22.66 4.20
N PRO D 47 20.63 21.33 4.26
CA PRO D 47 21.71 20.57 4.95
C PRO D 47 23.10 20.82 4.38
N LEU D 48 23.23 20.90 3.05
CA LEU D 48 24.53 21.21 2.47
C LEU D 48 25.02 22.61 2.90
N ARG D 49 24.12 23.59 2.85
CA ARG D 49 24.46 24.93 3.32
C ARG D 49 24.93 24.90 4.77
N TRP D 50 24.19 24.20 5.62
CA TRP D 50 24.58 24.09 7.03
C TRP D 50 25.96 23.48 7.15
N ALA D 51 26.22 22.41 6.39
CA ALA D 51 27.53 21.78 6.46
C ALA D 51 28.63 22.74 6.03
N LYS D 52 28.40 23.49 4.95
CA LYS D 52 29.36 24.51 4.54
C LYS D 52 29.49 25.59 5.61
N ALA D 53 28.37 25.99 6.21
CA ALA D 53 28.44 26.97 7.29
C ALA D 53 29.29 26.45 8.43
N LEU D 54 29.13 25.18 8.80
CA LEU D 54 29.92 24.61 9.88
C LEU D 54 31.40 24.48 9.49
N MET D 55 31.69 24.19 8.23
CA MET D 55 33.09 24.19 7.79
C MET D 55 33.70 25.58 7.94
N HIS D 56 32.98 26.60 7.50
CA HIS D 56 33.45 27.99 7.63
C HIS D 56 33.71 28.36 9.09
N ILE D 57 32.83 27.93 9.99
CA ILE D 57 33.07 28.15 11.40
C ILE D 57 34.32 27.38 11.83
N ALA D 58 34.41 26.11 11.42
CA ALA D 58 35.57 25.29 11.80
C ALA D 58 36.87 25.91 11.37
N GLU D 59 36.88 26.64 10.27
CA GLU D 59 38.13 27.16 9.77
C GLU D 59 38.48 28.49 10.38
N ASN D 60 37.49 29.24 10.88
CA ASN D 60 37.67 30.65 11.20
C ASN D 60 37.45 31.02 12.64
N MET D 61 36.66 30.25 13.39
CA MET D 61 36.36 30.60 14.77
C MET D 61 37.57 30.30 15.66
N THR D 62 37.69 31.04 16.74
CA THR D 62 38.77 30.79 17.69
C THR D 62 38.62 29.43 18.36
N VAL D 63 39.72 28.68 18.47
CA VAL D 63 39.82 27.48 19.28
C VAL D 63 40.59 27.82 20.56
N TYR D 64 40.22 27.20 21.68
CA TYR D 64 40.79 27.55 22.97
C TYR D 64 41.43 26.35 23.65
N ILE D 65 42.61 26.58 24.20
CA ILE D 65 43.21 25.70 25.21
C ILE D 65 43.13 26.48 26.52
N ASP D 66 42.27 26.04 27.42
CA ASP D 66 41.91 26.80 28.61
C ASP D 66 42.82 26.42 29.79
N ASP D 67 43.11 27.39 30.65
CA ASP D 67 44.01 27.18 31.78
C ASP D 67 43.55 26.03 32.67
N HIS D 68 44.51 25.18 33.06
CA HIS D 68 44.29 24.12 34.04
C HIS D 68 43.47 22.97 33.48
N GLN D 69 42.95 23.09 32.26
CA GLN D 69 42.07 22.08 31.69
C GLN D 69 42.87 20.85 31.24
N LEU D 70 42.18 19.70 31.24
CA LEU D 70 42.68 18.45 30.66
C LEU D 70 41.98 18.07 29.38
N ILE D 71 40.86 18.71 29.06
CA ILE D 71 40.19 18.55 27.78
C ILE D 71 39.93 19.94 27.23
N CYS D 72 39.68 20.02 25.94
CA CYS D 72 39.51 21.31 25.31
C CYS D 72 38.31 21.30 24.38
N GLY D 73 37.73 22.49 24.20
CA GLY D 73 36.60 22.70 23.32
C GLY D 73 35.64 23.73 23.86
N ARG D 74 35.42 24.82 23.12
CA ARG D 74 34.49 25.86 23.53
C ARG D 74 33.64 26.28 22.32
N ALA D 75 32.47 26.83 22.62
CA ALA D 75 31.63 27.48 21.62
C ALA D 75 31.64 29.00 21.78
N GLY D 76 32.57 29.54 22.55
CA GLY D 76 32.57 30.96 22.83
C GLY D 76 33.77 31.33 23.66
N TYR D 77 33.77 32.58 24.10
CA TYR D 77 34.91 33.18 24.78
C TYR D 77 35.11 32.59 26.19
N GLN D 78 36.27 32.90 26.77
CA GLN D 78 36.57 32.51 28.15
C GLN D 78 35.48 33.04 29.08
N GLY D 79 35.34 32.40 30.23
CA GLY D 79 34.26 32.74 31.17
C GLY D 79 32.98 32.00 30.84
N ARG D 80 31.86 32.52 31.36
CA ARG D 80 30.54 32.01 30.99
C ARG D 80 30.04 32.76 29.78
N TYR D 81 29.52 32.02 28.80
CA TYR D 81 29.12 32.58 27.52
C TYR D 81 27.85 31.89 27.02
N GLY D 82 27.16 32.58 26.11
CA GLY D 82 26.09 32.00 25.34
C GLY D 82 26.34 32.21 23.85
N VAL D 83 25.47 31.60 23.04
CA VAL D 83 25.62 31.60 21.59
C VAL D 83 24.35 32.16 20.96
N LEU D 84 24.53 32.79 19.81
CA LEU D 84 23.44 33.38 19.03
C LEU D 84 23.10 32.46 17.88
N TYR D 85 21.81 32.37 17.56
CA TYR D 85 21.31 31.53 16.47
C TYR D 85 20.34 32.39 15.66
N PRO D 86 20.86 33.27 14.81
CA PRO D 86 19.97 34.19 14.10
C PRO D 86 18.98 33.49 13.17
N GLU D 87 19.32 32.32 12.64
CA GLU D 87 18.36 31.56 11.84
C GLU D 87 17.05 31.35 12.60
N LEU D 88 17.11 31.29 13.92
CA LEU D 88 15.93 31.03 14.72
C LEU D 88 15.15 32.30 15.01
N ASP D 89 15.79 33.28 15.62
CA ASP D 89 15.11 34.46 16.14
C ASP D 89 15.99 35.71 15.99
N GLY D 90 16.75 35.78 14.89
CA GLY D 90 17.65 36.89 14.65
C GLY D 90 16.96 38.23 14.64
N ASP D 91 15.64 38.24 14.39
CA ASP D 91 14.86 39.47 14.43
C ASP D 91 14.77 40.06 15.83
N PHE D 92 15.12 39.32 16.88
CA PHE D 92 15.18 39.82 18.26
C PHE D 92 16.53 40.44 18.62
N LEU D 93 17.51 40.42 17.71
CA LEU D 93 18.86 40.85 18.04
C LEU D 93 18.87 42.32 18.47
N GLY D 94 18.06 43.15 17.80
CA GLY D 94 18.03 44.56 18.14
C GLY D 94 17.67 44.82 19.59
N THR D 95 16.57 44.22 20.06
CA THR D 95 16.16 44.45 21.43
C THR D 95 17.02 43.67 22.41
N ALA D 96 17.54 42.52 22.00
CA ALA D 96 18.44 41.81 22.89
C ALA D 96 19.69 42.65 23.18
N ILE D 97 20.14 43.45 22.21
CA ILE D 97 21.23 44.40 22.43
C ILE D 97 20.85 45.42 23.49
N GLU D 98 19.60 45.88 23.49
CA GLU D 98 19.18 46.88 24.48
C GLU D 98 18.86 46.26 25.84
N ASP D 99 18.19 45.11 25.84
CA ASP D 99 17.53 44.60 27.02
C ASP D 99 18.27 43.51 27.78
N LEU D 100 19.03 42.64 27.11
CA LEU D 100 19.61 41.49 27.79
C LEU D 100 20.51 41.86 28.97
N PRO D 101 21.37 42.87 28.89
CA PRO D 101 22.26 43.13 30.03
C PRO D 101 21.51 43.57 31.29
N ASN D 102 20.31 44.14 31.15
CA ASN D 102 19.56 44.60 32.30
C ASN D 102 18.34 43.74 32.60
N ARG D 103 18.12 42.66 31.84
CA ARG D 103 16.95 41.82 32.05
C ARG D 103 16.93 41.34 33.50
N ALA D 104 15.75 41.39 34.10
CA ALA D 104 15.64 41.04 35.53
C ALA D 104 16.05 39.58 35.78
N GLU D 105 15.63 38.66 34.93
CA GLU D 105 15.98 37.25 35.04
C GLU D 105 16.94 36.84 33.92
N SER D 106 17.93 36.03 34.27
CA SER D 106 18.87 35.43 33.34
C SER D 106 19.52 36.47 32.42
N PRO D 107 20.06 37.55 32.97
CA PRO D 107 20.68 38.57 32.13
C PRO D 107 21.99 38.10 31.54
N PHE D 108 22.26 38.59 30.32
CA PHE D 108 23.49 38.33 29.57
C PHE D 108 24.12 39.66 29.25
N ALA D 109 25.43 39.75 29.44
CA ALA D 109 26.20 40.93 29.09
C ALA D 109 26.66 40.81 27.64
N ILE D 110 26.82 41.95 26.98
CA ILE D 110 27.33 41.96 25.60
C ILE D 110 28.30 43.13 25.46
N THR D 111 29.54 42.83 25.04
CA THR D 111 30.54 43.87 24.86
C THR D 111 30.14 44.82 23.74
N PRO D 112 30.63 46.07 23.77
CA PRO D 112 30.36 46.96 22.64
C PRO D 112 30.85 46.39 21.31
N ALA D 113 32.03 45.77 21.26
CA ALA D 113 32.48 45.25 19.97
C ALA D 113 31.56 44.12 19.51
N ALA D 114 31.11 43.26 20.43
CA ALA D 114 30.26 42.17 20.00
C ALA D 114 28.93 42.70 19.48
N ALA D 115 28.38 43.71 20.13
CA ALA D 115 27.17 44.37 19.64
C ALA D 115 27.37 44.91 18.22
N ALA D 116 28.55 45.45 17.93
CA ALA D 116 28.82 45.98 16.60
C ALA D 116 28.83 44.86 15.55
N VAL D 117 29.40 43.70 15.91
CA VAL D 117 29.34 42.56 14.99
C VAL D 117 27.90 42.21 14.68
N VAL D 118 27.06 42.18 15.72
CA VAL D 118 25.65 41.84 15.55
C VAL D 118 24.96 42.82 14.59
N VAL D 119 25.04 44.12 14.88
CA VAL D 119 24.29 45.09 14.09
C VAL D 119 24.79 45.11 12.67
N GLU D 120 26.10 44.93 12.48
CA GLU D 120 26.81 45.14 11.22
C GLU D 120 27.00 43.88 10.42
N GLU D 121 27.29 42.75 11.07
CA GLU D 121 27.65 41.56 10.32
C GLU D 121 26.66 40.41 10.42
N ILE D 122 25.79 40.39 11.42
CA ILE D 122 24.86 39.28 11.61
C ILE D 122 23.45 39.68 11.20
N ALA D 123 22.89 40.69 11.86
CA ALA D 123 21.50 41.11 11.66
C ALA D 123 21.10 41.36 10.21
N PRO D 124 21.85 42.11 9.39
CA PRO D 124 21.33 42.53 8.07
C PRO D 124 20.87 41.40 7.19
N PHE D 125 21.67 40.32 7.05
CA PHE D 125 21.27 39.22 6.18
C PHE D 125 19.98 38.57 6.65
N TRP D 126 19.81 38.44 7.97
CA TRP D 126 18.68 37.67 8.50
C TRP D 126 17.41 38.47 8.55
N LYS D 127 17.46 39.76 8.26
CA LYS D 127 16.25 40.56 8.17
C LYS D 127 15.32 39.94 7.12
N GLY D 128 14.12 39.54 7.55
CA GLY D 128 13.16 38.92 6.66
C GLY D 128 13.41 37.46 6.36
N LYS D 129 14.34 36.81 7.06
CA LYS D 129 14.70 35.44 6.78
C LYS D 129 14.64 34.55 8.01
N THR D 130 14.33 35.10 9.18
CA THR D 130 14.37 34.31 10.41
C THR D 130 13.19 33.35 10.47
N TYR D 131 13.35 32.29 11.27
CA TYR D 131 12.23 31.40 11.45
C TYR D 131 11.07 32.08 12.17
N HIS D 132 11.37 32.92 13.17
CA HIS D 132 10.30 33.55 13.92
C HIS D 132 9.46 34.49 13.04
N GLU D 133 10.11 35.26 12.16
CA GLU D 133 9.34 36.10 11.22
C GLU D 133 8.42 35.24 10.35
N ALA D 134 8.94 34.13 9.83
CA ALA D 134 8.13 33.28 8.97
C ALA D 134 6.98 32.64 9.74
N LEU D 135 7.24 32.13 10.94
CA LEU D 135 6.16 31.52 11.70
C LEU D 135 5.08 32.54 12.04
N ASN D 136 5.49 33.74 12.44
CA ASN D 136 4.55 34.81 12.82
C ASN D 136 3.55 35.12 11.70
N LEU D 137 4.04 35.16 10.45
CA LEU D 137 3.17 35.44 9.31
C LEU D 137 2.35 34.21 8.90
N ALA D 138 2.85 33.01 9.18
CA ALA D 138 2.24 31.79 8.67
C ALA D 138 1.05 31.34 9.51
N LEU D 139 0.88 31.86 10.74
CA LEU D 139 -0.25 31.43 11.56
C LEU D 139 -1.49 32.23 11.20
N PRO D 140 -2.64 31.59 10.96
CA PRO D 140 -3.87 32.33 10.66
C PRO D 140 -4.35 33.16 11.85
N ALA D 141 -5.16 34.16 11.53
CA ALA D 141 -5.58 35.14 12.53
C ALA D 141 -6.21 34.50 13.76
N ASP D 142 -7.08 33.51 13.56
CA ASP D 142 -7.73 32.83 14.67
C ASP D 142 -6.71 32.24 15.64
N VAL D 143 -5.60 31.73 15.11
CA VAL D 143 -4.56 31.13 15.93
C VAL D 143 -3.64 32.19 16.53
N HIS D 144 -3.26 33.17 15.71
CA HIS D 144 -2.36 34.24 16.15
C HIS D 144 -2.86 34.91 17.41
N LYS D 145 -4.17 35.21 17.47
CA LYS D 145 -4.72 35.89 18.64
C LYS D 145 -4.46 35.12 19.93
N LEU D 146 -4.36 33.79 19.85
CA LEU D 146 -4.08 32.97 21.02
C LEU D 146 -2.60 32.72 21.24
N THR D 147 -1.75 33.12 20.30
CA THR D 147 -0.31 32.87 20.31
C THR D 147 0.48 34.10 20.73
N TYR D 148 0.21 35.25 20.12
CA TYR D 148 1.04 36.44 20.32
C TYR D 148 0.20 37.65 20.71
N ASP D 149 0.86 38.61 21.36
CA ASP D 149 0.20 39.81 21.86
C ASP D 149 0.39 41.02 20.96
N ASP D 150 1.16 40.91 19.89
CA ASP D 150 1.40 42.01 18.95
C ASP D 150 1.52 41.46 17.54
N PRO D 151 1.34 42.30 16.51
CA PRO D 151 1.32 41.79 15.12
C PRO D 151 2.66 41.23 14.63
N GLN D 152 3.78 41.53 15.28
CA GLN D 152 5.03 40.89 14.87
C GLN D 152 5.43 39.77 15.81
N GLY D 153 4.51 39.29 16.64
CA GLY D 153 4.78 38.15 17.49
C GLY D 153 6.00 38.32 18.34
N LEU D 154 6.29 39.54 18.77
CA LEU D 154 7.44 39.77 19.63
C LEU D 154 7.17 39.36 21.07
N MET D 155 5.90 39.35 21.52
CA MET D 155 5.57 38.96 22.88
C MET D 155 4.48 37.89 22.84
N SER D 156 4.60 36.90 23.71
CA SER D 156 3.57 35.87 23.82
C SER D 156 2.36 36.43 24.58
N ARG D 157 1.21 35.80 24.38
CA ARG D 157 0.09 36.03 25.27
C ARG D 157 0.02 34.99 26.38
N PHE D 158 0.88 33.98 26.31
CA PHE D 158 0.95 32.94 27.33
C PHE D 158 -0.39 32.22 27.46
N ILE D 159 -1.04 31.98 26.31
CA ILE D 159 -2.28 31.20 26.28
C ILE D 159 -1.98 29.89 25.56
N VAL D 160 -2.04 29.90 24.22
CA VAL D 160 -1.57 28.76 23.45
C VAL D 160 -0.16 29.06 22.95
N ASN D 161 0.84 28.81 23.81
CA ASN D 161 2.21 29.27 23.60
C ASN D 161 2.96 28.31 22.68
N GLU D 162 3.34 28.77 21.48
CA GLU D 162 4.18 27.93 20.65
C GLU D 162 5.62 28.02 21.17
N THR D 163 6.34 26.90 21.13
CA THR D 163 7.70 26.88 21.67
C THR D 163 8.76 26.60 20.60
N SER D 164 8.39 26.60 19.33
CA SER D 164 9.38 26.40 18.28
C SER D 164 10.22 27.64 18.04
N SER D 165 9.74 28.81 18.42
CA SER D 165 10.42 30.04 18.06
C SER D 165 11.49 30.47 19.05
N PHE D 166 11.73 29.72 20.14
CA PHE D 166 12.83 30.11 21.03
C PHE D 166 13.81 28.97 21.33
N ARG D 167 13.90 27.99 20.44
CA ARG D 167 14.97 27.00 20.37
C ARG D 167 14.89 26.35 18.99
N SER D 168 16.05 25.97 18.46
CA SER D 168 16.12 25.37 17.14
C SER D 168 15.24 24.12 17.06
N SER D 169 15.24 23.32 18.12
CA SER D 169 14.50 22.06 18.20
C SER D 169 14.22 21.77 19.67
N ILE D 170 13.51 20.66 19.93
CA ILE D 170 13.33 20.16 21.29
C ILE D 170 14.61 19.46 21.72
N GLN D 171 14.60 18.81 22.88
CA GLN D 171 15.78 18.12 23.36
C GLN D 171 16.26 17.06 22.36
N TRP D 172 17.53 16.72 22.46
CA TRP D 172 18.10 15.71 21.58
C TRP D 172 19.26 15.04 22.28
N VAL D 173 19.47 13.78 21.93
CA VAL D 173 20.59 12.97 22.38
C VAL D 173 21.26 12.35 21.16
N HIS D 174 22.53 12.67 20.94
CA HIS D 174 23.29 12.04 19.89
C HIS D 174 23.69 10.62 20.31
N ASP D 175 23.91 9.77 19.31
CA ASP D 175 24.56 8.48 19.52
C ASP D 175 26.06 8.72 19.69
N TYR D 176 26.45 9.19 20.89
CA TYR D 176 27.86 9.46 21.16
C TYR D 176 28.70 8.21 21.05
N GLU D 177 28.15 7.07 21.49
CA GLU D 177 28.91 5.83 21.43
C GLU D 177 29.33 5.48 20.01
N LYS D 178 28.49 5.81 19.03
CA LYS D 178 28.87 5.59 17.64
C LYS D 178 30.15 6.37 17.31
N VAL D 179 30.26 7.59 17.82
CA VAL D 179 31.47 8.39 17.60
C VAL D 179 32.67 7.68 18.21
N LEU D 180 32.55 7.25 19.48
CA LEU D 180 33.69 6.67 20.20
C LEU D 180 34.17 5.39 19.53
N LYS D 181 33.23 4.60 18.98
CA LYS D 181 33.51 3.29 18.44
C LYS D 181 33.93 3.35 16.98
N ARG D 182 33.38 4.30 16.22
CA ARG D 182 33.66 4.41 14.80
C ARG D 182 34.54 5.59 14.44
N GLY D 183 34.39 6.72 15.12
CA GLY D 183 35.04 7.95 14.68
C GLY D 183 34.34 8.55 13.48
N PHE D 184 34.54 9.84 13.23
CA PHE D 184 33.83 10.47 12.12
C PHE D 184 34.38 10.13 10.74
N ARG D 185 35.65 9.70 10.64
CA ARG D 185 36.17 9.31 9.32
C ARG D 185 35.35 8.15 8.75
N SER D 186 34.93 7.21 9.60
CA SER D 186 34.11 6.08 9.17
C SER D 186 32.78 6.56 8.61
N ILE D 187 32.11 7.48 9.33
CA ILE D 187 30.87 8.05 8.82
C ILE D 187 31.08 8.71 7.46
N LYS D 188 32.18 9.44 7.29
CA LYS D 188 32.45 10.10 6.02
C LYS D 188 32.64 9.09 4.91
N GLU D 189 33.39 8.03 5.21
CA GLU D 189 33.62 6.99 4.22
C GLU D 189 32.33 6.26 3.87
N GLU D 190 31.47 6.01 4.85
CA GLU D 190 30.16 5.45 4.57
C GLU D 190 29.39 6.30 3.57
N ALA D 191 29.42 7.63 3.76
CA ALA D 191 28.67 8.52 2.89
C ALA D 191 29.28 8.55 1.49
N LEU D 192 30.61 8.53 1.40
CA LEU D 192 31.28 8.51 0.10
C LEU D 192 30.88 7.27 -0.68
N GLU D 193 30.89 6.11 -0.04
CA GLU D 193 30.45 4.90 -0.72
C GLU D 193 29.02 5.03 -1.21
N LYS D 194 28.15 5.56 -0.35
CA LYS D 194 26.75 5.77 -0.72
C LYS D 194 26.62 6.67 -1.94
N ILE D 195 27.45 7.73 -2.01
CA ILE D 195 27.47 8.58 -3.20
C ILE D 195 27.94 7.78 -4.40
N ALA D 196 29.00 6.99 -4.23
CA ALA D 196 29.53 6.21 -5.34
C ALA D 196 28.49 5.23 -5.87
N ALA D 197 27.62 4.74 -4.99
CA ALA D 197 26.62 3.79 -5.46
C ALA D 197 25.42 4.46 -6.14
N LEU D 198 25.29 5.79 -6.12
CA LEU D 198 24.12 6.44 -6.71
C LEU D 198 24.06 6.24 -8.22
N ASP D 199 22.85 6.32 -8.79
CA ASP D 199 22.70 6.30 -10.25
C ASP D 199 22.88 7.73 -10.76
N PRO D 200 23.95 8.03 -11.49
CA PRO D 200 24.18 9.42 -11.94
C PRO D 200 23.11 9.97 -12.90
N MET D 201 22.32 9.13 -13.54
CA MET D 201 21.25 9.58 -14.42
C MET D 201 19.96 9.89 -13.66
N SER D 202 19.85 9.48 -12.40
CA SER D 202 18.58 9.57 -11.70
C SER D 202 18.38 10.96 -11.10
N PRO D 203 17.30 11.66 -11.41
CA PRO D 203 17.09 12.96 -10.76
C PRO D 203 16.97 12.84 -9.25
N CYS D 204 16.30 11.79 -8.75
CA CYS D 204 16.12 11.67 -7.30
C CYS D 204 17.43 11.40 -6.60
N ASP D 205 18.29 10.54 -7.17
CA ASP D 205 19.64 10.37 -6.64
C ASP D 205 20.41 11.67 -6.70
N ASN D 206 20.29 12.41 -7.81
CA ASN D 206 21.05 13.64 -7.99
C ASN D 206 20.55 14.76 -7.07
N VAL D 207 19.25 14.82 -6.79
CA VAL D 207 18.66 15.92 -6.04
C VAL D 207 18.33 15.53 -4.60
N GLU D 208 17.85 14.31 -4.35
CA GLU D 208 17.42 13.91 -3.01
C GLU D 208 18.49 13.18 -2.20
N LYS D 209 19.41 12.47 -2.85
CA LYS D 209 20.43 11.68 -2.16
C LYS D 209 21.78 12.40 -2.13
N ARG D 210 22.32 12.78 -3.29
CA ARG D 210 23.69 13.29 -3.32
C ARG D 210 23.87 14.52 -2.45
N PRO D 211 23.08 15.58 -2.57
CA PRO D 211 23.33 16.75 -1.72
C PRO D 211 23.26 16.44 -0.22
N PHE D 212 22.40 15.52 0.20
CA PHE D 212 22.40 15.16 1.62
C PHE D 212 23.72 14.49 2.02
N LEU D 213 24.20 13.56 1.19
CA LEU D 213 25.41 12.82 1.51
C LEU D 213 26.64 13.71 1.41
N GLU D 214 26.62 14.65 0.45
CA GLU D 214 27.69 15.63 0.34
C GLU D 214 27.78 16.49 1.59
N ALA D 215 26.64 16.81 2.21
CA ALA D 215 26.66 17.55 3.46
C ALA D 215 27.29 16.73 4.58
N ILE D 216 27.00 15.42 4.64
CA ILE D 216 27.62 14.59 5.68
C ILE D 216 29.13 14.60 5.51
N VAL D 217 29.61 14.42 4.27
CA VAL D 217 31.04 14.45 4.03
C VAL D 217 31.66 15.72 4.60
N ILE D 218 31.06 16.87 4.26
CA ILE D 218 31.61 18.15 4.67
C ILE D 218 31.59 18.28 6.19
N VAL D 219 30.46 17.93 6.82
CA VAL D 219 30.38 18.19 8.25
C VAL D 219 31.32 17.27 9.01
N CYS D 220 31.55 16.05 8.52
CA CYS D 220 32.62 15.20 9.05
C CYS D 220 33.97 15.89 8.92
N ASP D 221 34.29 16.39 7.73
CA ASP D 221 35.53 17.16 7.59
C ASP D 221 35.55 18.36 8.52
N ALA D 222 34.40 18.97 8.76
CA ALA D 222 34.36 20.18 9.57
C ALA D 222 34.75 19.91 11.03
N ILE D 223 34.13 18.91 11.67
CA ILE D 223 34.47 18.70 13.09
C ILE D 223 35.88 18.15 13.23
N ILE D 224 36.34 17.37 12.26
CA ILE D 224 37.71 16.86 12.32
C ILE D 224 38.71 18.02 12.20
N LEU D 225 38.52 18.89 11.19
CA LEU D 225 39.40 20.04 11.03
C LEU D 225 39.40 20.91 12.28
N TRP D 226 38.23 21.09 12.88
CA TRP D 226 38.11 21.88 14.11
C TRP D 226 38.89 21.23 15.25
N ALA D 227 38.79 19.90 15.38
CA ALA D 227 39.55 19.19 16.40
C ALA D 227 41.05 19.34 16.19
N LYS D 228 41.52 19.22 14.95
CA LYS D 228 42.96 19.26 14.69
C LYS D 228 43.55 20.64 14.93
N ARG D 229 42.75 21.70 14.80
CA ARG D 229 43.22 23.02 15.17
C ARG D 229 43.46 23.11 16.67
N HIS D 230 42.65 22.42 17.48
CA HIS D 230 42.97 22.32 18.90
C HIS D 230 44.29 21.57 19.08
N ALA D 231 44.45 20.45 18.39
CA ALA D 231 45.71 19.70 18.50
C ALA D 231 46.89 20.56 18.08
N LYS D 232 46.73 21.36 17.04
CA LYS D 232 47.83 22.23 16.63
C LYS D 232 48.17 23.25 17.72
N LEU D 233 47.15 23.97 18.22
CA LEU D 233 47.38 24.99 19.24
C LEU D 233 47.95 24.41 20.52
N ALA D 234 47.42 23.27 20.98
CA ALA D 234 47.97 22.66 22.17
C ALA D 234 49.44 22.37 21.99
N ALA D 235 49.80 21.79 20.84
CA ALA D 235 51.22 21.50 20.58
C ALA D 235 52.07 22.77 20.64
N GLU D 236 51.58 23.86 20.06
CA GLU D 236 52.33 25.11 20.11
C GLU D 236 52.48 25.62 21.54
N LEU D 237 51.45 25.42 22.37
CA LEU D 237 51.56 25.84 23.77
C LEU D 237 52.47 24.93 24.57
N ALA D 238 52.39 23.61 24.36
CA ALA D 238 53.29 22.70 25.06
C ALA D 238 54.75 23.04 24.77
N ALA D 239 55.06 23.38 23.51
CA ALA D 239 56.44 23.64 23.12
C ALA D 239 57.00 24.88 23.83
N LYS D 240 56.15 25.84 24.17
CA LYS D 240 56.57 27.02 24.90
C LYS D 240 56.31 26.89 26.39
N GLU D 241 55.81 25.73 26.84
CA GLU D 241 55.40 25.57 28.24
C GLU D 241 56.60 25.33 29.14
N THR D 242 56.76 26.17 30.18
CA THR D 242 57.88 26.01 31.08
C THR D 242 57.60 25.02 32.20
N ASP D 243 56.34 24.93 32.68
CA ASP D 243 56.03 23.96 33.72
C ASP D 243 55.98 22.53 33.16
N PRO D 244 56.76 21.59 33.70
CA PRO D 244 56.73 20.22 33.15
C PRO D 244 55.37 19.55 33.24
N THR D 245 54.65 19.68 34.37
CA THR D 245 53.35 19.03 34.47
C THR D 245 52.41 19.54 33.40
N ARG D 246 52.24 20.87 33.33
CA ARG D 246 51.37 21.46 32.33
C ARG D 246 51.83 21.14 30.92
N LYS D 247 53.15 21.03 30.70
CA LYS D 247 53.63 20.71 29.37
C LYS D 247 53.15 19.35 28.94
N ARG D 248 53.13 18.40 29.88
CA ARG D 248 52.63 17.06 29.55
C ARG D 248 51.14 17.11 29.25
N GLU D 249 50.38 17.91 30.00
CA GLU D 249 48.95 17.98 29.73
C GLU D 249 48.67 18.51 28.34
N LEU D 250 49.47 19.50 27.90
CA LEU D 250 49.33 20.03 26.55
C LEU D 250 49.71 18.99 25.49
N GLU D 251 50.76 18.21 25.74
CA GLU D 251 51.13 17.19 24.78
C GLU D 251 50.07 16.10 24.69
N THR D 252 49.53 15.67 25.82
CA THR D 252 48.42 14.73 25.80
C THR D 252 47.24 15.29 25.00
N MET D 253 46.90 16.55 25.25
CA MET D 253 45.83 17.19 24.49
C MET D 253 46.17 17.25 23.01
N ALA D 254 47.40 17.63 22.67
CA ALA D 254 47.77 17.68 21.26
C ALA D 254 47.65 16.29 20.63
N GLU D 255 48.04 15.24 21.36
CA GLU D 255 48.01 13.90 20.81
C GLU D 255 46.58 13.35 20.72
N ILE D 256 45.80 13.51 21.78
CA ILE D 256 44.44 12.99 21.84
C ILE D 256 43.56 13.67 20.79
N CYS D 257 43.70 14.99 20.63
CA CYS D 257 42.80 15.74 19.75
C CYS D 257 43.18 15.59 18.27
N ALA D 258 44.40 15.17 17.96
CA ALA D 258 44.69 14.82 16.58
C ALA D 258 44.04 13.49 16.20
N TRP D 259 43.62 12.71 17.19
CA TRP D 259 43.07 11.39 16.93
C TRP D 259 41.54 11.37 16.99
N VAL D 260 40.95 11.98 18.02
CA VAL D 260 39.49 11.98 18.14
C VAL D 260 38.97 13.38 17.83
N PRO D 261 37.76 13.51 17.27
CA PRO D 261 36.81 12.42 17.00
C PRO D 261 36.98 11.82 15.60
N GLU D 262 38.12 12.04 14.94
CA GLU D 262 38.27 11.44 13.62
C GLU D 262 38.27 9.92 13.72
N ASN D 263 38.98 9.39 14.69
CA ASN D 263 39.14 7.96 14.84
C ASN D 263 38.49 7.50 16.13
N PRO D 264 38.20 6.21 16.24
CA PRO D 264 37.60 5.70 17.47
C PRO D 264 38.52 5.90 18.67
N ALA D 265 37.91 6.15 19.83
CA ALA D 265 38.68 6.37 21.04
C ALA D 265 39.42 5.10 21.43
N ARG D 266 40.59 5.29 22.05
CA ARG D 266 41.40 4.18 22.53
C ARG D 266 41.51 4.10 24.04
N THR D 267 41.17 5.17 24.77
CA THR D 267 41.27 5.20 26.22
C THR D 267 40.09 5.97 26.78
N PHE D 268 39.97 5.92 28.11
CA PHE D 268 38.93 6.70 28.77
C PHE D 268 39.10 8.20 28.51
N HIS D 269 40.34 8.70 28.58
CA HIS D 269 40.56 10.13 28.33
C HIS D 269 40.12 10.51 26.92
N GLU D 270 40.50 9.70 25.92
CA GLU D 270 40.10 9.98 24.54
C GLU D 270 38.58 9.95 24.36
N ALA D 271 37.90 9.00 24.99
CA ALA D 271 36.45 8.92 24.90
C ALA D 271 35.79 10.17 25.45
N VAL D 272 36.31 10.70 26.56
CA VAL D 272 35.76 11.94 27.10
C VAL D 272 35.98 13.08 26.11
N GLN D 273 37.19 13.19 25.56
CA GLN D 273 37.48 14.31 24.66
C GLN D 273 36.66 14.20 23.37
N ALA D 274 36.53 12.99 22.83
CA ALA D 274 35.71 12.76 21.66
C ALA D 274 34.25 13.15 21.92
N GLN D 275 33.68 12.65 23.01
CA GLN D 275 32.31 12.99 23.37
C GLN D 275 32.17 14.48 23.58
N TRP D 276 33.16 15.10 24.24
CA TRP D 276 33.13 16.53 24.47
C TRP D 276 33.16 17.30 23.16
N PHE D 277 34.04 16.90 22.23
CA PHE D 277 34.07 17.55 20.92
C PHE D 277 32.70 17.49 20.24
N THR D 278 32.07 16.30 20.26
CA THR D 278 30.77 16.12 19.62
C THR D 278 29.74 17.02 20.28
N GLN D 279 29.78 17.07 21.59
CA GLN D 279 28.82 17.84 22.37
C GLN D 279 29.01 19.35 22.18
N VAL D 280 30.25 19.83 22.06
CA VAL D 280 30.44 21.26 21.86
C VAL D 280 30.08 21.65 20.43
N PHE D 281 30.57 20.88 19.46
CA PHE D 281 30.25 21.16 18.06
C PHE D 281 28.74 21.13 17.81
N SER D 282 28.03 20.22 18.49
CA SER D 282 26.58 20.22 18.39
C SER D 282 26.00 21.58 18.75
N ARG D 283 26.52 22.20 19.84
CA ARG D 283 26.11 23.55 20.25
C ARG D 283 26.39 24.57 19.15
N ILE D 284 27.52 24.41 18.46
CA ILE D 284 27.81 25.25 17.31
C ILE D 284 26.81 25.00 16.20
N GLU D 285 26.38 23.75 16.02
CA GLU D 285 25.48 23.46 14.91
C GLU D 285 24.08 24.05 15.13
N GLN D 286 23.52 23.92 16.32
CA GLN D 286 22.15 24.40 16.50
C GLN D 286 21.85 24.65 17.98
N LYS D 287 20.73 25.34 18.24
CA LYS D 287 20.27 25.57 19.61
C LYS D 287 19.27 24.47 20.01
N THR D 288 19.82 23.31 20.37
CA THR D 288 18.99 22.21 20.84
C THR D 288 18.25 22.61 22.11
N GLY D 289 16.99 22.18 22.20
CA GLY D 289 16.17 22.40 23.37
C GLY D 289 16.85 21.86 24.63
N THR D 290 16.86 22.69 25.68
CA THR D 290 17.48 22.45 26.97
C THR D 290 18.99 22.33 26.90
N ILE D 291 19.59 22.62 25.74
CA ILE D 291 20.99 22.34 25.41
C ILE D 291 21.10 20.85 25.12
N VAL D 292 21.90 20.46 24.12
CA VAL D 292 21.96 19.05 23.76
C VAL D 292 22.31 18.20 25.00
N SER D 293 21.66 17.04 25.11
CA SER D 293 21.80 16.12 26.25
C SER D 293 22.91 15.09 25.97
N ASN D 294 23.22 14.25 26.97
CA ASN D 294 24.49 13.51 26.93
C ASN D 294 24.37 11.99 26.89
N GLY D 295 23.20 11.43 27.14
CA GLY D 295 23.03 9.99 27.01
C GLY D 295 23.47 9.24 28.25
N ARG D 296 23.59 7.93 28.07
CA ARG D 296 23.86 6.98 29.15
C ARG D 296 25.38 6.80 29.32
N MET D 297 26.02 7.89 29.76
CA MET D 297 27.49 7.92 29.85
C MET D 297 28.05 6.80 30.70
N ASP D 298 27.35 6.37 31.75
CA ASP D 298 27.83 5.28 32.59
C ASP D 298 27.79 3.93 31.87
N GLN D 299 27.16 3.87 30.71
CA GLN D 299 27.20 2.66 29.91
C GLN D 299 28.31 2.73 28.85
N TYR D 300 28.27 3.76 28.00
CA TYR D 300 29.20 3.76 26.87
C TYR D 300 30.61 4.23 27.27
N PHE D 301 30.75 4.88 28.42
CA PHE D 301 32.09 5.10 28.97
C PHE D 301 32.60 3.85 29.68
N TRP D 302 31.72 2.94 30.08
CA TRP D 302 32.15 1.82 30.93
C TRP D 302 33.27 0.99 30.31
N PRO D 303 33.23 0.62 29.02
CA PRO D 303 34.32 -0.21 28.51
C PRO D 303 35.68 0.46 28.66
N PHE D 304 35.76 1.76 28.33
CA PHE D 304 37.03 2.49 28.48
C PHE D 304 37.46 2.57 29.93
N TYR D 305 36.53 2.91 30.83
CA TYR D 305 36.88 3.00 32.25
C TYR D 305 37.44 1.68 32.76
N GLU D 306 36.77 0.58 32.42
CA GLU D 306 37.14 -0.74 32.95
C GLU D 306 38.50 -1.20 32.45
N LYS D 307 38.77 -1.02 31.16
CA LYS D 307 40.04 -1.45 30.58
C LYS D 307 41.21 -0.63 31.11
N ASP D 308 41.08 0.71 31.06
CA ASP D 308 42.13 1.57 31.58
C ASP D 308 42.34 1.32 33.07
N LEU D 309 41.22 1.26 33.82
CA LEU D 309 41.30 1.01 35.26
C LEU D 309 42.07 -0.26 35.53
N ALA D 310 41.77 -1.32 34.76
CA ALA D 310 42.45 -2.58 34.96
C ALA D 310 43.91 -2.48 34.57
N GLU D 311 44.20 -1.70 33.54
CA GLU D 311 45.54 -1.57 33.00
C GLU D 311 46.32 -0.44 33.63
N GLY D 312 45.87 0.06 34.78
CA GLY D 312 46.59 1.11 35.50
C GLY D 312 46.67 2.43 34.75
N ARG D 313 45.90 2.54 33.67
CA ARG D 313 45.92 3.77 32.88
C ARG D 313 45.10 4.88 33.52
N ILE D 314 44.05 4.53 34.26
CA ILE D 314 43.16 5.51 34.85
C ILE D 314 42.97 5.13 36.31
N THR D 315 42.61 6.13 37.12
CA THR D 315 42.30 5.90 38.52
C THR D 315 40.89 6.39 38.76
N GLU D 316 40.26 5.85 39.82
CA GLU D 316 38.96 6.35 40.23
C GLU D 316 38.99 7.87 40.42
N ASP D 317 40.04 8.38 41.06
CA ASP D 317 40.19 9.82 41.29
C ASP D 317 40.51 10.55 39.99
N SER D 318 41.43 10.02 39.18
CA SER D 318 41.74 10.70 37.93
C SER D 318 40.53 10.69 37.01
N ALA D 319 39.81 9.57 36.93
CA ALA D 319 38.60 9.53 36.12
C ALA D 319 37.59 10.53 36.62
N LEU D 320 37.42 10.62 37.94
CA LEU D 320 36.52 11.62 38.50
C LEU D 320 37.00 13.03 38.18
N GLU D 321 38.33 13.23 38.11
CA GLU D 321 38.86 14.53 37.70
C GLU D 321 38.48 14.84 36.26
N LEU D 322 38.60 13.86 35.35
CA LEU D 322 38.26 14.09 33.96
C LEU D 322 36.78 14.41 33.80
N LEU D 323 35.92 13.70 34.55
CA LEU D 323 34.49 14.03 34.55
C LEU D 323 34.25 15.47 34.99
N GLU D 324 34.88 15.88 36.08
CA GLU D 324 34.72 17.25 36.58
C GLU D 324 35.23 18.28 35.56
N CYS D 325 36.31 17.97 34.84
CA CYS D 325 36.75 18.87 33.77
C CYS D 325 35.66 19.07 32.73
N MET D 326 34.89 18.03 32.45
CA MET D 326 33.81 18.16 31.48
C MET D 326 32.69 19.06 32.02
N TRP D 327 32.36 18.92 33.29
CA TRP D 327 31.22 19.64 33.83
C TRP D 327 31.54 21.08 34.14
N VAL D 328 32.76 21.37 34.61
CA VAL D 328 33.09 22.79 34.71
C VAL D 328 32.99 23.44 33.32
N GLY D 329 33.31 22.70 32.25
CA GLY D 329 33.12 23.26 30.92
C GLY D 329 31.64 23.50 30.63
N MET D 330 30.81 22.49 30.86
CA MET D 330 29.36 22.64 30.69
C MET D 330 28.81 23.86 31.44
N ALA D 331 29.28 24.10 32.66
CA ALA D 331 28.76 25.21 33.45
C ALA D 331 29.17 26.56 32.86
N GLN D 332 30.18 26.58 32.00
CA GLN D 332 30.53 27.83 31.35
C GLN D 332 29.65 28.11 30.14
N TYR D 333 29.03 27.09 29.55
CA TYR D 333 28.09 27.31 28.46
C TYR D 333 26.70 27.52 29.04
N VAL D 334 26.13 28.69 28.83
CA VAL D 334 24.81 29.06 29.33
C VAL D 334 23.87 29.17 28.14
N ASP D 335 22.69 28.56 28.24
CA ASP D 335 21.69 28.61 27.19
C ASP D 335 21.17 30.04 27.05
N LEU D 336 21.37 30.63 25.86
CA LEU D 336 21.01 32.02 25.61
C LEU D 336 19.64 32.11 24.96
N TYR D 337 18.68 32.69 25.68
CA TYR D 337 17.35 32.97 25.14
C TYR D 337 17.18 34.48 25.04
N ILE D 338 17.15 35.01 23.82
CA ILE D 338 17.01 36.45 23.64
C ILE D 338 15.56 36.91 23.54
N SER D 339 14.65 36.04 23.17
CA SER D 339 13.31 36.60 23.24
C SER D 339 12.83 36.59 24.69
N PRO D 340 11.97 37.56 25.06
CA PRO D 340 11.43 37.56 26.42
C PRO D 340 10.57 36.35 26.73
N THR D 341 9.95 35.72 25.73
CA THR D 341 9.28 34.46 26.02
C THR D 341 10.31 33.39 26.43
N GLY D 342 11.35 33.20 25.61
CA GLY D 342 12.36 32.20 25.92
C GLY D 342 12.97 32.41 27.29
N GLY D 343 13.23 33.68 27.66
CA GLY D 343 13.83 33.95 28.96
C GLY D 343 12.91 33.64 30.12
N ALA D 344 11.62 33.99 30.00
CA ALA D 344 10.68 33.71 31.07
C ALA D 344 10.38 32.21 31.19
N PHE D 345 10.61 31.42 30.13
CA PHE D 345 10.47 29.98 30.24
C PHE D 345 11.66 29.33 30.93
N ASN D 346 12.74 30.08 31.17
CA ASN D 346 14.04 29.51 31.52
C ASN D 346 14.73 30.31 32.62
N GLU D 347 13.99 30.58 33.69
CA GLU D 347 14.53 31.38 34.79
C GLU D 347 15.81 30.78 35.34
N GLY D 348 16.70 31.66 35.78
CA GLY D 348 17.96 31.28 36.40
C GLY D 348 18.95 30.56 35.52
N TYR D 349 18.96 30.84 34.22
CA TYR D 349 19.85 30.14 33.30
C TYR D 349 19.53 28.64 33.26
N ALA D 350 18.24 28.34 33.26
CA ALA D 350 17.78 26.95 33.23
C ALA D 350 18.52 26.17 32.16
N HIS D 351 18.83 24.91 32.49
CA HIS D 351 19.55 24.02 31.59
C HIS D 351 19.21 22.58 31.97
N TRP D 352 19.23 21.71 30.97
CA TRP D 352 18.93 20.29 31.16
C TRP D 352 19.76 19.44 30.18
N GLU D 353 21.09 19.45 30.34
CA GLU D 353 21.97 18.59 29.55
C GLU D 353 21.96 17.19 30.15
N ALA D 354 20.81 16.53 30.04
CA ALA D 354 20.57 15.34 30.83
C ALA D 354 21.72 14.35 30.70
N VAL D 355 22.19 13.87 31.85
CA VAL D 355 23.15 12.77 31.90
C VAL D 355 22.42 11.58 32.51
N THR D 356 22.27 10.50 31.73
CA THR D 356 21.55 9.32 32.18
C THR D 356 22.51 8.29 32.78
N ILE D 357 22.17 7.78 33.97
CA ILE D 357 22.88 6.67 34.59
C ILE D 357 21.87 5.61 35.01
N GLY D 358 22.35 4.39 35.22
CA GLY D 358 21.53 3.28 35.70
C GLY D 358 20.45 2.80 34.72
N GLY D 359 19.57 1.95 35.27
CA GLY D 359 18.48 1.42 34.48
C GLY D 359 18.73 -0.02 34.06
N GLN D 360 18.37 -0.34 32.82
CA GLN D 360 18.51 -1.69 32.28
C GLN D 360 19.34 -1.64 31.02
N THR D 361 20.03 -2.76 30.72
CA THR D 361 20.77 -2.88 29.50
C THR D 361 19.80 -3.02 28.33
N PRO D 362 20.29 -3.04 27.09
CA PRO D 362 19.40 -3.33 25.96
C PRO D 362 18.79 -4.73 26.05
N GLU D 363 19.29 -5.60 26.93
CA GLU D 363 18.75 -6.93 27.08
C GLU D 363 17.88 -7.08 28.32
N GLY D 364 17.61 -5.98 29.04
CA GLY D 364 16.73 -5.99 30.19
C GLY D 364 17.37 -6.38 31.51
N ARG D 365 18.68 -6.55 31.54
CA ARG D 365 19.41 -6.84 32.76
C ARG D 365 19.78 -5.51 33.43
N ASP D 366 19.94 -5.53 34.75
CA ASP D 366 20.27 -4.28 35.43
C ASP D 366 21.60 -3.71 34.92
N ALA D 367 21.65 -2.39 34.77
CA ALA D 367 22.80 -1.78 34.12
C ALA D 367 23.73 -1.07 35.11
N THR D 368 23.49 -1.20 36.42
CA THR D 368 24.42 -0.62 37.41
C THR D 368 25.78 -1.25 37.24
N ASN D 369 26.81 -0.40 37.22
CA ASN D 369 28.20 -0.80 37.23
C ASN D 369 28.94 0.19 38.14
N ASP D 370 30.25 0.01 38.30
CA ASP D 370 30.99 0.89 39.23
C ASP D 370 30.98 2.35 38.76
N LEU D 371 30.96 2.60 37.45
CA LEU D 371 30.87 3.97 36.94
C LEU D 371 29.57 4.64 37.35
N THR D 372 28.47 3.88 37.36
CA THR D 372 27.21 4.44 37.83
C THR D 372 27.38 5.09 39.20
N TYR D 373 27.97 4.35 40.14
CA TYR D 373 28.17 4.91 41.47
C TYR D 373 29.15 6.08 41.47
N LEU D 374 30.14 6.07 40.57
CA LEU D 374 31.08 7.18 40.46
C LEU D 374 30.39 8.47 40.00
N PHE D 375 29.45 8.37 39.06
CA PHE D 375 28.69 9.53 38.62
C PHE D 375 27.90 10.10 39.79
N LEU D 376 27.32 9.24 40.61
CA LEU D 376 26.63 9.72 41.80
C LEU D 376 27.60 10.46 42.72
N LYS D 377 28.74 9.84 43.00
CA LYS D 377 29.78 10.50 43.81
C LYS D 377 30.30 11.75 43.11
N SER D 378 30.51 11.66 41.80
CA SER D 378 30.94 12.83 41.03
C SER D 378 29.98 14.01 41.21
N LYS D 379 28.68 13.74 41.20
CA LYS D 379 27.69 14.81 41.40
C LYS D 379 27.74 15.36 42.81
N ARG D 380 27.97 14.49 43.79
CA ARG D 380 27.91 14.93 45.17
C ARG D 380 29.11 15.80 45.56
N GLU D 381 30.21 15.72 44.81
CA GLU D 381 31.42 16.46 45.14
C GLU D 381 31.70 17.62 44.19
N PHE D 382 30.84 17.85 43.20
CA PHE D 382 30.92 19.04 42.37
C PHE D 382 29.92 20.05 42.89
N PRO D 383 30.35 21.22 43.37
CA PRO D 383 29.40 22.14 44.02
C PRO D 383 28.36 22.72 43.06
N LEU D 384 28.68 22.92 41.79
CA LEU D 384 27.69 23.52 40.91
C LEU D 384 26.53 22.56 40.65
N HIS D 385 25.42 23.11 40.18
CA HIS D 385 24.27 22.28 39.89
C HIS D 385 24.44 21.60 38.52
N TYR D 386 25.61 21.01 38.30
CA TYR D 386 25.95 20.22 37.13
C TYR D 386 26.66 18.95 37.60
N PRO D 387 26.50 17.84 36.87
CA PRO D 387 25.64 17.76 35.69
C PRO D 387 24.15 17.53 36.02
N ASP D 388 23.31 17.63 35.00
CA ASP D 388 21.87 17.34 35.10
C ASP D 388 21.70 15.82 35.21
N LEU D 389 21.83 15.32 36.43
CA LEU D 389 21.93 13.89 36.59
C LEU D 389 20.55 13.27 36.60
N ALA D 390 20.34 12.24 35.77
CA ALA D 390 19.05 11.55 35.71
C ALA D 390 19.29 10.08 35.95
N ALA D 391 18.66 9.54 36.98
CA ALA D 391 18.83 8.13 37.34
C ALA D 391 17.58 7.35 36.93
N ARG D 392 17.79 6.32 36.12
CA ARG D 392 16.72 5.43 35.70
C ARG D 392 16.38 4.42 36.78
N ILE D 393 15.09 4.19 36.97
CA ILE D 393 14.52 3.29 37.96
C ILE D 393 13.79 2.18 37.24
N HIS D 394 13.86 0.96 37.77
CA HIS D 394 13.00 -0.12 37.29
C HIS D 394 12.73 -1.06 38.45
N SER D 395 11.85 -2.04 38.21
CA SER D 395 11.39 -2.87 39.30
C SER D 395 12.51 -3.68 39.92
N ARG D 396 13.66 -3.78 39.25
CA ARG D 396 14.82 -4.48 39.82
C ARG D 396 16.00 -3.53 40.05
N SER D 397 15.75 -2.23 40.24
CA SER D 397 16.83 -1.36 40.69
C SER D 397 17.46 -1.96 41.95
N PRO D 398 18.76 -2.21 41.96
CA PRO D 398 19.40 -2.80 43.14
C PRO D 398 19.28 -1.91 44.38
N GLU D 399 19.36 -2.56 45.54
CA GLU D 399 19.22 -1.88 46.83
C GLU D 399 20.32 -0.86 47.06
N ARG D 400 21.57 -1.28 46.88
CA ARG D 400 22.68 -0.38 47.07
C ARG D 400 22.54 0.83 46.14
N TYR D 401 22.13 0.59 44.90
CA TYR D 401 21.87 1.66 43.94
C TYR D 401 20.83 2.65 44.47
N LEU D 402 19.65 2.16 44.87
CA LEU D 402 18.61 3.06 45.40
C LEU D 402 19.10 3.79 46.64
N TRP D 403 19.85 3.09 47.50
CA TRP D 403 20.37 3.73 48.70
C TRP D 403 21.27 4.92 48.35
N GLU D 404 22.23 4.72 47.44
CA GLU D 404 23.11 5.83 47.05
C GLU D 404 22.33 6.95 46.34
N VAL D 405 21.31 6.59 45.55
CA VAL D 405 20.44 7.62 44.98
C VAL D 405 19.81 8.45 46.10
N ALA D 406 19.31 7.78 47.14
CA ALA D 406 18.68 8.48 48.26
C ALA D 406 19.68 9.40 48.98
N GLU D 407 20.91 8.92 49.20
CA GLU D 407 21.94 9.71 49.86
C GLU D 407 22.26 10.96 49.03
N THR D 408 22.31 10.81 47.71
CA THR D 408 22.50 11.96 46.83
C THR D 408 21.34 12.91 46.93
N ILE D 409 20.11 12.38 46.96
CA ILE D 409 18.95 13.25 47.17
C ILE D 409 19.06 13.97 48.50
N LYS D 410 19.55 13.28 49.53
CA LYS D 410 19.64 13.88 50.85
C LYS D 410 20.70 14.99 50.95
N ASP D 411 21.46 15.25 49.88
CA ASP D 411 22.33 16.43 49.86
C ASP D 411 21.55 17.72 49.79
N GLY D 412 20.28 17.67 49.42
CA GLY D 412 19.44 18.83 49.41
C GLY D 412 19.49 19.68 48.15
N SER D 413 20.28 19.31 47.14
CA SER D 413 20.36 20.12 45.92
C SER D 413 19.40 19.72 44.81
N GLY D 414 18.67 18.61 44.96
CA GLY D 414 17.75 18.16 43.94
C GLY D 414 18.24 17.05 43.01
N PHE D 415 19.43 16.47 43.27
CA PHE D 415 19.96 15.45 42.40
C PHE D 415 19.85 14.06 43.01
N PRO D 416 19.58 13.03 42.20
CA PRO D 416 19.26 13.14 40.78
C PRO D 416 17.76 13.14 40.57
N LYS D 417 17.32 13.51 39.36
CA LYS D 417 15.93 13.29 38.99
C LYS D 417 15.72 11.82 38.59
N LEU D 418 14.51 11.31 38.86
CA LEU D 418 14.20 9.89 38.71
C LEU D 418 13.27 9.67 37.53
N ILE D 419 13.65 8.77 36.62
CA ILE D 419 12.85 8.41 35.45
C ILE D 419 12.61 6.90 35.49
N ASN D 420 11.35 6.49 35.30
CA ASN D 420 10.88 5.15 35.62
C ASN D 420 10.74 4.30 34.36
N ASP D 421 11.64 3.31 34.21
CA ASP D 421 11.56 2.39 33.08
C ASP D 421 10.17 1.81 32.91
N GLU D 422 9.54 1.42 34.02
CA GLU D 422 8.29 0.67 33.94
C GLU D 422 7.17 1.49 33.32
N GLU D 423 7.32 2.80 33.26
CA GLU D 423 6.36 3.63 32.52
C GLU D 423 6.82 3.90 31.09
N VAL D 424 8.12 4.19 30.91
CA VAL D 424 8.62 4.55 29.58
C VAL D 424 8.61 3.34 28.65
N VAL D 425 9.14 2.21 29.11
CA VAL D 425 9.38 1.10 28.18
C VAL D 425 8.10 0.55 27.56
N PRO D 426 7.04 0.28 28.31
CA PRO D 426 5.83 -0.22 27.65
C PRO D 426 5.26 0.81 26.69
N LEU D 427 5.26 2.08 27.07
CA LEU D 427 4.74 3.09 26.15
C LEU D 427 5.51 3.11 24.83
N TYR D 428 6.82 2.85 24.87
CA TYR D 428 7.59 3.03 23.66
C TYR D 428 7.50 1.83 22.72
N VAL D 429 7.54 0.60 23.25
CA VAL D 429 7.29 -0.53 22.35
C VAL D 429 5.87 -0.47 21.81
N SER D 430 4.92 0.08 22.59
CA SER D 430 3.57 0.21 22.06
C SER D 430 3.51 1.20 20.92
N LYS D 431 4.54 2.04 20.77
CA LYS D 431 4.57 2.99 19.68
C LYS D 431 5.61 2.59 18.65
N GLY D 432 6.01 1.30 18.67
CA GLY D 432 6.80 0.72 17.60
C GLY D 432 8.23 0.42 17.96
N ALA D 433 8.67 0.74 19.16
CA ALA D 433 10.07 0.48 19.49
C ALA D 433 10.27 -1.01 19.75
N THR D 434 11.36 -1.56 19.21
CA THR D 434 11.80 -2.87 19.68
C THR D 434 12.12 -2.75 21.16
N PHE D 435 12.14 -3.90 21.84
CA PHE D 435 12.43 -3.85 23.26
C PHE D 435 13.85 -3.38 23.51
N ALA D 436 14.79 -3.81 22.68
CA ALA D 436 16.17 -3.35 22.85
C ALA D 436 16.26 -1.83 22.76
N GLU D 437 15.62 -1.21 21.76
CA GLU D 437 15.64 0.24 21.63
C GLU D 437 15.00 0.92 22.84
N ALA D 438 13.83 0.42 23.26
CA ALA D 438 13.16 1.00 24.44
C ALA D 438 14.01 0.85 25.69
N LEU D 439 14.51 -0.36 25.95
CA LEU D 439 15.29 -0.59 27.16
C LEU D 439 16.54 0.28 27.21
N ASP D 440 17.07 0.67 26.04
CA ASP D 440 18.31 1.44 25.97
C ASP D 440 18.07 2.95 25.93
N TYR D 441 16.91 3.41 26.35
CA TYR D 441 16.56 4.80 26.12
C TYR D 441 17.43 5.73 26.97
N ALA D 442 17.64 6.94 26.46
CA ALA D 442 18.37 7.98 27.17
C ALA D 442 17.39 9.05 27.65
N VAL D 443 17.62 9.56 28.87
CA VAL D 443 16.87 10.74 29.29
C VAL D 443 17.36 11.94 28.49
N SER D 444 16.44 12.80 28.08
CA SER D 444 16.79 13.95 27.24
C SER D 444 16.01 15.15 27.73
N GLY D 445 16.72 16.25 27.96
CA GLY D 445 16.05 17.43 28.48
C GLY D 445 15.49 17.20 29.89
N CYS D 446 14.29 17.74 30.11
CA CYS D 446 13.68 17.71 31.43
C CYS D 446 13.44 16.29 31.89
N THR D 447 12.64 15.53 31.12
CA THR D 447 12.23 14.21 31.57
C THR D 447 11.99 13.22 30.42
N GLU D 448 12.43 13.54 29.21
CA GLU D 448 12.03 12.80 28.02
C GLU D 448 12.96 11.62 27.78
N ALA D 449 12.47 10.65 27.03
CA ALA D 449 13.22 9.46 26.68
C ALA D 449 13.52 9.46 25.18
N ARG D 450 14.76 9.09 24.82
CA ARG D 450 15.23 9.15 23.42
C ARG D 450 15.90 7.84 23.02
N MET D 451 15.57 7.38 21.82
CA MET D 451 16.21 6.26 21.13
C MET D 451 17.03 6.87 20.00
N PRO D 452 18.34 7.06 20.19
CA PRO D 452 19.11 7.97 19.31
C PRO D 452 19.17 7.59 17.83
N ASN D 453 18.78 6.37 17.46
CA ASN D 453 18.73 5.97 16.05
C ASN D 453 17.32 5.61 15.62
N ARG D 454 16.31 5.87 16.45
CA ARG D 454 14.93 5.60 16.06
C ARG D 454 14.05 6.84 16.18
N ASP D 455 14.19 7.63 17.25
CA ASP D 455 13.50 8.93 17.32
C ASP D 455 13.85 9.79 16.11
N THR D 456 12.84 10.40 15.49
CA THR D 456 13.07 11.32 14.38
C THR D 456 12.41 12.68 14.54
N TYR D 457 11.61 12.90 15.58
CA TYR D 457 10.85 14.14 15.74
C TYR D 457 11.64 15.20 16.52
N THR D 458 11.64 16.44 15.99
CA THR D 458 12.50 17.49 16.53
C THR D 458 11.82 18.84 16.70
N SER D 459 10.50 18.94 16.52
CA SER D 459 9.81 20.23 16.48
C SER D 459 9.26 20.58 17.85
N GLY D 460 9.48 21.82 18.28
CA GLY D 460 8.92 22.27 19.54
C GLY D 460 7.40 22.31 19.46
N GLY D 461 6.76 21.89 20.54
CA GLY D 461 5.31 21.81 20.63
C GLY D 461 4.70 22.89 21.51
N ALA D 462 3.37 22.90 21.53
CA ALA D 462 2.62 23.91 22.29
C ALA D 462 2.76 23.74 23.81
N TYR D 463 2.75 24.87 24.51
CA TYR D 463 2.57 24.94 25.96
C TYR D 463 1.25 25.67 26.20
N ILE D 464 0.23 24.95 26.68
CA ILE D 464 -1.14 25.43 26.70
C ILE D 464 -1.52 25.84 28.11
N ASN D 465 -1.95 27.09 28.26
CA ASN D 465 -2.34 27.64 29.57
C ASN D 465 -3.80 27.29 29.87
N PHE D 466 -4.02 26.08 30.37
CA PHE D 466 -5.40 25.65 30.59
C PHE D 466 -6.05 26.36 31.77
N ALA D 467 -5.25 26.95 32.66
CA ALA D 467 -5.83 27.84 33.67
C ALA D 467 -6.51 29.03 33.00
N ALA D 468 -5.95 29.51 31.90
CA ALA D 468 -6.61 30.56 31.12
C ALA D 468 -7.89 30.06 30.48
N ALA D 469 -7.91 28.81 30.03
CA ALA D 469 -9.15 28.23 29.48
C ALA D 469 -10.27 28.26 30.50
N LEU D 470 -9.95 27.92 31.76
CA LEU D 470 -10.93 28.01 32.85
C LEU D 470 -11.40 29.43 33.08
N GLU D 471 -10.48 30.41 33.00
CA GLU D 471 -10.84 31.81 33.15
C GLU D 471 -11.81 32.25 32.07
N MET D 472 -11.65 31.74 30.85
CA MET D 472 -12.56 32.09 29.77
C MET D 472 -13.95 31.51 30.00
N VAL D 473 -14.07 30.44 30.81
CA VAL D 473 -15.39 30.02 31.26
C VAL D 473 -15.94 31.03 32.26
N LEU D 474 -15.13 31.43 33.24
CA LEU D 474 -15.58 32.42 34.21
C LEU D 474 -15.96 33.75 33.56
N TYR D 475 -15.31 34.11 32.44
CA TYR D 475 -15.60 35.41 31.83
C TYR D 475 -16.02 35.28 30.37
N ASN D 476 -16.63 34.17 29.97
CA ASN D 476 -17.31 34.04 28.67
C ASN D 476 -16.39 34.49 27.51
N GLY D 477 -15.25 33.83 27.42
CA GLY D 477 -14.35 34.04 26.32
C GLY D 477 -13.28 35.08 26.55
N LYS D 478 -13.32 35.80 27.66
CA LYS D 478 -12.36 36.86 27.91
C LYS D 478 -11.47 36.52 29.09
N MET D 479 -10.35 37.26 29.17
CA MET D 479 -9.44 37.15 30.29
C MET D 479 -9.20 38.55 30.85
N LEU D 480 -9.24 38.67 32.17
CA LEU D 480 -9.11 39.98 32.81
C LEU D 480 -7.85 40.69 32.33
N LYS D 481 -6.73 39.96 32.22
CA LYS D 481 -5.49 40.60 31.78
C LYS D 481 -5.66 41.30 30.44
N TYR D 482 -6.53 40.78 29.58
CA TYR D 482 -6.64 41.31 28.23
C TYR D 482 -7.95 42.05 27.99
N GLY D 483 -8.64 42.45 29.05
CA GLY D 483 -9.81 43.31 28.90
C GLY D 483 -10.87 42.69 28.00
N ASP D 484 -11.34 43.47 27.02
CA ASP D 484 -12.41 43.02 26.14
C ASP D 484 -11.94 42.23 24.93
N THR D 485 -10.64 41.90 24.84
CA THR D 485 -10.14 41.12 23.71
C THR D 485 -10.92 39.82 23.55
N ASP D 486 -11.49 39.60 22.37
CA ASP D 486 -12.33 38.45 22.11
C ASP D 486 -11.43 37.26 21.85
N LEU D 487 -11.14 36.47 22.88
CA LEU D 487 -10.13 35.43 22.82
C LEU D 487 -10.72 34.04 22.57
N GLY D 488 -11.55 33.56 23.49
CA GLY D 488 -11.99 32.18 23.49
C GLY D 488 -13.43 31.97 23.04
N ALA D 489 -13.91 30.75 23.28
CA ALA D 489 -15.28 30.43 22.92
C ALA D 489 -16.25 31.17 23.83
N HIS D 490 -17.36 31.63 23.26
CA HIS D 490 -18.38 32.34 24.04
C HIS D 490 -19.30 31.29 24.65
N THR D 491 -18.83 30.70 25.75
CA THR D 491 -19.58 29.65 26.43
C THR D 491 -20.71 30.17 27.30
N GLY D 492 -20.85 31.48 27.49
CA GLY D 492 -22.02 32.02 28.15
C GLY D 492 -21.69 32.62 29.51
N ASP D 493 -22.68 33.33 30.08
CA ASP D 493 -22.55 33.85 31.44
C ASP D 493 -22.51 32.71 32.44
N PRO D 494 -21.41 32.51 33.17
CA PRO D 494 -21.37 31.39 34.11
C PRO D 494 -22.46 31.46 35.16
N CYS D 495 -22.93 32.66 35.51
CA CYS D 495 -24.04 32.78 36.45
C CYS D 495 -25.35 32.28 35.89
N GLU D 496 -25.39 31.93 34.60
CA GLU D 496 -26.59 31.35 34.01
C GLU D 496 -26.55 29.84 33.99
N PHE D 497 -25.41 29.23 34.28
CA PHE D 497 -25.34 27.78 34.34
C PHE D 497 -26.21 27.29 35.50
N LYS D 498 -27.12 26.36 35.21
CA LYS D 498 -28.02 25.80 36.21
C LYS D 498 -27.48 24.54 36.87
N THR D 499 -26.56 23.81 36.22
CA THR D 499 -26.01 22.58 36.75
C THR D 499 -24.49 22.57 36.63
N TRP D 500 -23.85 21.67 37.37
CA TRP D 500 -22.41 21.49 37.23
C TRP D 500 -22.04 21.09 35.80
N GLU D 501 -22.88 20.26 35.16
CA GLU D 501 -22.57 19.78 33.82
C GLU D 501 -22.42 20.92 32.82
N GLU D 502 -23.19 22.00 32.98
CA GLU D 502 -23.02 23.16 32.12
C GLU D 502 -21.67 23.85 32.36
N PHE D 503 -21.24 23.94 33.62
CA PHE D 503 -19.92 24.52 33.83
C PHE D 503 -18.87 23.62 33.20
N TRP D 504 -18.97 22.32 33.47
CA TRP D 504 -18.00 21.35 32.95
C TRP D 504 -17.94 21.41 31.42
N ASN D 505 -19.12 21.42 30.76
CA ASN D 505 -19.16 21.53 29.31
C ASN D 505 -18.50 22.82 28.83
N ALA D 506 -18.75 23.94 29.52
CA ALA D 506 -18.07 25.18 29.13
C ALA D 506 -16.56 25.00 29.20
N TYR D 507 -16.05 24.42 30.30
CA TYR D 507 -14.61 24.19 30.39
C TYR D 507 -14.14 23.29 29.26
N VAL D 508 -14.87 22.19 28.99
CA VAL D 508 -14.50 21.26 27.91
C VAL D 508 -14.43 21.97 26.57
N THR D 509 -15.37 22.86 26.30
CA THR D 509 -15.33 23.59 25.03
C THR D 509 -14.05 24.43 24.91
N GLN D 510 -13.71 25.21 25.94
CA GLN D 510 -12.48 25.99 25.88
C GLN D 510 -11.25 25.09 25.76
N HIS D 511 -11.23 23.99 26.51
CA HIS D 511 -10.13 23.02 26.44
C HIS D 511 -9.90 22.54 25.01
N HIS D 512 -10.98 22.16 24.32
CA HIS D 512 -10.84 21.67 22.95
C HIS D 512 -10.46 22.78 21.99
N LEU D 513 -10.89 24.02 22.26
CA LEU D 513 -10.43 25.13 21.44
C LEU D 513 -8.91 25.27 21.50
N PHE D 514 -8.33 25.13 22.70
CA PHE D 514 -6.89 25.23 22.85
C PHE D 514 -6.18 24.07 22.14
N LEU D 515 -6.70 22.84 22.29
CA LEU D 515 -6.09 21.71 21.59
C LEU D 515 -6.12 21.92 20.08
N LYS D 516 -7.30 22.25 19.52
CA LYS D 516 -7.42 22.51 18.09
C LYS D 516 -6.44 23.59 17.65
N THR D 517 -6.34 24.66 18.44
CA THR D 517 -5.39 25.72 18.15
C THR D 517 -3.96 25.19 18.13
N ALA D 518 -3.58 24.41 19.14
CA ALA D 518 -2.19 23.98 19.22
C ALA D 518 -1.83 23.08 18.04
N PHE D 519 -2.78 22.23 17.63
CA PHE D 519 -2.52 21.28 16.54
C PHE D 519 -2.47 21.99 15.18
N VAL D 520 -3.21 23.08 14.99
CA VAL D 520 -3.01 23.88 13.79
C VAL D 520 -1.60 24.49 13.81
N GLN D 521 -1.20 25.01 14.98
CA GLN D 521 0.17 25.50 15.16
C GLN D 521 1.21 24.47 14.76
N GLN D 522 1.04 23.22 15.24
CA GLN D 522 2.05 22.18 15.02
C GLN D 522 2.11 21.73 13.56
N HIS D 523 0.95 21.62 12.91
CA HIS D 523 0.93 21.30 11.47
C HIS D 523 1.71 22.35 10.69
N ILE D 524 1.46 23.62 10.98
CA ILE D 524 2.19 24.70 10.31
C ILE D 524 3.66 24.68 10.74
N ILE D 525 3.94 24.53 12.04
CA ILE D 525 5.32 24.53 12.52
C ILE D 525 6.11 23.38 11.92
N ASN D 526 5.54 22.17 12.00
CA ASN D 526 6.31 21.01 11.55
C ASN D 526 6.71 21.13 10.08
N ASN D 527 5.84 21.71 9.22
CA ASN D 527 6.20 21.91 7.82
C ASN D 527 7.12 23.10 7.62
N LEU D 528 7.00 24.13 8.45
CA LEU D 528 7.82 25.31 8.28
C LEU D 528 9.27 25.04 8.67
N ARG D 529 9.50 24.35 9.80
CA ARG D 529 10.85 24.20 10.34
C ARG D 529 11.86 23.62 9.33
N ALA D 530 11.43 22.66 8.50
CA ALA D 530 12.37 22.08 7.54
C ALA D 530 12.92 23.13 6.56
N ARG D 531 12.25 24.26 6.41
CA ARG D 531 12.74 25.31 5.53
C ARG D 531 13.65 26.31 6.25
N HIS D 532 13.86 26.17 7.56
CA HIS D 532 14.72 27.07 8.31
C HIS D 532 15.84 26.39 9.08
N PHE D 533 15.70 25.12 9.45
CA PHE D 533 16.69 24.44 10.27
C PHE D 533 17.16 23.16 9.59
N ALA D 534 18.47 22.93 9.63
CA ALA D 534 19.06 21.65 9.24
C ALA D 534 20.09 21.25 10.28
N GLN D 535 20.41 19.95 10.32
CA GLN D 535 21.25 19.38 11.38
C GLN D 535 22.18 18.31 10.82
N PRO D 536 23.17 18.70 10.00
CA PRO D 536 24.03 17.68 9.37
C PRO D 536 24.83 16.82 10.34
N MET D 537 25.47 17.40 11.36
CA MET D 537 26.24 16.53 12.25
C MET D 537 25.34 15.56 13.02
N GLY D 538 24.22 16.05 13.55
CA GLY D 538 23.28 15.17 14.23
C GLY D 538 22.67 14.11 13.32
N SER D 539 22.45 14.45 12.04
CA SER D 539 21.92 13.46 11.12
C SER D 539 22.96 12.41 10.78
N SER D 540 24.24 12.78 10.76
CA SER D 540 25.28 11.83 10.39
C SER D 540 25.42 10.73 11.44
N LEU D 541 24.90 10.95 12.65
CA LEU D 541 24.99 9.97 13.72
C LEU D 541 23.73 9.16 13.87
N HIS D 542 22.75 9.35 13.00
CA HIS D 542 21.44 8.70 13.10
C HIS D 542 21.28 7.70 11.96
N ASP D 543 21.02 6.45 12.33
CA ASP D 543 20.91 5.35 11.37
C ASP D 543 19.89 5.66 10.27
N LEU D 544 18.73 6.20 10.66
CA LEU D 544 17.66 6.38 9.67
C LEU D 544 17.98 7.52 8.72
N CYS D 545 18.55 8.61 9.25
CA CYS D 545 19.03 9.69 8.40
C CYS D 545 20.02 9.18 7.36
N MET D 546 21.01 8.39 7.81
CA MET D 546 22.02 7.91 6.88
C MET D 546 21.41 6.91 5.91
N LYS D 547 20.50 6.06 6.38
CA LYS D 547 19.93 5.07 5.50
C LYS D 547 19.07 5.72 4.42
N HIS D 548 18.27 6.71 4.79
CA HIS D 548 17.30 7.29 3.86
C HIS D 548 17.73 8.63 3.31
N CYS D 549 18.91 9.10 3.66
CA CYS D 549 19.43 10.36 3.14
C CYS D 549 18.44 11.49 3.39
N LEU D 550 18.15 11.73 4.67
CA LEU D 550 17.22 12.78 5.08
C LEU D 550 17.77 13.48 6.31
N ASP D 551 17.70 14.81 6.32
CA ASP D 551 18.09 15.56 7.50
C ASP D 551 17.09 15.35 8.61
N LEU D 552 17.61 15.31 9.85
CA LEU D 552 16.82 15.04 11.04
C LEU D 552 15.55 15.89 11.12
N HIS D 553 15.61 17.13 10.64
CA HIS D 553 14.49 18.05 10.78
C HIS D 553 13.47 17.90 9.66
N THR D 554 13.67 16.95 8.75
CA THR D 554 12.61 16.56 7.84
C THR D 554 11.36 16.18 8.64
N PRO D 555 10.17 16.53 8.15
CA PRO D 555 8.95 16.14 8.89
C PRO D 555 8.79 14.64 9.06
N GLN D 556 8.95 13.86 7.97
CA GLN D 556 8.77 12.42 7.96
C GLN D 556 10.04 11.73 7.48
N ILE D 557 10.51 10.74 8.24
CA ILE D 557 11.68 9.94 7.89
C ILE D 557 11.26 8.48 7.94
N PRO D 558 11.39 7.73 6.85
CA PRO D 558 10.91 6.33 6.85
C PRO D 558 11.49 5.50 8.00
N GLU D 559 10.63 4.65 8.58
CA GLU D 559 10.98 3.76 9.69
C GLU D 559 11.18 4.51 11.00
N GLY D 560 11.12 5.84 11.00
CA GLY D 560 11.26 6.57 12.24
C GLY D 560 9.98 6.61 13.05
N ILE D 561 10.15 6.91 14.34
CA ILE D 561 9.05 7.13 15.26
C ILE D 561 9.09 8.58 15.72
N ASN D 562 7.99 9.30 15.52
CA ASN D 562 7.89 10.72 15.84
C ASN D 562 7.17 10.86 17.18
N LEU D 563 7.91 11.24 18.23
CA LEU D 563 7.39 11.41 19.58
C LEU D 563 7.49 12.88 19.96
N GLY D 564 6.36 13.57 19.95
CA GLY D 564 6.31 14.98 20.27
C GLY D 564 5.30 15.30 21.34
N TYR D 565 5.04 16.58 21.59
CA TYR D 565 4.34 16.94 22.82
C TYR D 565 3.47 18.17 22.63
N PHE D 566 2.42 18.23 23.44
CA PHE D 566 1.72 19.46 23.78
C PHE D 566 1.52 19.49 25.29
N GLU D 567 1.67 20.68 25.86
CA GLU D 567 1.79 20.83 27.30
C GLU D 567 0.47 21.26 27.93
N TYR D 568 0.10 20.60 29.03
CA TYR D 568 -0.97 21.03 29.92
C TYR D 568 -0.30 21.76 31.08
N MET D 569 -0.51 23.07 31.17
CA MET D 569 0.01 23.85 32.28
C MET D 569 -1.10 24.20 33.26
N GLY D 570 -0.84 24.01 34.55
CA GLY D 570 -1.79 24.35 35.58
C GLY D 570 -2.74 23.24 35.98
N PHE D 571 -2.31 21.99 35.90
CA PHE D 571 -3.18 20.85 36.20
C PHE D 571 -3.80 21.02 37.58
N GLY D 572 -2.97 21.10 38.62
CA GLY D 572 -3.50 21.27 39.96
C GLY D 572 -4.40 22.49 40.09
N THR D 573 -3.95 23.63 39.56
CA THR D 573 -4.76 24.85 39.61
C THR D 573 -6.16 24.62 39.07
N VAL D 574 -6.26 23.96 37.91
CA VAL D 574 -7.55 23.81 37.24
C VAL D 574 -8.41 22.78 37.97
N VAL D 575 -7.82 21.64 38.34
CA VAL D 575 -8.58 20.59 39.04
C VAL D 575 -9.23 21.17 40.27
N ASP D 576 -8.43 21.83 41.11
CA ASP D 576 -8.95 22.34 42.39
C ASP D 576 -9.99 23.42 42.18
N SER D 577 -9.75 24.32 41.22
CA SER D 577 -10.73 25.34 40.92
C SER D 577 -12.06 24.71 40.54
N LEU D 578 -12.02 23.71 39.66
CA LEU D 578 -13.23 22.98 39.30
C LEU D 578 -13.79 22.19 40.49
N SER D 579 -12.94 21.54 41.28
CA SER D 579 -13.42 20.83 42.46
C SER D 579 -14.18 21.76 43.40
N ALA D 580 -13.61 22.95 43.64
CA ALA D 580 -14.26 23.94 44.48
C ALA D 580 -15.58 24.38 43.88
N ILE D 581 -15.60 24.64 42.58
CA ILE D 581 -16.85 25.09 41.97
C ILE D 581 -17.90 24.00 42.04
N LYS D 582 -17.52 22.78 41.65
CA LYS D 582 -18.45 21.67 41.70
C LYS D 582 -18.99 21.50 43.12
N LYS D 583 -18.10 21.49 44.11
CA LYS D 583 -18.53 21.20 45.48
C LYS D 583 -19.28 22.39 46.10
N LEU D 584 -18.72 23.59 46.00
CA LEU D 584 -19.22 24.72 46.79
C LEU D 584 -20.38 25.47 46.12
N VAL D 585 -20.42 25.53 44.80
CA VAL D 585 -21.49 26.31 44.15
C VAL D 585 -22.67 25.43 43.78
N PHE D 586 -22.41 24.26 43.19
CA PHE D 586 -23.46 23.45 42.59
C PHE D 586 -24.02 22.37 43.50
N GLU D 587 -23.18 21.69 44.29
CA GLU D 587 -23.65 20.59 45.11
C GLU D 587 -24.04 21.05 46.53
N ASP D 588 -23.12 21.71 47.23
CA ASP D 588 -23.43 22.16 48.59
C ASP D 588 -24.02 23.55 48.64
N LYS D 589 -23.92 24.31 47.55
CA LYS D 589 -24.52 25.64 47.42
C LYS D 589 -24.12 26.56 48.58
N LYS D 590 -22.86 26.43 49.02
CA LYS D 590 -22.32 27.32 50.03
C LYS D 590 -22.07 28.74 49.49
N LEU D 591 -22.01 28.91 48.18
CA LEU D 591 -21.94 30.27 47.65
C LEU D 591 -22.49 30.25 46.23
N THR D 592 -22.93 31.41 45.80
CA THR D 592 -23.48 31.57 44.47
C THR D 592 -22.36 31.80 43.48
N MET D 593 -22.70 31.62 42.20
CA MET D 593 -21.75 31.93 41.14
C MET D 593 -21.38 33.41 41.15
N GLY D 594 -22.38 34.27 41.37
CA GLY D 594 -22.11 35.69 41.42
C GLY D 594 -21.16 36.07 42.54
N GLU D 595 -21.25 35.39 43.68
CA GLU D 595 -20.33 35.66 44.78
C GLU D 595 -18.91 35.24 44.40
N LEU D 596 -18.76 34.06 43.79
CA LEU D 596 -17.43 33.61 43.39
C LEU D 596 -16.81 34.57 42.37
N ILE D 597 -17.56 34.95 41.34
CA ILE D 597 -16.99 35.86 40.35
C ILE D 597 -16.62 37.19 41.02
N GLU D 598 -17.54 37.72 41.84
CA GLU D 598 -17.27 38.96 42.55
C GLU D 598 -15.99 38.86 43.37
N ALA D 599 -15.83 37.76 44.09
CA ALA D 599 -14.61 37.59 44.88
C ALA D 599 -13.38 37.49 43.98
N LEU D 600 -13.51 36.84 42.82
CA LEU D 600 -12.34 36.71 41.97
C LEU D 600 -11.94 38.05 41.38
N LYS D 601 -12.92 38.82 40.88
CA LYS D 601 -12.61 40.07 40.21
C LYS D 601 -11.86 41.03 41.13
N CYS D 602 -12.17 41.04 42.43
CA CYS D 602 -11.46 41.91 43.36
C CYS D 602 -10.28 41.20 44.02
N ASN D 603 -9.82 40.06 43.47
CA ASN D 603 -8.63 39.37 43.97
C ASN D 603 -8.74 39.11 45.48
N PHE D 604 -9.95 38.75 45.91
CA PHE D 604 -10.31 38.36 47.28
C PHE D 604 -10.20 39.50 48.29
N GLU D 605 -9.86 40.73 47.85
CA GLU D 605 -9.76 41.88 48.75
C GLU D 605 -11.14 42.25 49.31
N GLY D 606 -11.30 42.09 50.61
CA GLY D 606 -12.62 42.21 51.20
C GLY D 606 -13.45 40.94 51.10
N LYS D 607 -12.91 39.91 50.49
CA LYS D 607 -13.62 38.64 50.35
C LYS D 607 -12.77 37.50 50.89
N GLU D 608 -12.01 37.77 51.95
CA GLU D 608 -11.06 36.77 52.44
C GLU D 608 -11.78 35.53 52.96
N ASP D 609 -12.99 35.69 53.49
CA ASP D 609 -13.72 34.53 53.97
C ASP D 609 -14.11 33.64 52.80
N ILE D 610 -14.56 34.24 51.70
CA ILE D 610 -14.82 33.46 50.52
C ILE D 610 -13.55 32.75 50.08
N GLN D 611 -12.44 33.48 50.06
CA GLN D 611 -11.16 32.86 49.74
C GLN D 611 -10.88 31.65 50.63
N GLN D 612 -11.12 31.78 51.93
CA GLN D 612 -10.82 30.67 52.83
C GLN D 612 -11.76 29.50 52.59
N LEU D 613 -13.04 29.77 52.33
CA LEU D 613 -13.98 28.70 52.05
C LEU D 613 -13.57 27.95 50.77
N LEU D 614 -13.15 28.68 49.73
CA LEU D 614 -12.72 28.04 48.48
C LEU D 614 -11.49 27.17 48.67
N LYS D 615 -10.58 27.56 49.58
CA LYS D 615 -9.40 26.75 49.82
C LYS D 615 -9.70 25.49 50.59
N SER D 616 -10.96 25.22 50.96
CA SER D 616 -11.31 24.08 51.81
C SER D 616 -11.93 22.90 51.07
N ALA D 617 -12.15 23.00 49.76
CA ALA D 617 -12.75 21.92 48.99
C ALA D 617 -11.75 20.79 48.76
N PRO D 618 -12.21 19.64 48.26
CA PRO D 618 -11.28 18.55 47.97
C PRO D 618 -10.28 18.98 46.91
N CYS D 619 -9.02 18.57 47.08
CA CYS D 619 -7.94 19.00 46.20
C CYS D 619 -7.17 17.82 45.63
N TYR D 620 -6.64 18.03 44.43
CA TYR D 620 -5.74 17.09 43.77
C TYR D 620 -4.47 16.91 44.58
N GLY D 621 -3.97 15.67 44.59
CA GLY D 621 -2.79 15.35 45.39
C GLY D 621 -3.06 14.85 46.78
N ASN D 622 -4.29 14.49 47.11
CA ASN D 622 -4.63 13.99 48.43
C ASN D 622 -5.18 12.58 48.38
N ASN D 623 -5.09 11.93 47.21
CA ASN D 623 -5.74 10.63 46.98
C ASN D 623 -7.25 10.72 47.26
N ASP D 624 -7.84 11.83 46.82
CA ASP D 624 -9.26 12.11 47.01
C ASP D 624 -9.94 12.03 45.65
N ASP D 625 -10.68 10.95 45.43
CA ASP D 625 -11.29 10.69 44.13
C ASP D 625 -12.26 11.80 43.76
N TYR D 626 -12.76 12.56 44.73
CA TYR D 626 -13.65 13.66 44.39
C TYR D 626 -12.96 14.64 43.46
N ALA D 627 -11.71 14.97 43.76
CA ALA D 627 -10.93 15.84 42.87
C ALA D 627 -10.19 15.03 41.82
N ASP D 628 -9.64 13.87 42.20
CA ASP D 628 -8.84 13.08 41.28
C ASP D 628 -9.69 12.59 40.10
N SER D 629 -10.98 12.34 40.32
CA SER D 629 -11.83 11.95 39.20
C SER D 629 -11.98 13.09 38.19
N ILE D 630 -12.09 14.33 38.65
CA ILE D 630 -12.05 15.48 37.75
C ILE D 630 -10.71 15.55 37.03
N ALA D 631 -9.63 15.38 37.79
CA ALA D 631 -8.31 15.40 37.16
C ALA D 631 -8.20 14.31 36.11
N ARG D 632 -8.71 13.10 36.42
CA ARG D 632 -8.67 12.00 35.46
C ARG D 632 -9.47 12.34 34.20
N ASP D 633 -10.62 12.98 34.36
CA ASP D 633 -11.42 13.32 33.20
C ASP D 633 -10.78 14.41 32.33
N ILE D 634 -10.07 15.35 32.95
CA ILE D 634 -9.37 16.38 32.18
C ILE D 634 -8.25 15.74 31.39
N ASP D 635 -7.49 14.84 32.04
CA ASP D 635 -6.42 14.11 31.36
C ASP D 635 -6.97 13.32 30.20
N ALA D 636 -8.13 12.68 30.40
CA ALA D 636 -8.73 11.86 29.35
C ALA D 636 -9.08 12.70 28.12
N LEU D 637 -9.55 13.93 28.35
CA LEU D 637 -9.81 14.84 27.24
C LEU D 637 -8.60 14.99 26.34
N SER D 638 -7.42 15.13 26.94
CA SER D 638 -6.24 15.40 26.10
C SER D 638 -5.67 14.12 25.49
N VAL D 639 -5.68 13.01 26.25
CA VAL D 639 -5.28 11.72 25.70
C VAL D 639 -6.15 11.35 24.51
N LYS D 640 -7.48 11.46 24.68
CA LYS D 640 -8.35 11.04 23.58
C LYS D 640 -8.21 11.97 22.38
N TYR D 641 -8.05 13.26 22.61
CA TYR D 641 -7.84 14.18 21.48
C TYR D 641 -6.56 13.85 20.74
N GLY D 642 -5.46 13.68 21.48
CA GLY D 642 -4.21 13.30 20.86
C GLY D 642 -4.30 12.01 20.08
N ARG D 643 -4.91 10.99 20.68
CA ARG D 643 -5.07 9.72 19.99
C ARG D 643 -5.80 9.91 18.65
N ARG D 644 -6.80 10.79 18.60
CA ARG D 644 -7.60 10.90 17.38
C ARG D 644 -6.90 11.71 16.30
N TYR D 645 -6.24 12.81 16.66
CA TYR D 645 -5.80 13.79 15.68
C TYR D 645 -4.29 13.83 15.46
N SER D 646 -3.50 13.06 16.20
CA SER D 646 -2.07 12.96 15.95
C SER D 646 -1.76 12.17 14.67
N PRO D 647 -2.52 11.11 14.36
CA PRO D 647 -2.25 10.39 13.10
C PRO D 647 -2.22 11.28 11.88
N GLU D 648 -3.08 12.31 11.84
CA GLU D 648 -3.06 13.27 10.73
C GLU D 648 -1.71 13.97 10.63
N LEU D 649 -1.04 14.15 11.76
CA LEU D 649 0.24 14.83 11.81
C LEU D 649 1.41 13.90 11.60
N GLY D 650 1.14 12.62 11.34
CA GLY D 650 2.18 11.62 11.16
C GLY D 650 3.09 11.50 12.37
N MET D 651 2.49 11.49 13.56
CA MET D 651 3.28 11.53 14.79
C MET D 651 2.41 11.08 15.95
N HIS D 652 3.05 10.99 17.11
CA HIS D 652 2.37 10.90 18.40
C HIS D 652 2.52 12.27 19.05
N ASN D 653 1.44 13.07 19.05
CA ASN D 653 1.43 14.37 19.72
C ASN D 653 0.75 14.18 21.07
N ASP D 654 1.55 13.84 22.08
CA ASP D 654 1.09 13.33 23.35
C ASP D 654 1.05 14.41 24.44
N VAL D 655 0.00 14.34 25.27
CA VAL D 655 -0.12 15.21 26.45
C VAL D 655 1.03 14.93 27.40
N ARG D 656 1.64 16.00 27.85
CA ARG D 656 2.78 15.97 28.76
C ARG D 656 2.60 17.10 29.76
N TYR D 657 3.18 16.95 30.95
CA TYR D 657 3.04 17.94 32.01
C TYR D 657 4.42 18.38 32.53
N VAL D 658 5.24 18.92 31.63
CA VAL D 658 6.60 19.36 31.97
C VAL D 658 6.70 20.88 31.79
N PRO D 659 6.83 21.65 32.86
CA PRO D 659 6.55 23.08 32.77
C PRO D 659 7.69 23.99 32.33
N PHE D 660 8.94 23.56 32.32
CA PHE D 660 10.04 24.54 32.27
C PHE D 660 9.83 25.45 33.48
N THR D 661 10.00 26.79 33.36
CA THR D 661 9.48 27.73 34.34
C THR D 661 8.34 28.56 33.76
N SER D 662 7.63 28.00 32.79
CA SER D 662 6.53 28.74 32.17
C SER D 662 5.35 28.90 33.11
N HIS D 663 5.28 28.11 34.19
CA HIS D 663 4.18 28.29 35.13
C HIS D 663 4.20 29.67 35.78
N VAL D 664 5.33 30.36 35.71
CA VAL D 664 5.44 31.74 36.21
C VAL D 664 4.81 32.68 35.19
N PRO D 665 5.29 32.76 33.94
CA PRO D 665 4.62 33.63 32.97
C PRO D 665 3.18 33.21 32.66
N PHE D 666 2.90 31.90 32.61
CA PHE D 666 1.51 31.48 32.49
C PHE D 666 0.70 31.97 33.69
N GLY D 667 1.28 31.95 34.88
CA GLY D 667 0.58 32.45 36.06
C GLY D 667 0.39 33.95 36.04
N ARG D 668 1.36 34.69 35.51
CA ARG D 668 1.33 36.15 35.46
C ARG D 668 0.23 36.70 34.56
N VAL D 669 -0.46 35.86 33.79
CA VAL D 669 -1.53 36.31 32.92
C VAL D 669 -2.90 35.77 33.33
N VAL D 670 -2.96 35.01 34.42
CA VAL D 670 -4.19 34.41 34.92
C VAL D 670 -4.58 35.11 36.22
N SER D 671 -5.81 35.63 36.30
CA SER D 671 -6.27 36.35 37.47
C SER D 671 -6.66 35.35 38.57
N ALA D 672 -7.26 35.85 39.66
CA ALA D 672 -7.58 34.98 40.79
C ALA D 672 -8.44 33.81 40.36
N THR D 673 -8.10 32.62 40.85
CA THR D 673 -8.76 31.40 40.42
C THR D 673 -9.61 30.79 41.54
N PRO D 674 -10.61 29.98 41.18
CA PRO D 674 -11.56 29.47 42.19
C PRO D 674 -10.94 28.62 43.29
N ASN D 675 -9.69 28.19 43.15
CA ASN D 675 -9.04 27.42 44.20
C ASN D 675 -8.43 28.31 45.29
N GLY D 676 -8.57 29.63 45.21
CA GLY D 676 -8.02 30.52 46.20
C GLY D 676 -6.67 31.10 45.87
N ARG D 677 -6.10 30.74 44.71
CA ARG D 677 -4.83 31.28 44.28
C ARG D 677 -5.00 32.74 43.86
N LYS D 678 -4.06 33.59 44.27
CA LYS D 678 -4.10 35.02 44.01
C LYS D 678 -3.80 35.35 42.54
N ALA D 679 -4.30 36.49 42.10
CA ALA D 679 -4.08 36.92 40.73
C ALA D 679 -2.59 37.03 40.41
N TRP D 680 -2.24 36.68 39.18
CA TRP D 680 -0.91 36.87 38.59
C TRP D 680 0.19 36.06 39.28
N SER D 681 -0.15 35.13 40.16
CA SER D 681 0.86 34.31 40.81
C SER D 681 1.08 32.99 40.07
N ALA D 682 2.16 32.30 40.42
CA ALA D 682 2.54 31.08 39.73
C ALA D 682 1.38 30.09 39.72
N LEU D 683 1.19 29.42 38.59
CA LEU D 683 0.31 28.25 38.57
C LEU D 683 1.02 27.06 39.22
N SER D 684 0.25 26.03 39.56
CA SER D 684 0.85 24.79 40.02
C SER D 684 1.83 24.25 38.98
N ASP D 685 2.84 23.50 39.45
CA ASP D 685 3.93 23.01 38.61
C ASP D 685 3.66 21.57 38.17
N GLY D 686 3.88 21.30 36.88
CA GLY D 686 3.77 19.97 36.33
C GLY D 686 2.46 19.29 36.68
N SER D 687 2.57 18.03 37.07
CA SER D 687 1.48 17.28 37.68
C SER D 687 1.65 17.17 39.20
N SER D 688 2.40 18.10 39.80
CA SER D 688 2.51 18.19 41.25
C SER D 688 1.20 18.70 41.84
N ALA D 689 1.08 18.60 43.16
CA ALA D 689 -0.07 19.21 43.81
C ALA D 689 0.01 20.73 43.73
N SER D 690 -1.16 21.36 43.70
CA SER D 690 -1.21 22.80 43.83
C SER D 690 -0.66 23.23 45.20
N HIS D 691 -0.02 24.39 45.23
CA HIS D 691 0.67 24.89 46.43
C HIS D 691 -0.16 24.70 47.70
N GLY D 692 0.40 23.98 48.68
CA GLY D 692 -0.25 23.86 49.96
C GLY D 692 -1.59 23.14 49.96
N ALA D 693 -1.92 22.46 48.86
CA ALA D 693 -3.15 21.70 48.78
C ALA D 693 -2.99 20.25 49.19
N ASP D 694 -1.75 19.78 49.31
CA ASP D 694 -1.46 18.39 49.71
C ASP D 694 -1.33 18.35 51.23
N VAL D 695 -2.39 17.93 51.91
CA VAL D 695 -2.42 17.91 53.37
C VAL D 695 -2.47 16.49 53.91
N ASN D 696 -2.27 15.50 53.06
CA ASN D 696 -2.35 14.10 53.47
C ASN D 696 -1.03 13.36 53.26
N GLY D 697 0.08 14.08 53.19
CA GLY D 697 1.37 13.43 53.07
C GLY D 697 1.81 13.22 51.63
N PRO D 698 3.07 12.83 51.45
CA PRO D 698 3.65 12.74 50.11
C PRO D 698 3.26 11.46 49.35
N THR D 699 2.92 10.40 50.09
CA THR D 699 2.47 9.18 49.43
C THR D 699 1.14 9.39 48.68
N ALA D 700 0.25 10.25 49.22
CA ALA D 700 -1.00 10.50 48.52
C ALA D 700 -0.81 11.31 47.23
N ILE D 701 0.31 12.04 47.10
CA ILE D 701 0.59 12.71 45.83
C ILE D 701 0.81 11.68 44.74
N LEU D 702 1.60 10.64 45.03
CA LEU D 702 1.86 9.58 44.05
C LEU D 702 0.57 8.89 43.61
N GLN D 703 -0.30 8.58 44.57
CA GLN D 703 -1.55 7.91 44.21
C GLN D 703 -2.43 8.83 43.37
N SER D 704 -2.46 10.12 43.70
CA SER D 704 -3.27 11.05 42.92
C SER D 704 -2.72 11.22 41.50
N ASN D 705 -1.40 11.22 41.34
CA ASN D 705 -0.83 11.20 39.99
C ASN D 705 -1.27 9.93 39.24
N PHE D 706 -1.31 8.80 39.93
CA PHE D 706 -1.85 7.58 39.35
C PHE D 706 -3.34 7.72 39.06
N ASN D 707 -4.09 8.22 40.05
CA ASN D 707 -5.54 8.32 39.90
C ASN D 707 -5.91 9.20 38.70
N SER D 708 -5.08 10.19 38.38
CA SER D 708 -5.41 11.19 37.38
C SER D 708 -4.96 10.80 35.97
N LYS D 709 -4.37 9.62 35.80
CA LYS D 709 -3.92 9.14 34.50
C LYS D 709 -4.99 8.23 33.89
N ASN D 710 -4.71 7.74 32.70
CA ASN D 710 -5.61 6.87 31.93
C ASN D 710 -4.74 5.81 31.25
N TYR D 711 -4.36 4.81 32.05
CA TYR D 711 -3.40 3.82 31.58
C TYR D 711 -3.95 2.96 30.45
N GLY D 712 -5.25 3.04 30.18
CA GLY D 712 -5.86 2.28 29.10
C GLY D 712 -5.48 2.76 27.72
N MET D 713 -4.86 3.94 27.58
CA MET D 713 -4.45 4.45 26.27
C MET D 713 -2.99 4.87 26.32
N ARG D 714 -2.36 4.87 25.16
CA ARG D 714 -0.93 5.12 25.10
C ARG D 714 -0.58 6.59 24.88
N ASP D 715 -1.55 7.47 24.61
CA ASP D 715 -1.24 8.80 24.06
C ASP D 715 -0.91 9.76 25.21
N ARG D 716 0.24 9.50 25.81
CA ARG D 716 0.66 10.18 27.03
C ARG D 716 2.17 10.22 27.01
N ALA D 717 2.73 11.29 27.54
CA ALA D 717 4.17 11.36 27.74
C ALA D 717 4.44 11.71 29.20
N ALA D 718 5.52 12.43 29.48
CA ALA D 718 5.99 12.58 30.86
C ALA D 718 5.08 13.47 31.70
N ARG D 719 5.17 13.27 33.00
CA ARG D 719 4.63 14.19 33.99
C ARG D 719 5.78 14.55 34.91
N MET D 720 6.03 15.85 35.09
CA MET D 720 7.04 16.32 36.02
C MET D 720 6.44 16.42 37.41
N LEU D 721 7.06 15.74 38.38
CA LEU D 721 6.54 15.71 39.76
C LEU D 721 7.57 16.27 40.72
N ASN D 722 7.21 17.32 41.44
CA ASN D 722 8.08 17.91 42.46
C ASN D 722 7.54 17.57 43.85
N ILE D 723 8.41 17.00 44.68
CA ILE D 723 8.10 16.73 46.08
C ILE D 723 9.20 17.35 46.94
N LYS D 724 8.82 17.92 48.07
CA LYS D 724 9.73 18.54 49.01
C LYS D 724 9.61 17.83 50.36
N PHE D 725 10.75 17.35 50.88
CA PHE D 725 10.86 16.89 52.26
C PHE D 725 11.63 17.91 53.06
N THR D 726 11.29 18.06 54.33
CA THR D 726 12.16 18.76 55.23
C THR D 726 13.34 17.86 55.58
N PRO D 727 14.47 18.44 55.95
CA PRO D 727 15.60 17.60 56.41
C PRO D 727 15.16 16.61 57.48
N LYS D 728 14.29 17.02 58.40
CA LYS D 728 13.87 16.14 59.48
C LYS D 728 13.28 14.84 58.96
N CYS D 729 12.50 14.91 57.89
CA CYS D 729 11.80 13.74 57.40
C CYS D 729 12.74 12.64 56.93
N VAL D 730 13.90 13.01 56.39
CA VAL D 730 14.79 12.06 55.73
C VAL D 730 16.09 11.85 56.50
N GLU D 731 16.13 12.27 57.77
CA GLU D 731 17.36 12.17 58.55
C GLU D 731 17.72 10.73 58.85
N GLY D 732 19.01 10.43 58.76
CA GLY D 732 19.54 9.17 59.22
C GLY D 732 19.26 7.99 58.30
N GLU D 733 19.74 6.83 58.76
CA GLU D 733 19.58 5.60 58.01
C GLU D 733 18.10 5.29 57.79
N GLU D 734 17.25 5.58 58.78
CA GLU D 734 15.82 5.36 58.58
C GLU D 734 15.27 6.25 57.46
N GLY D 735 15.70 7.51 57.42
CA GLY D 735 15.23 8.39 56.36
C GLY D 735 15.68 7.93 54.98
N SER D 736 16.90 7.41 54.89
CA SER D 736 17.36 6.83 53.64
C SER D 736 16.50 5.64 53.22
N GLN D 737 16.17 4.76 54.18
CA GLN D 737 15.30 3.63 53.85
C GLN D 737 13.91 4.11 53.46
N LYS D 738 13.41 5.17 54.11
CA LYS D 738 12.10 5.69 53.74
C LYS D 738 12.10 6.20 52.31
N LEU D 739 13.14 6.94 51.93
CA LEU D 739 13.22 7.41 50.56
C LEU D 739 13.29 6.24 49.58
N VAL D 740 14.12 5.23 49.90
CA VAL D 740 14.20 4.06 49.02
C VAL D 740 12.83 3.44 48.86
N SER D 741 12.12 3.28 49.98
CA SER D 741 10.80 2.68 49.94
C SER D 741 9.83 3.54 49.13
N PHE D 742 9.91 4.87 49.28
CA PHE D 742 9.05 5.78 48.53
C PHE D 742 9.35 5.70 47.03
N ILE D 743 10.61 5.45 46.68
CA ILE D 743 10.98 5.32 45.27
C ILE D 743 10.44 4.02 44.67
N ARG D 744 10.42 2.94 45.46
CA ARG D 744 9.80 1.70 45.00
C ARG D 744 8.32 1.91 44.68
N THR D 745 7.63 2.63 45.55
CA THR D 745 6.21 2.89 45.31
C THR D 745 6.01 3.76 44.08
N PHE D 746 6.87 4.77 43.88
CA PHE D 746 6.84 5.55 42.66
C PHE D 746 6.99 4.67 41.42
N CYS D 747 7.97 3.73 41.43
CA CYS D 747 8.15 2.82 40.30
C CYS D 747 6.94 1.91 40.12
N ASP D 748 6.44 1.31 41.20
CA ASP D 748 5.33 0.37 41.11
C ASP D 748 4.10 1.02 40.48
N LEU D 749 3.89 2.31 40.74
CA LEU D 749 2.72 3.04 40.25
C LEU D 749 2.87 3.46 38.79
N LYS D 750 3.96 3.10 38.12
CA LYS D 750 4.17 3.40 36.72
C LYS D 750 4.17 4.90 36.47
N LEU D 751 4.60 5.68 37.46
CA LEU D 751 4.77 7.10 37.27
C LEU D 751 6.07 7.38 36.52
N TRP D 752 6.06 8.43 35.72
CA TRP D 752 7.19 8.69 34.83
C TRP D 752 8.38 9.32 35.55
N HIS D 753 8.15 10.30 36.42
CA HIS D 753 9.25 11.11 36.92
C HIS D 753 8.99 11.54 38.35
N VAL D 754 10.06 11.68 39.14
CA VAL D 754 9.96 12.34 40.44
C VAL D 754 11.34 12.89 40.78
N GLN D 755 11.35 14.00 41.51
CA GLN D 755 12.56 14.64 41.97
C GLN D 755 12.24 15.40 43.25
N PHE D 756 13.26 15.57 44.08
CA PHE D 756 13.03 16.00 45.45
C PHE D 756 13.89 17.19 45.83
N ASN D 757 13.24 18.14 46.50
CA ASN D 757 13.90 19.11 47.35
C ASN D 757 13.91 18.62 48.81
N VAL D 758 14.98 18.97 49.53
CA VAL D 758 15.15 18.69 50.95
C VAL D 758 15.60 19.99 51.61
N ILE D 759 14.66 20.74 52.22
CA ILE D 759 14.97 22.07 52.72
C ILE D 759 13.96 22.49 53.78
N ASN D 760 14.40 23.33 54.71
CA ASN D 760 13.49 23.99 55.65
C ASN D 760 12.94 25.26 55.01
N LYS D 761 11.65 25.49 55.23
CA LYS D 761 11.03 26.70 54.68
C LYS D 761 11.81 27.94 55.10
N GLU D 762 12.35 27.93 56.33
CA GLU D 762 13.03 29.10 56.85
C GLU D 762 14.27 29.44 56.02
N THR D 763 14.95 28.42 55.52
CA THR D 763 16.10 28.69 54.66
C THR D 763 15.67 29.46 53.43
N LEU D 764 14.53 29.10 52.85
CA LEU D 764 13.99 29.83 51.72
C LEU D 764 13.66 31.27 52.10
N LEU D 765 13.01 31.47 53.26
CA LEU D 765 12.69 32.81 53.73
C LEU D 765 13.95 33.60 54.07
N ALA D 766 14.88 33.00 54.80
CA ALA D 766 16.10 33.71 55.14
C ALA D 766 16.85 34.16 53.90
N ALA D 767 16.94 33.30 52.89
CA ALA D 767 17.63 33.67 51.67
C ALA D 767 16.90 34.78 50.93
N GLN D 768 15.57 34.83 51.03
CA GLN D 768 14.85 35.94 50.41
C GLN D 768 15.19 37.25 51.10
N ARG D 769 15.23 37.25 52.43
CA ARG D 769 15.52 38.44 53.20
C ARG D 769 17.00 38.81 53.23
N ASP D 770 17.84 38.06 52.58
CA ASP D 770 19.26 38.39 52.59
C ASP D 770 19.98 37.61 51.50
N PRO D 771 19.72 37.94 50.22
CA PRO D 771 20.35 37.19 49.12
C PRO D 771 21.87 37.08 49.21
N GLU D 772 22.57 38.15 49.57
CA GLU D 772 24.03 38.10 49.57
C GLU D 772 24.54 37.00 50.50
N LYS D 773 23.86 36.79 51.63
CA LYS D 773 24.30 35.80 52.59
C LYS D 773 24.06 34.38 52.08
N TYR D 774 22.98 34.16 51.34
CA TYR D 774 22.62 32.84 50.84
C TYR D 774 22.70 32.77 49.31
N ARG D 775 23.71 33.40 48.73
CA ARG D 775 23.79 33.48 47.27
C ARG D 775 24.04 32.11 46.63
N ASN D 776 24.62 31.16 47.35
CA ASN D 776 24.98 29.87 46.78
C ASN D 776 23.94 28.79 47.04
N LEU D 777 22.77 29.16 47.55
CA LEU D 777 21.72 28.19 47.82
C LEU D 777 21.13 27.66 46.50
N ILE D 778 21.12 26.35 46.35
CA ILE D 778 20.68 25.67 45.13
C ILE D 778 19.39 24.91 45.41
N VAL D 779 18.37 25.13 44.58
CA VAL D 779 17.07 24.49 44.72
C VAL D 779 16.68 23.80 43.42
N ARG D 780 15.93 22.71 43.56
CA ARG D 780 15.38 21.98 42.41
C ARG D 780 14.09 22.69 41.98
N ILE D 781 14.04 23.12 40.71
CA ILE D 781 12.91 23.91 40.21
C ILE D 781 11.98 23.05 39.38
N ALA D 782 12.44 22.65 38.17
CA ALA D 782 11.64 21.88 37.22
C ALA D 782 12.58 21.06 36.34
N GLY D 783 13.00 19.90 36.86
CA GLY D 783 13.93 19.09 36.16
C GLY D 783 15.35 19.61 36.20
N TYR D 784 15.56 20.80 36.76
CA TYR D 784 16.90 21.36 36.89
C TYR D 784 16.99 22.07 38.24
N SER D 785 18.20 22.41 38.64
CA SER D 785 18.39 23.21 39.84
C SER D 785 19.11 24.50 39.50
N ALA D 786 18.83 25.54 40.29
CA ALA D 786 19.43 26.85 40.07
C ALA D 786 19.61 27.54 41.41
N TYR D 787 20.43 28.60 41.40
CA TYR D 787 20.63 29.43 42.57
C TYR D 787 19.35 30.18 42.90
N PHE D 788 18.82 29.94 44.11
CA PHE D 788 17.56 30.54 44.52
C PHE D 788 17.55 32.05 44.35
N VAL D 789 18.69 32.73 44.54
CA VAL D 789 18.72 34.20 44.45
C VAL D 789 18.69 34.75 43.02
N ASP D 790 18.87 33.90 41.99
CA ASP D 790 18.73 34.34 40.60
C ASP D 790 17.27 34.33 40.10
N LEU D 791 16.33 33.81 40.88
CA LEU D 791 14.95 33.62 40.48
C LEU D 791 14.10 34.86 40.79
N SER D 792 13.08 35.07 39.95
CA SER D 792 12.14 36.15 40.18
C SER D 792 11.38 35.90 41.47
N PRO D 793 10.81 36.95 42.06
CA PRO D 793 10.00 36.72 43.26
C PRO D 793 8.85 35.75 43.01
N ASP D 794 8.25 35.79 41.83
CA ASP D 794 7.12 34.91 41.54
C ASP D 794 7.56 33.44 41.54
N LEU D 795 8.74 33.16 41.02
CA LEU D 795 9.20 31.77 41.02
C LEU D 795 9.71 31.36 42.40
N GLN D 796 10.31 32.27 43.16
CA GLN D 796 10.63 32.00 44.55
C GLN D 796 9.37 31.64 45.35
N ASN D 797 8.29 32.42 45.19
CA ASN D 797 7.06 32.14 45.92
C ASN D 797 6.51 30.75 45.58
N ASP D 798 6.60 30.33 44.32
CA ASP D 798 6.24 28.95 43.98
C ASP D 798 7.07 27.95 44.78
N LEU D 799 8.38 28.15 44.84
CA LEU D 799 9.24 27.22 45.58
C LEU D 799 8.95 27.27 47.08
N ILE D 800 8.66 28.45 47.62
CA ILE D 800 8.38 28.57 49.05
C ILE D 800 7.05 27.90 49.38
N ALA D 801 6.03 28.07 48.54
CA ALA D 801 4.70 27.55 48.83
C ALA D 801 4.57 26.03 48.65
N ARG D 802 5.54 25.36 48.06
CA ARG D 802 5.44 23.91 47.98
C ARG D 802 5.51 23.32 49.38
N THR D 803 4.53 22.48 49.72
CA THR D 803 4.49 21.87 51.04
C THR D 803 5.78 21.12 51.33
N GLY D 804 6.39 21.41 52.49
CA GLY D 804 7.51 20.63 52.98
C GLY D 804 7.03 19.51 53.88
N HIS D 805 7.27 18.27 53.49
CA HIS D 805 6.75 17.12 54.21
C HIS D 805 7.72 16.63 55.27
N ASP D 806 7.21 16.37 56.48
CA ASP D 806 8.02 15.86 57.58
C ASP D 806 7.95 14.36 57.70
N VAL D 807 6.93 13.73 57.13
CA VAL D 807 6.75 12.28 57.14
C VAL D 807 6.36 11.86 55.74
N MET D 808 6.26 10.56 55.54
CA MET D 808 5.85 10.02 54.26
C MET D 808 4.55 9.23 54.30
C1 8X3 E . -2.49 -24.76 25.70
C2 8X3 E . -1.37 -24.56 24.67
O4 8X3 E . -3.44 -24.78 22.97
O5 8X3 E . -2.07 -22.82 22.86
O6 8X3 E . -2.88 -23.45 26.16
O7 8X3 E . -1.17 -24.98 22.19
S3 8X3 E . -2.08 -24.26 23.00
H012 8X3 E . -2.21 -25.30 26.45
H011 8X3 E . -3.26 -25.21 25.30
H022 8X3 E . -0.77 -23.84 24.92
H021 8X3 E . -0.81 -25.35 24.64
H061 8X3 E . -2.33 -23.28 26.79
C1 GOL F . -30.09 -27.82 44.60
O1 GOL F . -30.90 -27.00 45.39
C2 GOL F . -28.65 -27.28 44.68
O2 GOL F . -28.55 -26.52 45.86
C3 GOL F . -27.55 -28.33 44.69
O3 GOL F . -27.43 -28.91 45.96
H11 GOL F . -30.11 -28.85 44.97
H12 GOL F . -30.42 -27.82 43.57
HO1 GOL F . -31.84 -27.29 45.30
H2 GOL F . -28.49 -26.63 43.83
HO2 GOL F . -28.65 -27.11 46.63
H31 GOL F . -27.78 -29.11 43.96
H32 GOL F . -26.60 -27.87 44.40
HO3 GOL F . -26.71 -28.46 46.46
C1 GOL G . -3.84 0.36 41.59
O1 GOL G . -5.05 0.04 40.96
C2 GOL G . -4.16 1.16 42.83
O2 GOL G . -4.72 0.25 43.73
C3 GOL G . -2.86 1.80 43.33
O3 GOL G . -3.12 2.59 44.46
H11 GOL G . -3.31 -0.55 41.86
H12 GOL G . -3.22 0.95 40.93
HO1 GOL G . -4.86 -0.42 40.12
H2 GOL G . -4.87 1.95 42.58
HO2 GOL G . -4.09 -0.48 43.91
H31 GOL G . -2.14 1.02 43.58
H32 GOL G . -2.43 2.41 42.54
HO3 GOL G . -2.28 2.95 44.82
C1 8X3 H . 3.17 24.67 -25.86
C2 8X3 H . 4.23 23.72 -25.34
O4 8X3 H . 3.39 24.70 -23.07
O5 8X3 H . 3.29 22.35 -23.32
O6 8X3 H . 2.05 23.86 -26.27
O7 8X3 H . 5.44 23.41 -23.08
S3 8X3 H . 4.06 23.54 -23.52
H012 8X3 H . 3.50 25.19 -26.61
H011 8X3 H . 2.89 25.30 -25.17
H022 8X3 H . 4.20 22.86 -25.78
H021 8X3 H . 5.11 24.08 -25.56
H061 8X3 H . 1.68 23.64 -25.54
C1 GOL I . -20.75 5.06 -37.84
O1 GOL I . -21.83 4.98 -38.75
C2 GOL I . -20.13 6.45 -37.90
O2 GOL I . -20.55 7.27 -36.84
C3 GOL I . -18.62 6.40 -37.76
O3 GOL I . -18.27 7.58 -37.09
H11 GOL I . -21.10 4.85 -36.84
H12 GOL I . -20.00 4.31 -38.10
HO1 GOL I . -22.18 4.06 -38.76
H2 GOL I . -20.38 6.91 -38.85
HO2 GOL I . -20.26 6.88 -35.99
H31 GOL I . -18.32 5.53 -37.20
H32 GOL I . -18.15 6.37 -38.74
HO3 GOL I . -19.05 8.18 -37.04
C1 8X3 J . -12.97 -19.44 -27.23
C2 8X3 J . -13.69 -18.58 -26.20
O4 8X3 J . -14.09 -18.92 -23.65
O5 8X3 J . -12.11 -17.70 -24.28
O6 8X3 J . -11.87 -18.64 -27.70
O7 8X3 J . -12.18 -20.06 -24.59
S3 8X3 J . -12.93 -18.86 -24.52
H012 8X3 J . -13.56 -19.68 -27.98
H011 8X3 J . -12.65 -20.27 -26.84
H022 8X3 J . -14.65 -18.75 -26.19
H021 8X3 J . -13.60 -17.65 -26.46
H061 8X3 J . -11.20 -19.16 -27.63
C1 GOL K . 5.16 0.25 -42.19
O1 GOL K . 3.92 0.03 -41.56
C2 GOL K . 4.98 1.41 -43.15
O2 GOL K . 3.66 1.90 -43.00
C3 GOL K . 6.02 2.48 -42.84
O3 GOL K . 6.04 3.48 -43.85
H11 GOL K . 5.92 0.50 -41.44
H12 GOL K . 5.48 -0.64 -42.72
HO1 GOL K . 3.98 -0.76 -40.97
H2 GOL K . 5.14 1.05 -44.16
HO2 GOL K . 3.54 2.22 -42.07
H31 GOL K . 5.79 2.95 -41.88
H32 GOL K . 7.00 2.03 -42.76
HO3 GOL K . 5.89 4.36 -43.44
C1 8X3 L . 12.23 19.58 27.43
C2 8X3 L . 10.81 19.61 26.80
O4 8X3 L . 9.85 20.43 24.46
O5 8X3 L . 12.21 20.22 24.58
O6 8X3 L . 12.65 18.17 27.45
O7 8X3 L . 10.86 18.23 24.55
S3 8X3 L . 10.96 19.61 24.90
H012 8X3 L . 12.23 19.94 28.32
H011 8X3 L . 12.86 20.09 26.90
H022 8X3 L . 10.25 18.88 27.11
H021 8X3 L . 10.36 20.42 27.09
H061 8X3 L . 13.42 18.20 27.84
C1 GOL M . 43.59 20.72 36.98
O1 GOL M . 42.20 20.66 36.75
C2 GOL M . 44.16 19.33 36.68
O2 GOL M . 43.17 18.67 35.95
C3 GOL M . 45.48 19.32 35.92
O3 GOL M . 45.33 20.06 34.73
H11 GOL M . 44.05 21.46 36.33
H12 GOL M . 43.79 20.99 38.02
HO1 GOL M . 41.79 21.52 36.99
H2 GOL M . 44.31 18.82 37.64
HO2 GOL M . 43.05 19.12 35.08
H31 GOL M . 46.26 19.77 36.54
H32 GOL M . 45.77 18.30 35.69
HO3 GOL M . 45.44 21.02 34.92
C1 GOL N . 17.85 30.74 4.78
O1 GOL N . 18.22 29.50 5.35
C2 GOL N . 16.33 30.74 4.69
O2 GOL N . 15.77 30.15 5.85
C3 GOL N . 15.78 32.15 4.62
O3 GOL N . 15.10 32.38 5.82
H11 GOL N . 18.28 30.85 3.79
H12 GOL N . 18.19 31.57 5.41
HO1 GOL N . 19.20 29.43 5.37
H2 GOL N . 16.02 30.18 3.80
HO2 GOL N . 16.03 30.68 6.64
H31 GOL N . 16.59 32.87 4.49
H32 GOL N . 15.10 32.24 3.76
HO3 GOL N . 15.75 32.48 6.54
#